data_8W12
#
_entry.id   8W12
#
_cell.length_a   1.00
_cell.length_b   1.00
_cell.length_c   1.00
_cell.angle_alpha   90.00
_cell.angle_beta   90.00
_cell.angle_gamma   90.00
#
_symmetry.space_group_name_H-M   'P 1'
#
loop_
_entity.id
_entity.type
_entity.pdbx_description
1 polymer 'Core protein VP3'
2 polymer VP6
#
loop_
_entity_poly.entity_id
_entity_poly.type
_entity_poly.pdbx_seq_one_letter_code
_entity_poly.pdbx_strand_id
1 'polypeptide(L)'
;MAHHHHHHSSGLEVLFQGPGMAAQNEQRPERIKTTPYLEGDVLSSDSGPLLSVFALQEIMQKVRQVQADYMTATREVDFT
VPDVQKILDDIKALAAEQVYKIVKVPSISFRHIVMQSRDRVLRVDTYYEEMSQVGDVITEDEPEKFYSTIIKKVRFIRGK
GSFILHDIPTRDHRGMEVAEPEVLGVEFKNVLPVLTAEHRAMIQNALDGSIIENGNVATRDVDVFIGACSEPVYRIYNRL
QGYIEAVQLQELRNSIGWLERLGHRKRITYSQEVLTDFRRQDTIWVLALQLPVNPQVVWDVPRSSIANLIMNIATCLPTG
EYIAPNPRISSITLTQRITTTGPFAILTGSTPTAQQLNDVRKIYLALMFPGQIILDLKIDPGERMDPAVRMVAGVVGHLL
FTAGGRFTNLTQNMARQLDIALNDYLLYMYNTRVQVNYGPTGEPLDFQIGRNQYDCNVFRADFATGTGYNGWATIDVEYR
EPAPYVHAQRYIRYCGIDSRELINPTTYGIGMTYHCYNEMLRMLVAAGKDSEAAYFRSMLPFHMVRFARINQIINEDLHS
VFSLPDDMFNALLPDLIAGAHQNADPVVLDVSWISLWFAFNRSFEPTHRNEMLEVAPLIESVYASELSVMKVDMRHLSLM
QRRFPDVLIQARPSHFWKAVLNDSPEAVKAVMNLSHSHNFINIRDMMRWVMLPSLQPSLKLALEEEAWAAANDFEDLMLT
DQVYMHRDMLPEPRLDDIERFRQEGFYYTNMLEAPPEIDRVVQYTYEIARLQANMGQFRAALRRIMDDDDWVRFGGVLRT
VRVKFYDARPPDDVLQGLPFSYDTNERGGLAYATIKYATETTIFYLIYNVEFSNTPDSLVLINPTYTMTKVFINKRIVER
VRVGQILAVLNRRFVAYKGKMRIMDITQSLKMGTKLAAPTV
;
A,B,D,E
2 'polypeptide(L)'
;MSAAMLLAPGDVIKRSSEELKQRQIQINLIDWTEGESEKESKAEAKEGDKAEELKDGEGTQSERDLRRKEKSGAHAKAAE
RGRRKQGKKPHGDAQREGTEEEKTSEEPASVGITIEGVMSQKKLLSMIGGVERKMAPIGARESAVMLVSNSIKDVVRATA
YFTAPTGDPHWKEVAREASKKKNILAYTSTGGDVKTEFLHLIDHL
;
C,F
#
# COMPACT_ATOMS: atom_id res chain seq x y z
N SER A 44 -46.12 15.72 -11.69
CA SER A 44 -44.75 15.86 -11.22
C SER A 44 -44.72 16.19 -9.74
N SER A 45 -43.52 16.22 -9.16
CA SER A 45 -43.32 16.49 -7.75
C SER A 45 -42.53 17.77 -7.55
N ASP A 46 -42.81 18.44 -6.42
CA ASP A 46 -42.11 19.66 -6.05
C ASP A 46 -41.52 19.47 -4.66
N SER A 47 -40.25 19.87 -4.51
CA SER A 47 -39.57 19.73 -3.23
C SER A 47 -38.85 21.01 -2.84
N GLY A 48 -38.06 20.95 -1.77
CA GLY A 48 -37.37 22.11 -1.26
C GLY A 48 -36.26 22.61 -2.16
N PRO A 49 -35.18 21.82 -2.30
CA PRO A 49 -34.04 22.28 -3.11
C PRO A 49 -34.37 22.54 -4.57
N LEU A 50 -35.29 21.78 -5.15
CA LEU A 50 -35.62 21.97 -6.57
C LEU A 50 -36.29 23.32 -6.80
N LEU A 51 -37.33 23.63 -6.01
CA LEU A 51 -37.96 24.93 -6.12
C LEU A 51 -37.01 26.05 -5.69
N SER A 52 -36.09 25.75 -4.77
CA SER A 52 -35.10 26.74 -4.36
C SER A 52 -34.20 27.14 -5.53
N VAL A 53 -33.61 26.15 -6.21
CA VAL A 53 -32.73 26.46 -7.32
C VAL A 53 -33.53 27.05 -8.48
N PHE A 54 -34.79 26.66 -8.64
CA PHE A 54 -35.63 27.28 -9.67
C PHE A 54 -35.84 28.77 -9.40
N ALA A 55 -36.25 29.11 -8.18
CA ALA A 55 -36.48 30.51 -7.83
C ALA A 55 -35.19 31.31 -7.89
N LEU A 56 -34.07 30.70 -7.49
CA LEU A 56 -32.79 31.39 -7.60
C LEU A 56 -32.42 31.64 -9.06
N GLN A 57 -32.74 30.70 -9.95
CA GLN A 57 -32.47 30.90 -11.37
C GLN A 57 -33.33 32.04 -11.93
N GLU A 58 -34.60 32.11 -11.53
CA GLU A 58 -35.43 33.24 -11.97
C GLU A 58 -34.91 34.56 -11.43
N ILE A 59 -34.46 34.58 -10.17
CA ILE A 59 -33.88 35.80 -9.60
C ILE A 59 -32.64 36.21 -10.38
N MET A 60 -31.78 35.25 -10.71
CA MET A 60 -30.56 35.55 -11.45
C MET A 60 -30.86 36.08 -12.85
N GLN A 61 -31.81 35.45 -13.55
CA GLN A 61 -32.12 35.92 -14.91
C GLN A 61 -32.74 37.31 -14.87
N LYS A 62 -33.61 37.57 -13.88
CA LYS A 62 -34.19 38.91 -13.76
C LYS A 62 -33.12 39.95 -13.46
N VAL A 63 -32.18 39.63 -12.57
CA VAL A 63 -31.19 40.63 -12.20
C VAL A 63 -30.20 40.85 -13.34
N ARG A 64 -29.88 39.82 -14.14
CA ARG A 64 -28.99 40.06 -15.27
C ARG A 64 -29.70 40.82 -16.37
N GLN A 65 -31.00 40.58 -16.56
CA GLN A 65 -31.76 41.38 -17.53
C GLN A 65 -31.81 42.83 -17.11
N VAL A 66 -31.96 43.09 -15.81
CA VAL A 66 -31.94 44.47 -15.32
C VAL A 66 -30.56 45.09 -15.51
N GLN A 67 -29.50 44.35 -15.21
CA GLN A 67 -28.15 44.90 -15.25
C GLN A 67 -27.67 45.13 -16.68
N ALA A 68 -28.12 44.31 -17.63
CA ALA A 68 -27.61 44.40 -19.00
C ALA A 68 -27.99 45.70 -19.70
N ASP A 69 -29.00 46.41 -19.20
CA ASP A 69 -29.39 47.68 -19.79
C ASP A 69 -28.31 48.75 -19.62
N TYR A 70 -27.47 48.63 -18.61
CA TYR A 70 -26.39 49.58 -18.36
C TYR A 70 -25.11 49.07 -18.98
N MET A 71 -24.49 49.89 -19.82
CA MET A 71 -23.25 49.53 -20.50
C MET A 71 -22.03 49.88 -19.65
N PHE A 79 -23.21 33.33 -16.20
CA PHE A 79 -23.01 32.59 -14.97
C PHE A 79 -24.02 31.47 -14.81
N THR A 80 -23.75 30.56 -13.88
CA THR A 80 -24.64 29.45 -13.56
C THR A 80 -25.02 29.52 -12.09
N VAL A 81 -26.18 28.97 -11.78
CA VAL A 81 -26.66 28.96 -10.39
C VAL A 81 -25.79 28.03 -9.56
N PRO A 82 -25.35 28.43 -8.38
CA PRO A 82 -24.59 27.51 -7.52
C PRO A 82 -25.49 26.42 -6.95
N ASP A 83 -24.89 25.27 -6.69
CA ASP A 83 -25.61 24.14 -6.12
C ASP A 83 -25.85 24.41 -4.64
N VAL A 84 -27.12 24.58 -4.26
CA VAL A 84 -27.43 24.89 -2.86
C VAL A 84 -27.21 23.68 -1.97
N GLN A 85 -27.26 22.47 -2.54
CA GLN A 85 -27.03 21.27 -1.74
C GLN A 85 -25.60 21.21 -1.20
N LYS A 86 -24.62 21.57 -2.04
CA LYS A 86 -23.23 21.53 -1.61
C LYS A 86 -22.97 22.53 -0.48
N ILE A 87 -23.47 23.76 -0.65
CA ILE A 87 -23.30 24.80 0.37
C ILE A 87 -24.01 24.41 1.66
N LEU A 88 -25.21 23.85 1.54
CA LEU A 88 -25.96 23.46 2.72
C LEU A 88 -25.29 22.30 3.45
N ASP A 89 -24.73 21.34 2.71
CA ASP A 89 -23.97 20.27 3.36
C ASP A 89 -22.74 20.82 4.07
N ASP A 90 -22.06 21.80 3.45
CA ASP A 90 -20.91 22.41 4.10
C ASP A 90 -21.30 23.13 5.38
N ILE A 91 -22.41 23.86 5.38
CA ILE A 91 -22.80 24.59 6.59
C ILE A 91 -23.25 23.60 7.66
N LYS A 92 -23.90 22.50 7.28
CA LYS A 92 -24.27 21.49 8.26
C LYS A 92 -23.04 20.83 8.88
N ALA A 93 -22.05 20.51 8.05
CA ALA A 93 -20.82 19.90 8.56
C ALA A 93 -20.08 20.87 9.48
N LEU A 94 -20.04 22.16 9.11
CA LEU A 94 -19.38 23.15 9.95
C LEU A 94 -20.11 23.30 11.28
N ALA A 95 -21.45 23.22 11.27
CA ALA A 95 -22.21 23.21 12.51
C ALA A 95 -21.86 21.98 13.35
N ALA A 96 -21.64 20.84 12.69
CA ALA A 96 -21.32 19.61 13.42
C ALA A 96 -19.90 19.62 13.98
N GLU A 97 -19.01 20.48 13.50
CA GLU A 97 -17.64 20.50 13.97
C GLU A 97 -17.54 21.02 15.40
N GLN A 98 -16.58 20.49 16.15
CA GLN A 98 -16.34 20.88 17.53
C GLN A 98 -15.25 21.95 17.59
N VAL A 99 -15.19 22.63 18.73
CA VAL A 99 -14.20 23.68 18.97
C VAL A 99 -13.06 23.18 19.85
N TYR A 100 -13.38 22.49 20.94
CA TYR A 100 -12.37 22.01 21.88
C TYR A 100 -11.78 20.70 21.38
N LYS A 101 -11.00 20.03 22.23
CA LYS A 101 -10.41 18.75 21.89
C LYS A 101 -10.19 17.95 23.17
N ILE A 102 -10.62 16.71 23.17
CA ILE A 102 -10.46 15.82 24.32
C ILE A 102 -9.13 15.09 24.19
N VAL A 103 -8.31 15.15 25.24
CA VAL A 103 -7.00 14.51 25.24
C VAL A 103 -6.75 13.95 26.64
N LYS A 104 -6.05 12.80 26.69
CA LYS A 104 -5.79 12.15 27.96
C LYS A 104 -4.82 12.96 28.81
N VAL A 105 -3.74 13.43 28.22
CA VAL A 105 -2.72 14.18 28.96
C VAL A 105 -2.42 15.50 28.25
N PRO A 106 -2.08 16.56 28.97
CA PRO A 106 -1.69 17.81 28.32
C PRO A 106 -0.38 17.68 27.58
N SER A 107 -0.20 18.53 26.57
CA SER A 107 1.04 18.54 25.81
C SER A 107 2.20 19.04 26.65
N ILE A 108 3.41 18.65 26.25
CA ILE A 108 4.61 19.04 26.98
C ILE A 108 4.81 20.55 26.89
N SER A 109 5.39 21.13 27.93
CA SER A 109 5.61 22.57 28.00
C SER A 109 7.05 22.96 28.24
N PHE A 110 7.77 22.23 29.09
CA PHE A 110 9.16 22.53 29.41
C PHE A 110 10.04 21.35 29.01
N ARG A 111 11.32 21.63 28.79
CA ARG A 111 12.29 20.55 28.63
C ARG A 111 13.65 21.04 29.12
N HIS A 112 14.57 20.09 29.28
CA HIS A 112 15.86 20.37 29.90
C HIS A 112 16.99 19.82 29.04
N ILE A 113 18.10 20.55 29.03
CA ILE A 113 19.34 20.10 28.40
C ILE A 113 20.43 20.09 29.47
N VAL A 114 21.13 18.97 29.56
CA VAL A 114 22.19 18.80 30.55
C VAL A 114 23.47 19.45 30.04
N MET A 115 24.17 20.14 30.94
CA MET A 115 25.46 20.73 30.63
C MET A 115 26.57 19.75 31.03
N GLN A 116 27.81 20.13 30.72
CA GLN A 116 28.95 19.29 31.10
C GLN A 116 29.09 19.21 32.61
N SER A 117 28.84 20.32 33.30
CA SER A 117 28.80 20.29 34.75
C SER A 117 27.60 19.47 35.23
N ARG A 118 27.78 18.75 36.32
CA ARG A 118 26.75 17.89 36.87
C ARG A 118 25.79 18.61 37.82
N ASP A 119 26.13 19.81 38.26
CA ASP A 119 25.29 20.55 39.20
C ASP A 119 24.35 21.52 38.50
N ARG A 120 24.45 21.69 37.19
CA ARG A 120 23.66 22.67 36.48
C ARG A 120 22.97 22.05 35.26
N VAL A 121 21.71 22.42 35.07
CA VAL A 121 20.92 22.05 33.91
C VAL A 121 20.35 23.34 33.33
N LEU A 122 20.03 23.32 32.03
CA LEU A 122 19.37 24.47 31.42
C LEU A 122 17.95 24.09 31.04
N ARG A 123 17.00 24.92 31.45
CA ARG A 123 15.57 24.70 31.25
C ARG A 123 15.07 25.64 30.17
N VAL A 124 14.35 25.10 29.19
CA VAL A 124 13.81 25.86 28.08
C VAL A 124 12.32 25.59 27.94
N ASP A 125 11.54 26.66 27.81
CA ASP A 125 10.12 26.57 27.49
C ASP A 125 9.97 26.29 26.00
N THR A 126 9.31 25.19 25.66
CA THR A 126 9.17 24.83 24.26
C THR A 126 8.08 25.62 23.55
N TYR A 127 7.23 26.34 24.30
CA TYR A 127 6.12 27.06 23.69
C TYR A 127 6.62 28.15 22.74
N TYR A 128 7.57 28.97 23.21
CA TYR A 128 8.12 30.03 22.36
C TYR A 128 8.84 29.43 21.15
N GLU A 129 9.56 28.33 21.37
CA GLU A 129 10.29 27.68 20.28
C GLU A 129 9.35 27.17 19.20
N GLU A 130 8.24 26.55 19.60
CA GLU A 130 7.31 26.01 18.60
C GLU A 130 6.36 27.06 18.04
N MET A 131 6.24 28.21 18.70
CA MET A 131 5.34 29.25 18.20
C MET A 131 6.05 30.25 17.32
N SER A 132 7.36 30.46 17.53
CA SER A 132 8.12 31.37 16.67
C SER A 132 8.20 30.85 15.24
N GLN A 133 8.04 29.55 15.05
CA GLN A 133 8.06 28.96 13.71
C GLN A 133 6.71 29.03 13.01
N VAL A 134 5.67 29.52 13.68
CA VAL A 134 4.33 29.58 13.12
C VAL A 134 4.10 30.98 12.57
N GLY A 135 3.71 31.05 11.30
CA GLY A 135 3.47 32.33 10.66
C GLY A 135 4.24 32.49 9.36
N ASP A 136 4.73 33.69 9.10
CA ASP A 136 5.48 33.97 7.89
C ASP A 136 6.37 35.18 8.14
N VAL A 137 7.21 35.48 7.14
CA VAL A 137 8.14 36.60 7.25
C VAL A 137 7.37 37.92 7.27
N ILE A 138 7.84 38.86 8.11
CA ILE A 138 7.25 40.17 8.22
C ILE A 138 8.05 41.14 7.35
N THR A 139 7.35 41.88 6.50
CA THR A 139 7.98 42.85 5.61
C THR A 139 7.18 44.14 5.67
N GLU A 140 7.87 45.27 5.53
CA GLU A 140 7.29 46.56 5.88
C GLU A 140 6.28 47.05 4.84
N ASP A 141 6.47 46.69 3.57
CA ASP A 141 5.65 47.26 2.49
C ASP A 141 4.55 46.31 2.03
N GLU A 142 4.20 45.30 2.84
CA GLU A 142 3.06 44.43 2.57
C GLU A 142 2.22 44.35 3.83
N PRO A 143 1.33 45.32 4.05
CA PRO A 143 0.48 45.29 5.25
C PRO A 143 -0.43 44.08 5.32
N GLU A 144 -0.92 43.59 4.19
CA GLU A 144 -1.83 42.45 4.21
C GLU A 144 -1.12 41.19 4.72
N LYS A 145 0.14 40.99 4.34
CA LYS A 145 0.90 39.87 4.86
C LYS A 145 1.12 40.01 6.36
N PHE A 146 1.41 41.23 6.82
CA PHE A 146 1.62 41.49 8.24
C PHE A 146 0.38 41.14 9.05
N TYR A 147 -0.78 41.64 8.63
CA TYR A 147 -2.01 41.38 9.39
C TYR A 147 -2.45 39.93 9.24
N SER A 148 -2.18 39.29 8.09
CA SER A 148 -2.47 37.87 7.96
C SER A 148 -1.63 37.03 8.92
N THR A 149 -0.34 37.38 9.06
CA THR A 149 0.51 36.69 10.03
C THR A 149 0.00 36.92 11.45
N ILE A 150 -0.42 38.15 11.76
CA ILE A 150 -0.92 38.44 13.11
C ILE A 150 -2.16 37.61 13.42
N ILE A 151 -3.12 37.58 12.50
CA ILE A 151 -4.35 36.85 12.78
C ILE A 151 -4.08 35.34 12.81
N LYS A 152 -3.17 34.85 11.97
CA LYS A 152 -2.83 33.43 12.03
C LYS A 152 -2.19 33.07 13.36
N LYS A 153 -1.30 33.94 13.87
CA LYS A 153 -0.66 33.65 15.15
C LYS A 153 -1.67 33.68 16.30
N VAL A 154 -2.58 34.65 16.31
CA VAL A 154 -3.55 34.70 17.40
C VAL A 154 -4.53 33.54 17.32
N ARG A 155 -4.88 33.12 16.10
CA ARG A 155 -5.72 31.93 15.94
C ARG A 155 -5.00 30.69 16.46
N PHE A 156 -3.70 30.58 16.18
CA PHE A 156 -2.92 29.45 16.69
C PHE A 156 -2.87 29.45 18.21
N ILE A 157 -2.69 30.63 18.81
CA ILE A 157 -2.66 30.74 20.26
C ILE A 157 -4.00 30.33 20.85
N ARG A 158 -5.10 30.77 20.24
CA ARG A 158 -6.42 30.38 20.72
C ARG A 158 -6.66 28.88 20.60
N GLY A 159 -6.26 28.30 19.46
CA GLY A 159 -6.55 26.89 19.23
C GLY A 159 -5.66 25.95 20.02
N LYS A 160 -4.47 26.42 20.41
CA LYS A 160 -3.54 25.55 21.12
C LYS A 160 -4.02 25.26 22.54
N GLY A 161 -4.57 26.26 23.21
CA GLY A 161 -4.92 26.15 24.61
C GLY A 161 -6.29 25.62 24.94
N SER A 162 -7.04 25.14 23.95
CA SER A 162 -8.39 24.63 24.16
C SER A 162 -8.34 23.10 24.23
N PHE A 163 -8.34 22.57 25.45
CA PHE A 163 -8.35 21.13 25.65
C PHE A 163 -9.03 20.81 26.97
N ILE A 164 -9.64 19.64 27.04
CA ILE A 164 -10.33 19.16 28.23
C ILE A 164 -9.70 17.85 28.66
N LEU A 165 -9.33 17.75 29.94
CA LEU A 165 -8.74 16.53 30.47
C LEU A 165 -9.80 15.46 30.65
N HIS A 166 -9.39 14.20 30.44
CA HIS A 166 -10.32 13.08 30.51
C HIS A 166 -9.54 11.81 30.79
N ASP A 167 -9.77 11.22 31.96
CA ASP A 167 -9.19 9.93 32.35
C ASP A 167 -7.66 9.97 32.33
N ILE A 168 -7.10 10.82 33.19
CA ILE A 168 -5.64 10.90 33.30
C ILE A 168 -5.12 9.63 33.96
N PRO A 169 -3.93 9.15 33.60
CA PRO A 169 -3.37 7.99 34.30
C PRO A 169 -3.01 8.32 35.75
N THR A 170 -3.15 7.32 36.61
CA THR A 170 -2.89 7.48 38.03
C THR A 170 -2.10 6.27 38.53
N ARG A 171 -1.63 6.38 39.78
CA ARG A 171 -0.91 5.28 40.42
C ARG A 171 -1.25 5.29 41.91
N ASP A 172 -1.31 4.11 42.50
CA ASP A 172 -1.60 3.97 43.92
C ASP A 172 -0.29 3.99 44.71
N HIS A 173 -0.23 4.85 45.73
CA HIS A 173 0.96 4.95 46.56
C HIS A 173 0.55 5.36 47.97
N ARG A 174 0.89 4.51 48.95
CA ARG A 174 0.62 4.75 50.36
C ARG A 174 -0.87 5.00 50.61
N GLY A 175 -1.70 4.31 49.84
CA GLY A 175 -3.14 4.47 49.96
C GLY A 175 -3.71 5.73 49.35
N MET A 176 -2.91 6.51 48.61
CA MET A 176 -3.40 7.69 47.93
C MET A 176 -3.17 7.55 46.42
N GLU A 177 -3.69 8.53 45.68
CA GLU A 177 -3.55 8.59 44.24
C GLU A 177 -2.46 9.60 43.88
N VAL A 178 -1.55 9.19 42.99
CA VAL A 178 -0.45 10.03 42.57
C VAL A 178 -0.42 10.05 41.04
N ALA A 179 0.11 11.13 40.50
CA ALA A 179 0.13 11.36 39.07
C ALA A 179 1.34 10.68 38.42
N GLU A 180 1.09 10.01 37.29
CA GLU A 180 2.17 9.34 36.54
C GLU A 180 2.96 10.39 35.77
N PRO A 181 4.32 10.35 35.77
CA PRO A 181 5.15 11.39 35.14
C PRO A 181 4.76 12.04 33.80
N GLU A 182 3.93 11.41 32.97
CA GLU A 182 3.69 12.02 31.66
C GLU A 182 2.51 12.98 31.65
N VAL A 183 1.66 12.96 32.68
CA VAL A 183 0.49 13.84 32.68
C VAL A 183 0.90 15.30 32.92
N LEU A 184 1.86 15.54 33.82
CA LEU A 184 2.34 16.88 34.04
C LEU A 184 3.40 17.25 33.01
N GLY A 185 3.39 18.51 32.60
CA GLY A 185 4.21 18.95 31.49
C GLY A 185 5.65 19.26 31.84
N VAL A 186 6.37 18.28 32.39
CA VAL A 186 7.80 18.41 32.63
C VAL A 186 8.49 17.18 32.07
N GLU A 187 9.52 17.40 31.27
CA GLU A 187 10.31 16.34 30.65
C GLU A 187 11.73 16.44 31.18
N PHE A 188 12.20 15.36 31.82
CA PHE A 188 13.53 15.34 32.43
C PHE A 188 14.24 14.01 32.17
N LYS A 189 14.07 13.45 30.97
CA LYS A 189 14.71 12.19 30.62
C LYS A 189 16.23 12.27 30.61
N ASN A 190 16.78 13.42 30.20
CA ASN A 190 18.21 13.50 29.94
C ASN A 190 19.02 13.60 31.24
N VAL A 191 18.44 14.22 32.27
CA VAL A 191 19.19 14.49 33.51
C VAL A 191 19.21 13.34 34.48
N LEU A 192 18.34 12.34 34.33
CA LEU A 192 18.32 11.22 35.26
C LEU A 192 19.59 10.36 35.23
N PRO A 193 20.10 9.91 34.07
CA PRO A 193 21.30 9.06 34.11
C PRO A 193 22.55 9.76 34.57
N VAL A 194 22.61 11.09 34.51
CA VAL A 194 23.84 11.83 34.83
C VAL A 194 23.88 12.35 36.26
N LEU A 195 22.81 12.15 37.03
CA LEU A 195 22.78 12.65 38.40
C LEU A 195 23.42 11.66 39.37
N THR A 196 23.56 12.10 40.61
CA THR A 196 24.08 11.25 41.67
C THR A 196 22.94 10.54 42.39
N ALA A 197 23.27 9.80 43.44
CA ALA A 197 22.26 9.01 44.14
C ALA A 197 21.31 9.89 44.93
N GLU A 198 21.86 10.83 45.70
CA GLU A 198 21.02 11.61 46.62
C GLU A 198 20.17 12.62 45.86
N HIS A 199 20.71 13.20 44.79
CA HIS A 199 19.91 14.08 43.95
C HIS A 199 18.77 13.31 43.27
N ARG A 200 19.05 12.06 42.86
CA ARG A 200 17.99 11.22 42.30
C ARG A 200 16.93 10.91 43.35
N ALA A 201 17.35 10.73 44.61
CA ALA A 201 16.38 10.54 45.68
C ALA A 201 15.50 11.77 45.85
N MET A 202 16.11 12.96 45.81
CA MET A 202 15.33 14.20 45.89
C MET A 202 14.32 14.31 44.73
N ILE A 203 14.77 14.06 43.50
CA ILE A 203 13.85 14.23 42.37
C ILE A 203 12.74 13.18 42.39
N GLN A 204 13.06 11.95 42.83
CA GLN A 204 12.03 10.93 42.94
C GLN A 204 11.00 11.30 44.01
N ASN A 205 11.46 11.80 45.15
CA ASN A 205 10.53 12.22 46.19
C ASN A 205 9.65 13.37 45.72
N ALA A 206 10.25 14.35 45.04
CA ALA A 206 9.48 15.49 44.54
C ALA A 206 8.46 15.06 43.49
N LEU A 207 8.85 14.13 42.61
CA LEU A 207 7.92 13.64 41.60
C LEU A 207 6.78 12.84 42.23
N ASP A 208 7.09 12.04 43.26
CA ASP A 208 6.08 11.22 43.90
C ASP A 208 5.23 12.00 44.90
N GLY A 209 5.60 13.24 45.21
CA GLY A 209 4.84 14.05 46.14
C GLY A 209 3.67 14.81 45.57
N SER A 210 3.22 14.47 44.35
CA SER A 210 2.11 15.17 43.71
C SER A 210 0.83 14.37 43.91
N ILE A 211 0.18 14.62 45.05
CA ILE A 211 -1.07 13.94 45.41
C ILE A 211 -2.23 14.53 44.61
N ILE A 212 -3.37 13.85 44.64
CA ILE A 212 -4.56 14.26 43.90
C ILE A 212 -5.67 14.57 44.90
N GLU A 213 -6.28 15.75 44.76
CA GLU A 213 -7.33 16.20 45.65
C GLU A 213 -8.68 16.09 44.94
N ASN A 214 -9.75 15.97 45.72
CA ASN A 214 -11.10 15.91 45.19
C ASN A 214 -11.77 17.28 45.27
N GLY A 215 -12.60 17.60 44.29
CA GLY A 215 -13.31 18.86 44.26
C GLY A 215 -14.64 18.71 43.58
N ASN A 216 -15.41 19.81 43.56
CA ASN A 216 -16.73 19.81 42.97
C ASN A 216 -16.83 20.85 41.86
N VAL A 217 -17.65 20.53 40.85
CA VAL A 217 -17.97 21.44 39.76
C VAL A 217 -19.47 21.28 39.48
N ALA A 218 -20.26 22.25 39.92
CA ALA A 218 -21.72 22.22 39.78
C ALA A 218 -22.30 20.93 40.35
N THR A 219 -21.91 20.63 41.60
CA THR A 219 -22.30 19.41 42.31
C THR A 219 -21.95 18.15 41.53
N ARG A 220 -20.80 18.17 40.86
CA ARG A 220 -20.23 16.99 40.21
C ARG A 220 -18.80 16.83 40.66
N ASP A 221 -18.41 15.59 40.92
CA ASP A 221 -17.08 15.32 41.45
C ASP A 221 -16.01 15.38 40.35
N VAL A 222 -14.87 15.99 40.68
CA VAL A 222 -13.74 16.15 39.78
C VAL A 222 -12.47 15.92 40.59
N ASP A 223 -11.38 15.63 39.90
CA ASP A 223 -10.09 15.49 40.57
C ASP A 223 -9.13 16.59 40.11
N VAL A 224 -8.49 17.24 41.09
CA VAL A 224 -7.63 18.38 40.85
C VAL A 224 -6.22 18.04 41.32
N PHE A 225 -5.24 18.46 40.53
CA PHE A 225 -3.83 18.24 40.83
C PHE A 225 -3.03 19.46 40.41
N ILE A 226 -1.72 19.37 40.57
CA ILE A 226 -0.80 20.47 40.29
C ILE A 226 0.11 20.06 39.15
N GLY A 227 0.12 20.86 38.08
CA GLY A 227 1.00 20.65 36.96
C GLY A 227 1.68 21.95 36.54
N ALA A 228 2.48 21.84 35.48
CA ALA A 228 3.26 22.95 34.96
C ALA A 228 2.85 23.22 33.52
N CYS A 229 2.66 24.50 33.20
CA CYS A 229 2.27 24.90 31.85
C CYS A 229 2.66 26.35 31.64
N SER A 230 2.64 26.77 30.37
CA SER A 230 2.99 28.14 30.01
C SER A 230 1.88 29.09 30.44
N GLU A 231 2.16 30.40 30.33
CA GLU A 231 1.22 31.40 30.85
C GLU A 231 0.01 31.57 29.93
N PRO A 232 0.15 31.90 28.64
CA PRO A 232 -1.08 32.13 27.83
C PRO A 232 -1.92 30.89 27.63
N VAL A 233 -1.29 29.72 27.49
CA VAL A 233 -2.04 28.48 27.35
C VAL A 233 -2.87 28.21 28.59
N TYR A 234 -2.27 28.41 29.77
CA TYR A 234 -3.01 28.23 31.02
C TYR A 234 -4.12 29.26 31.15
N ARG A 235 -3.88 30.49 30.66
CA ARG A 235 -4.92 31.52 30.71
C ARG A 235 -6.11 31.12 29.86
N ILE A 236 -5.87 30.62 28.65
CA ILE A 236 -6.95 30.19 27.77
C ILE A 236 -7.69 29.00 28.38
N TYR A 237 -6.94 28.04 28.94
CA TYR A 237 -7.57 26.88 29.54
C TYR A 237 -8.41 27.26 30.75
N ASN A 238 -7.91 28.19 31.57
CA ASN A 238 -8.68 28.64 32.74
C ASN A 238 -9.93 29.40 32.32
N ARG A 239 -9.86 30.20 31.26
CA ARG A 239 -11.04 30.89 30.77
C ARG A 239 -12.08 29.90 30.26
N LEU A 240 -11.63 28.86 29.53
CA LEU A 240 -12.55 27.84 29.05
C LEU A 240 -13.21 27.09 30.21
N GLN A 241 -12.41 26.75 31.24
CA GLN A 241 -12.97 26.07 32.40
C GLN A 241 -13.95 26.96 33.14
N GLY A 242 -13.66 28.26 33.25
CA GLY A 242 -14.59 29.18 33.88
C GLY A 242 -15.90 29.29 33.13
N TYR A 243 -15.84 29.34 31.79
CA TYR A 243 -17.07 29.36 31.01
C TYR A 243 -17.86 28.07 31.18
N ILE A 244 -17.16 26.93 31.22
CA ILE A 244 -17.83 25.65 31.42
C ILE A 244 -18.53 25.63 32.78
N GLU A 245 -17.88 26.16 33.82
CA GLU A 245 -18.51 26.24 35.13
C GLU A 245 -19.71 27.18 35.11
N ALA A 246 -19.60 28.30 34.39
CA ALA A 246 -20.64 29.32 34.43
C ALA A 246 -21.87 28.90 33.64
N VAL A 247 -21.70 28.12 32.57
CA VAL A 247 -22.83 27.79 31.70
C VAL A 247 -23.79 26.83 32.38
N GLN A 248 -23.33 26.10 33.39
CA GLN A 248 -24.15 25.09 34.06
C GLN A 248 -25.30 25.70 34.87
N LEU A 249 -25.31 27.01 35.09
CA LEU A 249 -26.24 27.60 36.04
C LEU A 249 -27.57 28.00 35.42
N GLN A 250 -27.55 28.93 34.46
CA GLN A 250 -28.77 29.62 34.06
C GLN A 250 -29.19 29.34 32.62
N GLU A 251 -28.34 29.65 31.63
CA GLU A 251 -28.81 29.78 30.26
C GLU A 251 -28.97 28.48 29.49
N LEU A 252 -28.37 27.38 29.97
CA LEU A 252 -28.54 26.11 29.26
C LEU A 252 -29.97 25.58 29.41
N ARG A 253 -30.53 25.69 30.62
CA ARG A 253 -31.92 25.31 30.83
C ARG A 253 -32.85 26.19 30.01
N ASN A 254 -32.54 27.49 29.91
CA ASN A 254 -33.36 28.39 29.11
C ASN A 254 -33.29 28.02 27.63
N SER A 255 -32.11 27.64 27.15
CA SER A 255 -31.97 27.19 25.76
C SER A 255 -32.78 25.94 25.51
N ILE A 256 -32.75 24.99 26.45
CA ILE A 256 -33.52 23.75 26.29
C ILE A 256 -35.02 24.07 26.28
N GLY A 257 -35.47 24.95 27.16
CA GLY A 257 -36.87 25.33 27.18
C GLY A 257 -37.31 26.03 25.91
N TRP A 258 -36.46 26.92 25.38
CA TRP A 258 -36.78 27.59 24.13
C TRP A 258 -36.87 26.62 22.97
N LEU A 259 -35.95 25.65 22.92
CA LEU A 259 -36.01 24.62 21.89
C LEU A 259 -37.29 23.80 22.00
N GLU A 260 -37.68 23.47 23.24
CA GLU A 260 -38.93 22.72 23.44
C GLU A 260 -40.13 23.53 22.98
N ARG A 261 -40.15 24.83 23.28
CA ARG A 261 -41.26 25.68 22.86
C ARG A 261 -41.32 25.79 21.33
N LEU A 262 -40.16 25.97 20.68
CA LEU A 262 -40.13 26.06 19.23
C LEU A 262 -40.60 24.76 18.58
N GLY A 263 -40.18 23.62 19.14
CA GLY A 263 -40.70 22.35 18.66
C GLY A 263 -42.21 22.22 18.87
N HIS A 264 -42.70 22.77 19.99
CA HIS A 264 -44.13 22.73 20.27
C HIS A 264 -44.92 23.53 19.23
N ARG A 265 -44.39 24.68 18.81
CA ARG A 265 -45.10 25.49 17.83
C ARG A 265 -45.24 24.79 16.49
N LYS A 266 -44.15 24.16 16.02
CA LYS A 266 -44.08 23.64 14.66
C LYS A 266 -44.66 22.23 14.53
N ARG A 267 -45.34 21.75 15.58
CA ARG A 267 -46.01 20.44 15.57
C ARG A 267 -45.04 19.29 15.27
N ILE A 268 -43.83 19.38 15.81
CA ILE A 268 -42.86 18.29 15.71
C ILE A 268 -42.34 18.01 17.12
N THR A 269 -42.23 16.72 17.47
CA THR A 269 -41.76 16.31 18.77
C THR A 269 -40.29 15.93 18.68
N TYR A 270 -39.48 16.44 19.60
CA TYR A 270 -38.06 16.17 19.58
C TYR A 270 -37.76 14.86 20.31
N SER A 271 -36.50 14.44 20.22
CA SER A 271 -36.09 13.19 20.85
C SER A 271 -36.07 13.35 22.37
N GLN A 272 -36.06 12.20 23.05
CA GLN A 272 -36.03 12.21 24.51
C GLN A 272 -34.69 12.68 25.04
N GLU A 273 -33.61 12.45 24.27
CA GLU A 273 -32.27 12.79 24.74
C GLU A 273 -32.12 14.30 24.93
N VAL A 274 -32.47 15.08 23.90
CA VAL A 274 -32.23 16.51 23.92
C VAL A 274 -33.05 17.24 24.97
N LEU A 275 -34.09 16.60 25.52
CA LEU A 275 -34.90 17.20 26.56
C LEU A 275 -34.72 16.56 27.93
N THR A 276 -34.05 15.41 28.01
CA THR A 276 -33.90 14.70 29.27
C THR A 276 -32.47 14.64 29.77
N ASP A 277 -31.48 14.51 28.89
CA ASP A 277 -30.09 14.34 29.33
C ASP A 277 -29.51 15.59 29.98
N PHE A 278 -30.23 16.71 29.95
CA PHE A 278 -29.85 17.88 30.74
C PHE A 278 -29.76 17.55 32.22
N ARG A 279 -30.73 16.82 32.75
CA ARG A 279 -30.84 16.58 34.19
C ARG A 279 -30.07 15.35 34.65
N ARG A 280 -29.39 14.66 33.75
CA ARG A 280 -28.66 13.45 34.13
C ARG A 280 -27.46 13.80 34.99
N GLN A 281 -27.20 12.95 35.99
CA GLN A 281 -26.13 13.21 36.95
C GLN A 281 -24.75 12.91 36.37
N ASP A 282 -24.65 11.92 35.48
CA ASP A 282 -23.36 11.40 35.03
C ASP A 282 -22.88 12.05 33.73
N THR A 283 -23.50 13.12 33.28
CA THR A 283 -23.11 13.79 32.04
C THR A 283 -22.91 15.28 32.28
N ILE A 284 -21.86 15.83 31.68
CA ILE A 284 -21.58 17.26 31.72
C ILE A 284 -21.87 17.82 30.34
N TRP A 285 -22.77 18.79 30.28
CA TRP A 285 -23.22 19.37 29.01
C TRP A 285 -22.60 20.73 28.81
N VAL A 286 -21.72 20.85 27.81
CA VAL A 286 -21.12 22.12 27.42
C VAL A 286 -21.94 22.70 26.28
N LEU A 287 -22.17 24.01 26.35
CA LEU A 287 -23.05 24.70 25.40
C LEU A 287 -22.20 25.57 24.48
N ALA A 288 -21.85 25.02 23.31
CA ALA A 288 -21.10 25.80 22.34
C ALA A 288 -21.95 26.82 21.61
N LEU A 289 -23.20 26.46 21.28
CA LEU A 289 -24.09 27.32 20.52
C LEU A 289 -25.40 27.47 21.27
N GLN A 290 -25.76 28.71 21.60
CA GLN A 290 -26.99 28.95 22.35
C GLN A 290 -28.18 29.08 21.40
N LEU A 291 -29.22 28.29 21.67
CA LEU A 291 -30.38 28.26 20.77
C LEU A 291 -31.13 29.59 20.68
N PRO A 292 -31.47 30.30 21.78
CA PRO A 292 -32.22 31.55 21.61
C PRO A 292 -31.36 32.65 21.00
N VAL A 293 -31.09 32.54 19.70
CA VAL A 293 -30.21 33.45 19.00
C VAL A 293 -30.92 34.78 18.77
N ASN A 294 -30.18 35.87 18.93
CA ASN A 294 -30.72 37.19 18.62
C ASN A 294 -30.90 37.31 17.10
N PRO A 295 -32.10 37.67 16.63
CA PRO A 295 -32.34 37.68 15.19
C PRO A 295 -31.95 38.98 14.48
N GLN A 296 -31.49 39.99 15.23
CA GLN A 296 -31.05 41.22 14.59
C GLN A 296 -29.76 41.03 13.81
N VAL A 297 -28.87 40.15 14.29
CA VAL A 297 -27.56 39.99 13.66
C VAL A 297 -27.69 39.39 12.27
N VAL A 298 -28.65 38.49 12.07
CA VAL A 298 -28.79 37.86 10.76
C VAL A 298 -29.46 38.79 9.76
N TRP A 299 -30.30 39.72 10.25
CA TRP A 299 -30.95 40.70 9.40
C TRP A 299 -30.25 42.05 9.41
N ASP A 300 -28.96 42.08 9.72
CA ASP A 300 -28.19 43.32 9.74
C ASP A 300 -27.15 43.41 8.63
N VAL A 301 -26.70 42.28 8.09
CA VAL A 301 -25.74 42.32 6.98
C VAL A 301 -26.41 42.96 5.77
N PRO A 302 -25.78 43.94 5.12
CA PRO A 302 -26.46 44.67 4.04
C PRO A 302 -26.63 43.82 2.79
N ARG A 303 -27.74 44.09 2.09
CA ARG A 303 -28.06 43.47 0.80
C ARG A 303 -28.10 41.95 0.94
N SER A 304 -29.07 41.47 1.73
CA SER A 304 -29.19 40.05 1.99
C SER A 304 -30.63 39.56 2.01
N SER A 305 -31.59 40.32 1.49
CA SER A 305 -32.97 39.87 1.47
C SER A 305 -33.14 38.63 0.58
N ILE A 306 -32.50 38.64 -0.59
CA ILE A 306 -32.58 37.50 -1.49
C ILE A 306 -31.92 36.27 -0.88
N ALA A 307 -30.77 36.46 -0.24
CA ALA A 307 -30.07 35.33 0.38
C ALA A 307 -30.90 34.73 1.52
N ASN A 308 -31.49 35.58 2.36
CA ASN A 308 -32.33 35.08 3.45
C ASN A 308 -33.56 34.37 2.90
N LEU A 309 -34.17 34.92 1.86
CA LEU A 309 -35.35 34.30 1.27
C LEU A 309 -35.02 32.92 0.69
N ILE A 310 -33.90 32.83 -0.04
CA ILE A 310 -33.55 31.56 -0.66
C ILE A 310 -33.12 30.54 0.38
N MET A 311 -32.47 31.00 1.46
CA MET A 311 -32.12 30.08 2.54
C MET A 311 -33.37 29.56 3.24
N ASN A 312 -34.37 30.42 3.45
CA ASN A 312 -35.63 29.98 4.04
C ASN A 312 -36.32 28.96 3.14
N ILE A 313 -36.34 29.20 1.82
CA ILE A 313 -36.95 28.25 0.91
C ILE A 313 -36.21 26.92 0.93
N ALA A 314 -34.87 26.96 0.96
CA ALA A 314 -34.09 25.73 0.94
C ALA A 314 -34.27 24.93 2.23
N THR A 315 -34.34 25.61 3.37
CA THR A 315 -34.31 24.91 4.65
C THR A 315 -35.68 24.53 5.19
N CYS A 316 -36.75 25.24 4.81
CA CYS A 316 -38.05 25.04 5.46
C CYS A 316 -39.12 24.44 4.56
N LEU A 317 -38.92 24.40 3.26
CA LEU A 317 -39.97 23.93 2.36
C LEU A 317 -40.07 22.40 2.41
N PRO A 318 -41.25 21.84 2.64
CA PRO A 318 -41.44 20.39 2.55
C PRO A 318 -41.60 19.97 1.10
N THR A 319 -41.91 18.69 0.90
CA THR A 319 -42.10 18.14 -0.43
C THR A 319 -43.51 17.58 -0.59
N GLY A 320 -44.08 17.77 -1.78
CA GLY A 320 -45.46 17.41 -2.03
C GLY A 320 -45.78 17.02 -3.46
N GLU A 321 -47.07 16.87 -3.75
CA GLU A 321 -47.53 16.42 -5.06
C GLU A 321 -48.66 17.33 -5.54
N TYR A 322 -48.85 17.35 -6.85
CA TYR A 322 -49.97 18.06 -7.47
C TYR A 322 -51.07 17.07 -7.81
N ILE A 323 -52.31 17.40 -7.44
CA ILE A 323 -53.44 16.50 -7.57
C ILE A 323 -54.53 17.18 -8.38
N ALA A 324 -55.05 16.48 -9.39
CA ALA A 324 -56.15 16.97 -10.20
C ALA A 324 -57.46 16.93 -9.42
N PRO A 325 -58.43 17.79 -9.78
CA PRO A 325 -59.72 17.79 -9.06
C PRO A 325 -60.56 16.56 -9.34
N ASN A 326 -61.76 16.54 -8.76
CA ASN A 326 -62.64 15.38 -8.86
C ASN A 326 -63.16 15.24 -10.29
N PRO A 327 -63.06 14.05 -10.89
CA PRO A 327 -63.51 13.89 -12.28
C PRO A 327 -65.01 14.07 -12.49
N ARG A 328 -65.82 14.03 -11.42
CA ARG A 328 -67.23 14.34 -11.60
C ARG A 328 -67.42 15.78 -12.06
N ILE A 329 -66.51 16.68 -11.67
CA ILE A 329 -66.52 18.03 -12.20
C ILE A 329 -66.19 18.02 -13.69
N SER A 330 -65.29 17.12 -14.11
CA SER A 330 -65.04 16.98 -15.55
C SER A 330 -66.27 16.44 -16.28
N SER A 331 -67.04 15.56 -15.63
CA SER A 331 -68.30 15.11 -16.23
C SER A 331 -69.29 16.25 -16.34
N ILE A 332 -69.32 17.13 -15.33
CA ILE A 332 -70.15 18.33 -15.41
C ILE A 332 -69.71 19.21 -16.58
N THR A 333 -68.40 19.33 -16.78
CA THR A 333 -67.87 20.09 -17.92
C THR A 333 -68.29 19.45 -19.25
N LEU A 334 -68.25 18.12 -19.33
CA LEU A 334 -68.69 17.43 -20.54
C LEU A 334 -70.18 17.66 -20.80
N THR A 335 -70.98 17.68 -19.73
CA THR A 335 -72.39 18.03 -19.87
C THR A 335 -72.55 19.46 -20.36
N GLN A 336 -71.72 20.38 -19.85
CA GLN A 336 -71.74 21.77 -20.29
C GLN A 336 -71.36 21.89 -21.76
N ARG A 337 -70.54 20.96 -22.27
CA ARG A 337 -70.05 21.04 -23.64
C ARG A 337 -71.17 21.00 -24.68
N ILE A 338 -72.37 20.55 -24.30
CA ILE A 338 -73.51 20.62 -25.21
C ILE A 338 -73.81 22.07 -25.58
N THR A 339 -73.77 22.97 -24.61
CA THR A 339 -73.93 24.40 -24.85
C THR A 339 -72.56 25.01 -25.10
N THR A 340 -72.30 25.40 -26.35
CA THR A 340 -70.99 25.89 -26.75
C THR A 340 -70.75 27.35 -26.36
N THR A 341 -71.77 28.04 -25.85
CA THR A 341 -71.61 29.46 -25.48
C THR A 341 -70.68 29.65 -24.30
N GLY A 342 -70.43 28.60 -23.51
CA GLY A 342 -69.54 28.69 -22.38
C GLY A 342 -68.09 28.93 -22.80
N PRO A 343 -67.37 29.72 -22.00
CA PRO A 343 -65.97 30.01 -22.35
C PRO A 343 -65.03 28.84 -22.10
N PHE A 344 -65.29 28.03 -21.08
CA PHE A 344 -64.40 26.92 -20.75
C PHE A 344 -64.74 25.65 -21.50
N ALA A 345 -65.72 25.69 -22.40
CA ALA A 345 -65.96 24.56 -23.30
C ALA A 345 -64.88 24.43 -24.37
N ILE A 346 -64.03 25.43 -24.53
CA ILE A 346 -62.94 25.42 -25.50
C ILE A 346 -61.64 25.48 -24.69
N LEU A 347 -61.67 24.90 -23.49
CA LEU A 347 -60.54 24.97 -22.57
C LEU A 347 -59.27 24.36 -23.14
N THR A 348 -59.39 23.43 -24.08
CA THR A 348 -58.26 22.72 -24.68
C THR A 348 -57.39 22.07 -23.60
N GLY A 349 -57.99 21.13 -22.88
CA GLY A 349 -57.32 20.46 -21.79
C GLY A 349 -56.26 19.46 -22.22
N SER A 350 -55.25 19.94 -22.94
CA SER A 350 -54.16 19.09 -23.40
C SER A 350 -53.01 19.15 -22.38
N THR A 351 -51.93 18.45 -22.70
CA THR A 351 -50.77 18.42 -21.82
C THR A 351 -50.05 19.76 -21.84
N PRO A 352 -49.86 20.40 -20.69
CA PRO A 352 -49.14 21.69 -20.67
C PRO A 352 -47.67 21.52 -21.04
N THR A 353 -47.10 22.57 -21.62
CA THR A 353 -45.69 22.55 -21.97
C THR A 353 -44.83 22.91 -20.75
N ALA A 354 -43.51 22.85 -20.93
CA ALA A 354 -42.60 23.00 -19.80
C ALA A 354 -42.67 24.39 -19.19
N GLN A 355 -42.73 25.43 -20.02
CA GLN A 355 -42.79 26.79 -19.49
C GLN A 355 -44.09 27.04 -18.73
N GLN A 356 -45.18 26.36 -19.12
CA GLN A 356 -46.41 26.47 -18.35
C GLN A 356 -46.26 25.85 -16.97
N LEU A 357 -45.56 24.71 -16.87
CA LEU A 357 -45.29 24.13 -15.55
C LEU A 357 -44.41 25.06 -14.72
N ASN A 358 -43.40 25.69 -15.34
CA ASN A 358 -42.59 26.66 -14.62
C ASN A 358 -43.42 27.83 -14.13
N ASP A 359 -44.36 28.29 -14.96
CA ASP A 359 -45.25 29.37 -14.55
C ASP A 359 -46.13 28.96 -13.38
N VAL A 360 -46.63 27.72 -13.40
CA VAL A 360 -47.44 27.22 -12.29
C VAL A 360 -46.62 27.16 -11.01
N ARG A 361 -45.38 26.67 -11.11
CA ARG A 361 -44.51 26.60 -9.95
C ARG A 361 -44.22 27.99 -9.39
N LYS A 362 -43.94 28.96 -10.26
CA LYS A 362 -43.61 30.29 -9.76
C LYS A 362 -44.85 31.03 -9.24
N ILE A 363 -46.04 30.76 -9.80
CA ILE A 363 -47.23 31.41 -9.27
C ILE A 363 -47.62 30.82 -7.93
N TYR A 364 -47.41 29.52 -7.73
CA TYR A 364 -47.60 28.95 -6.40
C TYR A 364 -46.56 29.47 -5.41
N LEU A 365 -45.32 29.66 -5.88
CA LEU A 365 -44.30 30.25 -5.01
C LEU A 365 -44.68 31.67 -4.60
N ALA A 366 -45.23 32.45 -5.53
CA ALA A 366 -45.74 33.78 -5.20
C ALA A 366 -46.89 33.69 -4.22
N LEU A 367 -47.76 32.69 -4.37
CA LEU A 367 -48.87 32.54 -3.44
C LEU A 367 -48.39 32.16 -2.04
N MET A 368 -47.30 31.41 -1.94
CA MET A 368 -46.78 31.01 -0.63
C MET A 368 -46.34 32.23 0.17
N PHE A 369 -45.47 33.04 -0.40
CA PHE A 369 -44.91 34.19 0.31
C PHE A 369 -45.79 35.41 0.10
N PRO A 370 -46.30 36.04 1.17
CA PRO A 370 -47.31 37.09 0.97
C PRO A 370 -46.76 38.36 0.35
N GLY A 371 -45.56 38.79 0.74
CA GLY A 371 -45.03 40.05 0.27
C GLY A 371 -43.71 39.96 -0.46
N GLN A 372 -43.03 38.82 -0.32
CA GLN A 372 -41.69 38.68 -0.93
C GLN A 372 -41.75 38.73 -2.44
N ILE A 373 -42.75 38.08 -3.04
CA ILE A 373 -42.82 37.89 -4.48
C ILE A 373 -44.04 38.62 -5.02
N ILE A 374 -43.84 39.44 -6.05
CA ILE A 374 -44.91 40.12 -6.75
C ILE A 374 -44.98 39.54 -8.16
N LEU A 375 -46.15 39.64 -8.78
CA LEU A 375 -46.40 39.05 -10.08
C LEU A 375 -46.78 40.13 -11.10
N ASP A 376 -46.42 39.86 -12.35
CA ASP A 376 -46.77 40.72 -13.48
C ASP A 376 -47.05 39.83 -14.69
N LEU A 377 -47.25 40.46 -15.85
CA LEU A 377 -47.63 39.76 -17.06
C LEU A 377 -46.47 39.76 -18.05
N LYS A 378 -46.28 38.63 -18.72
CA LYS A 378 -45.27 38.51 -19.77
C LYS A 378 -45.83 39.03 -21.09
N ILE A 379 -45.05 39.86 -21.77
CA ILE A 379 -45.46 40.39 -23.07
C ILE A 379 -45.12 39.38 -24.14
N ASP A 380 -46.13 38.99 -24.93
CA ASP A 380 -45.96 38.00 -25.99
C ASP A 380 -46.56 38.59 -27.27
N PRO A 381 -45.81 39.46 -27.97
CA PRO A 381 -46.34 40.04 -29.22
C PRO A 381 -46.32 39.09 -30.39
N GLY A 382 -45.67 37.93 -30.28
CA GLY A 382 -45.59 37.00 -31.39
C GLY A 382 -46.80 36.07 -31.48
N GLU A 383 -47.09 35.37 -30.40
CA GLU A 383 -48.20 34.43 -30.39
C GLU A 383 -49.53 35.18 -30.40
N ARG A 384 -50.47 34.68 -31.19
CA ARG A 384 -51.81 35.27 -31.29
C ARG A 384 -52.77 34.46 -30.43
N MET A 385 -53.57 35.14 -29.62
CA MET A 385 -54.41 34.49 -28.63
C MET A 385 -55.87 34.88 -28.83
N ASP A 386 -56.76 33.95 -28.47
CA ASP A 386 -58.19 34.17 -28.49
C ASP A 386 -58.63 34.98 -27.28
N PRO A 387 -59.80 35.63 -27.35
CA PRO A 387 -60.28 36.38 -26.17
C PRO A 387 -60.83 35.48 -25.07
N ALA A 388 -61.23 34.25 -25.38
CA ALA A 388 -61.82 33.38 -24.37
C ALA A 388 -60.81 33.04 -23.28
N VAL A 389 -59.58 32.73 -23.67
CA VAL A 389 -58.53 32.47 -22.69
C VAL A 389 -58.25 33.73 -21.88
N ARG A 390 -58.35 34.90 -22.51
CA ARG A 390 -58.11 36.15 -21.81
C ARG A 390 -59.14 36.38 -20.70
N MET A 391 -60.43 36.16 -21.01
CA MET A 391 -61.44 36.43 -19.98
C MET A 391 -61.44 35.35 -18.89
N VAL A 392 -61.20 34.08 -19.26
CA VAL A 392 -61.15 33.07 -18.21
C VAL A 392 -59.93 33.29 -17.32
N ALA A 393 -58.81 33.74 -17.90
CA ALA A 393 -57.65 34.10 -17.09
C ALA A 393 -57.97 35.27 -16.19
N GLY A 394 -58.72 36.25 -16.68
CA GLY A 394 -59.08 37.39 -15.84
C GLY A 394 -59.91 36.99 -14.64
N VAL A 395 -60.94 36.17 -14.85
CA VAL A 395 -61.78 35.77 -13.72
C VAL A 395 -60.99 34.87 -12.77
N VAL A 396 -60.16 33.97 -13.30
CA VAL A 396 -59.35 33.10 -12.43
C VAL A 396 -58.40 33.94 -11.58
N GLY A 397 -57.75 34.93 -12.19
CA GLY A 397 -56.87 35.79 -11.43
C GLY A 397 -57.61 36.60 -10.38
N HIS A 398 -58.86 36.98 -10.67
CA HIS A 398 -59.64 37.67 -9.65
C HIS A 398 -59.93 36.77 -8.46
N LEU A 399 -60.25 35.50 -8.70
CA LEU A 399 -60.52 34.60 -7.59
C LEU A 399 -59.27 34.29 -6.78
N LEU A 400 -58.18 33.91 -7.44
CA LEU A 400 -57.12 33.20 -6.75
C LEU A 400 -56.18 34.16 -6.02
N PHE A 401 -56.07 35.40 -6.48
CA PHE A 401 -55.15 36.36 -5.90
C PHE A 401 -55.81 37.22 -4.83
N THR A 402 -55.02 38.12 -4.25
CA THR A 402 -55.45 39.17 -3.34
C THR A 402 -54.97 40.52 -3.85
N ALA A 403 -55.63 41.59 -3.39
CA ALA A 403 -55.34 42.92 -3.92
C ALA A 403 -54.63 43.81 -2.91
N GLY A 404 -55.22 44.05 -1.74
CA GLY A 404 -54.64 44.99 -0.80
C GLY A 404 -55.17 44.88 0.61
N GLY A 405 -55.40 46.02 1.25
CA GLY A 405 -55.86 46.07 2.61
C GLY A 405 -54.73 46.12 3.62
N ARG A 406 -54.06 44.99 3.83
CA ARG A 406 -52.94 44.93 4.77
C ARG A 406 -51.65 44.63 4.04
N PHE A 407 -51.73 43.86 2.96
CA PHE A 407 -50.56 43.50 2.16
C PHE A 407 -51.01 43.24 0.74
N THR A 408 -50.05 42.93 -0.13
CA THR A 408 -50.36 42.72 -1.54
C THR A 408 -49.32 41.80 -2.15
N ASN A 409 -49.66 41.25 -3.31
CA ASN A 409 -48.72 40.46 -4.09
C ASN A 409 -48.78 40.79 -5.57
N LEU A 410 -49.50 41.83 -5.96
CA LEU A 410 -49.66 42.21 -7.35
C LEU A 410 -49.35 43.69 -7.53
N THR A 411 -49.05 44.06 -8.77
CA THR A 411 -48.90 45.45 -9.14
C THR A 411 -50.24 46.03 -9.59
N GLN A 412 -50.26 47.35 -9.79
CA GLN A 412 -51.47 47.99 -10.28
C GLN A 412 -51.77 47.61 -11.73
N ASN A 413 -50.73 47.34 -12.52
CA ASN A 413 -50.92 47.03 -13.93
C ASN A 413 -51.76 45.77 -14.11
N MET A 414 -51.32 44.65 -13.53
CA MET A 414 -52.02 43.39 -13.71
C MET A 414 -53.46 43.48 -13.22
N ALA A 415 -53.68 44.26 -12.16
CA ALA A 415 -55.05 44.55 -11.73
C ALA A 415 -55.82 45.28 -12.82
N ARG A 416 -55.18 46.21 -13.52
CA ARG A 416 -55.85 46.97 -14.57
C ARG A 416 -56.26 46.07 -15.74
N GLN A 417 -55.33 45.25 -16.24
CA GLN A 417 -55.72 44.33 -17.31
C GLN A 417 -56.74 43.30 -16.82
N LEU A 418 -56.66 42.89 -15.56
CA LEU A 418 -57.64 41.95 -15.03
C LEU A 418 -59.05 42.55 -15.04
N ASP A 419 -59.17 43.79 -14.59
CA ASP A 419 -60.50 44.38 -14.51
C ASP A 419 -61.05 44.72 -15.90
N ILE A 420 -60.18 45.15 -16.83
CA ILE A 420 -60.69 45.40 -18.17
C ILE A 420 -61.07 44.09 -18.86
N ALA A 421 -60.35 43.00 -18.59
CA ALA A 421 -60.72 41.70 -19.14
C ALA A 421 -62.04 41.22 -18.56
N LEU A 422 -62.28 41.44 -17.27
CA LEU A 422 -63.55 41.07 -16.68
C LEU A 422 -64.69 41.92 -17.25
N ASN A 423 -64.43 43.21 -17.49
CA ASN A 423 -65.41 44.04 -18.17
C ASN A 423 -65.74 43.49 -19.56
N ASP A 424 -64.70 43.07 -20.30
CA ASP A 424 -64.91 42.49 -21.61
C ASP A 424 -65.74 41.21 -21.53
N TYR A 425 -65.49 40.38 -20.51
CA TYR A 425 -66.28 39.17 -20.34
C TYR A 425 -67.75 39.51 -20.06
N LEU A 426 -67.99 40.47 -19.18
CA LEU A 426 -69.37 40.81 -18.83
C LEU A 426 -70.07 41.63 -19.91
N LEU A 427 -69.34 42.14 -20.90
CA LEU A 427 -69.95 42.94 -21.95
C LEU A 427 -69.94 42.28 -23.32
N TYR A 428 -68.80 41.75 -23.76
CA TYR A 428 -68.66 41.34 -25.16
C TYR A 428 -69.45 40.07 -25.46
N MET A 429 -69.10 38.97 -24.80
CA MET A 429 -69.68 37.67 -25.13
C MET A 429 -70.98 37.44 -24.37
N TYR A 430 -71.98 36.91 -25.07
CA TYR A 430 -73.28 36.65 -24.48
C TYR A 430 -74.04 35.67 -25.36
N ASN A 431 -74.75 34.74 -24.73
CA ASN A 431 -75.67 33.87 -25.47
C ASN A 431 -76.96 34.60 -25.82
N THR A 432 -77.40 35.51 -24.97
CA THR A 432 -78.57 36.34 -25.22
C THR A 432 -78.39 37.67 -24.52
N ARG A 433 -79.12 38.68 -25.00
CA ARG A 433 -78.98 40.02 -24.45
C ARG A 433 -79.66 40.12 -23.09
N VAL A 434 -79.04 40.89 -22.20
CA VAL A 434 -79.55 41.16 -20.86
C VAL A 434 -79.58 42.66 -20.66
N GLN A 435 -80.69 43.18 -20.13
CA GLN A 435 -80.83 44.61 -19.94
C GLN A 435 -79.76 45.14 -18.99
N VAL A 436 -79.26 46.33 -19.30
CA VAL A 436 -78.14 46.91 -18.58
C VAL A 436 -78.20 48.43 -18.74
N ASN A 437 -77.86 49.14 -17.66
CA ASN A 437 -77.81 50.60 -17.69
C ASN A 437 -76.40 51.06 -17.33
N TYR A 438 -75.84 51.93 -18.19
CA TYR A 438 -74.46 52.37 -18.06
C TYR A 438 -74.37 53.59 -17.13
N GLY A 439 -73.16 53.84 -16.66
CA GLY A 439 -72.91 54.96 -15.77
C GLY A 439 -72.54 56.22 -16.52
N PRO A 440 -72.43 57.34 -15.80
CA PRO A 440 -72.10 58.61 -16.46
C PRO A 440 -70.61 58.77 -16.72
N THR A 441 -69.78 58.07 -15.97
CA THR A 441 -68.33 58.20 -16.06
C THR A 441 -67.74 57.01 -16.80
N GLY A 442 -66.83 57.31 -17.74
CA GLY A 442 -66.26 56.29 -18.60
C GLY A 442 -65.07 55.56 -18.01
N GLU A 443 -65.32 54.71 -17.02
CA GLU A 443 -64.31 53.82 -16.47
C GLU A 443 -64.88 52.41 -16.40
N PRO A 444 -64.02 51.39 -16.44
CA PRO A 444 -64.52 50.01 -16.42
C PRO A 444 -65.27 49.68 -15.14
N LEU A 445 -66.25 48.78 -15.27
CA LEU A 445 -67.07 48.29 -14.16
C LEU A 445 -67.84 49.44 -13.50
N ASP A 446 -68.59 50.16 -14.33
CA ASP A 446 -69.41 51.29 -13.89
C ASP A 446 -70.81 51.19 -14.48
N PHE A 447 -71.42 50.01 -14.39
CA PHE A 447 -72.72 49.77 -15.00
C PHE A 447 -73.53 48.80 -14.15
N GLN A 448 -74.84 48.93 -14.21
CA GLN A 448 -75.76 48.05 -13.50
C GLN A 448 -76.35 47.05 -14.50
N ILE A 449 -76.09 45.76 -14.25
CA ILE A 449 -76.51 44.69 -15.14
C ILE A 449 -77.35 43.70 -14.35
N GLY A 450 -78.46 43.27 -14.93
CA GLY A 450 -79.33 42.28 -14.33
C GLY A 450 -80.72 42.83 -14.07
N ARG A 451 -81.60 41.91 -13.67
CA ARG A 451 -82.98 42.27 -13.35
C ARG A 451 -83.03 43.21 -12.15
N ASN A 452 -82.22 42.96 -11.12
CA ASN A 452 -82.20 43.79 -9.94
C ASN A 452 -81.35 45.04 -10.19
N GLN A 453 -81.21 45.87 -9.16
CA GLN A 453 -80.45 47.10 -9.24
C GLN A 453 -78.98 46.92 -8.87
N TYR A 454 -78.46 45.70 -9.01
CA TYR A 454 -77.08 45.42 -8.63
C TYR A 454 -76.11 46.18 -9.51
N ASP A 455 -75.09 46.77 -8.88
CA ASP A 455 -74.07 47.56 -9.57
C ASP A 455 -72.73 46.88 -9.46
N CYS A 456 -71.72 47.51 -10.07
CA CYS A 456 -70.36 46.98 -10.08
C CYS A 456 -69.33 48.05 -9.75
N ASN A 457 -69.74 49.18 -9.18
CA ASN A 457 -68.80 50.25 -8.84
C ASN A 457 -67.85 49.81 -7.74
N VAL A 458 -68.35 49.08 -6.74
CA VAL A 458 -67.51 48.58 -5.65
C VAL A 458 -66.52 47.52 -6.11
N PHE A 459 -66.73 46.93 -7.29
CA PHE A 459 -65.85 45.89 -7.80
C PHE A 459 -64.51 46.45 -8.24
N ARG A 460 -64.43 47.76 -8.44
CA ARG A 460 -63.20 48.40 -8.94
C ARG A 460 -62.04 48.17 -7.98
N ALA A 461 -60.87 47.87 -8.54
CA ALA A 461 -59.70 47.58 -7.74
C ALA A 461 -59.22 48.81 -6.98
N ASP A 462 -58.94 48.65 -5.69
CA ASP A 462 -58.45 49.74 -4.86
C ASP A 462 -57.55 49.15 -3.78
N PHE A 463 -56.35 49.70 -3.66
CA PHE A 463 -55.40 49.22 -2.66
C PHE A 463 -55.63 49.82 -1.29
N ALA A 464 -56.41 50.90 -1.20
CA ALA A 464 -56.66 51.53 0.09
C ALA A 464 -57.48 50.63 0.99
N THR A 465 -58.53 50.00 0.45
CA THR A 465 -59.40 49.14 1.22
C THR A 465 -59.34 47.68 0.81
N GLY A 466 -58.79 47.36 -0.37
CA GLY A 466 -58.73 45.99 -0.82
C GLY A 466 -60.08 45.37 -1.09
N THR A 467 -61.03 46.16 -1.60
CA THR A 467 -62.36 45.66 -1.88
C THR A 467 -62.38 44.88 -3.19
N GLY A 468 -63.43 44.09 -3.35
CA GLY A 468 -63.60 43.29 -4.57
C GLY A 468 -62.94 41.93 -4.54
N TYR A 469 -61.70 41.88 -4.07
CA TYR A 469 -60.95 40.63 -4.01
C TYR A 469 -61.28 39.90 -2.71
N ASN A 470 -60.52 38.84 -2.41
CA ASN A 470 -60.80 38.01 -1.24
C ASN A 470 -60.54 38.73 0.08
N GLY A 471 -59.86 39.88 0.05
CA GLY A 471 -59.64 40.69 1.24
C GLY A 471 -60.77 41.66 1.55
N TRP A 472 -61.93 41.49 0.91
CA TRP A 472 -63.05 42.42 1.09
C TRP A 472 -63.64 42.24 2.47
N ALA A 473 -63.40 43.22 3.35
CA ALA A 473 -63.99 43.30 4.69
C ALA A 473 -63.65 42.10 5.56
N THR A 474 -62.53 41.43 5.31
CA THR A 474 -62.07 40.33 6.12
C THR A 474 -60.91 40.78 6.99
N ILE A 475 -60.34 39.85 7.75
CA ILE A 475 -59.16 40.09 8.58
C ILE A 475 -58.05 39.16 8.11
N ASP A 476 -56.86 39.72 7.89
CA ASP A 476 -55.73 38.98 7.37
C ASP A 476 -54.61 38.84 8.39
N VAL A 477 -54.09 39.96 8.91
CA VAL A 477 -53.02 39.93 9.89
C VAL A 477 -53.62 39.90 11.29
N GLU A 478 -52.96 39.21 12.21
CA GLU A 478 -53.44 39.06 13.57
C GLU A 478 -52.28 38.72 14.47
N TYR A 479 -52.20 39.40 15.62
CA TYR A 479 -51.15 39.18 16.60
C TYR A 479 -51.80 38.60 17.85
N ARG A 480 -51.42 37.36 18.19
CA ARG A 480 -52.10 36.63 19.26
C ARG A 480 -51.20 36.40 20.48
N GLU A 481 -50.04 35.78 20.29
CA GLU A 481 -49.23 35.30 21.41
C GLU A 481 -47.77 35.43 21.00
N PRO A 482 -46.89 35.83 21.91
CA PRO A 482 -45.47 36.03 21.55
C PRO A 482 -44.83 34.75 21.02
N ALA A 483 -44.44 34.80 19.74
CA ALA A 483 -43.88 33.65 19.06
C ALA A 483 -42.49 33.33 19.61
N PRO A 484 -41.99 32.12 19.38
CA PRO A 484 -40.60 31.80 19.76
C PRO A 484 -39.58 32.74 19.16
N TYR A 485 -39.81 33.24 17.95
CA TYR A 485 -38.98 34.29 17.37
C TYR A 485 -39.66 35.63 17.63
N VAL A 486 -38.90 36.56 18.23
CA VAL A 486 -39.48 37.80 18.74
C VAL A 486 -39.72 38.84 17.65
N HIS A 487 -39.43 38.53 16.39
CA HIS A 487 -39.60 39.48 15.31
C HIS A 487 -40.73 39.11 14.35
N ALA A 488 -41.26 37.90 14.43
CA ALA A 488 -42.22 37.37 13.47
C ALA A 488 -43.48 36.90 14.18
N GLN A 489 -44.03 37.75 15.05
CA GLN A 489 -45.20 37.44 15.83
C GLN A 489 -46.50 37.57 15.04
N ARG A 490 -46.43 37.63 13.72
CA ARG A 490 -47.60 37.85 12.88
C ARG A 490 -48.23 36.53 12.47
N TYR A 491 -49.54 36.58 12.22
CA TYR A 491 -50.30 35.47 11.66
C TYR A 491 -51.09 35.97 10.46
N ILE A 492 -51.11 35.19 9.40
CA ILE A 492 -51.81 35.57 8.17
C ILE A 492 -52.83 34.49 7.82
N ARG A 493 -53.92 34.91 7.17
CA ARG A 493 -55.01 34.02 6.80
C ARG A 493 -55.57 34.48 5.46
N TYR A 494 -55.26 33.75 4.39
CA TYR A 494 -55.77 34.10 3.08
C TYR A 494 -57.28 33.92 3.00
N CYS A 495 -57.78 32.74 3.40
CA CYS A 495 -59.20 32.46 3.32
C CYS A 495 -60.00 33.14 4.42
N GLY A 496 -59.40 33.27 5.61
CA GLY A 496 -60.12 33.74 6.78
C GLY A 496 -60.38 32.68 7.82
N ILE A 497 -59.79 31.50 7.67
CA ILE A 497 -59.97 30.39 8.60
C ILE A 497 -58.66 30.15 9.33
N ASP A 498 -58.74 29.87 10.62
CA ASP A 498 -57.54 29.62 11.42
C ASP A 498 -56.89 28.31 11.01
N SER A 499 -55.57 28.25 11.16
CA SER A 499 -54.79 27.07 10.84
C SER A 499 -54.57 26.15 12.03
N ARG A 500 -55.11 26.51 13.20
CA ARG A 500 -54.94 25.66 14.37
C ARG A 500 -55.71 24.35 14.23
N GLU A 501 -56.94 24.42 13.72
CA GLU A 501 -57.76 23.22 13.56
C GLU A 501 -57.24 22.37 12.40
N LEU A 502 -57.33 21.06 12.56
CA LEU A 502 -56.96 20.15 11.50
C LEU A 502 -58.10 20.01 10.49
N ILE A 503 -57.77 19.49 9.31
CA ILE A 503 -58.74 19.33 8.23
C ILE A 503 -58.62 17.93 7.65
N ASN A 504 -59.70 17.50 6.99
CA ASN A 504 -59.73 16.23 6.26
C ASN A 504 -60.23 16.53 4.86
N PRO A 505 -59.46 16.19 3.82
CA PRO A 505 -59.87 16.57 2.45
C PRO A 505 -61.18 15.97 1.99
N THR A 506 -61.53 14.77 2.46
CA THR A 506 -62.72 14.09 1.94
C THR A 506 -64.02 14.72 2.43
N THR A 507 -63.98 15.52 3.49
CA THR A 507 -65.19 16.11 4.05
C THR A 507 -65.17 17.63 4.13
N TYR A 508 -64.00 18.24 4.20
CA TYR A 508 -63.92 19.69 4.37
C TYR A 508 -64.35 20.42 3.10
N GLY A 509 -64.91 21.61 3.28
CA GLY A 509 -65.26 22.47 2.17
C GLY A 509 -66.71 22.49 1.76
N ILE A 510 -67.62 21.96 2.58
CA ILE A 510 -69.04 21.90 2.26
C ILE A 510 -69.82 22.73 3.26
N GLY A 511 -70.68 23.61 2.77
CA GLY A 511 -71.60 24.35 3.60
C GLY A 511 -71.12 25.68 4.12
N MET A 512 -69.88 26.08 3.84
CA MET A 512 -69.38 27.38 4.27
C MET A 512 -68.91 28.18 3.08
N THR A 513 -69.12 29.50 3.14
CA THR A 513 -68.65 30.44 2.13
C THR A 513 -68.09 31.67 2.82
N TYR A 514 -67.22 32.39 2.11
CA TYR A 514 -66.74 33.68 2.57
C TYR A 514 -67.29 34.80 1.67
N HIS A 515 -66.98 36.04 2.05
CA HIS A 515 -67.72 37.19 1.55
C HIS A 515 -67.51 37.41 0.06
N CYS A 516 -66.25 37.43 -0.39
CA CYS A 516 -65.95 37.79 -1.77
C CYS A 516 -66.52 36.76 -2.75
N TYR A 517 -66.35 35.47 -2.44
CA TYR A 517 -66.86 34.42 -3.30
C TYR A 517 -68.39 34.49 -3.41
N ASN A 518 -69.07 34.64 -2.27
CA ASN A 518 -70.53 34.71 -2.29
C ASN A 518 -71.00 35.94 -3.06
N GLU A 519 -70.33 37.08 -2.87
CA GLU A 519 -70.72 38.29 -3.56
C GLU A 519 -70.56 38.14 -5.07
N MET A 520 -69.44 37.55 -5.52
CA MET A 520 -69.27 37.40 -6.96
C MET A 520 -70.21 36.35 -7.52
N LEU A 521 -70.53 35.31 -6.74
CA LEU A 521 -71.50 34.32 -7.20
C LEU A 521 -72.88 34.95 -7.38
N ARG A 522 -73.27 35.84 -6.45
CA ARG A 522 -74.51 36.58 -6.64
C ARG A 522 -74.44 37.47 -7.87
N MET A 523 -73.28 38.10 -8.10
CA MET A 523 -73.10 38.91 -9.31
C MET A 523 -73.31 38.08 -10.56
N LEU A 524 -72.69 36.90 -10.62
CA LEU A 524 -72.71 36.10 -11.83
C LEU A 524 -74.07 35.47 -12.05
N VAL A 525 -74.75 35.07 -10.98
CA VAL A 525 -76.11 34.55 -11.12
C VAL A 525 -77.07 35.68 -11.50
N ALA A 526 -76.78 36.92 -11.07
CA ALA A 526 -77.57 38.05 -11.54
C ALA A 526 -77.30 38.37 -12.99
N ALA A 527 -76.10 38.06 -13.49
CA ALA A 527 -75.76 38.25 -14.89
C ALA A 527 -76.40 37.20 -15.79
N GLY A 528 -77.03 36.17 -15.23
CA GLY A 528 -77.69 35.13 -16.00
C GLY A 528 -76.82 33.95 -16.36
N LYS A 529 -75.53 33.97 -16.01
CA LYS A 529 -74.59 32.91 -16.38
C LYS A 529 -74.70 31.77 -15.36
N ASP A 530 -75.66 30.88 -15.62
CA ASP A 530 -75.93 29.79 -14.68
C ASP A 530 -74.85 28.72 -14.71
N SER A 531 -74.33 28.39 -15.90
CA SER A 531 -73.39 27.28 -16.03
C SER A 531 -72.09 27.56 -15.29
N GLU A 532 -71.57 28.77 -15.42
CA GLU A 532 -70.36 29.14 -14.72
C GLU A 532 -70.59 29.15 -13.21
N ALA A 533 -71.78 29.56 -12.78
CA ALA A 533 -72.13 29.52 -11.36
C ALA A 533 -72.11 28.09 -10.83
N ALA A 534 -72.68 27.15 -11.58
CA ALA A 534 -72.65 25.76 -11.16
C ALA A 534 -71.22 25.22 -11.14
N TYR A 535 -70.43 25.58 -12.14
CA TYR A 535 -69.04 25.14 -12.18
C TYR A 535 -68.26 25.65 -10.98
N PHE A 536 -68.47 26.90 -10.59
CA PHE A 536 -67.76 27.44 -9.44
C PHE A 536 -68.30 26.86 -8.12
N ARG A 537 -69.59 26.55 -8.06
CA ARG A 537 -70.12 25.85 -6.88
C ARG A 537 -69.46 24.49 -6.72
N SER A 538 -69.22 23.81 -7.84
CA SER A 538 -68.42 22.58 -7.79
C SER A 538 -66.98 22.88 -7.37
N MET A 539 -66.42 23.98 -7.85
CA MET A 539 -65.02 24.34 -7.58
C MET A 539 -64.77 24.64 -6.11
N LEU A 540 -65.78 25.17 -5.40
CA LEU A 540 -65.56 25.79 -4.09
C LEU A 540 -64.86 24.91 -3.06
N PRO A 541 -65.24 23.65 -2.82
CA PRO A 541 -64.54 22.87 -1.79
C PRO A 541 -63.05 22.67 -2.08
N PHE A 542 -62.71 22.45 -3.34
CA PHE A 542 -61.31 22.34 -3.74
C PHE A 542 -60.57 23.64 -3.47
N HIS A 543 -61.22 24.77 -3.76
CA HIS A 543 -60.66 26.09 -3.52
C HIS A 543 -60.33 26.30 -2.04
N MET A 544 -61.29 26.01 -1.16
CA MET A 544 -61.06 26.20 0.26
C MET A 544 -60.08 25.20 0.83
N VAL A 545 -60.03 23.97 0.29
CA VAL A 545 -59.03 23.02 0.76
C VAL A 545 -57.63 23.52 0.41
N ARG A 546 -57.44 24.04 -0.80
CA ARG A 546 -56.13 24.54 -1.19
C ARG A 546 -55.73 25.75 -0.35
N PHE A 547 -56.66 26.67 -0.09
CA PHE A 547 -56.34 27.80 0.78
C PHE A 547 -56.05 27.37 2.21
N ALA A 548 -56.78 26.37 2.73
CA ALA A 548 -56.49 25.88 4.07
C ALA A 548 -55.09 25.30 4.14
N ARG A 549 -54.70 24.51 3.13
CA ARG A 549 -53.37 23.92 3.11
C ARG A 549 -52.28 24.99 3.01
N ILE A 550 -52.48 25.99 2.15
CA ILE A 550 -51.44 27.01 1.98
C ILE A 550 -51.35 27.88 3.24
N ASN A 551 -52.49 28.15 3.90
CA ASN A 551 -52.47 28.90 5.14
C ASN A 551 -51.73 28.12 6.23
N GLN A 552 -51.98 26.81 6.32
CA GLN A 552 -51.27 26.00 7.30
C GLN A 552 -49.77 25.99 7.03
N ILE A 553 -49.38 25.83 5.78
CA ILE A 553 -47.95 25.71 5.47
C ILE A 553 -47.24 27.05 5.67
N ILE A 554 -47.95 28.17 5.50
CA ILE A 554 -47.29 29.46 5.70
C ILE A 554 -47.28 29.86 7.17
N ASN A 555 -48.30 29.45 7.93
CA ASN A 555 -48.36 29.81 9.35
C ASN A 555 -47.68 28.80 10.25
N GLU A 556 -47.20 27.68 9.71
CA GLU A 556 -46.67 26.62 10.56
C GLU A 556 -45.23 26.26 10.27
N ASP A 557 -44.81 26.26 9.00
CA ASP A 557 -43.52 25.70 8.61
C ASP A 557 -42.48 26.76 8.28
N LEU A 558 -42.86 27.82 7.56
CA LEU A 558 -41.90 28.82 7.12
C LEU A 558 -41.54 29.83 8.20
N HIS A 559 -41.85 29.54 9.47
CA HIS A 559 -41.48 30.42 10.58
C HIS A 559 -40.02 30.19 10.93
N SER A 560 -39.15 31.15 10.61
CA SER A 560 -37.74 31.03 10.90
C SER A 560 -37.15 32.43 11.03
N VAL A 561 -35.85 32.47 11.36
CA VAL A 561 -35.14 33.74 11.45
C VAL A 561 -35.02 34.43 10.10
N PHE A 562 -35.08 33.67 9.01
CA PHE A 562 -34.88 34.22 7.67
C PHE A 562 -36.11 34.95 7.14
N SER A 563 -37.25 34.82 7.79
CA SER A 563 -38.43 35.57 7.40
C SER A 563 -38.30 37.03 7.83
N LEU A 564 -38.97 37.92 7.07
CA LEU A 564 -38.92 39.33 7.40
C LEU A 564 -39.63 39.60 8.72
N PRO A 565 -39.13 40.52 9.53
CA PRO A 565 -39.88 40.95 10.72
C PRO A 565 -41.09 41.80 10.36
N ASP A 566 -41.84 42.23 11.37
CA ASP A 566 -43.07 42.98 11.12
C ASP A 566 -42.83 44.37 10.55
N ASP A 567 -41.63 44.94 10.75
CA ASP A 567 -41.38 46.32 10.34
C ASP A 567 -41.50 46.48 8.83
N MET A 568 -40.61 45.84 8.07
CA MET A 568 -40.67 45.98 6.62
C MET A 568 -41.87 45.27 6.02
N PHE A 569 -42.39 44.24 6.70
CA PHE A 569 -43.63 43.61 6.24
C PHE A 569 -44.79 44.60 6.26
N ASN A 570 -44.86 45.43 7.29
CA ASN A 570 -45.90 46.46 7.33
C ASN A 570 -45.57 47.63 6.41
N ALA A 571 -44.29 47.96 6.24
CA ALA A 571 -43.90 49.11 5.44
C ALA A 571 -43.86 48.81 3.94
N LEU A 572 -44.00 47.55 3.53
CA LEU A 572 -43.93 47.21 2.11
C LEU A 572 -45.08 47.84 1.33
N LEU A 573 -46.30 47.77 1.89
CA LEU A 573 -47.46 48.33 1.18
C LEU A 573 -47.37 49.83 0.95
N PRO A 574 -47.04 50.67 1.95
CA PRO A 574 -46.84 52.09 1.64
C PRO A 574 -45.69 52.35 0.68
N ASP A 575 -44.67 51.48 0.67
CA ASP A 575 -43.58 51.62 -0.28
C ASP A 575 -44.08 51.47 -1.72
N LEU A 576 -44.96 50.50 -1.96
CA LEU A 576 -45.52 50.33 -3.30
C LEU A 576 -46.55 51.41 -3.61
N ILE A 577 -47.29 51.87 -2.62
CA ILE A 577 -48.31 52.90 -2.85
C ILE A 577 -47.66 54.23 -3.23
N ALA A 578 -46.65 54.64 -2.46
CA ALA A 578 -46.03 55.93 -2.73
C ALA A 578 -45.13 55.89 -3.95
N GLY A 579 -44.57 54.73 -4.28
CA GLY A 579 -43.69 54.59 -5.42
C GLY A 579 -42.24 54.98 -5.18
N ALA A 580 -41.90 55.43 -3.98
CA ALA A 580 -40.53 55.78 -3.62
C ALA A 580 -39.96 54.71 -2.70
N HIS A 581 -38.80 54.17 -3.06
CA HIS A 581 -38.19 53.08 -2.33
C HIS A 581 -37.13 53.62 -1.37
N GLN A 582 -37.19 53.14 -0.12
CA GLN A 582 -36.19 53.46 0.89
C GLN A 582 -35.49 52.22 1.43
N ASN A 583 -36.25 51.15 1.69
CA ASN A 583 -35.70 49.88 2.11
C ASN A 583 -35.43 49.01 0.89
N ALA A 584 -35.17 47.72 1.11
CA ALA A 584 -34.96 46.79 0.01
C ALA A 584 -36.22 46.67 -0.84
N ASP A 585 -36.04 46.73 -2.16
CA ASP A 585 -37.16 46.69 -3.07
C ASP A 585 -37.78 45.29 -3.14
N PRO A 586 -39.07 45.19 -3.48
CA PRO A 586 -39.68 43.87 -3.64
C PRO A 586 -39.22 43.17 -4.92
N VAL A 587 -39.74 41.96 -5.16
CA VAL A 587 -39.34 41.14 -6.30
C VAL A 587 -40.57 40.88 -7.15
N VAL A 588 -40.46 41.15 -8.45
CA VAL A 588 -41.58 41.00 -9.38
C VAL A 588 -41.24 39.88 -10.36
N LEU A 589 -42.26 39.08 -10.70
CA LEU A 589 -42.15 37.97 -11.64
C LEU A 589 -43.18 38.15 -12.75
N ASP A 590 -43.14 37.25 -13.72
CA ASP A 590 -44.02 37.30 -14.88
C ASP A 590 -44.61 35.92 -15.18
N VAL A 591 -45.85 35.93 -15.67
CA VAL A 591 -46.59 34.71 -16.00
C VAL A 591 -47.37 34.94 -17.29
N SER A 592 -47.99 33.87 -17.77
CA SER A 592 -48.84 33.91 -18.95
C SER A 592 -50.31 33.84 -18.56
N TRP A 593 -51.18 34.08 -19.54
CA TRP A 593 -52.61 34.11 -19.28
C TRP A 593 -53.16 32.73 -18.94
N ILE A 594 -52.84 31.73 -19.76
CA ILE A 594 -53.34 30.37 -19.53
C ILE A 594 -52.68 29.74 -18.30
N SER A 595 -51.53 30.26 -17.87
CA SER A 595 -50.92 29.77 -16.65
C SER A 595 -51.81 29.98 -15.44
N LEU A 596 -52.61 31.05 -15.45
CA LEU A 596 -53.57 31.27 -14.37
C LEU A 596 -54.61 30.16 -14.33
N TRP A 597 -55.12 29.76 -15.50
CA TRP A 597 -56.07 28.65 -15.55
C TRP A 597 -55.43 27.34 -15.11
N PHE A 598 -54.18 27.10 -15.51
CA PHE A 598 -53.49 25.90 -15.05
C PHE A 598 -53.30 25.90 -13.55
N ALA A 599 -52.96 27.06 -12.97
CA ALA A 599 -52.80 27.16 -11.53
C ALA A 599 -54.13 26.93 -10.81
N PHE A 600 -55.22 27.45 -11.36
CA PHE A 600 -56.54 27.22 -10.75
C PHE A 600 -56.92 25.75 -10.82
N ASN A 601 -56.62 25.09 -11.94
CA ASN A 601 -56.97 23.69 -12.09
C ASN A 601 -56.14 22.81 -11.16
N ARG A 602 -54.85 23.11 -11.03
CA ARG A 602 -53.97 22.30 -10.20
C ARG A 602 -54.05 22.75 -8.74
N SER A 603 -53.34 22.03 -7.86
CA SER A 603 -53.20 22.42 -6.46
C SER A 603 -51.96 21.74 -5.90
N PHE A 604 -51.51 22.23 -4.75
CA PHE A 604 -50.34 21.70 -4.08
C PHE A 604 -50.75 21.08 -2.75
N GLU A 605 -50.32 19.83 -2.53
CA GLU A 605 -50.59 19.11 -1.29
C GLU A 605 -49.28 18.49 -0.81
N PRO A 606 -48.84 18.78 0.41
CA PRO A 606 -47.56 18.23 0.86
C PRO A 606 -47.64 16.73 1.11
N THR A 607 -46.63 16.01 0.63
CA THR A 607 -46.50 14.59 0.86
C THR A 607 -45.79 14.31 2.17
N HIS A 608 -44.63 14.92 2.39
CA HIS A 608 -43.98 14.82 3.69
C HIS A 608 -43.08 16.03 3.90
N ARG A 609 -42.74 16.25 5.17
CA ARG A 609 -41.99 17.41 5.59
C ARG A 609 -40.52 17.26 5.19
N ASN A 610 -39.80 18.39 5.26
CA ASN A 610 -38.38 18.37 4.99
C ASN A 610 -37.66 17.55 6.05
N GLU A 611 -36.68 16.76 5.62
CA GLU A 611 -36.00 15.85 6.54
C GLU A 611 -35.07 16.57 7.50
N MET A 612 -34.82 17.87 7.29
CA MET A 612 -33.88 18.62 8.11
C MET A 612 -34.53 19.84 8.78
N LEU A 613 -35.84 19.80 8.98
CA LEU A 613 -36.53 20.92 9.62
C LEU A 613 -36.11 21.08 11.07
N GLU A 614 -35.65 20.00 11.72
CA GLU A 614 -35.30 20.06 13.13
C GLU A 614 -33.91 20.64 13.37
N VAL A 615 -33.02 20.59 12.38
CA VAL A 615 -31.63 21.00 12.57
C VAL A 615 -31.37 22.42 12.08
N ALA A 616 -32.40 23.12 11.63
CA ALA A 616 -32.22 24.52 11.19
C ALA A 616 -31.75 25.46 12.30
N PRO A 617 -32.29 25.45 13.53
CA PRO A 617 -31.82 26.41 14.54
C PRO A 617 -30.33 26.31 14.84
N LEU A 618 -29.75 25.11 14.82
CA LEU A 618 -28.32 24.98 15.04
C LEU A 618 -27.54 25.66 13.91
N ILE A 619 -28.01 25.50 12.67
CA ILE A 619 -27.36 26.14 11.53
C ILE A 619 -27.41 27.66 11.65
N GLU A 620 -28.58 28.20 12.00
CA GLU A 620 -28.69 29.65 12.12
C GLU A 620 -27.87 30.17 13.30
N SER A 621 -27.79 29.40 14.39
CA SER A 621 -27.00 29.82 15.54
C SER A 621 -25.51 29.84 15.22
N VAL A 622 -25.01 28.81 14.53
CA VAL A 622 -23.58 28.80 14.20
C VAL A 622 -23.26 29.88 13.16
N TYR A 623 -24.22 30.17 12.27
CA TYR A 623 -24.04 31.28 11.33
C TYR A 623 -23.90 32.60 12.07
N ALA A 624 -24.79 32.86 13.02
CA ALA A 624 -24.73 34.10 13.80
C ALA A 624 -23.44 34.17 14.62
N SER A 625 -23.01 33.04 15.18
CA SER A 625 -21.77 33.03 15.95
C SER A 625 -20.57 33.36 15.08
N GLU A 626 -20.52 32.82 13.86
CA GLU A 626 -19.43 33.16 12.95
C GLU A 626 -19.46 34.64 12.58
N LEU A 627 -20.66 35.19 12.34
CA LEU A 627 -20.77 36.63 12.08
C LEU A 627 -20.24 37.46 13.24
N SER A 628 -20.59 37.05 14.47
CA SER A 628 -20.11 37.78 15.65
C SER A 628 -18.59 37.67 15.79
N VAL A 629 -18.03 36.50 15.48
CA VAL A 629 -16.58 36.33 15.50
C VAL A 629 -15.92 37.27 14.51
N MET A 630 -16.49 37.36 13.30
CA MET A 630 -15.95 38.28 12.30
C MET A 630 -15.98 39.72 12.80
N LYS A 631 -17.10 40.13 13.39
CA LYS A 631 -17.24 41.51 13.85
C LYS A 631 -16.26 41.83 14.98
N VAL A 632 -16.11 40.92 15.95
CA VAL A 632 -15.21 41.19 17.06
C VAL A 632 -13.75 41.18 16.57
N ASP A 633 -13.44 40.34 15.57
CA ASP A 633 -12.10 40.36 14.99
C ASP A 633 -11.81 41.69 14.31
N MET A 634 -12.79 42.23 13.57
CA MET A 634 -12.63 43.54 12.95
C MET A 634 -12.40 44.62 14.01
N ARG A 635 -13.20 44.59 15.08
CA ARG A 635 -13.05 45.59 16.13
C ARG A 635 -11.68 45.50 16.80
N HIS A 636 -11.21 44.28 17.06
CA HIS A 636 -9.92 44.12 17.72
C HIS A 636 -8.76 44.54 16.81
N LEU A 637 -8.87 44.26 15.50
CA LEU A 637 -7.85 44.75 14.58
C LEU A 637 -7.80 46.26 14.54
N SER A 638 -8.98 46.91 14.51
CA SER A 638 -9.01 48.37 14.51
C SER A 638 -8.41 48.94 15.78
N LEU A 639 -8.76 48.37 16.93
CA LEU A 639 -8.23 48.85 18.20
C LEU A 639 -6.72 48.63 18.30
N MET A 640 -6.24 47.49 17.82
CA MET A 640 -4.81 47.21 17.83
C MET A 640 -4.06 48.20 16.94
N GLN A 641 -4.62 48.52 15.77
CA GLN A 641 -3.98 49.51 14.91
C GLN A 641 -3.95 50.88 15.58
N ARG A 642 -5.05 51.25 16.25
CA ARG A 642 -5.11 52.58 16.87
C ARG A 642 -4.19 52.69 18.09
N ARG A 643 -3.97 51.59 18.80
CA ARG A 643 -3.24 51.66 20.07
C ARG A 643 -1.78 52.07 19.88
N PHE A 644 -1.11 51.52 18.87
CA PHE A 644 0.32 51.76 18.64
C PHE A 644 0.54 52.21 17.20
N PRO A 645 0.32 53.50 16.92
CA PRO A 645 0.56 53.98 15.55
C PRO A 645 2.02 54.31 15.26
N ASP A 646 2.85 54.53 16.28
CA ASP A 646 4.24 54.89 16.03
C ASP A 646 5.06 53.70 15.55
N VAL A 647 4.79 52.51 16.09
CA VAL A 647 5.57 51.33 15.75
C VAL A 647 4.90 50.43 14.73
N LEU A 648 3.65 50.73 14.34
CA LEU A 648 2.93 49.94 13.35
C LEU A 648 2.55 50.81 12.16
N ILE A 649 2.50 50.19 10.99
CA ILE A 649 2.20 50.90 9.76
C ILE A 649 0.69 51.06 9.61
N GLN A 650 0.27 52.21 9.09
CA GLN A 650 -1.14 52.45 8.83
C GLN A 650 -1.57 51.71 7.57
N ALA A 651 -2.76 51.10 7.64
CA ALA A 651 -3.28 50.30 6.54
C ALA A 651 -4.73 50.65 6.26
N ARG A 652 -5.14 50.45 5.01
CA ARG A 652 -6.52 50.69 4.63
C ARG A 652 -7.43 49.62 5.22
N PRO A 653 -8.72 49.93 5.43
CA PRO A 653 -9.63 48.90 5.94
C PRO A 653 -9.74 47.67 5.05
N SER A 654 -9.63 47.84 3.73
CA SER A 654 -9.76 46.72 2.82
C SER A 654 -8.64 45.70 3.02
N HIS A 655 -7.46 46.15 3.42
CA HIS A 655 -6.32 45.24 3.60
C HIS A 655 -6.61 44.19 4.68
N PHE A 656 -6.82 44.64 5.92
CA PHE A 656 -7.07 43.65 6.97
C PHE A 656 -8.47 43.05 6.89
N TRP A 657 -9.40 43.70 6.18
CA TRP A 657 -10.67 43.03 5.89
C TRP A 657 -10.47 41.83 4.99
N LYS A 658 -9.65 41.96 3.94
CA LYS A 658 -9.32 40.82 3.10
C LYS A 658 -8.51 39.79 3.89
N ALA A 659 -7.65 40.27 4.81
CA ALA A 659 -6.85 39.36 5.62
C ALA A 659 -7.73 38.49 6.52
N VAL A 660 -8.71 39.11 7.18
CA VAL A 660 -9.58 38.35 8.07
C VAL A 660 -10.54 37.47 7.27
N LEU A 661 -10.91 37.90 6.06
CA LEU A 661 -11.73 37.05 5.21
C LEU A 661 -10.96 35.84 4.72
N ASN A 662 -9.64 35.99 4.55
CA ASN A 662 -8.83 34.89 4.01
C ASN A 662 -8.76 33.73 4.99
N ASP A 663 -8.79 34.00 6.29
CA ASP A 663 -8.69 32.96 7.32
C ASP A 663 -10.03 32.62 7.93
N SER A 664 -11.09 32.61 7.12
CA SER A 664 -12.44 32.31 7.58
C SER A 664 -12.98 31.07 6.88
N PRO A 665 -13.86 30.30 7.52
CA PRO A 665 -14.39 29.09 6.88
C PRO A 665 -15.21 29.40 5.64
N GLU A 666 -15.23 28.43 4.72
CA GLU A 666 -15.80 28.64 3.40
C GLU A 666 -17.33 28.60 3.37
N ALA A 667 -17.95 27.88 4.32
CA ALA A 667 -19.40 27.74 4.28
C ALA A 667 -20.09 29.08 4.52
N VAL A 668 -19.61 29.86 5.48
CA VAL A 668 -20.20 31.18 5.71
C VAL A 668 -19.88 32.12 4.55
N LYS A 669 -18.75 31.92 3.88
CA LYS A 669 -18.45 32.70 2.68
C LYS A 669 -19.49 32.44 1.61
N ALA A 670 -19.80 31.16 1.37
CA ALA A 670 -20.77 30.80 0.34
C ALA A 670 -22.17 31.27 0.69
N VAL A 671 -22.57 31.11 1.95
CA VAL A 671 -23.90 31.55 2.37
C VAL A 671 -24.03 33.07 2.29
N MET A 672 -22.98 33.79 2.69
CA MET A 672 -23.05 35.25 2.67
C MET A 672 -23.09 35.80 1.25
N ASN A 673 -22.23 35.30 0.37
CA ASN A 673 -22.06 35.87 -0.98
C ASN A 673 -23.01 35.18 -1.94
N LEU A 674 -24.25 35.65 -1.95
CA LEU A 674 -25.28 35.14 -2.85
C LEU A 674 -25.83 36.24 -3.74
N SER A 675 -24.99 37.21 -4.09
CA SER A 675 -25.41 38.33 -4.93
C SER A 675 -24.48 38.50 -6.13
N ASN A 682 -19.93 47.55 -0.56
CA ASN A 682 -18.81 48.41 -0.88
C ASN A 682 -17.69 48.22 0.13
N ILE A 683 -17.27 49.32 0.75
CA ILE A 683 -16.25 49.27 1.80
C ILE A 683 -16.79 49.99 3.04
N ARG A 684 -17.28 51.22 2.83
CA ARG A 684 -17.77 52.02 3.95
C ARG A 684 -19.07 51.47 4.52
N ASP A 685 -19.88 50.81 3.68
CA ASP A 685 -21.15 50.26 4.14
C ASP A 685 -20.94 49.19 5.20
N MET A 686 -19.97 48.31 4.99
CA MET A 686 -19.70 47.29 6.00
C MET A 686 -19.00 47.88 7.21
N MET A 687 -18.35 49.03 7.05
CA MET A 687 -17.86 49.74 8.23
C MET A 687 -19.04 50.21 9.10
N ARG A 688 -20.07 50.77 8.47
CA ARG A 688 -21.29 51.12 9.22
C ARG A 688 -21.93 49.87 9.82
N TRP A 689 -21.86 48.75 9.09
CA TRP A 689 -22.32 47.47 9.63
C TRP A 689 -21.56 47.09 10.90
N VAL A 690 -20.24 47.25 10.89
CA VAL A 690 -19.42 46.89 12.04
C VAL A 690 -19.74 47.80 13.22
N MET A 691 -20.04 49.08 12.96
CA MET A 691 -20.29 50.02 14.04
C MET A 691 -21.50 49.65 14.91
N LEU A 692 -22.42 48.83 14.42
CA LEU A 692 -23.60 48.48 15.22
C LEU A 692 -23.20 47.50 16.32
N PRO A 693 -23.57 47.77 17.59
CA PRO A 693 -23.13 46.88 18.68
C PRO A 693 -23.98 45.63 18.86
N SER A 694 -24.78 45.26 17.88
CA SER A 694 -25.52 44.00 17.96
C SER A 694 -24.55 42.82 17.91
N LEU A 695 -24.79 41.83 18.77
CA LEU A 695 -23.80 40.78 18.97
C LEU A 695 -24.50 39.50 19.40
N GLN A 696 -23.83 38.37 19.19
CA GLN A 696 -24.36 37.05 19.55
C GLN A 696 -23.32 36.31 20.38
N PRO A 697 -23.58 36.08 21.67
CA PRO A 697 -22.57 35.41 22.52
C PRO A 697 -22.34 33.97 22.10
N SER A 698 -21.11 33.51 22.30
CA SER A 698 -20.74 32.12 22.01
C SER A 698 -19.43 31.80 22.73
N LEU A 699 -19.14 30.50 22.82
CA LEU A 699 -17.87 30.06 23.40
C LEU A 699 -16.69 30.52 22.54
N LYS A 700 -16.83 30.41 21.22
CA LYS A 700 -15.74 30.80 20.32
C LYS A 700 -15.44 32.30 20.44
N LEU A 701 -16.48 33.11 20.62
CA LEU A 701 -16.27 34.55 20.81
C LEU A 701 -15.49 34.82 22.09
N ALA A 702 -15.83 34.13 23.17
CA ALA A 702 -15.11 34.31 24.43
C ALA A 702 -13.65 33.90 24.28
N LEU A 703 -13.40 32.76 23.62
CA LEU A 703 -12.02 32.33 23.42
C LEU A 703 -11.25 33.31 22.54
N GLU A 704 -11.89 33.84 21.50
CA GLU A 704 -11.23 34.81 20.64
C GLU A 704 -10.90 36.09 21.40
N GLU A 705 -11.83 36.56 22.23
CA GLU A 705 -11.58 37.77 23.01
C GLU A 705 -10.45 37.56 24.01
N GLU A 706 -10.43 36.38 24.67
CA GLU A 706 -9.36 36.09 25.61
C GLU A 706 -8.01 35.99 24.90
N ALA A 707 -7.99 35.37 23.72
CA ALA A 707 -6.75 35.28 22.95
C ALA A 707 -6.26 36.65 22.51
N TRP A 708 -7.19 37.52 22.09
CA TRP A 708 -6.79 38.88 21.71
C TRP A 708 -6.25 39.66 22.89
N ALA A 709 -6.89 39.50 24.06
CA ALA A 709 -6.39 40.18 25.26
C ALA A 709 -5.00 39.67 25.64
N ALA A 710 -4.77 38.36 25.50
CA ALA A 710 -3.45 37.81 25.76
C ALA A 710 -2.42 38.31 24.76
N ALA A 711 -2.81 38.44 23.50
CA ALA A 711 -1.91 38.87 22.44
C ALA A 711 -1.84 40.39 22.30
N ASN A 712 -2.48 41.14 23.20
CA ASN A 712 -2.31 42.57 23.24
C ASN A 712 -0.84 42.95 23.39
N ASP A 713 -0.11 42.23 24.24
CA ASP A 713 1.32 42.44 24.35
C ASP A 713 2.05 41.83 23.15
N PHE A 714 3.18 42.44 22.80
CA PHE A 714 4.00 41.94 21.71
C PHE A 714 5.13 41.04 22.16
N GLU A 715 5.52 41.12 23.44
CA GLU A 715 6.65 40.34 23.93
C GLU A 715 6.36 38.85 23.89
N ASP A 716 5.14 38.45 24.23
CA ASP A 716 4.77 37.03 24.22
C ASP A 716 4.41 36.52 22.84
N LEU A 717 4.36 37.40 21.84
CA LEU A 717 4.07 37.00 20.47
C LEU A 717 5.34 36.72 19.66
N MET A 718 6.51 36.84 20.30
CA MET A 718 7.81 36.69 19.66
C MET A 718 7.98 37.68 18.50
N LEU A 719 7.43 38.88 18.66
CA LEU A 719 7.63 39.99 17.74
C LEU A 719 8.16 41.17 18.55
N THR A 720 9.35 41.66 18.19
CA THR A 720 9.98 42.71 18.97
C THR A 720 10.82 43.59 18.05
N ASP A 721 11.17 44.77 18.57
CA ASP A 721 12.01 45.72 17.86
C ASP A 721 13.28 46.04 18.63
N GLN A 722 13.78 45.09 19.42
CA GLN A 722 14.99 45.29 20.22
C GLN A 722 16.10 44.42 19.63
N VAL A 723 16.80 44.97 18.65
CA VAL A 723 17.97 44.33 18.05
C VAL A 723 19.14 45.30 18.10
N TYR A 724 20.33 44.77 18.37
CA TYR A 724 21.52 45.58 18.57
C TYR A 724 22.68 45.02 17.76
N MET A 725 23.58 45.92 17.38
CA MET A 725 24.83 45.56 16.72
C MET A 725 25.98 46.00 17.60
N HIS A 726 26.87 45.06 17.93
CA HIS A 726 28.08 45.39 18.68
C HIS A 726 29.18 44.42 18.27
N ARG A 727 30.41 44.93 18.23
CA ARG A 727 31.56 44.13 17.81
C ARG A 727 32.22 43.51 19.01
N ASP A 728 32.32 42.17 19.00
CA ASP A 728 33.02 41.44 20.05
C ASP A 728 33.47 40.11 19.46
N MET A 729 34.71 39.73 19.77
CA MET A 729 35.26 38.49 19.25
C MET A 729 34.54 37.29 19.85
N LEU A 730 34.31 36.28 19.03
CA LEU A 730 33.65 35.08 19.50
C LEU A 730 34.60 34.31 20.44
N PRO A 731 34.15 33.93 21.63
CA PRO A 731 35.01 33.14 22.53
C PRO A 731 35.38 31.81 21.91
N GLU A 732 36.60 31.38 22.16
CA GLU A 732 37.09 30.14 21.57
C GLU A 732 37.10 29.02 22.59
N PRO A 733 36.78 27.79 22.17
CA PRO A 733 36.84 26.66 23.09
C PRO A 733 38.27 26.23 23.37
N ARG A 734 38.54 25.92 24.63
CA ARG A 734 39.89 25.54 25.04
C ARG A 734 40.21 24.13 24.57
N LEU A 735 40.75 24.01 23.35
CA LEU A 735 41.09 22.71 22.80
C LEU A 735 42.23 22.06 23.58
N ASP A 736 43.21 22.85 23.99
CA ASP A 736 44.34 22.34 24.75
C ASP A 736 43.90 21.99 26.17
N ASP A 737 44.72 21.19 26.85
CA ASP A 737 44.49 20.74 28.22
C ASP A 737 43.14 20.02 28.32
N ILE A 738 43.13 18.82 27.70
CA ILE A 738 41.91 18.07 27.43
C ILE A 738 41.11 17.80 28.70
N GLU A 739 41.79 17.64 29.84
CA GLU A 739 41.07 17.34 31.09
C GLU A 739 40.15 18.49 31.48
N ARG A 740 40.60 19.73 31.32
CA ARG A 740 39.77 20.88 31.65
C ARG A 740 38.54 20.96 30.75
N PHE A 741 38.72 20.67 29.46
CA PHE A 741 37.58 20.65 28.55
C PHE A 741 36.61 19.53 28.90
N ARG A 742 37.14 18.39 29.34
CA ARG A 742 36.29 17.29 29.76
C ARG A 742 35.47 17.66 31.00
N GLN A 743 36.09 18.37 31.95
CA GLN A 743 35.39 18.75 33.17
C GLN A 743 34.71 20.12 33.07
N GLU A 744 34.85 20.82 31.95
CA GLU A 744 34.22 22.12 31.77
C GLU A 744 34.05 22.38 30.29
N GLY A 745 32.80 22.51 29.84
CA GLY A 745 32.47 22.62 28.43
C GLY A 745 32.39 24.04 27.93
N PHE A 746 31.60 24.22 26.87
CA PHE A 746 31.44 25.51 26.20
C PHE A 746 29.97 25.91 26.20
N TYR A 747 29.73 27.22 26.28
CA TYR A 747 28.37 27.75 26.30
C TYR A 747 28.40 29.21 25.88
N TYR A 748 27.62 29.56 24.87
CA TYR A 748 27.56 30.93 24.38
C TYR A 748 26.15 31.21 23.87
N THR A 749 25.77 32.48 23.88
CA THR A 749 24.44 32.90 23.44
C THR A 749 24.50 34.36 23.01
N ASN A 750 23.36 34.83 22.49
CA ASN A 750 23.20 36.20 22.02
C ASN A 750 22.50 37.10 23.04
N MET A 751 21.55 36.56 23.78
CA MET A 751 20.67 37.36 24.62
C MET A 751 21.44 38.05 25.74
N LEU A 752 21.09 39.29 26.01
CA LEU A 752 21.64 40.05 27.11
C LEU A 752 20.79 39.87 28.36
N GLU A 753 21.44 40.00 29.52
CA GLU A 753 20.73 39.97 30.79
C GLU A 753 19.97 41.26 31.07
N ALA A 754 20.35 42.36 30.38
CA ALA A 754 19.73 43.65 30.58
C ALA A 754 20.06 44.52 29.38
N PRO A 755 19.23 45.52 29.07
CA PRO A 755 19.57 46.44 27.99
C PRO A 755 20.81 47.24 28.37
N PRO A 756 21.60 47.66 27.37
CA PRO A 756 22.85 48.39 27.68
C PRO A 756 22.59 49.79 28.22
N GLU A 757 23.67 50.52 28.50
CA GLU A 757 23.56 51.86 29.04
C GLU A 757 22.92 52.80 28.02
N ILE A 758 22.07 53.70 28.52
CA ILE A 758 21.25 54.53 27.64
C ILE A 758 22.11 55.56 26.91
N ASP A 759 23.10 56.14 27.59
CA ASP A 759 23.88 57.21 26.97
C ASP A 759 24.88 56.68 25.94
N ARG A 760 25.16 55.37 25.94
CA ARG A 760 26.13 54.78 25.04
C ARG A 760 25.47 54.05 23.87
N VAL A 761 24.33 54.54 23.40
CA VAL A 761 23.65 53.92 22.26
C VAL A 761 23.01 55.03 21.43
N VAL A 762 23.00 54.84 20.12
CA VAL A 762 22.40 55.80 19.19
C VAL A 762 21.18 55.17 18.55
N GLN A 763 20.30 56.02 18.03
CA GLN A 763 19.02 55.60 17.48
C GLN A 763 18.96 55.89 15.99
N TYR A 764 18.62 54.88 15.20
CA TYR A 764 18.33 55.03 13.78
C TYR A 764 16.90 54.58 13.48
N THR A 765 16.29 55.26 12.52
CA THR A 765 14.95 54.94 12.03
C THR A 765 15.03 54.62 10.54
N TYR A 766 13.88 54.27 9.96
CA TYR A 766 13.84 53.88 8.56
C TYR A 766 14.21 55.03 7.64
N GLU A 767 13.72 56.24 7.93
CA GLU A 767 13.90 57.37 7.02
C GLU A 767 15.36 57.78 6.91
N ILE A 768 16.05 57.95 8.05
CA ILE A 768 17.43 58.39 8.01
C ILE A 768 18.33 57.30 7.43
N ALA A 769 18.04 56.03 7.71
CA ALA A 769 18.80 54.95 7.12
C ALA A 769 18.63 54.92 5.60
N ARG A 770 17.40 55.12 5.12
CA ARG A 770 17.16 55.16 3.68
C ARG A 770 17.87 56.35 3.04
N LEU A 771 17.87 57.51 3.72
CA LEU A 771 18.57 58.67 3.19
C LEU A 771 20.06 58.44 3.10
N GLN A 772 20.65 57.84 4.14
CA GLN A 772 22.09 57.55 4.11
C GLN A 772 22.43 56.53 3.03
N ALA A 773 21.56 55.53 2.83
CA ALA A 773 21.78 54.56 1.76
C ALA A 773 21.70 55.23 0.40
N ASN A 774 20.75 56.15 0.21
CA ASN A 774 20.65 56.88 -1.05
C ASN A 774 21.89 57.73 -1.28
N MET A 775 22.39 58.39 -0.25
CA MET A 775 23.58 59.21 -0.37
C MET A 775 24.88 58.42 -0.26
N GLY A 776 24.81 57.12 -0.02
CA GLY A 776 26.01 56.30 0.08
C GLY A 776 26.90 56.61 1.27
N GLN A 777 26.29 56.81 2.44
CA GLN A 777 27.05 57.05 3.66
C GLN A 777 26.60 56.14 4.80
N PHE A 778 26.03 54.97 4.48
CA PHE A 778 25.52 54.09 5.51
C PHE A 778 26.64 53.31 6.19
N ARG A 779 27.42 52.56 5.40
CA ARG A 779 28.44 51.70 5.97
C ARG A 779 29.55 52.51 6.64
N ALA A 780 29.86 53.69 6.09
CA ALA A 780 30.84 54.55 6.72
C ALA A 780 30.36 55.02 8.10
N ALA A 781 29.09 55.40 8.20
CA ALA A 781 28.55 55.81 9.49
C ALA A 781 28.53 54.64 10.47
N LEU A 782 28.17 53.45 10.00
CA LEU A 782 28.18 52.27 10.88
C LEU A 782 29.59 51.97 11.37
N ARG A 783 30.59 52.07 10.49
CA ARG A 783 31.97 51.84 10.90
C ARG A 783 32.43 52.89 11.91
N ARG A 784 32.04 54.15 11.69
CA ARG A 784 32.40 55.21 12.63
C ARG A 784 31.78 54.97 13.99
N ILE A 785 30.53 54.50 14.02
CA ILE A 785 29.89 54.16 15.28
C ILE A 785 30.59 52.98 15.94
N MET A 786 30.95 51.97 15.15
CA MET A 786 31.52 50.75 15.69
C MET A 786 32.90 50.99 16.30
N ASP A 787 33.74 51.81 15.64
CA ASP A 787 35.08 52.02 16.18
C ASP A 787 35.08 52.83 17.46
N ASP A 788 33.96 53.50 17.79
CA ASP A 788 33.85 54.23 19.04
C ASP A 788 33.55 53.32 20.23
N ASP A 789 33.32 52.03 19.99
CA ASP A 789 32.95 51.06 21.01
C ASP A 789 31.66 51.48 21.73
N ASP A 790 30.65 51.84 20.95
CA ASP A 790 29.30 52.12 21.42
C ASP A 790 28.36 51.05 20.89
N TRP A 791 27.08 51.23 21.16
CA TRP A 791 26.04 50.32 20.68
C TRP A 791 25.08 51.07 19.77
N VAL A 792 24.39 50.30 18.93
CA VAL A 792 23.41 50.85 18.00
C VAL A 792 22.19 49.92 17.97
N ARG A 793 21.00 50.52 17.91
CA ARG A 793 19.75 49.79 17.95
C ARG A 793 18.91 50.12 16.73
N PHE A 794 18.41 49.09 16.05
CA PHE A 794 17.55 49.26 14.87
C PHE A 794 16.08 49.28 15.31
N GLY A 795 15.69 50.40 15.90
CA GLY A 795 14.32 50.58 16.33
C GLY A 795 13.38 50.91 15.18
N GLY A 796 12.09 50.81 15.46
CA GLY A 796 11.08 51.15 14.46
C GLY A 796 10.06 50.06 14.22
N VAL A 797 10.05 49.51 13.00
CA VAL A 797 9.05 48.52 12.63
C VAL A 797 9.32 47.21 13.38
N LEU A 798 8.25 46.48 13.66
CA LEU A 798 8.37 45.20 14.34
C LEU A 798 9.09 44.18 13.46
N ARG A 799 9.77 43.25 14.11
CA ARG A 799 10.62 42.28 13.44
C ARG A 799 10.30 40.88 13.93
N THR A 800 10.39 39.91 13.02
CA THR A 800 10.23 38.51 13.36
C THR A 800 11.58 37.92 13.77
N VAL A 801 11.53 36.95 14.68
CA VAL A 801 12.73 36.32 15.21
C VAL A 801 12.53 34.81 15.23
N ARG A 802 13.65 34.09 15.21
CA ARG A 802 13.67 32.64 15.29
C ARG A 802 14.69 32.19 16.32
N VAL A 803 14.48 31.01 16.88
CA VAL A 803 15.37 30.43 17.88
C VAL A 803 15.83 29.06 17.39
N LYS A 804 17.13 28.80 17.48
CA LYS A 804 17.71 27.54 17.03
C LYS A 804 18.75 27.07 18.03
N PHE A 805 19.02 25.78 18.02
CA PHE A 805 20.02 25.16 18.88
C PHE A 805 21.03 24.39 18.02
N TYR A 806 22.30 24.53 18.37
CA TYR A 806 23.38 23.89 17.61
C TYR A 806 24.30 23.14 18.58
N ASP A 807 24.56 21.88 18.28
CA ASP A 807 25.51 21.08 19.04
C ASP A 807 26.91 21.10 18.44
N ALA A 808 27.09 21.77 17.30
CA ALA A 808 28.39 21.87 16.63
C ALA A 808 28.55 23.32 16.17
N ARG A 809 29.55 23.54 15.33
CA ARG A 809 29.80 24.88 14.82
C ARG A 809 28.67 25.29 13.87
N PRO A 810 28.02 26.42 14.10
CA PRO A 810 26.91 26.83 13.24
C PRO A 810 27.42 27.27 11.87
N PRO A 811 26.55 27.28 10.86
CA PRO A 811 26.95 27.80 9.56
C PRO A 811 27.32 29.28 9.64
N ASP A 812 28.24 29.69 8.77
CA ASP A 812 28.78 31.04 8.82
C ASP A 812 27.74 32.11 8.55
N ASP A 813 26.64 31.77 7.85
CA ASP A 813 25.61 32.76 7.57
C ASP A 813 24.93 33.25 8.85
N VAL A 814 24.73 32.35 9.82
CA VAL A 814 24.10 32.74 11.08
C VAL A 814 25.06 33.60 11.90
N LEU A 815 26.33 33.19 11.99
CA LEU A 815 27.29 33.92 12.81
C LEU A 815 27.62 35.29 12.20
N GLN A 816 27.71 35.36 10.87
CA GLN A 816 28.01 36.61 10.19
C GLN A 816 26.76 37.33 9.70
N GLY A 817 25.59 36.96 10.23
CA GLY A 817 24.37 37.59 9.76
C GLY A 817 24.28 39.05 10.17
N LEU A 818 23.71 39.87 9.28
CA LEU A 818 23.45 41.29 9.47
C LEU A 818 21.95 41.54 9.62
N PRO A 819 21.56 42.58 10.37
CA PRO A 819 20.13 42.88 10.52
C PRO A 819 19.57 43.71 9.36
N PHE A 820 20.29 43.76 8.24
CA PHE A 820 19.77 44.43 7.05
C PHE A 820 20.36 43.79 5.81
N SER A 821 19.64 43.90 4.70
CA SER A 821 20.11 43.44 3.40
C SER A 821 20.44 44.67 2.55
N TYR A 822 21.64 44.64 1.97
CA TYR A 822 22.20 45.79 1.25
C TYR A 822 22.49 45.36 -0.18
N ASP A 823 21.78 45.93 -1.15
CA ASP A 823 22.04 45.63 -2.54
C ASP A 823 22.25 46.92 -3.32
N THR A 824 22.90 46.79 -4.48
CA THR A 824 23.23 47.93 -5.32
C THR A 824 22.57 47.78 -6.68
N ASN A 825 22.16 48.90 -7.26
CA ASN A 825 21.52 48.93 -8.57
C ASN A 825 22.17 49.98 -9.44
N GLU A 826 22.19 49.71 -10.74
CA GLU A 826 22.77 50.63 -11.72
C GLU A 826 22.20 50.38 -13.11
N ALA A 831 19.94 57.13 -4.82
CA ALA A 831 19.69 56.13 -5.84
C ALA A 831 20.90 55.20 -6.01
N TYR A 832 21.88 55.36 -5.12
CA TYR A 832 23.08 54.54 -5.20
C TYR A 832 22.78 53.08 -4.86
N ALA A 833 22.08 52.84 -3.76
CA ALA A 833 21.86 51.48 -3.27
C ALA A 833 20.57 51.43 -2.48
N THR A 834 20.09 50.20 -2.26
CA THR A 834 18.86 49.94 -1.53
C THR A 834 19.16 49.09 -0.30
N ILE A 835 18.44 49.37 0.78
CA ILE A 835 18.52 48.60 2.00
C ILE A 835 17.13 48.09 2.35
N LYS A 836 17.06 46.86 2.84
CA LYS A 836 15.83 46.28 3.36
C LYS A 836 16.09 45.82 4.78
N TYR A 837 15.08 45.97 5.64
CA TYR A 837 15.22 45.51 7.01
C TYR A 837 15.24 43.97 7.03
N ALA A 838 15.73 43.43 8.14
CA ALA A 838 16.12 42.02 8.20
C ALA A 838 14.94 41.10 7.91
N THR A 839 15.19 40.10 7.07
CA THR A 839 14.19 39.06 6.84
C THR A 839 13.89 38.29 8.11
N GLU A 840 14.93 37.90 8.84
CA GLU A 840 14.78 37.20 10.11
C GLU A 840 16.12 37.22 10.83
N THR A 841 16.07 37.37 12.15
CA THR A 841 17.26 37.32 12.99
C THR A 841 17.18 36.08 13.88
N THR A 842 18.28 35.35 13.98
CA THR A 842 18.32 34.06 14.66
C THR A 842 18.96 34.22 16.02
N ILE A 843 18.30 33.67 17.04
CA ILE A 843 18.84 33.58 18.39
C ILE A 843 19.30 32.16 18.60
N PHE A 844 20.61 31.96 18.77
CA PHE A 844 21.17 30.62 18.88
C PHE A 844 21.80 30.42 20.24
N TYR A 845 21.71 29.18 20.74
CA TYR A 845 22.39 28.75 21.94
C TYR A 845 23.36 27.64 21.57
N LEU A 846 24.65 27.88 21.77
CA LEU A 846 25.69 26.94 21.37
C LEU A 846 26.12 26.14 22.59
N ILE A 847 25.86 24.83 22.54
CA ILE A 847 26.27 23.90 23.59
C ILE A 847 27.06 22.80 22.89
N TYR A 848 28.39 22.92 22.89
CA TYR A 848 29.22 21.96 22.19
C TYR A 848 29.30 20.65 22.97
N ASN A 849 29.09 19.54 22.27
CA ASN A 849 29.19 18.22 22.88
C ASN A 849 30.66 17.88 23.09
N VAL A 850 31.00 17.37 24.28
CA VAL A 850 32.38 17.04 24.58
C VAL A 850 32.78 15.75 23.87
N GLU A 851 31.80 14.93 23.46
CA GLU A 851 32.09 13.71 22.72
C GLU A 851 32.76 14.04 21.38
N PHE A 852 32.48 15.21 20.82
CA PHE A 852 33.13 15.66 19.59
C PHE A 852 34.57 16.10 19.82
N SER A 853 35.06 16.09 21.05
CA SER A 853 36.40 16.60 21.33
C SER A 853 37.47 15.74 20.68
N ASN A 854 37.24 14.42 20.57
CA ASN A 854 38.20 13.55 19.90
C ASN A 854 38.25 13.79 18.40
N THR A 855 37.26 14.49 17.83
CA THR A 855 37.22 14.81 16.40
C THR A 855 37.09 16.32 16.21
N PRO A 856 38.22 17.03 16.10
CA PRO A 856 38.17 18.49 15.94
C PRO A 856 37.69 18.91 14.56
N ASP A 857 37.77 20.21 14.28
CA ASP A 857 37.30 20.90 13.07
C ASP A 857 35.78 21.00 13.02
N SER A 858 35.07 20.47 14.02
CA SER A 858 33.64 20.71 14.19
C SER A 858 33.35 21.68 15.33
N LEU A 859 34.34 21.99 16.15
CA LEU A 859 34.17 22.91 17.28
C LEU A 859 35.16 24.07 17.25
N VAL A 860 36.06 24.12 16.27
CA VAL A 860 37.11 25.12 16.23
C VAL A 860 37.02 25.89 14.92
N LEU A 861 37.41 27.15 14.95
CA LEU A 861 37.44 28.01 13.79
C LEU A 861 38.86 28.14 13.26
N ILE A 862 39.03 29.02 12.28
CA ILE A 862 40.35 29.29 11.71
C ILE A 862 40.86 30.69 12.06
N ASN A 863 39.98 31.63 12.39
CA ASN A 863 40.34 32.99 12.74
C ASN A 863 39.51 33.42 13.93
N PRO A 864 39.96 34.42 14.68
CA PRO A 864 39.03 35.13 15.58
C PRO A 864 37.88 35.73 14.78
N THR A 865 36.68 35.58 15.31
CA THR A 865 35.47 35.94 14.57
C THR A 865 34.63 36.91 15.39
N TYR A 866 34.10 37.92 14.72
CA TYR A 866 33.27 38.94 15.36
C TYR A 866 31.81 38.68 15.05
N THR A 867 31.00 38.58 16.10
CA THR A 867 29.56 38.47 15.97
C THR A 867 28.93 39.84 16.22
N MET A 868 27.80 40.09 15.56
CA MET A 868 27.20 41.41 15.55
C MET A 868 25.81 41.46 16.18
N THR A 869 24.90 40.59 15.75
CA THR A 869 23.50 40.72 16.12
C THR A 869 23.25 40.22 17.54
N LYS A 870 22.57 41.05 18.34
CA LYS A 870 22.10 40.67 19.67
C LYS A 870 20.62 41.01 19.76
N VAL A 871 19.86 40.18 20.46
CA VAL A 871 18.43 40.39 20.62
C VAL A 871 18.10 40.31 22.11
N PHE A 872 17.33 41.28 22.60
CA PHE A 872 16.90 41.32 23.99
C PHE A 872 15.42 40.95 24.08
N ILE A 873 15.12 39.91 24.84
CA ILE A 873 13.75 39.49 25.13
C ILE A 873 13.58 39.48 26.64
N ASN A 874 12.54 40.17 27.12
CA ASN A 874 12.35 40.31 28.56
C ASN A 874 11.98 38.98 29.21
N LYS A 875 11.14 38.20 28.56
CA LYS A 875 10.69 36.93 29.13
C LYS A 875 11.81 35.89 29.05
N ARG A 876 11.98 35.15 30.15
CA ARG A 876 13.06 34.18 30.25
C ARG A 876 12.76 32.93 29.45
N ILE A 877 13.15 32.92 28.18
CA ILE A 877 12.92 31.74 27.34
C ILE A 877 13.80 30.58 27.76
N VAL A 878 15.07 30.85 28.05
CA VAL A 878 16.03 29.82 28.46
C VAL A 878 16.70 30.27 29.74
N GLU A 879 16.72 29.40 30.75
CA GLU A 879 17.34 29.71 32.03
C GLU A 879 18.25 28.57 32.45
N ARG A 880 19.08 28.83 33.45
CA ARG A 880 19.94 27.81 34.04
C ARG A 880 19.55 27.64 35.50
N VAL A 881 19.35 26.39 35.91
CA VAL A 881 18.97 26.07 37.29
C VAL A 881 19.75 24.86 37.75
N ARG A 882 19.90 24.74 39.07
CA ARG A 882 20.52 23.57 39.66
C ARG A 882 19.47 22.48 39.86
N VAL A 883 19.87 21.35 40.45
CA VAL A 883 18.97 20.22 40.58
C VAL A 883 17.82 20.52 41.52
N GLY A 884 18.00 21.48 42.42
CA GLY A 884 16.94 21.82 43.36
C GLY A 884 15.73 22.47 42.69
N GLN A 885 15.96 23.30 41.68
CA GLN A 885 14.91 24.12 41.10
C GLN A 885 14.35 23.55 39.79
N ILE A 886 14.72 22.33 39.41
CA ILE A 886 14.19 21.76 38.18
C ILE A 886 12.77 21.21 38.37
N LEU A 887 12.32 21.04 39.61
CA LEU A 887 10.94 20.63 39.90
C LEU A 887 10.20 21.68 40.72
N ALA A 888 10.71 22.91 40.78
CA ALA A 888 10.09 23.96 41.59
C ALA A 888 9.12 24.82 40.80
N VAL A 889 8.86 24.49 39.53
CA VAL A 889 7.98 25.31 38.70
C VAL A 889 6.55 24.77 38.69
N LEU A 890 6.28 23.69 39.44
CA LEU A 890 4.94 23.14 39.52
C LEU A 890 4.04 24.06 40.34
N ASN A 891 3.33 24.98 39.67
CA ASN A 891 2.49 25.92 40.38
C ASN A 891 1.16 26.19 39.68
N ARG A 892 0.73 25.31 38.77
CA ARG A 892 -0.52 25.49 38.06
C ARG A 892 -1.53 24.44 38.51
N ARG A 893 -2.80 24.83 38.54
CA ARG A 893 -3.88 23.98 39.02
C ARG A 893 -4.64 23.39 37.83
N PHE A 894 -4.76 22.06 37.81
CA PHE A 894 -5.44 21.36 36.73
C PHE A 894 -6.60 20.55 37.29
N VAL A 895 -7.76 20.68 36.64
CA VAL A 895 -8.98 20.00 37.04
C VAL A 895 -9.36 19.02 35.94
N ALA A 896 -9.82 17.83 36.34
CA ALA A 896 -10.10 16.78 35.38
C ALA A 896 -11.35 16.01 35.79
N TYR A 897 -11.93 15.33 34.80
CA TYR A 897 -13.07 14.45 34.96
C TYR A 897 -12.63 13.01 34.71
N LYS A 898 -13.35 12.08 35.33
CA LYS A 898 -13.02 10.67 35.15
C LYS A 898 -13.48 10.20 33.77
N GLY A 899 -12.87 9.10 33.30
CA GLY A 899 -13.28 8.49 32.05
C GLY A 899 -14.64 7.81 32.13
N LYS A 900 -15.16 7.61 33.33
CA LYS A 900 -16.52 7.13 33.56
C LYS A 900 -17.54 8.25 33.50
N MET A 901 -17.12 9.48 33.17
CA MET A 901 -18.02 10.58 32.88
C MET A 901 -18.11 10.77 31.36
N ARG A 902 -19.24 11.30 30.91
CA ARG A 902 -19.49 11.51 29.48
C ARG A 902 -19.63 12.99 29.19
N ILE A 903 -18.98 13.44 28.11
CA ILE A 903 -19.07 14.81 27.64
C ILE A 903 -19.91 14.81 26.37
N MET A 904 -20.99 15.59 26.36
CA MET A 904 -21.94 15.57 25.26
C MET A 904 -22.43 16.99 25.00
N ASP A 905 -22.79 17.25 23.74
CA ASP A 905 -23.34 18.54 23.32
C ASP A 905 -24.67 18.31 22.62
N ILE A 906 -25.34 19.41 22.30
CA ILE A 906 -26.63 19.33 21.61
C ILE A 906 -26.45 18.79 20.20
N THR A 907 -25.37 19.20 19.53
CA THR A 907 -25.14 18.75 18.15
C THR A 907 -24.92 17.24 18.09
N GLN A 908 -24.21 16.69 19.07
CA GLN A 908 -23.98 15.24 19.10
C GLN A 908 -25.27 14.48 19.37
N SER A 909 -26.19 15.07 20.13
CA SER A 909 -27.44 14.39 20.44
C SER A 909 -28.35 14.29 19.23
N LEU A 910 -28.27 15.25 18.31
CA LEU A 910 -29.12 15.26 17.12
C LEU A 910 -28.54 14.43 15.98
N LYS A 911 -27.41 13.77 16.18
CA LYS A 911 -26.78 12.88 15.20
C LYS A 911 -26.45 13.63 13.91
N MET A 912 -25.59 14.64 14.05
CA MET A 912 -25.15 15.43 12.91
C MET A 912 -23.74 15.04 12.49
N ILE B 32 -57.97 -20.74 29.35
CA ILE B 32 -57.63 -19.34 29.14
C ILE B 32 -56.58 -19.21 28.04
N LYS B 33 -57.02 -18.75 26.88
CA LYS B 33 -56.15 -18.60 25.72
C LYS B 33 -56.14 -17.14 25.27
N THR B 34 -54.95 -16.61 25.01
CA THR B 34 -54.80 -15.19 24.71
C THR B 34 -55.35 -14.87 23.33
N THR B 35 -55.65 -13.58 23.14
CA THR B 35 -56.05 -13.09 21.84
C THR B 35 -54.89 -13.21 20.85
N PRO B 36 -55.14 -13.79 19.68
CA PRO B 36 -54.06 -13.98 18.70
C PRO B 36 -53.46 -12.66 18.23
N TYR B 37 -52.15 -12.71 18.00
CA TYR B 37 -51.42 -11.58 17.43
C TYR B 37 -50.85 -11.98 16.08
N LEU B 38 -50.10 -11.08 15.43
CA LEU B 38 -49.68 -11.27 14.05
C LEU B 38 -48.17 -11.35 13.97
N GLU B 39 -47.68 -12.27 13.13
CA GLU B 39 -46.25 -12.36 12.79
C GLU B 39 -46.12 -12.59 11.29
N GLY B 40 -45.94 -11.50 10.55
CA GLY B 40 -45.84 -11.60 9.11
C GLY B 40 -47.19 -11.75 8.44
N ASP B 41 -47.49 -12.96 7.97
CA ASP B 41 -48.78 -13.20 7.35
C ASP B 41 -49.74 -13.90 8.30
N VAL B 42 -49.22 -14.69 9.24
CA VAL B 42 -50.02 -15.63 10.00
C VAL B 42 -50.23 -15.10 11.42
N LEU B 43 -51.40 -15.42 11.97
CA LEU B 43 -51.71 -15.17 13.36
C LEU B 43 -51.05 -16.23 14.25
N SER B 44 -51.00 -15.94 15.54
CA SER B 44 -50.42 -16.85 16.51
C SER B 44 -51.06 -16.61 17.87
N SER B 45 -50.96 -17.62 18.75
CA SER B 45 -51.55 -17.50 20.07
C SER B 45 -50.63 -18.02 21.17
N ASP B 46 -49.32 -17.99 20.98
CA ASP B 46 -48.39 -18.47 21.99
C ASP B 46 -48.37 -17.53 23.19
N SER B 47 -48.21 -18.11 24.38
CA SER B 47 -48.18 -17.34 25.61
C SER B 47 -46.92 -16.52 25.76
N GLY B 48 -45.87 -16.82 25.00
CA GLY B 48 -44.63 -16.08 25.08
C GLY B 48 -43.82 -16.47 26.31
N PRO B 49 -42.72 -15.77 26.54
CA PRO B 49 -41.89 -16.06 27.72
C PRO B 49 -42.55 -15.54 28.99
N LEU B 50 -41.98 -15.92 30.12
CA LEU B 50 -42.46 -15.47 31.41
C LEU B 50 -42.25 -13.97 31.56
N LEU B 51 -43.18 -13.32 32.28
CA LEU B 51 -43.08 -11.89 32.49
C LEU B 51 -41.85 -11.53 33.31
N SER B 52 -41.52 -12.35 34.31
CA SER B 52 -40.38 -12.06 35.16
C SER B 52 -39.07 -12.08 34.36
N VAL B 53 -38.90 -13.07 33.49
CA VAL B 53 -37.69 -13.15 32.68
C VAL B 53 -37.57 -11.93 31.78
N PHE B 54 -38.69 -11.51 31.18
CA PHE B 54 -38.69 -10.31 30.35
C PHE B 54 -38.32 -9.07 31.15
N ALA B 55 -38.85 -8.96 32.37
CA ALA B 55 -38.53 -7.80 33.20
C ALA B 55 -37.06 -7.76 33.57
N LEU B 56 -36.50 -8.90 34.00
CA LEU B 56 -35.08 -8.97 34.31
C LEU B 56 -34.22 -8.61 33.12
N GLN B 57 -34.52 -9.19 31.94
CA GLN B 57 -33.67 -8.92 30.80
C GLN B 57 -33.82 -7.49 30.30
N GLU B 58 -35.00 -6.89 30.44
CA GLU B 58 -35.18 -5.51 29.98
C GLU B 58 -34.47 -4.55 30.92
N ILE B 59 -34.55 -4.79 32.23
CA ILE B 59 -33.79 -3.95 33.17
C ILE B 59 -32.30 -4.10 32.93
N MET B 60 -31.84 -5.33 32.67
CA MET B 60 -30.43 -5.56 32.41
C MET B 60 -29.96 -4.83 31.15
N GLN B 61 -30.77 -4.88 30.08
CA GLN B 61 -30.38 -4.21 28.85
C GLN B 61 -30.45 -2.68 29.01
N LYS B 62 -31.37 -2.17 29.82
CA LYS B 62 -31.39 -0.74 30.10
C LYS B 62 -30.14 -0.31 30.84
N VAL B 63 -29.72 -1.09 31.85
CA VAL B 63 -28.49 -0.78 32.58
C VAL B 63 -27.29 -0.87 31.65
N ARG B 64 -27.27 -1.87 30.76
CA ARG B 64 -26.18 -2.01 29.80
C ARG B 64 -26.11 -0.82 28.85
N GLN B 65 -27.27 -0.35 28.39
CA GLN B 65 -27.30 0.84 27.54
C GLN B 65 -26.82 2.06 28.30
N VAL B 66 -27.16 2.17 29.59
CA VAL B 66 -26.71 3.30 30.40
C VAL B 66 -25.18 3.28 30.53
N GLN B 67 -24.61 2.11 30.83
CA GLN B 67 -23.18 2.00 31.09
C GLN B 67 -22.35 1.81 29.82
N ALA B 68 -22.99 1.72 28.65
CA ALA B 68 -22.26 1.47 27.41
C ALA B 68 -21.30 2.62 27.09
N ASP B 69 -21.75 3.85 27.28
CA ASP B 69 -20.91 5.01 27.00
C ASP B 69 -20.59 5.77 28.30
N ASP B 83 -28.76 -14.83 30.01
CA ASP B 83 -27.94 -14.62 31.18
C ASP B 83 -28.81 -14.41 32.42
N VAL B 84 -30.08 -14.08 32.18
CA VAL B 84 -31.01 -13.90 33.29
C VAL B 84 -31.29 -15.22 33.99
N GLN B 85 -31.31 -16.33 33.25
CA GLN B 85 -31.52 -17.64 33.86
C GLN B 85 -30.41 -17.94 34.86
N LYS B 86 -29.19 -17.50 34.57
CA LYS B 86 -28.08 -17.70 35.49
C LYS B 86 -28.38 -17.07 36.84
N ILE B 87 -28.82 -15.81 36.84
CA ILE B 87 -29.08 -15.15 38.11
C ILE B 87 -30.33 -15.72 38.79
N LEU B 88 -31.32 -16.18 38.01
CA LEU B 88 -32.50 -16.79 38.62
C LEU B 88 -32.14 -18.08 39.37
N ASP B 89 -31.47 -19.02 38.70
CA ASP B 89 -31.07 -20.23 39.40
C ASP B 89 -30.00 -19.97 40.46
N ASP B 90 -29.26 -18.86 40.36
CA ASP B 90 -28.29 -18.57 41.41
C ASP B 90 -28.99 -18.01 42.66
N ILE B 91 -30.06 -17.24 42.48
CA ILE B 91 -30.90 -16.87 43.62
C ILE B 91 -31.54 -18.13 44.23
N LYS B 92 -31.97 -19.06 43.37
CA LYS B 92 -32.52 -20.31 43.87
C LYS B 92 -31.50 -21.09 44.69
N ALA B 93 -30.24 -21.12 44.23
CA ALA B 93 -29.19 -21.80 44.98
C ALA B 93 -28.86 -21.08 46.27
N LEU B 94 -28.84 -19.74 46.25
CA LEU B 94 -28.59 -18.97 47.46
C LEU B 94 -29.69 -19.19 48.50
N ALA B 95 -30.91 -19.49 48.03
CA ALA B 95 -32.01 -19.77 48.95
C ALA B 95 -31.70 -20.97 49.84
N ALA B 96 -30.91 -21.92 49.34
CA ALA B 96 -30.60 -23.16 50.07
C ALA B 96 -29.20 -23.15 50.67
N GLU B 97 -28.73 -21.99 51.15
CA GLU B 97 -27.39 -21.91 51.72
C GLU B 97 -27.35 -22.56 53.10
N GLN B 98 -26.23 -23.23 53.39
CA GLN B 98 -25.99 -23.85 54.69
C GLN B 98 -24.67 -23.34 55.24
N VAL B 99 -24.68 -22.91 56.51
CA VAL B 99 -23.50 -22.31 57.11
C VAL B 99 -22.58 -23.36 57.74
N TYR B 100 -23.15 -24.39 58.36
CA TYR B 100 -22.37 -25.42 59.03
C TYR B 100 -22.53 -26.76 58.32
N LYS B 101 -21.78 -27.74 58.81
CA LYS B 101 -21.82 -29.09 58.26
C LYS B 101 -21.83 -30.11 59.39
N ILE B 102 -22.36 -31.29 59.11
CA ILE B 102 -22.36 -32.41 60.04
C ILE B 102 -21.39 -33.47 59.52
N VAL B 103 -20.60 -34.04 60.44
CA VAL B 103 -19.58 -35.01 60.08
C VAL B 103 -19.65 -36.18 61.04
N LYS B 104 -19.03 -37.30 60.62
CA LYS B 104 -18.93 -38.48 61.45
C LYS B 104 -17.59 -38.59 62.17
N VAL B 105 -16.51 -38.11 61.56
CA VAL B 105 -15.18 -38.18 62.15
C VAL B 105 -14.54 -36.80 62.08
N PRO B 106 -13.84 -36.35 63.13
CA PRO B 106 -13.12 -35.09 63.04
C PRO B 106 -11.96 -35.18 62.05
N SER B 107 -11.63 -34.04 61.46
CA SER B 107 -10.54 -33.97 60.50
C SER B 107 -9.20 -34.22 61.18
N ILE B 108 -8.29 -34.86 60.46
CA ILE B 108 -6.96 -35.14 60.98
C ILE B 108 -6.21 -33.82 61.20
N SER B 109 -5.38 -33.80 62.24
CA SER B 109 -4.69 -32.56 62.58
C SER B 109 -3.18 -32.73 62.72
N PHE B 110 -2.71 -33.81 63.35
CA PHE B 110 -1.30 -34.03 63.57
C PHE B 110 -0.88 -35.35 62.92
N ARG B 111 0.33 -35.37 62.36
CA ARG B 111 0.88 -36.61 61.82
C ARG B 111 2.36 -36.69 62.14
N HIS B 112 2.95 -37.85 61.85
CA HIS B 112 4.30 -38.17 62.29
C HIS B 112 5.15 -38.66 61.13
N ILE B 113 6.45 -38.45 61.26
CA ILE B 113 7.44 -38.88 60.28
C ILE B 113 8.62 -39.49 61.03
N VAL B 114 9.07 -40.67 60.59
CA VAL B 114 10.22 -41.34 61.19
C VAL B 114 11.39 -41.27 60.21
N MET B 115 12.55 -40.85 60.70
CA MET B 115 13.76 -40.79 59.90
C MET B 115 14.59 -42.06 60.03
N GLN B 116 13.92 -43.21 59.88
CA GLN B 116 14.51 -44.54 59.93
C GLN B 116 15.04 -44.87 61.32
N SER B 117 15.04 -43.91 62.23
CA SER B 117 15.61 -44.09 63.55
C SER B 117 14.59 -44.74 64.48
N ARG B 118 14.91 -44.79 65.76
CA ARG B 118 14.03 -45.40 66.76
C ARG B 118 13.75 -44.49 67.94
N ASP B 119 14.72 -43.67 68.35
CA ASP B 119 14.56 -42.90 69.59
C ASP B 119 13.55 -41.77 69.42
N ARG B 120 13.61 -41.05 68.31
CA ARG B 120 12.80 -39.85 68.12
C ARG B 120 12.15 -39.85 66.75
N VAL B 121 11.06 -39.08 66.64
CA VAL B 121 10.33 -38.87 65.39
C VAL B 121 9.95 -37.40 65.30
N LEU B 122 9.37 -37.02 64.17
CA LEU B 122 8.91 -35.66 63.93
C LEU B 122 7.39 -35.63 63.99
N ARG B 123 6.85 -34.66 64.72
CA ARG B 123 5.42 -34.39 64.74
C ARG B 123 5.17 -33.09 63.99
N VAL B 124 4.20 -33.12 63.06
CA VAL B 124 3.85 -31.96 62.27
C VAL B 124 2.34 -31.76 62.32
N ASP B 125 1.92 -30.52 62.11
CA ASP B 125 0.52 -30.11 62.18
C ASP B 125 0.02 -29.83 60.77
N THR B 126 -1.09 -30.49 60.40
CA THR B 126 -1.66 -30.34 59.07
C THR B 126 -2.38 -29.02 58.88
N TYR B 127 -2.84 -28.39 59.97
CA TYR B 127 -3.57 -27.13 59.86
C TYR B 127 -2.70 -26.04 59.27
N TYR B 128 -1.44 -25.98 59.69
CA TYR B 128 -0.52 -24.96 59.15
C TYR B 128 -0.27 -25.17 57.67
N GLU B 129 -0.12 -26.42 57.24
CA GLU B 129 0.05 -26.71 55.81
C GLU B 129 -1.18 -26.31 55.01
N GLU B 130 -2.36 -26.63 55.53
CA GLU B 130 -3.60 -26.29 54.83
C GLU B 130 -3.77 -24.78 54.74
N MET B 131 -3.43 -24.07 55.81
CA MET B 131 -3.52 -22.61 55.80
C MET B 131 -2.51 -22.00 54.83
N SER B 132 -1.31 -22.58 54.75
CA SER B 132 -0.31 -22.09 53.82
C SER B 132 -0.74 -22.29 52.37
N GLN B 133 -1.34 -23.44 52.06
CA GLN B 133 -1.65 -23.77 50.67
C GLN B 133 -2.82 -22.99 50.09
N VAL B 134 -3.59 -22.27 50.91
CA VAL B 134 -4.82 -21.63 50.40
C VAL B 134 -4.59 -20.18 49.99
N GLY B 135 -3.47 -19.58 50.39
CA GLY B 135 -3.26 -18.17 50.12
C GLY B 135 -2.93 -17.82 48.68
N ASP B 136 -2.30 -16.66 48.47
CA ASP B 136 -2.01 -16.18 47.13
C ASP B 136 -0.83 -15.22 47.20
N VAL B 137 -0.24 -14.96 46.03
CA VAL B 137 0.91 -14.07 45.96
C VAL B 137 0.47 -12.64 46.28
N ILE B 138 1.26 -11.97 47.11
CA ILE B 138 0.92 -10.64 47.61
C ILE B 138 1.95 -9.64 47.08
N THR B 139 1.46 -8.54 46.52
CA THR B 139 2.30 -7.44 46.07
C THR B 139 1.83 -6.15 46.71
N GLU B 140 2.77 -5.31 47.13
CA GLU B 140 2.44 -4.05 47.78
C GLU B 140 1.75 -3.07 46.84
N ASP B 141 1.91 -3.25 45.52
CA ASP B 141 1.36 -2.30 44.55
C ASP B 141 -0.17 -2.27 44.61
N GLU B 142 -0.80 -3.44 44.76
CA GLU B 142 -2.26 -3.52 44.80
C GLU B 142 -2.73 -3.92 46.19
N PRO B 143 -3.23 -2.98 46.99
CA PRO B 143 -3.75 -3.35 48.32
C PRO B 143 -4.98 -4.24 48.27
N GLU B 144 -5.75 -4.17 47.19
CA GLU B 144 -6.97 -4.95 47.10
C GLU B 144 -6.67 -6.45 47.11
N LYS B 145 -5.62 -6.87 46.40
CA LYS B 145 -5.24 -8.28 46.42
C LYS B 145 -4.81 -8.72 47.81
N PHE B 146 -4.04 -7.87 48.50
CA PHE B 146 -3.58 -8.18 49.85
C PHE B 146 -4.76 -8.39 50.79
N TYR B 147 -5.70 -7.44 50.80
CA TYR B 147 -6.81 -7.53 51.74
C TYR B 147 -7.79 -8.61 51.34
N SER B 148 -7.94 -8.87 50.04
CA SER B 148 -8.77 -9.99 49.60
C SER B 148 -8.18 -11.32 50.05
N THR B 149 -6.86 -11.47 49.97
CA THR B 149 -6.22 -12.69 50.43
C THR B 149 -6.37 -12.86 51.94
N ILE B 150 -6.24 -11.76 52.70
CA ILE B 150 -6.45 -11.84 54.15
C ILE B 150 -7.89 -12.25 54.47
N ILE B 151 -8.85 -11.66 53.75
CA ILE B 151 -10.25 -12.01 53.96
C ILE B 151 -10.50 -13.47 53.62
N LYS B 152 -9.89 -13.95 52.53
CA LYS B 152 -10.05 -15.34 52.14
C LYS B 152 -9.46 -16.29 53.17
N LYS B 153 -8.31 -15.92 53.75
CA LYS B 153 -7.73 -16.74 54.81
C LYS B 153 -8.64 -16.79 56.03
N VAL B 154 -9.22 -15.64 56.41
CA VAL B 154 -10.15 -15.62 57.54
C VAL B 154 -11.38 -16.48 57.26
N ARG B 155 -11.91 -16.39 56.04
CA ARG B 155 -13.06 -17.21 55.68
C ARG B 155 -12.70 -18.69 55.69
N PHE B 156 -11.48 -19.03 55.26
CA PHE B 156 -11.06 -20.43 55.26
C PHE B 156 -10.95 -20.98 56.67
N ILE B 157 -10.35 -20.21 57.59
CA ILE B 157 -10.24 -20.70 58.96
C ILE B 157 -11.61 -20.78 59.63
N ARG B 158 -12.50 -19.84 59.30
CA ARG B 158 -13.86 -19.91 59.83
C ARG B 158 -14.59 -21.14 59.33
N GLY B 159 -14.46 -21.44 58.03
CA GLY B 159 -15.12 -22.62 57.49
C GLY B 159 -14.54 -23.92 58.03
N LYS B 160 -13.22 -23.98 58.21
CA LYS B 160 -12.59 -25.17 58.75
C LYS B 160 -13.01 -25.39 60.21
N GLY B 161 -13.10 -24.31 60.99
CA GLY B 161 -13.44 -24.46 62.39
C GLY B 161 -14.89 -24.84 62.65
N SER B 162 -15.79 -24.59 61.69
CA SER B 162 -17.21 -24.84 61.87
C SER B 162 -17.53 -26.27 61.46
N PHE B 163 -17.83 -27.11 62.45
CA PHE B 163 -18.18 -28.51 62.20
C PHE B 163 -18.90 -29.06 63.42
N ILE B 164 -19.83 -29.98 63.17
CA ILE B 164 -20.58 -30.66 64.22
C ILE B 164 -20.49 -32.17 63.97
N LEU B 165 -20.16 -32.92 65.01
CA LEU B 165 -20.10 -34.38 64.94
C LEU B 165 -21.33 -34.97 65.62
N HIS B 166 -21.86 -36.04 65.02
CA HIS B 166 -23.11 -36.64 65.46
C HIS B 166 -22.96 -38.02 66.07
N ASP B 167 -22.24 -38.93 65.40
CA ASP B 167 -22.07 -40.30 65.88
C ASP B 167 -20.59 -40.67 65.84
N ILE B 168 -20.21 -41.61 66.70
CA ILE B 168 -18.83 -42.03 66.80
C ILE B 168 -18.76 -43.56 66.87
N PRO B 169 -17.93 -44.21 66.06
CA PRO B 169 -17.74 -45.65 66.21
C PRO B 169 -17.03 -45.98 67.51
N THR B 170 -17.31 -47.17 68.03
CA THR B 170 -16.76 -47.59 69.31
C THR B 170 -16.65 -49.11 69.35
N ARG B 171 -15.81 -49.59 70.26
CA ARG B 171 -15.62 -51.00 70.52
C ARG B 171 -15.63 -51.24 72.02
N ASP B 172 -15.38 -52.48 72.43
CA ASP B 172 -15.50 -52.89 73.82
C ASP B 172 -14.12 -53.34 74.29
N HIS B 173 -13.85 -53.09 75.58
CA HIS B 173 -12.61 -53.53 76.21
C HIS B 173 -12.87 -53.63 77.71
N ARG B 174 -12.70 -54.83 78.27
CA ARG B 174 -12.90 -55.08 79.70
C ARG B 174 -14.28 -54.65 80.17
N GLY B 175 -15.28 -54.79 79.31
CA GLY B 175 -16.65 -54.41 79.63
C GLY B 175 -16.95 -52.94 79.52
N MET B 176 -16.00 -52.12 79.07
CA MET B 176 -16.20 -50.69 78.92
C MET B 176 -16.02 -50.30 77.45
N GLU B 177 -16.89 -49.40 76.98
CA GLU B 177 -16.80 -48.94 75.60
C GLU B 177 -15.66 -47.93 75.45
N VAL B 178 -14.96 -48.02 74.33
CA VAL B 178 -13.86 -47.12 74.00
C VAL B 178 -14.00 -46.68 72.56
N ALA B 179 -13.51 -45.48 72.26
CA ALA B 179 -13.60 -44.95 70.91
C ALA B 179 -12.59 -45.61 69.99
N GLU B 180 -12.97 -45.79 68.73
CA GLU B 180 -12.06 -46.34 67.75
C GLU B 180 -10.92 -45.35 67.47
N PRO B 181 -9.74 -45.84 67.11
CA PRO B 181 -8.59 -44.93 66.93
C PRO B 181 -8.76 -43.94 65.80
N GLU B 182 -9.65 -44.19 64.84
CA GLU B 182 -9.80 -43.28 63.71
C GLU B 182 -10.49 -41.97 64.08
N VAL B 183 -11.27 -41.95 65.17
CA VAL B 183 -12.00 -40.74 65.53
C VAL B 183 -11.07 -39.69 66.14
N LEU B 184 -9.90 -40.11 66.64
CA LEU B 184 -8.96 -39.16 67.22
C LEU B 184 -8.31 -38.31 66.14
N GLY B 185 -7.77 -37.17 66.57
CA GLY B 185 -7.18 -36.21 65.66
C GLY B 185 -5.74 -36.47 65.26
N VAL B 186 -5.16 -37.58 65.69
CA VAL B 186 -3.79 -37.94 65.34
C VAL B 186 -3.78 -39.35 64.74
N GLU B 187 -3.04 -39.51 63.66
CA GLU B 187 -2.87 -40.82 63.02
C GLU B 187 -1.41 -41.25 63.15
N PHE B 188 -1.21 -42.48 63.61
CA PHE B 188 0.13 -43.03 63.79
C PHE B 188 0.21 -44.48 63.34
N LYS B 189 -0.60 -44.85 62.35
CA LYS B 189 -0.60 -46.23 61.86
C LYS B 189 0.71 -46.61 61.19
N ASN B 190 1.41 -45.64 60.60
CA ASN B 190 2.61 -45.91 59.84
C ASN B 190 3.88 -45.93 60.69
N VAL B 191 3.79 -45.67 61.99
CA VAL B 191 4.96 -45.67 62.86
C VAL B 191 4.95 -46.85 63.83
N LEU B 192 3.83 -47.56 63.97
CA LEU B 192 3.77 -48.68 64.90
C LEU B 192 4.76 -49.82 64.64
N PRO B 193 5.04 -50.28 63.41
CA PRO B 193 5.88 -51.48 63.27
C PRO B 193 7.33 -51.29 63.70
N VAL B 194 7.82 -50.05 63.80
CA VAL B 194 9.23 -49.84 64.14
C VAL B 194 9.48 -49.77 65.65
N LEU B 195 8.42 -49.73 66.46
CA LEU B 195 8.59 -49.70 67.91
C LEU B 195 8.84 -51.11 68.44
N THR B 196 9.47 -51.16 69.61
CA THR B 196 9.69 -52.43 70.28
C THR B 196 8.39 -52.92 70.93
N ALA B 197 8.43 -54.14 71.48
CA ALA B 197 7.25 -54.72 72.09
C ALA B 197 6.78 -53.93 73.30
N GLU B 198 7.73 -53.51 74.16
CA GLU B 198 7.36 -52.79 75.37
C GLU B 198 6.76 -51.43 75.05
N HIS B 199 7.39 -50.70 74.11
CA HIS B 199 6.89 -49.36 73.79
C HIS B 199 5.57 -49.42 73.03
N ARG B 200 5.41 -50.40 72.13
CA ARG B 200 4.14 -50.52 71.43
C ARG B 200 3.03 -50.96 72.38
N ALA B 201 3.37 -51.79 73.37
CA ALA B 201 2.40 -52.14 74.40
C ALA B 201 2.01 -50.92 75.23
N MET B 202 2.99 -50.06 75.53
CA MET B 202 2.71 -48.85 76.28
C MET B 202 1.78 -47.92 75.50
N ILE B 203 2.06 -47.72 74.21
CA ILE B 203 1.21 -46.82 73.43
C ILE B 203 -0.16 -47.44 73.20
N GLN B 204 -0.26 -48.76 73.07
CA GLN B 204 -1.56 -49.41 72.96
C GLN B 204 -2.37 -49.25 74.23
N ASN B 205 -1.72 -49.39 75.39
CA ASN B 205 -2.40 -49.17 76.67
C ASN B 205 -2.85 -47.72 76.80
N ALA B 206 -2.00 -46.78 76.37
CA ALA B 206 -2.38 -45.37 76.42
C ALA B 206 -3.57 -45.08 75.51
N LEU B 207 -3.61 -45.69 74.33
CA LEU B 207 -4.77 -45.54 73.45
C LEU B 207 -6.02 -46.12 74.09
N ASP B 208 -5.90 -47.31 74.70
CA ASP B 208 -7.05 -47.93 75.36
C ASP B 208 -7.46 -47.20 76.63
N GLY B 209 -6.62 -46.32 77.16
CA GLY B 209 -6.96 -45.57 78.36
C GLY B 209 -7.97 -44.46 78.16
N SER B 210 -8.31 -44.14 76.92
CA SER B 210 -9.30 -43.10 76.64
C SER B 210 -10.69 -43.69 76.86
N ILE B 211 -11.32 -43.29 77.96
CA ILE B 211 -12.63 -43.80 78.35
C ILE B 211 -13.66 -42.69 78.16
N ILE B 212 -14.84 -43.07 77.67
CA ILE B 212 -15.93 -42.11 77.42
C ILE B 212 -16.89 -42.16 78.60
N GLU B 213 -17.20 -40.98 79.14
CA GLU B 213 -18.19 -40.87 80.21
C GLU B 213 -19.56 -41.21 79.65
N ASN B 214 -20.09 -42.37 80.01
CA ASN B 214 -21.37 -42.86 79.51
C ASN B 214 -22.28 -43.23 80.66
N GLY B 215 -23.57 -43.05 80.45
CA GLY B 215 -24.56 -43.38 81.45
C GLY B 215 -25.75 -42.46 81.34
N ASN B 216 -26.73 -42.71 82.20
CA ASN B 216 -27.95 -41.90 82.27
C ASN B 216 -27.66 -40.69 83.15
N VAL B 217 -26.95 -39.72 82.56
CA VAL B 217 -26.55 -38.51 83.26
C VAL B 217 -27.77 -37.61 83.49
N ALA B 218 -27.62 -36.60 84.34
CA ALA B 218 -28.71 -35.68 84.60
C ALA B 218 -29.09 -34.90 83.36
N THR B 219 -28.10 -34.47 82.57
CA THR B 219 -28.35 -33.77 81.32
C THR B 219 -28.70 -34.79 80.23
N ARG B 220 -28.79 -34.33 78.99
CA ARG B 220 -29.08 -35.22 77.88
C ARG B 220 -27.91 -36.18 77.65
N ASP B 221 -28.24 -37.40 77.24
CA ASP B 221 -27.23 -38.44 77.05
C ASP B 221 -26.32 -38.09 75.88
N VAL B 222 -25.04 -37.90 76.17
CA VAL B 222 -24.02 -37.58 75.18
C VAL B 222 -22.77 -38.39 75.49
N ASP B 223 -21.74 -38.20 74.66
CA ASP B 223 -20.46 -38.87 74.82
C ASP B 223 -19.37 -37.83 74.96
N VAL B 224 -18.60 -37.92 76.04
CA VAL B 224 -17.51 -36.99 76.32
C VAL B 224 -16.20 -37.77 76.29
N PHE B 225 -15.24 -37.28 75.51
CA PHE B 225 -13.98 -37.98 75.35
C PHE B 225 -12.86 -36.98 75.09
N ILE B 226 -11.65 -37.50 74.92
CA ILE B 226 -10.45 -36.70 74.76
C ILE B 226 -9.96 -36.83 73.32
N GLY B 227 -9.34 -35.77 72.83
CA GLY B 227 -8.88 -35.73 71.46
C GLY B 227 -7.82 -34.66 71.28
N ALA B 228 -7.26 -34.62 70.07
CA ALA B 228 -6.19 -33.70 69.71
C ALA B 228 -6.67 -32.77 68.62
N CYS B 229 -6.43 -31.47 68.79
CA CYS B 229 -6.86 -30.48 67.82
C CYS B 229 -6.05 -29.20 68.02
N SER B 230 -5.77 -28.52 66.92
CA SER B 230 -5.04 -27.26 66.99
C SER B 230 -5.90 -26.17 67.60
N GLU B 231 -5.23 -25.16 68.16
CA GLU B 231 -5.93 -24.17 68.97
C GLU B 231 -6.99 -23.33 68.26
N PRO B 232 -6.80 -22.79 67.02
CA PRO B 232 -7.81 -21.85 66.51
C PRO B 232 -9.12 -22.51 66.12
N VAL B 233 -9.04 -23.64 65.40
CA VAL B 233 -10.26 -24.35 65.03
C VAL B 233 -10.92 -24.96 66.26
N TYR B 234 -10.13 -25.32 67.27
CA TYR B 234 -10.73 -25.77 68.53
C TYR B 234 -11.49 -24.65 69.21
N ARG B 235 -10.95 -23.42 69.17
CA ARG B 235 -11.67 -22.28 69.72
C ARG B 235 -12.97 -22.02 68.94
N ILE B 236 -12.92 -22.14 67.63
CA ILE B 236 -14.13 -21.96 66.82
C ILE B 236 -15.17 -23.01 67.18
N TYR B 237 -14.75 -24.27 67.32
CA TYR B 237 -15.67 -25.34 67.68
C TYR B 237 -16.24 -25.13 69.08
N ASN B 238 -15.41 -24.65 70.01
CA ASN B 238 -15.90 -24.37 71.37
C ASN B 238 -16.91 -23.24 71.37
N ARG B 239 -16.68 -22.21 70.56
CA ARG B 239 -17.65 -21.11 70.45
C ARG B 239 -18.96 -21.61 69.86
N LEU B 240 -18.89 -22.46 68.83
CA LEU B 240 -20.10 -23.01 68.25
C LEU B 240 -20.85 -23.88 69.25
N GLN B 241 -20.13 -24.68 70.04
CA GLN B 241 -20.76 -25.50 71.06
C GLN B 241 -21.41 -24.63 72.14
N GLY B 242 -20.74 -23.55 72.53
CA GLY B 242 -21.33 -22.64 73.51
C GLY B 242 -22.59 -21.97 72.99
N TYR B 243 -22.61 -21.60 71.71
CA TYR B 243 -23.83 -21.06 71.12
C TYR B 243 -24.93 -22.11 71.09
N ILE B 244 -24.59 -23.36 70.78
CA ILE B 244 -25.59 -24.42 70.69
C ILE B 244 -26.18 -24.72 72.07
N GLU B 245 -25.34 -24.65 73.11
CA GLU B 245 -25.77 -25.11 74.43
C GLU B 245 -26.91 -24.28 75.00
N ALA B 246 -26.95 -22.99 74.69
CA ALA B 246 -27.98 -22.10 75.24
C ALA B 246 -29.36 -22.48 74.70
N VAL B 247 -30.40 -22.05 75.44
CA VAL B 247 -31.78 -22.34 75.10
C VAL B 247 -32.51 -21.03 74.84
N GLN B 248 -33.17 -20.95 73.68
CA GLN B 248 -33.87 -19.74 73.26
C GLN B 248 -35.18 -20.09 72.56
N LEU B 249 -35.97 -20.99 73.16
CA LEU B 249 -37.22 -21.42 72.55
C LEU B 249 -38.19 -20.26 72.32
N GLN B 250 -38.16 -19.24 73.17
CA GLN B 250 -39.06 -18.10 73.01
C GLN B 250 -38.81 -17.40 71.66
N GLU B 251 -37.55 -17.33 71.25
CA GLU B 251 -37.24 -16.77 69.92
C GLU B 251 -37.88 -17.61 68.83
N LEU B 252 -37.91 -18.93 68.99
CA LEU B 252 -38.55 -19.80 68.01
C LEU B 252 -40.05 -19.57 67.97
N ARG B 253 -40.68 -19.37 69.14
CA ARG B 253 -42.11 -19.05 69.16
C ARG B 253 -42.40 -17.73 68.46
N ASN B 254 -41.58 -16.71 68.71
CA ASN B 254 -41.76 -15.44 68.01
C ASN B 254 -41.55 -15.60 66.50
N SER B 255 -40.59 -16.43 66.12
CA SER B 255 -40.33 -16.68 64.71
C SER B 255 -41.53 -17.32 64.03
N ILE B 256 -42.09 -18.36 64.64
CA ILE B 256 -43.24 -19.02 64.02
C ILE B 256 -44.47 -18.11 64.06
N GLY B 257 -44.58 -17.26 65.08
CA GLY B 257 -45.68 -16.31 65.11
C GLY B 257 -45.61 -15.30 63.98
N TRP B 258 -44.42 -14.75 63.73
CA TRP B 258 -44.28 -13.82 62.61
C TRP B 258 -44.45 -14.54 61.27
N LEU B 259 -44.01 -15.80 61.19
CA LEU B 259 -44.23 -16.59 59.98
C LEU B 259 -45.71 -16.77 59.70
N GLU B 260 -46.50 -17.13 60.72
CA GLU B 260 -47.93 -17.32 60.48
C GLU B 260 -48.64 -15.99 60.26
N ARG B 261 -48.12 -14.90 60.84
CA ARG B 261 -48.67 -13.58 60.56
C ARG B 261 -48.52 -13.22 59.08
N LEU B 262 -47.31 -13.38 58.56
CA LEU B 262 -47.09 -13.16 57.14
C LEU B 262 -47.91 -14.15 56.31
N GLY B 263 -48.11 -15.36 56.83
CA GLY B 263 -48.91 -16.34 56.12
C GLY B 263 -50.35 -15.92 55.94
N HIS B 264 -50.98 -15.44 57.01
CA HIS B 264 -52.39 -15.07 56.89
C HIS B 264 -52.57 -13.68 56.30
N ARG B 265 -51.52 -12.85 56.26
CA ARG B 265 -51.61 -11.62 55.48
C ARG B 265 -51.75 -11.93 54.00
N LYS B 266 -51.01 -12.93 53.52
CA LYS B 266 -51.11 -13.45 52.16
C LYS B 266 -51.83 -14.79 52.13
N ARG B 267 -52.94 -14.89 52.89
CA ARG B 267 -53.61 -16.16 53.15
C ARG B 267 -53.98 -16.93 51.89
N ILE B 268 -54.11 -16.25 50.74
CA ILE B 268 -54.33 -16.95 49.49
C ILE B 268 -53.13 -17.79 49.08
N THR B 269 -51.94 -17.47 49.56
CA THR B 269 -50.70 -18.10 49.11
C THR B 269 -50.28 -19.30 49.96
N TYR B 270 -50.07 -19.10 51.26
CA TYR B 270 -49.43 -20.11 52.10
C TYR B 270 -50.31 -20.46 53.28
N SER B 271 -50.34 -21.75 53.63
CA SER B 271 -51.03 -22.22 54.83
C SER B 271 -50.44 -23.56 55.23
N GLN B 272 -49.64 -23.57 56.30
CA GLN B 272 -49.05 -24.78 56.84
C GLN B 272 -48.47 -24.49 58.21
N GLU B 273 -48.71 -25.38 59.17
CA GLU B 273 -48.20 -25.23 60.52
C GLU B 273 -47.63 -26.55 61.01
N VAL B 274 -46.52 -26.49 61.73
CA VAL B 274 -45.85 -27.67 62.26
C VAL B 274 -45.64 -27.52 63.76
N LEU B 275 -46.58 -26.83 64.43
CA LEU B 275 -46.42 -26.49 65.83
C LEU B 275 -46.38 -27.73 66.73
N THR B 276 -46.97 -28.85 66.27
CA THR B 276 -47.01 -30.06 67.09
C THR B 276 -45.62 -30.58 67.39
N ASP B 277 -44.72 -30.56 66.39
CA ASP B 277 -43.34 -30.97 66.60
C ASP B 277 -42.63 -30.09 67.61
N PHE B 278 -43.15 -28.89 67.88
CA PHE B 278 -42.61 -28.02 68.92
C PHE B 278 -42.71 -28.65 70.31
N ARG B 279 -43.61 -29.62 70.50
CA ARG B 279 -43.84 -30.21 71.81
C ARG B 279 -42.91 -31.37 72.13
N ARG B 280 -41.99 -31.72 71.23
CA ARG B 280 -41.04 -32.78 71.50
C ARG B 280 -40.05 -32.35 72.58
N GLN B 281 -39.63 -33.32 73.39
CA GLN B 281 -38.78 -33.06 74.55
C GLN B 281 -37.34 -33.50 74.36
N ASP B 282 -37.10 -34.63 73.69
CA ASP B 282 -35.76 -35.20 73.58
C ASP B 282 -35.02 -34.75 72.34
N THR B 283 -35.60 -33.84 71.55
CA THR B 283 -34.96 -33.35 70.33
C THR B 283 -34.67 -31.86 70.50
N ILE B 284 -33.44 -31.47 70.16
CA ILE B 284 -33.00 -30.08 70.19
C ILE B 284 -32.72 -29.63 68.76
N TRP B 285 -33.18 -28.43 68.43
CA TRP B 285 -33.02 -27.87 67.09
C TRP B 285 -31.84 -26.90 67.07
N VAL B 286 -31.64 -26.28 65.91
CA VAL B 286 -30.63 -25.24 65.73
C VAL B 286 -31.29 -24.07 65.02
N LEU B 287 -30.93 -22.86 65.41
CA LEU B 287 -31.44 -21.64 64.80
C LEU B 287 -30.25 -20.86 64.24
N ALA B 288 -29.93 -21.14 62.97
CA ALA B 288 -28.84 -20.42 62.32
C ALA B 288 -29.26 -19.04 61.84
N LEU B 289 -30.56 -18.75 61.83
CA LEU B 289 -31.07 -17.48 61.33
C LEU B 289 -32.15 -16.97 62.27
N GLN B 290 -32.61 -15.75 61.99
CA GLN B 290 -33.71 -15.13 62.74
C GLN B 290 -34.71 -14.59 61.74
N LEU B 291 -35.93 -15.15 61.78
CA LEU B 291 -36.94 -14.79 60.77
C LEU B 291 -37.37 -13.34 60.81
N PRO B 292 -37.69 -12.72 61.96
CA PRO B 292 -38.13 -11.31 61.92
C PRO B 292 -37.00 -10.37 61.56
N VAL B 293 -36.71 -10.28 60.26
CA VAL B 293 -35.58 -9.51 59.78
C VAL B 293 -35.85 -8.01 59.96
N ASN B 294 -34.84 -7.28 60.39
CA ASN B 294 -34.93 -5.83 60.48
C ASN B 294 -34.85 -5.23 59.09
N PRO B 295 -35.85 -4.48 58.63
CA PRO B 295 -35.78 -3.91 57.27
C PRO B 295 -34.65 -2.91 57.09
N GLN B 296 -34.33 -2.13 58.13
CA GLN B 296 -33.41 -1.01 57.97
C GLN B 296 -32.06 -1.46 57.45
N VAL B 297 -31.63 -2.67 57.81
CA VAL B 297 -30.30 -3.15 57.44
C VAL B 297 -30.16 -3.29 55.93
N VAL B 298 -31.26 -3.51 55.20
CA VAL B 298 -31.14 -3.60 53.75
C VAL B 298 -31.28 -2.23 53.10
N TRP B 299 -31.83 -1.26 53.81
CA TRP B 299 -32.01 0.08 53.27
C TRP B 299 -30.95 1.07 53.79
N ASP B 300 -29.92 0.58 54.47
CA ASP B 300 -28.82 1.43 54.90
C ASP B 300 -27.66 1.45 53.92
N VAL B 301 -27.51 0.40 53.11
CA VAL B 301 -26.44 0.37 52.11
C VAL B 301 -26.69 1.44 51.05
N PRO B 302 -25.69 2.25 50.71
CA PRO B 302 -25.94 3.38 49.80
C PRO B 302 -26.17 2.92 48.37
N ARG B 303 -27.15 3.56 47.71
CA ARG B 303 -27.43 3.38 46.29
C ARG B 303 -27.71 1.92 45.95
N SER B 304 -28.79 1.40 46.53
CA SER B 304 -29.18 0.01 46.33
C SER B 304 -30.65 -0.12 45.92
N SER B 305 -31.27 0.96 45.45
CA SER B 305 -32.67 0.89 45.05
C SER B 305 -32.85 -0.02 43.83
N ILE B 306 -31.95 0.08 42.86
CA ILE B 306 -32.06 -0.72 41.65
C ILE B 306 -31.90 -2.21 41.96
N ALA B 307 -30.93 -2.55 42.80
CA ALA B 307 -30.73 -3.95 43.18
C ALA B 307 -31.92 -4.51 43.93
N ASN B 308 -32.46 -3.73 44.88
CA ASN B 308 -33.63 -4.18 45.62
C ASN B 308 -34.83 -4.38 44.71
N LEU B 309 -35.05 -3.44 43.78
CA LEU B 309 -36.18 -3.55 42.86
C LEU B 309 -36.02 -4.77 41.96
N ILE B 310 -34.82 -4.99 41.41
CA ILE B 310 -34.61 -6.06 40.45
C ILE B 310 -34.71 -7.42 41.13
N MET B 311 -34.20 -7.54 42.35
CA MET B 311 -34.29 -8.83 43.01
C MET B 311 -35.68 -9.07 43.58
N ASN B 312 -36.39 -8.02 43.98
CA ASN B 312 -37.78 -8.16 44.40
C ASN B 312 -38.66 -8.64 43.24
N ILE B 313 -38.48 -8.04 42.06
CA ILE B 313 -39.28 -8.47 40.91
C ILE B 313 -38.85 -9.85 40.45
N ALA B 314 -37.58 -10.23 40.69
CA ALA B 314 -37.16 -11.60 40.39
C ALA B 314 -37.83 -12.60 41.34
N THR B 315 -37.99 -12.24 42.62
CA THR B 315 -38.45 -13.18 43.63
C THR B 315 -39.94 -13.11 43.92
N CYS B 316 -40.70 -12.17 43.34
CA CYS B 316 -42.11 -12.09 43.68
C CYS B 316 -43.07 -11.90 42.51
N LEU B 317 -42.61 -11.62 41.30
CA LEU B 317 -43.52 -11.30 40.21
C LEU B 317 -44.15 -12.56 39.63
N PRO B 318 -45.47 -12.68 39.61
CA PRO B 318 -46.12 -13.80 38.92
C PRO B 318 -46.28 -13.50 37.44
N THR B 319 -46.94 -14.42 36.74
CA THR B 319 -47.19 -14.27 35.31
C THR B 319 -48.67 -14.40 35.01
N GLY B 320 -49.13 -13.64 34.01
CA GLY B 320 -50.51 -13.58 33.63
C GLY B 320 -50.68 -13.77 32.12
N GLU B 321 -51.76 -13.19 31.60
CA GLU B 321 -52.10 -13.37 30.19
C GLU B 321 -52.99 -12.21 29.76
N TYR B 322 -53.11 -12.03 28.45
CA TYR B 322 -53.77 -10.88 27.86
C TYR B 322 -54.96 -11.33 27.02
N ILE B 323 -56.10 -10.64 27.20
CA ILE B 323 -57.32 -10.98 26.48
C ILE B 323 -57.97 -9.70 25.96
N ALA B 324 -58.77 -9.86 24.91
CA ALA B 324 -59.56 -8.78 24.34
C ALA B 324 -60.79 -8.51 25.21
N PRO B 325 -61.37 -7.30 25.13
CA PRO B 325 -62.62 -7.05 25.86
C PRO B 325 -63.75 -7.96 25.41
N ASN B 326 -63.77 -8.35 24.14
CA ASN B 326 -64.73 -9.30 23.62
C ASN B 326 -63.99 -10.32 22.77
N PRO B 327 -64.04 -11.61 23.12
CA PRO B 327 -63.34 -12.63 22.32
C PRO B 327 -63.98 -12.86 20.96
N ARG B 328 -63.46 -13.84 20.23
CA ARG B 328 -63.92 -14.29 18.90
C ARG B 328 -64.16 -13.15 17.92
N ILE B 329 -63.48 -12.01 18.10
CA ILE B 329 -63.54 -10.94 17.11
C ILE B 329 -62.57 -11.14 15.97
N SER B 330 -61.65 -12.10 16.09
CA SER B 330 -60.75 -12.40 14.99
C SER B 330 -61.45 -13.11 13.82
N SER B 331 -62.64 -13.65 14.06
CA SER B 331 -63.40 -14.34 13.02
C SER B 331 -64.44 -13.46 12.35
N ILE B 332 -64.96 -12.45 13.05
CA ILE B 332 -65.98 -11.59 12.47
C ILE B 332 -65.34 -10.66 11.44
N THR B 333 -66.08 -10.38 10.37
CA THR B 333 -65.56 -9.55 9.30
C THR B 333 -65.44 -8.09 9.75
N LEU B 334 -64.53 -7.36 9.11
CA LEU B 334 -64.27 -5.98 9.50
C LEU B 334 -65.44 -5.06 9.17
N THR B 335 -66.38 -5.50 8.34
CA THR B 335 -67.58 -4.70 8.10
C THR B 335 -68.40 -4.55 9.38
N GLN B 336 -68.49 -5.62 10.17
CA GLN B 336 -69.22 -5.55 11.44
C GLN B 336 -68.41 -4.84 12.52
N ARG B 337 -67.07 -4.94 12.48
CA ARG B 337 -66.25 -4.34 13.53
C ARG B 337 -66.34 -2.83 13.52
N ILE B 338 -66.29 -2.21 12.35
CA ILE B 338 -66.31 -0.75 12.22
C ILE B 338 -67.59 -0.34 11.49
N THR B 339 -68.27 0.67 12.04
CA THR B 339 -69.49 1.19 11.44
C THR B 339 -69.53 2.71 11.35
N THR B 340 -68.76 3.43 12.16
CA THR B 340 -68.73 4.88 12.14
C THR B 340 -67.52 5.36 11.36
N THR B 341 -67.27 6.66 11.38
CA THR B 341 -66.16 7.28 10.67
C THR B 341 -65.39 8.18 11.63
N GLY B 342 -64.08 8.01 11.68
CA GLY B 342 -63.24 8.82 12.53
C GLY B 342 -61.94 8.12 12.87
N PRO B 343 -61.08 8.78 13.66
CA PRO B 343 -59.83 8.13 14.08
C PRO B 343 -60.05 6.87 14.89
N PHE B 344 -61.07 6.85 15.74
CA PHE B 344 -61.39 5.64 16.49
C PHE B 344 -61.86 4.53 15.56
N ALA B 345 -62.58 4.89 14.50
CA ALA B 345 -63.01 3.89 13.52
C ALA B 345 -61.83 3.31 12.75
N ILE B 346 -60.91 4.17 12.31
CA ILE B 346 -59.79 3.69 11.50
C ILE B 346 -58.82 2.88 12.35
N LEU B 347 -58.65 3.23 13.63
CA LEU B 347 -57.81 2.39 14.48
C LEU B 347 -58.49 1.11 14.91
N THR B 348 -59.82 1.08 14.90
CA THR B 348 -60.54 -0.14 15.23
C THR B 348 -60.32 -1.19 14.15
N GLY B 349 -60.14 -2.44 14.57
CA GLY B 349 -59.91 -3.53 13.66
C GLY B 349 -58.45 -3.82 13.35
N SER B 350 -57.52 -3.03 13.87
CA SER B 350 -56.11 -3.28 13.66
C SER B 350 -55.66 -4.51 14.46
N THR B 351 -54.59 -5.13 13.98
CA THR B 351 -54.06 -6.34 14.59
C THR B 351 -52.65 -6.08 15.12
N PRO B 352 -52.38 -6.36 16.39
CA PRO B 352 -51.04 -6.11 16.94
C PRO B 352 -50.01 -7.08 16.40
N THR B 353 -48.75 -6.64 16.44
CA THR B 353 -47.60 -7.48 16.15
C THR B 353 -46.83 -7.75 17.45
N ALA B 354 -45.66 -8.37 17.31
CA ALA B 354 -44.87 -8.75 18.48
C ALA B 354 -44.40 -7.53 19.26
N GLN B 355 -43.95 -6.48 18.55
CA GLN B 355 -43.40 -5.30 19.23
C GLN B 355 -44.46 -4.57 20.04
N GLN B 356 -45.67 -4.44 19.48
CA GLN B 356 -46.74 -3.78 20.22
C GLN B 356 -47.12 -4.56 21.47
N LEU B 357 -47.17 -5.90 21.38
CA LEU B 357 -47.45 -6.70 22.57
C LEU B 357 -46.34 -6.57 23.60
N ASN B 358 -45.09 -6.52 23.15
CA ASN B 358 -43.97 -6.32 24.07
C ASN B 358 -44.07 -4.98 24.78
N ASP B 359 -44.44 -3.93 24.05
CA ASP B 359 -44.59 -2.64 24.70
C ASP B 359 -45.82 -2.58 25.60
N VAL B 360 -46.86 -3.34 25.27
CA VAL B 360 -48.04 -3.42 26.15
C VAL B 360 -47.66 -4.08 27.48
N ARG B 361 -46.92 -5.19 27.41
CA ARG B 361 -46.50 -5.82 28.66
C ARG B 361 -45.47 -4.96 29.39
N LYS B 362 -44.70 -4.16 28.65
CA LYS B 362 -43.83 -3.16 29.29
C LYS B 362 -44.64 -2.13 30.05
N ILE B 363 -45.75 -1.66 29.47
CA ILE B 363 -46.64 -0.71 30.14
C ILE B 363 -47.23 -1.34 31.40
N TYR B 364 -47.67 -2.60 31.29
CA TYR B 364 -48.22 -3.28 32.46
C TYR B 364 -47.17 -3.48 33.54
N LEU B 365 -45.93 -3.79 33.15
CA LEU B 365 -44.83 -3.89 34.11
C LEU B 365 -44.55 -2.56 34.78
N ALA B 366 -44.67 -1.47 34.03
CA ALA B 366 -44.53 -0.14 34.62
C ALA B 366 -45.65 0.14 35.61
N LEU B 367 -46.86 -0.32 35.29
CA LEU B 367 -47.99 -0.17 36.21
C LEU B 367 -47.87 -1.11 37.41
N MET B 368 -47.02 -2.12 37.34
CA MET B 368 -46.78 -3.01 38.48
C MET B 368 -46.20 -2.24 39.66
N PHE B 369 -45.29 -1.31 39.40
CA PHE B 369 -44.62 -0.57 40.47
C PHE B 369 -44.99 0.91 40.41
N PRO B 370 -45.43 1.50 41.51
CA PRO B 370 -45.92 2.90 41.46
C PRO B 370 -44.85 3.92 41.12
N GLY B 371 -43.72 3.90 41.82
CA GLY B 371 -42.73 4.95 41.67
C GLY B 371 -41.40 4.53 41.10
N GLN B 372 -41.04 3.26 41.25
CA GLN B 372 -39.74 2.79 40.81
C GLN B 372 -39.61 2.86 39.29
N ILE B 373 -40.69 2.57 38.58
CA ILE B 373 -40.70 2.55 37.11
C ILE B 373 -41.46 3.77 36.62
N ILE B 374 -40.85 4.52 35.70
CA ILE B 374 -41.41 5.74 35.15
C ILE B 374 -41.55 5.56 33.64
N LEU B 375 -42.71 5.90 33.10
CA LEU B 375 -42.93 5.80 31.67
C LEU B 375 -42.08 6.82 30.91
N ASP B 376 -41.75 6.48 29.68
CA ASP B 376 -40.98 7.36 28.80
C ASP B 376 -41.38 7.08 27.35
N LEU B 377 -41.30 8.11 26.52
CA LEU B 377 -41.72 8.03 25.13
C LEU B 377 -40.51 7.91 24.20
N LYS B 378 -40.58 6.99 23.25
CA LYS B 378 -39.53 6.78 22.27
C LYS B 378 -39.95 7.41 20.95
N ILE B 379 -39.12 8.29 20.41
CA ILE B 379 -39.40 8.98 19.16
C ILE B 379 -38.25 8.73 18.21
N ASP B 380 -38.54 8.17 17.03
CA ASP B 380 -37.54 7.97 16.00
C ASP B 380 -37.81 8.94 14.85
N PRO B 381 -36.92 9.91 14.60
CA PRO B 381 -37.21 10.93 13.58
C PRO B 381 -37.10 10.43 12.16
N GLY B 382 -36.59 9.23 11.92
CA GLY B 382 -36.32 8.76 10.58
C GLY B 382 -37.50 8.21 9.80
N GLU B 383 -38.69 8.16 10.38
CA GLU B 383 -39.85 7.60 9.71
C GLU B 383 -41.08 8.47 9.97
N ARG B 384 -42.13 8.21 9.19
CA ARG B 384 -43.38 8.93 9.25
C ARG B 384 -44.48 7.99 9.72
N MET B 385 -45.63 8.57 10.05
CA MET B 385 -46.75 7.79 10.57
C MET B 385 -48.05 8.53 10.33
N ASP B 386 -49.15 7.78 10.45
CA ASP B 386 -50.48 8.36 10.38
C ASP B 386 -50.71 9.19 11.63
N PRO B 387 -51.08 10.47 11.51
CA PRO B 387 -51.33 11.27 12.73
C PRO B 387 -52.50 10.76 13.56
N ALA B 388 -53.42 10.00 12.97
CA ALA B 388 -54.62 9.57 13.69
C ALA B 388 -54.26 8.66 14.87
N VAL B 389 -53.25 7.80 14.70
CA VAL B 389 -52.87 6.91 15.79
C VAL B 389 -52.26 7.70 16.94
N ARG B 390 -51.47 8.75 16.63
CA ARG B 390 -50.95 9.61 17.68
C ARG B 390 -52.08 10.33 18.40
N MET B 391 -53.07 10.82 17.65
CA MET B 391 -54.19 11.53 18.24
C MET B 391 -54.98 10.64 19.20
N VAL B 392 -55.33 9.44 18.74
CA VAL B 392 -56.11 8.54 19.58
C VAL B 392 -55.28 8.03 20.75
N ALA B 393 -53.98 7.83 20.54
CA ALA B 393 -53.11 7.42 21.64
C ALA B 393 -53.04 8.48 22.72
N GLY B 394 -52.96 9.76 22.31
CA GLY B 394 -52.99 10.83 23.29
C GLY B 394 -54.28 10.88 24.07
N VAL B 395 -55.41 10.77 23.37
CA VAL B 395 -56.69 10.92 24.06
C VAL B 395 -56.97 9.72 24.96
N VAL B 396 -56.40 8.54 24.64
CA VAL B 396 -56.62 7.40 25.54
C VAL B 396 -55.62 7.42 26.69
N GLY B 397 -54.38 7.87 26.45
CA GLY B 397 -53.40 7.94 27.50
C GLY B 397 -53.66 9.04 28.49
N HIS B 398 -54.45 10.06 28.10
CA HIS B 398 -54.87 11.05 29.08
C HIS B 398 -55.79 10.45 30.14
N LEU B 399 -56.33 9.26 29.90
CA LEU B 399 -57.21 8.58 30.85
C LEU B 399 -56.62 7.31 31.43
N LEU B 400 -55.72 6.64 30.71
CA LEU B 400 -55.21 5.35 31.18
C LEU B 400 -54.32 5.50 32.41
N PHE B 401 -53.37 6.42 32.37
CA PHE B 401 -52.37 6.54 33.43
C PHE B 401 -52.82 7.54 34.48
N THR B 402 -51.91 7.85 35.42
CA THR B 402 -52.16 8.82 36.46
C THR B 402 -50.94 9.71 36.61
N ALA B 403 -51.16 10.92 37.15
CA ALA B 403 -50.08 11.86 37.38
C ALA B 403 -50.46 12.79 38.52
N GLY B 404 -49.44 13.34 39.16
CA GLY B 404 -49.65 14.26 40.25
C GLY B 404 -50.19 13.59 41.51
N GLY B 405 -50.58 14.43 42.46
CA GLY B 405 -51.13 13.95 43.72
C GLY B 405 -50.08 13.49 44.69
N ARG B 406 -49.98 12.16 44.87
CA ARG B 406 -49.01 11.58 45.79
C ARG B 406 -47.83 10.94 45.12
N PHE B 407 -47.96 10.52 43.87
CA PHE B 407 -46.87 9.94 43.10
C PHE B 407 -47.19 10.05 41.62
N THR B 408 -46.18 9.79 40.79
CA THR B 408 -46.37 9.77 39.35
C THR B 408 -45.53 8.65 38.75
N ASN B 409 -45.98 8.18 37.59
CA ASN B 409 -45.23 7.20 36.80
C ASN B 409 -44.93 7.70 35.40
N LEU B 410 -45.13 8.99 35.13
CA LEU B 410 -44.79 9.59 33.85
C LEU B 410 -43.85 10.77 34.07
N THR B 411 -42.98 11.01 33.09
CA THR B 411 -42.16 12.20 33.09
C THR B 411 -42.96 13.39 32.57
N GLN B 412 -42.39 14.59 32.72
CA GLN B 412 -43.04 15.79 32.22
C GLN B 412 -43.13 15.80 30.70
N ASN B 413 -42.19 15.16 30.01
CA ASN B 413 -42.22 15.12 28.55
C ASN B 413 -43.46 14.38 28.05
N MET B 414 -43.79 13.25 28.68
CA MET B 414 -45.02 12.56 28.33
C MET B 414 -46.26 13.39 28.63
N ALA B 415 -46.26 14.13 29.74
CA ALA B 415 -47.39 15.00 30.05
C ALA B 415 -47.58 16.05 28.96
N ARG B 416 -46.49 16.68 28.54
CA ARG B 416 -46.60 17.70 27.49
C ARG B 416 -47.04 17.09 26.16
N GLN B 417 -46.48 15.94 25.79
CA GLN B 417 -46.86 15.30 24.54
C GLN B 417 -48.33 14.87 24.56
N LEU B 418 -48.80 14.32 25.67
CA LEU B 418 -50.20 13.94 25.79
C LEU B 418 -51.13 15.14 25.74
N ASP B 419 -50.75 16.25 26.37
CA ASP B 419 -51.55 17.47 26.27
C ASP B 419 -51.62 17.96 24.83
N ILE B 420 -50.49 17.93 24.12
CA ILE B 420 -50.47 18.37 22.72
C ILE B 420 -51.37 17.47 21.88
N ALA B 421 -51.29 16.15 22.09
CA ALA B 421 -52.12 15.23 21.34
C ALA B 421 -53.59 15.41 21.65
N LEU B 422 -53.92 15.68 22.92
CA LEU B 422 -55.31 15.94 23.29
C LEU B 422 -55.83 17.21 22.62
N ASN B 423 -55.01 18.25 22.58
CA ASN B 423 -55.40 19.47 21.87
C ASN B 423 -55.63 19.19 20.39
N ASP B 424 -54.74 18.42 19.77
CA ASP B 424 -54.88 18.08 18.36
C ASP B 424 -56.17 17.29 18.11
N TYR B 425 -56.50 16.36 19.02
CA TYR B 425 -57.73 15.60 18.85
C TYR B 425 -58.96 16.47 19.03
N LEU B 426 -58.95 17.36 20.02
CA LEU B 426 -60.07 18.26 20.23
C LEU B 426 -60.23 19.28 19.11
N LEU B 427 -59.17 19.57 18.36
CA LEU B 427 -59.25 20.48 17.22
C LEU B 427 -59.19 19.76 15.88
N TYR B 428 -59.55 18.48 15.84
CA TYR B 428 -59.60 17.78 14.56
C TYR B 428 -60.72 18.31 13.68
N MET B 429 -61.88 18.58 14.28
CA MET B 429 -62.93 19.39 13.67
C MET B 429 -63.44 18.73 12.38
N TYR B 430 -63.88 17.48 12.52
CA TYR B 430 -64.10 16.63 11.35
C TYR B 430 -65.48 16.83 10.73
N ASN B 431 -66.54 16.49 11.47
CA ASN B 431 -67.86 16.31 10.87
C ASN B 431 -68.85 17.44 11.16
N THR B 432 -69.09 17.77 12.43
CA THR B 432 -70.04 18.83 12.76
C THR B 432 -69.30 20.13 13.07
N ARG B 433 -70.09 21.19 13.24
CA ARG B 433 -69.56 22.53 13.46
C ARG B 433 -69.86 22.95 14.89
N VAL B 434 -68.81 23.30 15.64
CA VAL B 434 -68.94 23.77 17.01
C VAL B 434 -68.03 24.98 17.21
N GLN B 435 -68.52 25.97 17.96
CA GLN B 435 -67.75 27.18 18.19
C GLN B 435 -66.72 26.97 19.29
N VAL B 436 -65.56 27.59 19.12
CA VAL B 436 -64.46 27.53 20.08
C VAL B 436 -64.00 28.94 20.38
N ASN B 437 -63.73 29.20 21.66
CA ASN B 437 -63.26 30.51 22.12
C ASN B 437 -61.91 30.32 22.78
N TYR B 438 -60.86 30.88 22.16
CA TYR B 438 -59.50 30.68 22.65
C TYR B 438 -59.21 31.59 23.83
N GLY B 439 -58.13 31.28 24.53
CA GLY B 439 -57.74 32.00 25.73
C GLY B 439 -56.63 32.99 25.47
N PRO B 440 -56.23 33.73 26.52
CA PRO B 440 -55.19 34.75 26.36
C PRO B 440 -53.82 34.19 26.00
N THR B 441 -53.33 33.24 26.80
CA THR B 441 -52.00 32.70 26.59
C THR B 441 -52.03 31.55 25.57
N GLY B 442 -50.85 31.21 25.07
CA GLY B 442 -50.68 30.16 24.08
C GLY B 442 -50.47 28.77 24.65
N GLU B 443 -50.72 28.58 25.94
CA GLU B 443 -50.60 27.26 26.54
C GLU B 443 -51.67 26.33 25.96
N PRO B 444 -51.34 25.07 25.74
CA PRO B 444 -52.30 24.14 25.14
C PRO B 444 -53.51 23.92 26.04
N LEU B 445 -54.63 23.57 25.38
CA LEU B 445 -55.94 23.29 25.99
C LEU B 445 -56.60 24.53 26.59
N ASP B 446 -56.04 25.72 26.39
CA ASP B 446 -56.61 26.94 26.95
C ASP B 446 -57.65 27.52 25.99
N PHE B 447 -58.81 26.87 25.96
CA PHE B 447 -59.94 27.35 25.18
C PHE B 447 -61.21 26.73 25.73
N GLN B 448 -62.35 27.26 25.26
CA GLN B 448 -63.67 26.81 25.69
C GLN B 448 -64.45 26.35 24.47
N ILE B 449 -65.14 25.21 24.62
CA ILE B 449 -65.89 24.59 23.54
C ILE B 449 -67.30 24.28 24.02
N GLY B 450 -68.19 24.04 23.05
CA GLY B 450 -69.55 23.63 23.34
C GLY B 450 -70.50 24.81 23.49
N ARG B 451 -71.79 24.46 23.56
CA ARG B 451 -72.82 25.48 23.75
C ARG B 451 -72.72 26.12 25.12
N ASN B 452 -72.36 25.35 26.15
CA ASN B 452 -72.23 25.85 27.50
C ASN B 452 -70.84 26.38 27.80
N GLN B 453 -69.94 26.39 26.82
CA GLN B 453 -68.57 26.88 26.96
C GLN B 453 -67.84 26.17 28.09
N TYR B 454 -67.66 24.87 27.92
CA TYR B 454 -66.97 24.07 28.93
C TYR B 454 -65.50 24.44 29.00
N ASP B 455 -64.99 24.54 30.23
CA ASP B 455 -63.59 24.88 30.47
C ASP B 455 -62.76 23.61 30.40
N CYS B 456 -61.94 23.48 29.36
CA CYS B 456 -61.09 22.32 29.17
C CYS B 456 -59.63 22.59 29.47
N ASN B 457 -59.31 23.75 30.03
CA ASN B 457 -57.93 24.07 30.40
C ASN B 457 -57.48 23.40 31.68
N VAL B 458 -58.40 22.85 32.47
CA VAL B 458 -58.02 22.16 33.69
C VAL B 458 -57.45 20.79 33.39
N PHE B 459 -57.64 20.27 32.17
CA PHE B 459 -57.08 18.99 31.81
C PHE B 459 -55.58 19.04 31.55
N ARG B 460 -55.00 20.24 31.48
CA ARG B 460 -53.56 20.36 31.33
C ARG B 460 -52.85 19.80 32.55
N ALA B 461 -51.81 19.00 32.30
CA ALA B 461 -51.14 18.28 33.38
C ALA B 461 -50.39 19.24 34.31
N ASP B 462 -50.53 18.99 35.61
CA ASP B 462 -49.80 19.73 36.63
C ASP B 462 -49.49 18.77 37.76
N PHE B 463 -48.22 18.69 38.14
CA PHE B 463 -47.78 17.68 39.11
C PHE B 463 -48.05 18.08 40.56
N ALA B 464 -48.47 19.33 40.81
CA ALA B 464 -48.76 19.73 42.18
C ALA B 464 -50.05 19.09 42.68
N THR B 465 -51.05 18.96 41.80
CA THR B 465 -52.34 18.40 42.17
C THR B 465 -52.82 17.27 41.28
N GLY B 466 -52.30 17.12 40.07
CA GLY B 466 -52.71 16.05 39.18
C GLY B 466 -54.16 16.12 38.75
N THR B 467 -54.61 17.30 38.33
CA THR B 467 -56.00 17.51 37.99
C THR B 467 -56.38 16.97 36.61
N GLY B 468 -55.42 16.50 35.82
CA GLY B 468 -55.73 16.04 34.47
C GLY B 468 -55.65 14.55 34.26
N TYR B 469 -55.61 13.78 35.33
CA TYR B 469 -55.42 12.33 35.21
C TYR B 469 -56.21 11.65 36.33
N ASN B 470 -55.91 10.37 36.58
CA ASN B 470 -56.68 9.56 37.51
C ASN B 470 -56.52 10.00 38.96
N GLY B 471 -55.54 10.85 39.26
CA GLY B 471 -55.33 11.28 40.62
C GLY B 471 -56.03 12.59 40.95
N TRP B 472 -57.03 12.95 40.15
CA TRP B 472 -57.71 14.23 40.28
C TRP B 472 -58.75 14.16 41.39
N ALA B 473 -58.40 14.74 42.55
CA ALA B 473 -59.35 14.97 43.64
C ALA B 473 -60.02 13.68 44.12
N THR B 474 -59.25 12.60 44.15
CA THR B 474 -59.72 11.32 44.65
C THR B 474 -58.73 10.79 45.67
N ILE B 475 -59.23 10.31 46.81
CA ILE B 475 -58.36 9.65 47.77
C ILE B 475 -57.80 8.37 47.16
N ASP B 476 -56.49 8.19 47.30
CA ASP B 476 -55.80 7.13 46.57
C ASP B 476 -54.83 6.31 47.43
N VAL B 477 -54.49 6.77 48.62
CA VAL B 477 -53.63 6.01 49.53
C VAL B 477 -54.25 6.08 50.93
N GLU B 478 -54.26 4.95 51.62
CA GLU B 478 -54.90 4.85 52.93
C GLU B 478 -54.07 3.96 53.83
N TYR B 479 -54.53 3.80 55.07
CA TYR B 479 -53.85 2.95 56.04
C TYR B 479 -54.89 2.13 56.80
N ARG B 480 -54.45 1.02 57.36
CA ARG B 480 -55.32 0.05 58.02
C ARG B 480 -54.52 -0.58 59.16
N GLU B 481 -54.97 -1.74 59.61
CA GLU B 481 -54.29 -2.46 60.68
C GLU B 481 -52.85 -2.78 60.27
N PRO B 482 -51.91 -2.78 61.22
CA PRO B 482 -50.49 -2.85 60.87
C PRO B 482 -50.14 -4.12 60.09
N ALA B 483 -49.26 -3.95 59.11
CA ALA B 483 -48.76 -5.03 58.29
C ALA B 483 -47.65 -5.78 59.03
N PRO B 484 -47.39 -7.04 58.64
CA PRO B 484 -46.24 -7.75 59.24
C PRO B 484 -44.92 -7.06 59.01
N TYR B 485 -44.73 -6.39 57.88
CA TYR B 485 -43.53 -5.61 57.61
C TYR B 485 -43.72 -4.21 58.17
N VAL B 486 -42.89 -3.84 59.15
CA VAL B 486 -43.06 -2.57 59.86
C VAL B 486 -42.67 -1.37 59.03
N HIS B 487 -42.03 -1.56 57.89
CA HIS B 487 -41.58 -0.45 57.05
C HIS B 487 -42.52 -0.20 55.87
N ALA B 488 -43.56 -1.01 55.69
CA ALA B 488 -44.48 -0.88 54.57
C ALA B 488 -45.90 -0.97 55.10
N GLN B 489 -46.48 0.18 55.45
CA GLN B 489 -47.85 0.25 55.96
C GLN B 489 -48.81 0.85 54.94
N ARG B 490 -48.33 1.21 53.75
CA ARG B 490 -49.18 1.90 52.78
C ARG B 490 -49.97 0.90 51.95
N TYR B 491 -51.25 1.24 51.70
CA TYR B 491 -52.11 0.51 50.78
C TYR B 491 -52.46 1.42 49.63
N ILE B 492 -52.21 0.97 48.41
CA ILE B 492 -52.43 1.77 47.21
C ILE B 492 -53.76 1.36 46.57
N ARG B 493 -54.55 2.36 46.17
CA ARG B 493 -55.79 2.14 45.45
C ARG B 493 -55.90 3.17 44.34
N TYR B 494 -56.14 2.69 43.12
CA TYR B 494 -56.07 3.55 41.94
C TYR B 494 -57.28 4.48 41.83
N CYS B 495 -58.47 3.89 41.70
CA CYS B 495 -59.68 4.67 41.45
C CYS B 495 -60.62 4.68 42.65
N GLY B 496 -60.07 4.54 43.85
CA GLY B 496 -60.88 4.59 45.05
C GLY B 496 -61.81 3.41 45.25
N ILE B 497 -61.55 2.29 44.59
CA ILE B 497 -62.44 1.13 44.63
C ILE B 497 -61.77 0.01 45.42
N ASP B 498 -62.61 -0.89 45.96
CA ASP B 498 -62.13 -2.04 46.71
C ASP B 498 -63.24 -3.08 46.76
N SER B 499 -62.86 -4.34 46.61
CA SER B 499 -63.84 -5.42 46.68
C SER B 499 -64.30 -5.68 48.11
N ARG B 500 -63.58 -5.19 49.10
CA ARG B 500 -63.95 -5.37 50.50
C ARG B 500 -65.18 -4.55 50.85
N GLY B 509 -70.26 -5.50 44.22
CA GLY B 509 -70.23 -4.11 43.80
C GLY B 509 -69.75 -3.93 42.38
N ILE B 510 -70.69 -3.76 41.46
CA ILE B 510 -70.40 -3.55 40.05
C ILE B 510 -71.22 -2.36 39.55
N GLY B 511 -70.56 -1.39 38.92
CA GLY B 511 -71.27 -0.28 38.33
C GLY B 511 -70.95 1.08 38.92
N MET B 512 -69.72 1.27 39.38
CA MET B 512 -69.29 2.54 39.94
C MET B 512 -68.35 3.26 38.97
N THR B 513 -68.09 4.52 39.27
CA THR B 513 -67.25 5.36 38.42
C THR B 513 -66.60 6.45 39.28
N TYR B 514 -65.58 7.07 38.71
CA TYR B 514 -64.80 8.11 39.41
C TYR B 514 -64.89 9.42 38.65
N HIS B 515 -64.28 10.45 39.27
CA HIS B 515 -64.47 11.82 38.81
C HIS B 515 -63.86 12.06 37.43
N CYS B 516 -62.64 11.55 37.20
CA CYS B 516 -61.94 11.83 35.96
C CYS B 516 -62.68 11.27 34.76
N TYR B 517 -63.20 10.05 34.87
CA TYR B 517 -63.96 9.45 33.78
C TYR B 517 -65.23 10.24 33.49
N ASN B 518 -65.95 10.67 34.53
CA ASN B 518 -67.19 11.41 34.31
C ASN B 518 -66.90 12.76 33.65
N GLU B 519 -65.83 13.44 34.08
CA GLU B 519 -65.46 14.70 33.45
C GLU B 519 -65.01 14.50 32.02
N MET B 520 -64.31 13.40 31.74
CA MET B 520 -63.91 13.10 30.37
C MET B 520 -65.14 12.87 29.48
N LEU B 521 -66.12 12.11 29.97
CA LEU B 521 -67.32 11.88 29.19
C LEU B 521 -68.09 13.18 28.96
N ARG B 522 -68.14 14.04 29.98
CA ARG B 522 -68.79 15.34 29.83
C ARG B 522 -68.09 16.19 28.77
N MET B 523 -66.75 16.18 28.78
CA MET B 523 -66.02 16.98 27.80
C MET B 523 -66.23 16.45 26.39
N LEU B 524 -66.20 15.13 26.20
CA LEU B 524 -66.46 14.56 24.88
C LEU B 524 -67.89 14.84 24.41
N VAL B 525 -68.87 14.70 25.29
CA VAL B 525 -70.26 14.95 24.87
C VAL B 525 -70.49 16.43 24.64
N ALA B 526 -69.70 17.31 25.26
CA ALA B 526 -69.77 18.73 24.93
C ALA B 526 -69.08 19.01 23.60
N ALA B 527 -68.05 18.25 23.25
CA ALA B 527 -67.35 18.42 21.99
C ALA B 527 -68.12 17.90 20.79
N GLY B 528 -69.23 17.18 21.00
CA GLY B 528 -70.04 16.68 19.91
C GLY B 528 -69.65 15.32 19.38
N LYS B 529 -68.77 14.59 20.06
CA LYS B 529 -68.36 13.26 19.63
C LYS B 529 -69.17 12.22 20.40
N ASP B 530 -70.34 11.89 19.86
CA ASP B 530 -71.24 10.97 20.54
C ASP B 530 -70.80 9.52 20.41
N SER B 531 -70.20 9.17 19.26
CA SER B 531 -69.77 7.78 19.05
C SER B 531 -68.68 7.38 20.04
N GLU B 532 -67.71 8.26 20.27
CA GLU B 532 -66.67 7.98 21.24
C GLU B 532 -67.24 7.92 22.66
N ALA B 533 -68.24 8.74 22.95
CA ALA B 533 -68.88 8.69 24.26
C ALA B 533 -69.56 7.34 24.47
N ALA B 534 -70.27 6.84 23.46
CA ALA B 534 -70.89 5.52 23.56
C ALA B 534 -69.83 4.43 23.68
N TYR B 535 -68.73 4.57 22.94
CA TYR B 535 -67.65 3.59 23.01
C TYR B 535 -67.07 3.50 24.41
N PHE B 536 -66.79 4.65 25.04
CA PHE B 536 -66.23 4.63 26.39
C PHE B 536 -67.26 4.16 27.41
N ARG B 537 -68.54 4.51 27.20
CA ARG B 537 -69.59 4.04 28.10
C ARG B 537 -69.71 2.53 28.04
N SER B 538 -69.47 1.94 26.87
CA SER B 538 -69.46 0.48 26.76
C SER B 538 -68.19 -0.11 27.37
N MET B 539 -67.07 0.61 27.27
CA MET B 539 -65.79 0.09 27.74
C MET B 539 -65.56 0.30 29.24
N LEU B 540 -66.45 1.00 29.93
CA LEU B 540 -66.32 1.19 31.38
C LEU B 540 -66.08 -0.08 32.19
N PRO B 541 -66.85 -1.17 32.03
CA PRO B 541 -66.64 -2.33 32.92
C PRO B 541 -65.28 -2.99 32.78
N PHE B 542 -64.77 -3.11 31.55
CA PHE B 542 -63.45 -3.70 31.34
C PHE B 542 -62.38 -2.86 32.01
N HIS B 543 -62.50 -1.54 31.89
CA HIS B 543 -61.60 -0.61 32.56
C HIS B 543 -61.61 -0.83 34.08
N MET B 544 -62.81 -0.88 34.66
CA MET B 544 -62.93 -0.99 36.11
C MET B 544 -62.39 -2.33 36.61
N VAL B 545 -62.68 -3.42 35.90
CA VAL B 545 -62.20 -4.72 36.36
C VAL B 545 -60.68 -4.83 36.17
N ARG B 546 -60.13 -4.18 35.14
CA ARG B 546 -58.67 -4.19 34.97
C ARG B 546 -57.98 -3.49 36.14
N PHE B 547 -58.51 -2.32 36.55
CA PHE B 547 -57.91 -1.68 37.72
C PHE B 547 -58.16 -2.44 39.00
N ALA B 548 -59.30 -3.13 39.11
CA ALA B 548 -59.52 -3.99 40.28
C ALA B 548 -58.47 -5.09 40.35
N ARG B 549 -58.18 -5.73 39.20
CA ARG B 549 -57.21 -6.81 39.19
C ARG B 549 -55.80 -6.31 39.47
N ILE B 550 -55.41 -5.17 38.90
CA ILE B 550 -54.05 -4.68 39.14
C ILE B 550 -53.91 -4.23 40.60
N ASN B 551 -54.97 -3.66 41.17
CA ASN B 551 -54.94 -3.31 42.59
C ASN B 551 -54.78 -4.56 43.46
N GLN B 552 -55.53 -5.62 43.16
CA GLN B 552 -55.41 -6.84 43.94
C GLN B 552 -54.01 -7.43 43.84
N ILE B 553 -53.44 -7.47 42.65
CA ILE B 553 -52.13 -8.10 42.49
C ILE B 553 -51.02 -7.24 43.08
N ILE B 554 -51.17 -5.91 43.09
CA ILE B 554 -50.14 -5.08 43.69
C ILE B 554 -50.24 -5.11 45.21
N ASN B 555 -51.45 -5.26 45.76
CA ASN B 555 -51.60 -5.27 47.21
C ASN B 555 -51.49 -6.66 47.83
N GLU B 556 -51.44 -7.72 47.03
CA GLU B 556 -51.42 -9.07 47.57
C GLU B 556 -50.11 -9.82 47.34
N ASP B 557 -49.32 -9.44 46.34
CA ASP B 557 -48.13 -10.22 45.97
C ASP B 557 -46.82 -9.47 46.15
N LEU B 558 -46.77 -8.18 45.85
CA LEU B 558 -45.53 -7.43 45.84
C LEU B 558 -45.16 -6.84 47.20
N HIS B 559 -45.68 -7.41 48.28
CA HIS B 559 -45.33 -6.96 49.63
C HIS B 559 -44.14 -7.78 50.13
N SER B 560 -43.02 -7.10 50.37
CA SER B 560 -41.82 -7.74 50.90
C SER B 560 -41.02 -6.71 51.67
N VAL B 561 -39.89 -7.16 52.22
CA VAL B 561 -39.01 -6.24 52.95
C VAL B 561 -38.25 -5.35 51.98
N PHE B 562 -38.22 -5.70 50.70
CA PHE B 562 -37.46 -4.96 49.70
C PHE B 562 -38.30 -3.88 49.02
N SER B 563 -39.56 -3.71 49.42
CA SER B 563 -40.36 -2.60 48.94
C SER B 563 -39.88 -1.30 49.58
N LEU B 564 -40.20 -0.19 48.92
CA LEU B 564 -39.76 1.12 49.40
C LEU B 564 -40.43 1.45 50.74
N PRO B 565 -39.70 2.07 51.65
CA PRO B 565 -40.31 2.51 52.91
C PRO B 565 -41.26 3.67 52.70
N ASP B 566 -42.03 3.97 53.74
CA ASP B 566 -43.06 5.00 53.65
C ASP B 566 -42.45 6.39 53.42
N ASP B 567 -41.38 6.72 54.12
CA ASP B 567 -40.76 8.03 53.96
C ASP B 567 -40.15 8.18 52.57
N MET B 568 -39.50 7.14 52.06
CA MET B 568 -38.95 7.18 50.71
C MET B 568 -40.05 7.31 49.67
N PHE B 569 -41.15 6.57 49.85
CA PHE B 569 -42.26 6.65 48.92
C PHE B 569 -42.89 8.04 48.92
N ASN B 570 -43.02 8.65 50.10
CA ASN B 570 -43.56 9.99 50.19
C ASN B 570 -42.62 11.02 49.55
N ALA B 571 -41.32 10.88 49.77
CA ALA B 571 -40.36 11.87 49.28
C ALA B 571 -39.93 11.64 47.85
N LEU B 572 -40.36 10.55 47.22
CA LEU B 572 -39.96 10.29 45.83
C LEU B 572 -40.51 11.36 44.88
N LEU B 573 -41.76 11.80 45.09
CA LEU B 573 -42.34 12.75 44.14
C LEU B 573 -41.83 14.18 44.32
N PRO B 574 -41.71 14.74 45.54
CA PRO B 574 -41.12 16.08 45.65
C PRO B 574 -39.69 16.15 45.15
N ASP B 575 -38.91 15.08 45.29
CA ASP B 575 -37.57 15.06 44.73
C ASP B 575 -37.60 15.12 43.21
N LEU B 576 -38.53 14.40 42.58
CA LEU B 576 -38.64 14.44 41.13
C LEU B 576 -39.10 15.80 40.63
N ILE B 577 -40.06 16.42 41.33
CA ILE B 577 -40.53 17.73 40.90
C ILE B 577 -39.51 18.82 41.22
N ALA B 578 -38.60 18.57 42.17
CA ALA B 578 -37.54 19.53 42.45
C ALA B 578 -36.45 19.49 41.40
N GLY B 579 -36.15 18.30 40.86
CA GLY B 579 -35.14 18.14 39.85
C GLY B 579 -33.79 17.66 40.34
N ALA B 580 -33.67 17.29 41.61
CA ALA B 580 -32.41 16.83 42.19
C ALA B 580 -32.67 15.57 43.01
N HIS B 581 -32.31 14.41 42.45
CA HIS B 581 -32.45 13.15 43.16
C HIS B 581 -31.45 13.09 44.30
N GLN B 582 -31.88 12.54 45.44
CA GLN B 582 -31.05 12.46 46.63
C GLN B 582 -30.69 11.03 47.00
N ASN B 583 -31.68 10.16 47.21
CA ASN B 583 -31.41 8.78 47.61
C ASN B 583 -32.29 7.75 46.92
N ALA B 584 -33.14 8.15 45.97
CA ALA B 584 -33.95 7.22 45.19
C ALA B 584 -33.88 7.60 43.73
N ASP B 585 -33.61 6.61 42.88
CA ASP B 585 -33.42 6.84 41.44
C ASP B 585 -34.36 5.95 40.65
N PRO B 586 -35.50 6.47 40.20
CA PRO B 586 -36.36 5.69 39.30
C PRO B 586 -35.73 5.52 37.93
N VAL B 587 -36.14 4.46 37.25
CA VAL B 587 -35.63 4.11 35.93
C VAL B 587 -36.73 4.32 34.90
N VAL B 588 -36.37 4.92 33.76
CA VAL B 588 -37.32 5.25 32.71
C VAL B 588 -37.38 4.12 31.70
N LEU B 589 -38.56 3.97 31.07
CA LEU B 589 -38.82 2.90 30.13
C LEU B 589 -39.53 3.46 28.91
N ASP B 590 -38.98 3.19 27.72
CA ASP B 590 -39.48 3.74 26.48
C ASP B 590 -40.66 2.92 25.94
N VAL B 591 -41.60 3.59 25.28
CA VAL B 591 -42.79 2.96 24.73
C VAL B 591 -43.22 3.76 23.50
N SER B 592 -44.01 3.12 22.64
CA SER B 592 -44.46 3.67 21.36
C SER B 592 -45.86 4.26 21.51
N TRP B 593 -46.44 4.64 20.35
CA TRP B 593 -47.73 5.32 20.35
C TRP B 593 -48.90 4.34 20.36
N ILE B 594 -48.84 3.32 19.50
CA ILE B 594 -49.92 2.33 19.39
C ILE B 594 -50.14 1.63 20.72
N SER B 595 -49.08 1.52 21.53
CA SER B 595 -49.09 0.63 22.68
C SER B 595 -50.07 1.10 23.75
N LEU B 596 -50.25 2.41 23.90
CA LEU B 596 -51.20 2.91 24.89
C LEU B 596 -52.62 2.45 24.56
N TRP B 597 -53.05 2.67 23.33
CA TRP B 597 -54.40 2.27 22.92
C TRP B 597 -54.55 0.75 22.91
N PHE B 598 -53.48 0.02 22.56
CA PHE B 598 -53.61 -1.43 22.51
C PHE B 598 -53.55 -2.05 23.90
N ALA B 599 -52.89 -1.39 24.86
CA ALA B 599 -52.95 -1.82 26.25
C ALA B 599 -54.26 -1.40 26.90
N PHE B 600 -54.95 -0.41 26.33
CA PHE B 600 -56.30 -0.08 26.79
C PHE B 600 -57.25 -1.27 26.59
N ASN B 601 -57.08 -2.01 25.50
CA ASN B 601 -57.96 -3.10 25.14
C ASN B 601 -57.43 -4.47 25.58
N ARG B 602 -56.45 -4.50 26.48
CA ARG B 602 -55.98 -5.76 27.06
C ARG B 602 -56.03 -5.65 28.56
N SER B 603 -56.37 -6.75 29.22
CA SER B 603 -56.44 -6.81 30.68
C SER B 603 -55.48 -7.88 31.18
N PHE B 604 -54.70 -7.55 32.20
CA PHE B 604 -53.75 -8.49 32.78
C PHE B 604 -54.51 -9.41 33.73
N GLU B 605 -54.77 -10.64 33.29
CA GLU B 605 -55.40 -11.66 34.12
C GLU B 605 -54.33 -12.62 34.61
N PRO B 606 -54.06 -12.68 35.91
CA PRO B 606 -52.99 -13.57 36.40
C PRO B 606 -53.31 -15.02 36.14
N THR B 607 -52.27 -15.79 35.76
CA THR B 607 -52.41 -17.20 35.45
C THR B 607 -51.60 -18.09 36.36
N HIS B 608 -50.31 -17.80 36.55
CA HIS B 608 -49.45 -18.66 37.34
C HIS B 608 -48.67 -17.82 38.34
N ARG B 609 -48.65 -18.27 39.59
CA ARG B 609 -47.88 -17.61 40.63
C ARG B 609 -46.40 -17.95 40.49
N ASN B 610 -45.55 -17.07 41.01
CA ASN B 610 -44.12 -17.32 41.01
C ASN B 610 -43.78 -18.40 42.03
N GLU B 611 -42.96 -19.37 41.62
CA GLU B 611 -42.65 -20.50 42.49
C GLU B 611 -41.66 -20.13 43.60
N MET B 612 -41.05 -18.95 43.53
CA MET B 612 -40.11 -18.50 44.54
C MET B 612 -40.78 -17.76 45.69
N LEU B 613 -42.11 -17.64 45.67
CA LEU B 613 -42.80 -16.86 46.70
C LEU B 613 -42.71 -17.54 48.07
N GLU B 614 -42.67 -18.87 48.08
CA GLU B 614 -42.69 -19.60 49.35
C GLU B 614 -41.40 -19.39 50.14
N VAL B 615 -40.25 -19.37 49.44
CA VAL B 615 -38.96 -19.40 50.13
C VAL B 615 -38.36 -18.01 50.36
N ALA B 616 -39.10 -16.95 50.09
CA ALA B 616 -38.59 -15.59 50.29
C ALA B 616 -38.15 -15.27 51.72
N PRO B 617 -38.88 -15.65 52.78
CA PRO B 617 -38.41 -15.29 54.13
C PRO B 617 -37.04 -15.84 54.50
N LEU B 618 -36.63 -16.97 53.92
CA LEU B 618 -35.28 -17.46 54.18
C LEU B 618 -34.24 -16.66 53.39
N ILE B 619 -34.59 -16.27 52.16
CA ILE B 619 -33.67 -15.51 51.32
C ILE B 619 -33.38 -14.15 51.93
N GLU B 620 -34.43 -13.48 52.44
CA GLU B 620 -34.24 -12.16 53.03
C GLU B 620 -33.35 -12.23 54.28
N SER B 621 -33.54 -13.27 55.10
CA SER B 621 -32.73 -13.48 56.28
C SER B 621 -31.28 -13.78 55.93
N VAL B 622 -31.03 -14.56 54.89
CA VAL B 622 -29.67 -14.81 54.42
C VAL B 622 -29.01 -13.52 53.93
N TYR B 623 -29.76 -12.72 53.16
CA TYR B 623 -29.23 -11.50 52.57
C TYR B 623 -28.83 -10.50 53.65
N ALA B 624 -29.70 -10.31 54.65
CA ALA B 624 -29.40 -9.37 55.73
C ALA B 624 -28.17 -9.81 56.53
N SER B 625 -28.08 -11.11 56.81
CA SER B 625 -26.92 -11.64 57.53
C SER B 625 -25.63 -11.43 56.73
N GLU B 626 -25.71 -11.63 55.41
CA GLU B 626 -24.54 -11.40 54.56
C GLU B 626 -24.09 -9.95 54.62
N LEU B 627 -25.04 -9.02 54.56
CA LEU B 627 -24.68 -7.60 54.64
C LEU B 627 -24.08 -7.24 55.99
N SER B 628 -24.64 -7.80 57.08
CA SER B 628 -24.07 -7.55 58.39
C SER B 628 -22.64 -8.11 58.51
N VAL B 629 -22.41 -9.27 57.89
CA VAL B 629 -21.06 -9.85 57.88
C VAL B 629 -20.10 -8.95 57.12
N MET B 630 -20.57 -8.38 56.00
CA MET B 630 -19.74 -7.42 55.27
C MET B 630 -19.39 -6.23 56.14
N LYS B 631 -20.36 -5.71 56.89
CA LYS B 631 -20.12 -4.58 57.78
C LYS B 631 -19.07 -4.89 58.84
N VAL B 632 -19.21 -6.03 59.51
CA VAL B 632 -18.27 -6.36 60.58
C VAL B 632 -16.88 -6.65 60.00
N ASP B 633 -16.82 -7.22 58.80
CA ASP B 633 -15.53 -7.44 58.15
C ASP B 633 -14.86 -6.11 57.82
N MET B 634 -15.64 -5.13 57.36
CA MET B 634 -15.09 -3.81 57.08
C MET B 634 -14.52 -3.18 58.35
N ARG B 635 -15.27 -3.27 59.45
CA ARG B 635 -14.80 -2.70 60.71
C ARG B 635 -13.53 -3.37 61.19
N HIS B 636 -13.48 -4.70 61.12
CA HIS B 636 -12.31 -5.42 61.61
C HIS B 636 -11.10 -5.19 60.70
N LEU B 637 -11.32 -5.03 59.40
CA LEU B 637 -10.22 -4.72 58.48
C LEU B 637 -9.63 -3.34 58.79
N SER B 638 -10.50 -2.36 59.06
CA SER B 638 -9.99 -1.04 59.45
C SER B 638 -9.22 -1.11 60.76
N LEU B 639 -9.74 -1.88 61.73
CA LEU B 639 -9.04 -2.02 63.01
C LEU B 639 -7.67 -2.66 62.84
N MET B 640 -7.60 -3.74 62.06
CA MET B 640 -6.31 -4.42 61.85
C MET B 640 -5.34 -3.54 61.08
N GLN B 641 -5.84 -2.74 60.14
CA GLN B 641 -4.97 -1.77 59.48
C GLN B 641 -4.42 -0.76 60.47
N ARG B 642 -5.23 -0.30 61.42
CA ARG B 642 -4.76 0.63 62.44
C ARG B 642 -3.82 -0.02 63.46
N ARG B 643 -3.92 -1.33 63.70
CA ARG B 643 -3.10 -1.96 64.73
C ARG B 643 -1.61 -1.94 64.36
N PHE B 644 -1.27 -2.33 63.13
CA PHE B 644 0.12 -2.46 62.70
C PHE B 644 0.38 -1.54 61.52
N PRO B 645 0.80 -0.30 61.78
CA PRO B 645 1.08 0.63 60.67
C PRO B 645 2.37 0.32 59.95
N ASP B 646 3.35 -0.29 60.61
CA ASP B 646 4.66 -0.50 60.01
C ASP B 646 4.67 -1.65 59.01
N VAL B 647 3.81 -2.65 59.18
CA VAL B 647 3.83 -3.82 58.32
C VAL B 647 2.55 -3.98 57.49
N LEU B 648 1.49 -3.26 57.81
CA LEU B 648 0.29 -3.20 56.97
C LEU B 648 0.26 -1.86 56.27
N ILE B 649 0.09 -1.89 54.94
CA ILE B 649 0.12 -0.66 54.15
C ILE B 649 -1.19 0.10 54.32
N GLN B 650 -1.15 1.38 53.97
CA GLN B 650 -2.35 2.20 54.01
C GLN B 650 -3.33 1.79 52.92
N ALA B 651 -4.61 2.07 53.16
CA ALA B 651 -5.65 1.68 52.22
C ALA B 651 -6.82 2.64 52.32
N ARG B 652 -7.65 2.63 51.28
CA ARG B 652 -8.87 3.41 51.17
C ARG B 652 -10.09 2.53 51.40
N PRO B 653 -11.21 3.10 51.86
CA PRO B 653 -12.41 2.28 52.07
C PRO B 653 -12.94 1.60 50.81
N SER B 654 -12.69 2.18 49.63
CA SER B 654 -13.12 1.55 48.39
C SER B 654 -12.41 0.22 48.17
N HIS B 655 -11.11 0.17 48.46
CA HIS B 655 -10.37 -1.08 48.33
C HIS B 655 -10.88 -2.13 49.31
N PHE B 656 -11.17 -1.72 50.55
CA PHE B 656 -11.73 -2.64 51.54
C PHE B 656 -13.07 -3.19 51.08
N TRP B 657 -13.93 -2.33 50.53
CA TRP B 657 -15.23 -2.76 50.05
C TRP B 657 -15.10 -3.71 48.87
N LYS B 658 -14.20 -3.42 47.93
CA LYS B 658 -13.99 -4.33 46.81
C LYS B 658 -13.48 -5.67 47.28
N ALA B 659 -12.55 -5.67 48.24
CA ALA B 659 -12.00 -6.93 48.75
C ALA B 659 -13.07 -7.75 49.47
N VAL B 660 -13.92 -7.11 50.26
CA VAL B 660 -14.93 -7.87 50.99
C VAL B 660 -16.06 -8.29 50.05
N LEU B 661 -16.29 -7.55 48.96
CA LEU B 661 -17.30 -7.94 47.99
C LEU B 661 -16.83 -9.09 47.11
N ASN B 662 -15.52 -9.17 46.85
CA ASN B 662 -15.01 -10.22 45.97
C ASN B 662 -15.25 -11.60 46.56
N ASP B 663 -15.01 -11.76 47.86
CA ASP B 663 -15.22 -13.04 48.54
C ASP B 663 -16.62 -13.02 49.17
N SER B 664 -17.60 -13.51 48.42
CA SER B 664 -19.00 -13.47 48.83
C SER B 664 -19.80 -14.35 47.89
N PRO B 665 -20.97 -14.85 48.32
CA PRO B 665 -21.89 -15.47 47.37
C PRO B 665 -22.25 -14.49 46.27
N GLU B 666 -22.21 -14.95 45.02
CA GLU B 666 -22.16 -14.01 43.92
C GLU B 666 -23.53 -13.54 43.44
N ALA B 667 -24.62 -13.98 44.08
CA ALA B 667 -25.89 -13.30 43.88
C ALA B 667 -25.82 -11.87 44.41
N VAL B 668 -25.30 -11.72 45.63
CA VAL B 668 -25.09 -10.39 46.21
C VAL B 668 -24.13 -9.59 45.36
N LYS B 669 -23.06 -10.24 44.89
CA LYS B 669 -22.09 -9.57 44.03
C LYS B 669 -22.75 -9.08 42.74
N ALA B 670 -23.60 -9.92 42.14
CA ALA B 670 -24.25 -9.53 40.89
C ALA B 670 -25.21 -8.36 41.09
N VAL B 671 -26.05 -8.43 42.13
CA VAL B 671 -27.02 -7.36 42.33
C VAL B 671 -26.33 -6.06 42.72
N MET B 672 -25.27 -6.14 43.54
CA MET B 672 -24.54 -4.94 43.92
C MET B 672 -23.78 -4.36 42.74
N ASN B 673 -23.24 -5.21 41.87
CA ASN B 673 -22.57 -4.73 40.67
C ASN B 673 -23.56 -4.02 39.75
N LEU B 674 -24.76 -4.59 39.57
CA LEU B 674 -25.76 -3.93 38.75
C LEU B 674 -26.18 -2.59 39.35
N SER B 675 -26.39 -2.55 40.67
CA SER B 675 -26.81 -1.31 41.33
C SER B 675 -25.72 -0.24 41.22
N HIS B 676 -24.46 -0.62 41.44
CA HIS B 676 -23.38 0.34 41.37
C HIS B 676 -23.04 0.75 39.94
N SER B 677 -23.39 -0.08 38.96
CA SER B 677 -23.28 0.34 37.57
C SER B 677 -24.38 1.32 37.21
N HIS B 678 -25.58 1.14 37.76
CA HIS B 678 -26.67 2.07 37.47
C HIS B 678 -26.46 3.40 38.18
N ASN B 679 -26.08 3.37 39.45
CA ASN B 679 -25.86 4.59 40.22
C ASN B 679 -24.52 4.50 40.95
N PHE B 680 -23.84 5.63 41.08
CA PHE B 680 -22.48 5.67 41.56
C PHE B 680 -22.41 5.77 43.08
N ILE B 681 -21.23 5.48 43.62
CA ILE B 681 -20.95 5.58 45.05
C ILE B 681 -19.67 6.36 45.25
N ASN B 682 -19.49 6.88 46.46
CA ASN B 682 -18.36 7.72 46.79
C ASN B 682 -17.91 7.42 48.22
N ILE B 683 -16.84 8.11 48.65
CA ILE B 683 -16.21 7.80 49.92
C ILE B 683 -17.09 8.22 51.09
N ARG B 684 -17.71 9.40 51.01
CA ARG B 684 -18.47 9.92 52.14
C ARG B 684 -19.68 9.04 52.44
N ASP B 685 -20.36 8.57 51.38
CA ASP B 685 -21.49 7.66 51.58
C ASP B 685 -21.04 6.35 52.23
N MET B 686 -19.88 5.85 51.82
CA MET B 686 -19.39 4.60 52.40
C MET B 686 -19.02 4.77 53.87
N MET B 687 -18.39 5.89 54.22
CA MET B 687 -18.13 6.16 55.63
C MET B 687 -19.43 6.27 56.41
N ARG B 688 -20.42 6.98 55.85
CA ARG B 688 -21.72 7.09 56.51
C ARG B 688 -22.34 5.72 56.75
N TRP B 689 -22.20 4.81 55.77
CA TRP B 689 -22.67 3.45 55.97
C TRP B 689 -21.88 2.74 57.05
N VAL B 690 -20.57 3.00 57.13
CA VAL B 690 -19.71 2.32 58.10
C VAL B 690 -20.10 2.70 59.52
N MET B 691 -20.29 4.00 59.78
CA MET B 691 -20.62 4.38 61.16
C MET B 691 -22.05 4.07 61.56
N LEU B 692 -22.89 3.59 60.64
CA LEU B 692 -24.25 3.22 61.02
C LEU B 692 -24.21 2.00 61.96
N PRO B 693 -25.03 1.99 63.00
CA PRO B 693 -24.98 0.93 64.01
C PRO B 693 -25.94 -0.22 63.80
N SER B 694 -26.73 -0.23 62.73
CA SER B 694 -27.71 -1.29 62.54
C SER B 694 -27.01 -2.60 62.17
N LEU B 695 -27.39 -3.67 62.86
CA LEU B 695 -26.80 -4.99 62.64
C LEU B 695 -27.89 -6.05 62.75
N GLN B 696 -27.69 -7.16 62.05
CA GLN B 696 -28.60 -8.30 62.11
C GLN B 696 -27.91 -9.44 62.84
N PRO B 697 -28.34 -9.79 64.06
CA PRO B 697 -27.69 -10.89 64.77
C PRO B 697 -27.91 -12.23 64.07
N SER B 698 -26.86 -13.06 64.08
CA SER B 698 -26.90 -14.36 63.44
C SER B 698 -25.76 -15.22 63.98
N LEU B 699 -25.87 -16.53 63.76
CA LEU B 699 -24.80 -17.45 64.13
C LEU B 699 -23.53 -17.16 63.33
N LYS B 700 -23.68 -16.88 62.03
CA LYS B 700 -22.53 -16.61 61.19
C LYS B 700 -21.81 -15.35 61.61
N LEU B 701 -22.54 -14.35 62.13
CA LEU B 701 -21.91 -13.15 62.66
C LEU B 701 -21.01 -13.47 63.85
N ALA B 702 -21.51 -14.28 64.79
CA ALA B 702 -20.71 -14.67 65.95
C ALA B 702 -19.51 -15.49 65.54
N LEU B 703 -19.69 -16.41 64.60
CA LEU B 703 -18.57 -17.20 64.10
C LEU B 703 -17.52 -16.32 63.46
N GLU B 704 -17.94 -15.33 62.67
CA GLU B 704 -16.99 -14.45 62.01
C GLU B 704 -16.22 -13.61 63.02
N GLU B 705 -16.91 -13.05 64.02
CA GLU B 705 -16.19 -12.21 64.99
C GLU B 705 -15.24 -13.06 65.85
N GLU B 706 -15.66 -14.28 66.22
CA GLU B 706 -14.76 -15.15 66.97
C GLU B 706 -13.56 -15.57 66.13
N ALA B 707 -13.77 -15.82 64.83
CA ALA B 707 -12.66 -16.14 63.95
C ALA B 707 -11.71 -14.96 63.80
N TRP B 708 -12.25 -13.74 63.74
CA TRP B 708 -11.41 -12.55 63.69
C TRP B 708 -10.58 -12.41 64.95
N ALA B 709 -11.20 -12.68 66.12
CA ALA B 709 -10.46 -12.64 67.37
C ALA B 709 -9.36 -13.70 67.40
N ALA B 710 -9.65 -14.90 66.89
CA ALA B 710 -8.65 -15.96 66.86
C ALA B 710 -7.52 -15.65 65.89
N ALA B 711 -7.81 -14.98 64.79
CA ALA B 711 -6.82 -14.63 63.79
C ALA B 711 -6.27 -13.23 63.95
N ASN B 712 -6.52 -12.58 65.11
CA ASN B 712 -5.95 -11.27 65.37
C ASN B 712 -4.43 -11.29 65.35
N ASP B 713 -3.83 -12.45 65.63
CA ASP B 713 -2.38 -12.62 65.51
C ASP B 713 -2.06 -13.04 64.08
N PHE B 714 -1.22 -12.26 63.40
CA PHE B 714 -0.87 -12.58 62.02
C PHE B 714 0.08 -13.78 61.96
N GLU B 715 0.73 -14.11 63.07
CA GLU B 715 1.70 -15.19 63.08
C GLU B 715 1.01 -16.53 62.82
N ASP B 716 -0.17 -16.74 63.41
CA ASP B 716 -0.95 -17.95 63.16
C ASP B 716 -1.58 -17.95 61.77
N LEU B 717 -1.59 -16.82 61.08
CA LEU B 717 -2.18 -16.70 59.75
C LEU B 717 -1.17 -16.98 58.65
N MET B 718 0.04 -17.40 59.01
CA MET B 718 1.15 -17.64 58.08
C MET B 718 1.48 -16.38 57.27
N LEU B 719 1.68 -15.28 57.99
CA LEU B 719 2.19 -14.04 57.43
C LEU B 719 3.34 -13.56 58.31
N THR B 720 4.49 -13.31 57.69
CA THR B 720 5.68 -12.97 58.45
C THR B 720 6.58 -12.07 57.61
N ASP B 721 7.51 -11.40 58.30
CA ASP B 721 8.46 -10.51 57.65
C ASP B 721 9.91 -10.86 57.95
N GLN B 722 10.17 -11.90 58.74
CA GLN B 722 11.53 -12.30 59.09
C GLN B 722 12.11 -13.19 57.98
N VAL B 723 12.45 -12.54 56.87
CA VAL B 723 13.02 -13.22 55.71
C VAL B 723 14.41 -12.65 55.44
N TYR B 724 15.37 -13.56 55.26
CA TYR B 724 16.77 -13.20 55.10
C TYR B 724 17.34 -13.91 53.87
N MET B 725 18.41 -13.33 53.33
CA MET B 725 19.18 -13.94 52.25
C MET B 725 20.59 -14.19 52.76
N HIS B 726 21.01 -15.46 52.73
CA HIS B 726 22.33 -15.84 53.19
C HIS B 726 22.85 -16.98 52.32
N ARG B 727 24.15 -16.97 52.06
CA ARG B 727 24.79 -17.96 51.19
C ARG B 727 25.33 -19.10 52.04
N ASP B 728 24.81 -20.31 51.82
CA ASP B 728 25.24 -21.48 52.55
C ASP B 728 25.47 -22.64 51.58
N MET B 729 26.15 -23.67 52.07
CA MET B 729 26.43 -24.86 51.29
C MET B 729 25.40 -25.94 51.63
N LEU B 730 24.75 -26.47 50.60
CA LEU B 730 23.79 -27.55 50.81
C LEU B 730 24.54 -28.82 51.14
N PRO B 731 24.31 -29.43 52.31
CA PRO B 731 25.04 -30.65 52.67
C PRO B 731 24.54 -31.86 51.90
N GLU B 732 25.37 -32.38 51.00
CA GLU B 732 24.98 -33.58 50.27
C GLU B 732 25.24 -34.83 51.11
N PRO B 733 24.41 -35.87 50.97
CA PRO B 733 24.72 -37.14 51.63
C PRO B 733 25.98 -37.76 51.03
N ARG B 734 26.83 -38.28 51.91
CA ARG B 734 28.14 -38.78 51.44
C ARG B 734 27.99 -40.06 50.63
N LEU B 735 27.09 -40.95 51.04
CA LEU B 735 26.64 -42.13 50.28
C LEU B 735 27.74 -43.17 50.09
N ASP B 736 28.98 -42.89 50.54
CA ASP B 736 30.09 -43.82 50.28
C ASP B 736 29.90 -45.14 50.99
N ASP B 737 29.42 -45.12 52.23
CA ASP B 737 29.21 -46.32 53.02
C ASP B 737 27.72 -46.61 53.08
N ILE B 738 27.33 -47.81 52.64
CA ILE B 738 25.91 -48.19 52.63
C ILE B 738 25.40 -48.33 54.06
N GLU B 739 26.15 -49.03 54.91
CA GLU B 739 25.69 -49.27 56.27
C GLU B 739 25.66 -47.99 57.10
N ARG B 740 26.62 -47.09 56.90
CA ARG B 740 26.65 -45.85 57.67
C ARG B 740 25.51 -44.93 57.24
N PHE B 741 25.26 -44.83 55.93
CA PHE B 741 24.13 -44.03 55.46
C PHE B 741 22.80 -44.65 55.89
N ARG B 742 22.76 -45.98 55.98
CA ARG B 742 21.58 -46.66 56.49
C ARG B 742 21.32 -46.32 57.94
N GLN B 743 22.36 -46.35 58.77
CA GLN B 743 22.19 -46.14 60.20
C GLN B 743 22.12 -44.67 60.59
N GLU B 744 22.50 -43.75 59.71
CA GLU B 744 22.52 -42.33 60.04
C GLU B 744 21.31 -41.59 59.47
N GLY B 745 21.08 -41.69 58.16
CA GLY B 745 19.98 -41.01 57.54
C GLY B 745 20.31 -39.56 57.22
N PHE B 746 19.30 -38.86 56.70
CA PHE B 746 19.44 -37.47 56.29
C PHE B 746 18.25 -36.65 56.77
N TYR B 747 18.52 -35.40 57.16
CA TYR B 747 17.48 -34.48 57.57
C TYR B 747 18.02 -33.06 57.45
N TYR B 748 17.41 -32.25 56.60
CA TYR B 748 17.85 -30.87 56.40
C TYR B 748 16.63 -29.97 56.22
N THR B 749 16.79 -28.72 56.62
CA THR B 749 15.75 -27.71 56.43
C THR B 749 16.40 -26.34 56.38
N ASN B 750 15.64 -25.38 55.85
CA ASN B 750 16.09 -24.00 55.76
C ASN B 750 15.47 -23.12 56.85
N MET B 751 14.81 -23.72 57.83
CA MET B 751 14.15 -22.97 58.89
C MET B 751 15.13 -22.63 60.00
N LEU B 752 15.06 -21.40 60.49
CA LEU B 752 15.96 -20.95 61.54
C LEU B 752 15.47 -21.37 62.91
N GLU B 753 16.39 -21.89 63.74
CA GLU B 753 16.07 -22.18 65.12
C GLU B 753 16.06 -20.93 65.99
N ALA B 754 16.68 -19.85 65.54
CA ALA B 754 16.75 -18.61 66.28
C ALA B 754 17.05 -17.48 65.31
N PRO B 755 16.57 -16.26 65.59
CA PRO B 755 16.89 -15.15 64.69
C PRO B 755 18.37 -14.81 64.76
N PRO B 756 18.93 -14.22 63.70
CA PRO B 756 20.35 -13.86 63.72
C PRO B 756 20.66 -12.73 64.69
N GLU B 757 21.93 -12.36 64.79
CA GLU B 757 22.34 -11.32 65.74
C GLU B 757 21.80 -9.96 65.30
N ILE B 758 21.72 -9.04 66.27
CA ILE B 758 21.19 -7.71 66.00
C ILE B 758 22.09 -6.97 65.00
N ASP B 759 23.41 -7.05 65.21
CA ASP B 759 24.35 -6.51 64.25
C ASP B 759 24.67 -7.58 63.21
N ARG B 760 25.66 -7.30 62.35
CA ARG B 760 26.08 -8.23 61.29
C ARG B 760 24.93 -8.56 60.34
N VAL B 761 24.01 -7.62 60.16
CA VAL B 761 22.85 -7.81 59.29
C VAL B 761 22.33 -6.43 58.91
N VAL B 762 21.87 -6.30 57.67
CA VAL B 762 21.29 -5.07 57.18
C VAL B 762 19.82 -5.30 56.86
N GLN B 763 19.09 -4.20 56.71
CA GLN B 763 17.67 -4.23 56.41
C GLN B 763 17.39 -3.45 55.13
N TYR B 764 16.62 -4.04 54.22
CA TYR B 764 16.15 -3.35 53.04
C TYR B 764 14.65 -3.09 53.12
N THR B 765 14.26 -1.89 52.71
CA THR B 765 12.86 -1.52 52.52
C THR B 765 12.53 -1.55 51.03
N TYR B 766 11.27 -1.25 50.72
CA TYR B 766 10.85 -1.28 49.32
C TYR B 766 11.50 -0.17 48.50
N GLU B 767 11.61 1.03 49.07
CA GLU B 767 12.07 2.17 48.29
C GLU B 767 13.57 2.09 48.01
N ILE B 768 14.36 1.57 48.95
CA ILE B 768 15.78 1.40 48.71
C ILE B 768 16.02 0.41 47.56
N ALA B 769 15.34 -0.74 47.61
CA ALA B 769 15.49 -1.74 46.56
C ALA B 769 15.00 -1.20 45.23
N ARG B 770 13.88 -0.48 45.23
CA ARG B 770 13.37 0.10 43.99
C ARG B 770 14.35 1.10 43.40
N LEU B 771 14.93 1.97 44.24
CA LEU B 771 15.86 2.98 43.77
C LEU B 771 17.12 2.34 43.20
N GLN B 772 17.66 1.33 43.89
CA GLN B 772 18.87 0.67 43.41
C GLN B 772 18.60 -0.12 42.15
N ALA B 773 17.39 -0.69 42.00
CA ALA B 773 17.04 -1.36 40.76
C ALA B 773 16.89 -0.35 39.62
N ASN B 774 16.34 0.83 39.92
CA ASN B 774 16.20 1.86 38.90
C ASN B 774 17.57 2.33 38.41
N MET B 775 18.51 2.53 39.34
CA MET B 775 19.85 2.98 38.96
C MET B 775 20.59 1.90 38.18
N GLY B 776 20.48 0.66 38.61
CA GLY B 776 21.26 -0.42 38.05
C GLY B 776 22.40 -0.91 38.91
N GLN B 777 22.22 -0.97 40.23
CA GLN B 777 23.26 -1.43 41.14
C GLN B 777 22.70 -2.36 42.22
N PHE B 778 21.63 -3.10 41.93
CA PHE B 778 20.98 -3.91 42.95
C PHE B 778 21.74 -5.21 43.21
N ARG B 779 21.84 -6.06 42.19
CA ARG B 779 22.51 -7.35 42.35
C ARG B 779 23.99 -7.16 42.67
N ALA B 780 24.59 -6.10 42.12
CA ALA B 780 25.99 -5.80 42.46
C ALA B 780 26.14 -5.49 43.94
N ALA B 781 25.23 -4.69 44.50
CA ALA B 781 25.27 -4.39 45.93
C ALA B 781 25.04 -5.64 46.75
N LEU B 782 24.10 -6.50 46.32
CA LEU B 782 23.85 -7.74 47.06
C LEU B 782 25.07 -8.64 47.06
N ARG B 783 25.74 -8.78 45.91
CA ARG B 783 26.96 -9.57 45.84
C ARG B 783 28.06 -8.96 46.72
N ARG B 784 28.19 -7.63 46.69
CA ARG B 784 29.21 -6.96 47.48
C ARG B 784 29.00 -7.21 48.97
N ILE B 785 27.75 -7.14 49.43
CA ILE B 785 27.51 -7.25 50.86
C ILE B 785 27.45 -8.72 51.28
N MET B 786 27.19 -9.64 50.35
CA MET B 786 27.26 -11.06 50.66
C MET B 786 28.69 -11.57 50.67
N ASP B 787 29.61 -10.92 49.93
CA ASP B 787 31.01 -11.34 49.94
C ASP B 787 31.63 -11.18 51.31
N ASP B 788 31.13 -10.21 52.10
CA ASP B 788 31.62 -9.99 53.46
C ASP B 788 31.03 -10.97 54.47
N ASP B 789 30.22 -11.94 54.02
CA ASP B 789 29.61 -12.95 54.87
C ASP B 789 28.72 -12.30 55.94
N ASP B 790 27.74 -11.55 55.47
CA ASP B 790 26.74 -10.91 56.30
C ASP B 790 25.35 -11.35 55.84
N TRP B 791 24.33 -10.82 56.51
CA TRP B 791 22.94 -11.15 56.21
C TRP B 791 22.18 -9.90 55.79
N VAL B 792 21.22 -10.09 54.89
CA VAL B 792 20.33 -9.02 54.46
C VAL B 792 18.90 -9.47 54.69
N ARG B 793 18.10 -8.59 55.31
CA ARG B 793 16.75 -8.89 55.74
C ARG B 793 15.76 -8.03 54.98
N PHE B 794 14.73 -8.67 54.41
CA PHE B 794 13.66 -7.96 53.75
C PHE B 794 12.51 -7.74 54.73
N GLY B 795 11.96 -6.53 54.71
CA GLY B 795 10.92 -6.21 55.66
C GLY B 795 10.09 -5.02 55.21
N GLY B 796 9.13 -4.65 56.05
CA GLY B 796 8.22 -3.57 55.77
C GLY B 796 6.87 -3.99 55.25
N VAL B 797 6.75 -5.22 54.76
CA VAL B 797 5.50 -5.75 54.24
C VAL B 797 5.31 -7.16 54.79
N LEU B 798 4.23 -7.81 54.35
CA LEU B 798 3.92 -9.18 54.77
C LEU B 798 4.02 -10.12 53.57
N ARG B 799 4.59 -11.28 53.81
CA ARG B 799 4.84 -12.28 52.78
C ARG B 799 3.98 -13.51 53.04
N THR B 800 3.61 -14.22 51.97
CA THR B 800 2.92 -15.49 52.07
C THR B 800 3.94 -16.62 51.92
N VAL B 801 3.98 -17.51 52.91
CA VAL B 801 4.97 -18.57 52.99
C VAL B 801 4.27 -19.91 52.74
N ARG B 802 4.80 -20.67 51.78
CA ARG B 802 4.29 -22.00 51.48
C ARG B 802 5.23 -23.05 52.05
N VAL B 803 4.66 -24.10 52.64
CA VAL B 803 5.43 -25.17 53.27
C VAL B 803 5.16 -26.48 52.53
N LYS B 804 6.22 -27.24 52.27
CA LYS B 804 6.13 -28.47 51.52
C LYS B 804 7.04 -29.52 52.14
N PHE B 805 6.83 -30.76 51.74
CA PHE B 805 7.65 -31.89 52.18
C PHE B 805 8.17 -32.64 50.96
N TYR B 806 9.32 -33.28 51.13
CA TYR B 806 9.99 -33.96 50.02
C TYR B 806 10.60 -35.26 50.50
N ASP B 807 10.80 -36.18 49.57
CA ASP B 807 11.47 -37.45 49.82
C ASP B 807 12.66 -37.70 48.91
N ALA B 808 12.68 -37.11 47.71
CA ALA B 808 13.80 -37.17 46.79
C ALA B 808 14.41 -35.78 46.68
N ARG B 809 15.35 -35.63 45.75
CA ARG B 809 15.94 -34.31 45.52
C ARG B 809 14.88 -33.34 45.00
N PRO B 810 14.78 -32.14 45.56
CA PRO B 810 13.77 -31.20 45.12
C PRO B 810 14.16 -30.57 43.79
N PRO B 811 13.21 -29.97 43.06
CA PRO B 811 13.54 -29.29 41.81
C PRO B 811 14.45 -28.10 42.03
N ASP B 812 15.02 -27.60 40.93
CA ASP B 812 16.00 -26.52 41.02
C ASP B 812 15.35 -25.21 41.48
N ASP B 813 14.07 -25.01 41.17
CA ASP B 813 13.42 -23.74 41.48
C ASP B 813 13.26 -23.53 42.98
N VAL B 814 12.84 -24.57 43.71
CA VAL B 814 12.58 -24.40 45.14
C VAL B 814 13.89 -24.23 45.91
N LEU B 815 14.95 -24.94 45.52
CA LEU B 815 16.21 -24.86 46.24
C LEU B 815 17.10 -23.72 45.77
N GLN B 816 16.74 -23.04 44.69
CA GLN B 816 17.46 -21.85 44.23
C GLN B 816 16.54 -20.65 44.11
N GLY B 817 15.44 -20.61 44.86
CA GLY B 817 14.50 -19.52 44.74
C GLY B 817 15.04 -18.23 45.31
N LEU B 818 14.51 -17.12 44.80
CA LEU B 818 14.87 -15.78 45.26
C LEU B 818 13.64 -15.04 45.79
N PRO B 819 13.79 -14.24 46.85
CA PRO B 819 12.64 -13.52 47.39
C PRO B 819 12.04 -12.48 46.45
N PHE B 820 12.78 -12.04 45.44
CA PHE B 820 12.32 -10.98 44.55
C PHE B 820 12.39 -11.45 43.10
N SER B 821 11.65 -10.74 42.25
CA SER B 821 11.70 -10.95 40.80
C SER B 821 12.31 -9.72 40.14
N TYR B 822 13.24 -9.95 39.22
CA TYR B 822 13.99 -8.87 38.59
C TYR B 822 13.88 -9.01 37.08
N ASP B 823 13.38 -7.98 36.41
CA ASP B 823 13.13 -8.06 34.98
C ASP B 823 13.59 -6.77 34.34
N THR B 824 14.46 -6.87 33.33
CA THR B 824 15.01 -5.69 32.68
C THR B 824 14.01 -5.08 31.71
N ASN B 825 13.92 -3.75 31.71
CA ASN B 825 12.98 -3.03 30.88
C ASN B 825 13.65 -2.63 29.55
N GLU B 826 12.94 -1.85 28.76
CA GLU B 826 13.47 -1.38 27.49
C GLU B 826 14.53 -0.32 27.71
N ARG B 827 15.46 -0.22 26.76
CA ARG B 827 16.65 0.60 26.94
C ARG B 827 16.31 2.09 26.92
N GLY B 828 16.89 2.84 27.86
CA GLY B 828 16.66 4.27 27.93
C GLY B 828 15.34 4.70 28.53
N GLY B 829 14.67 3.82 29.26
CA GLY B 829 13.38 4.14 29.84
C GLY B 829 13.52 4.92 31.13
N LEU B 830 12.41 4.97 31.88
CA LEU B 830 12.43 5.62 33.19
C LEU B 830 13.38 4.90 34.15
N ALA B 831 13.59 3.61 33.94
CA ALA B 831 14.44 2.81 34.80
C ALA B 831 15.10 1.72 33.97
N TYR B 832 16.20 1.19 34.50
CA TYR B 832 16.89 0.11 33.80
C TYR B 832 16.12 -1.20 33.92
N ALA B 833 15.63 -1.52 35.12
CA ALA B 833 14.89 -2.74 35.34
C ALA B 833 13.82 -2.50 36.40
N THR B 834 12.81 -3.37 36.40
CA THR B 834 11.76 -3.36 37.38
C THR B 834 11.89 -4.57 38.31
N ILE B 835 11.39 -4.41 39.52
CA ILE B 835 11.49 -5.44 40.56
C ILE B 835 10.12 -5.68 41.16
N LYS B 836 9.76 -6.95 41.30
CA LYS B 836 8.65 -7.38 42.14
C LYS B 836 9.24 -7.76 43.49
N TYR B 837 8.90 -6.98 44.52
CA TYR B 837 9.54 -7.15 45.83
C TYR B 837 9.16 -8.49 46.46
N ALA B 838 7.93 -8.94 46.25
CA ALA B 838 7.45 -10.19 46.82
C ALA B 838 7.03 -11.14 45.72
N THR B 839 7.57 -12.35 45.74
CA THR B 839 7.20 -13.39 44.79
C THR B 839 6.98 -14.71 45.55
N GLU B 840 6.83 -15.82 44.82
CA GLU B 840 6.60 -17.10 45.47
C GLU B 840 7.84 -17.53 46.25
N THR B 841 7.65 -17.75 47.55
CA THR B 841 8.71 -18.24 48.43
C THR B 841 8.21 -19.49 49.15
N THR B 842 9.11 -20.44 49.36
CA THR B 842 8.75 -21.73 49.93
C THR B 842 9.75 -22.12 51.02
N ILE B 843 9.26 -22.92 51.96
CA ILE B 843 10.08 -23.55 52.99
C ILE B 843 9.88 -25.06 52.89
N PHE B 844 10.98 -25.80 52.87
CA PHE B 844 10.94 -27.23 52.62
C PHE B 844 11.53 -28.01 53.78
N TYR B 845 11.10 -29.26 53.90
CA TYR B 845 11.57 -30.18 54.94
C TYR B 845 11.97 -31.48 54.27
N LEU B 846 13.27 -31.76 54.23
CA LEU B 846 13.82 -32.83 53.42
C LEU B 846 14.13 -34.04 54.29
N ILE B 847 13.48 -35.17 54.00
CA ILE B 847 13.81 -36.44 54.62
C ILE B 847 13.89 -37.48 53.51
N TYR B 848 15.10 -37.88 53.14
CA TYR B 848 15.28 -38.84 52.05
C TYR B 848 14.88 -40.23 52.50
N ASN B 849 14.14 -40.93 51.64
CA ASN B 849 13.85 -42.34 51.87
C ASN B 849 15.13 -43.15 51.75
N VAL B 850 15.34 -44.07 52.70
CA VAL B 850 16.58 -44.83 52.73
C VAL B 850 16.64 -45.83 51.57
N GLU B 851 15.48 -46.36 51.16
CA GLU B 851 15.45 -47.32 50.05
C GLU B 851 15.93 -46.67 48.75
N PHE B 852 15.70 -45.36 48.58
CA PHE B 852 16.12 -44.67 47.38
C PHE B 852 17.64 -44.66 47.20
N SER B 853 18.39 -44.99 48.27
CA SER B 853 19.83 -45.13 48.14
C SER B 853 20.22 -46.29 47.21
N ASN B 854 19.28 -47.19 46.90
CA ASN B 854 19.57 -48.24 45.93
C ASN B 854 19.81 -47.66 44.54
N THR B 855 19.13 -46.56 44.20
CA THR B 855 19.34 -45.83 42.96
C THR B 855 19.78 -44.41 43.31
N PRO B 856 21.09 -44.14 43.33
CA PRO B 856 21.57 -42.83 43.80
C PRO B 856 21.18 -41.66 42.90
N ASP B 857 20.77 -41.93 41.65
CA ASP B 857 20.41 -40.87 40.72
C ASP B 857 19.27 -40.01 41.22
N SER B 858 18.46 -40.52 42.15
CA SER B 858 17.35 -39.76 42.69
C SER B 858 17.76 -38.76 43.77
N LEU B 859 18.99 -38.82 44.27
CA LEU B 859 19.35 -37.92 45.36
C LEU B 859 20.77 -37.37 45.25
N VAL B 860 21.36 -37.34 44.06
CA VAL B 860 22.72 -36.84 43.86
C VAL B 860 22.68 -35.70 42.85
N LEU B 861 23.27 -34.57 43.22
CA LEU B 861 23.40 -33.44 42.31
C LEU B 861 24.71 -33.55 41.52
N ILE B 862 24.71 -32.95 40.32
CA ILE B 862 25.87 -33.04 39.46
C ILE B 862 27.04 -32.22 40.01
N ASN B 863 26.76 -31.03 40.53
CA ASN B 863 27.79 -30.15 41.06
C ASN B 863 27.28 -29.52 42.35
N PRO B 864 28.19 -29.10 43.24
CA PRO B 864 27.77 -28.42 44.46
C PRO B 864 27.02 -27.12 44.15
N THR B 865 26.03 -26.82 45.00
CA THR B 865 25.16 -25.67 44.81
C THR B 865 24.99 -24.93 46.12
N TYR B 866 24.21 -23.85 46.08
CA TYR B 866 23.94 -23.02 47.25
C TYR B 866 22.44 -22.84 47.42
N THR B 867 22.03 -22.63 48.67
CA THR B 867 20.66 -22.26 49.00
C THR B 867 20.65 -20.84 49.55
N MET B 868 19.71 -20.02 49.07
CA MET B 868 19.75 -18.59 49.30
C MET B 868 18.79 -18.14 50.40
N THR B 869 17.49 -18.40 50.24
CA THR B 869 16.49 -17.82 51.11
C THR B 869 16.49 -18.48 52.49
N LYS B 870 16.01 -17.74 53.49
CA LYS B 870 15.84 -18.26 54.83
C LYS B 870 14.68 -17.55 55.51
N VAL B 871 13.87 -18.30 56.24
CA VAL B 871 12.67 -17.79 56.89
C VAL B 871 12.67 -18.25 58.34
N PHE B 872 12.41 -17.32 59.26
CA PHE B 872 12.31 -17.62 60.68
C PHE B 872 10.86 -17.52 61.11
N ILE B 873 10.39 -18.50 61.88
CA ILE B 873 9.04 -18.51 62.44
C ILE B 873 9.17 -18.84 63.92
N ASN B 874 8.16 -18.42 64.69
CA ASN B 874 8.13 -18.66 66.13
C ASN B 874 7.07 -19.69 66.52
N LYS B 875 6.61 -20.50 65.57
CA LYS B 875 5.60 -21.51 65.82
C LYS B 875 6.18 -22.90 65.54
N ARG B 876 5.71 -23.87 66.31
CA ARG B 876 6.22 -25.25 66.23
C ARG B 876 5.44 -26.01 65.16
N ILE B 877 5.69 -25.66 63.90
CA ILE B 877 5.03 -26.33 62.79
C ILE B 877 5.55 -27.76 62.64
N VAL B 878 6.86 -27.94 62.77
CA VAL B 878 7.50 -29.25 62.67
C VAL B 878 8.46 -29.36 63.85
N GLU B 879 8.26 -30.37 64.71
CA GLU B 879 9.12 -30.43 65.88
C GLU B 879 9.34 -31.89 66.28
N ARG B 880 10.52 -32.16 66.81
CA ARG B 880 11.00 -33.51 67.04
C ARG B 880 10.80 -33.92 68.50
N VAL B 881 10.14 -35.06 68.71
CA VAL B 881 9.90 -35.59 70.04
C VAL B 881 10.28 -37.06 70.10
N ARG B 882 10.57 -37.52 71.32
CA ARG B 882 10.68 -38.93 71.58
C ARG B 882 9.30 -39.57 71.59
N VAL B 883 9.26 -40.90 71.57
CA VAL B 883 7.99 -41.61 71.49
C VAL B 883 7.16 -41.40 72.76
N GLY B 884 7.81 -41.35 73.92
CA GLY B 884 7.07 -41.22 75.16
C GLY B 884 6.31 -39.91 75.29
N GLN B 885 6.66 -38.93 74.47
CA GLN B 885 5.97 -37.65 74.48
C GLN B 885 4.82 -37.58 73.46
N ILE B 886 4.72 -38.54 72.54
CA ILE B 886 3.72 -38.41 71.48
C ILE B 886 2.30 -38.59 71.96
N LEU B 887 2.10 -39.05 73.20
CA LEU B 887 0.78 -39.10 73.79
C LEU B 887 0.39 -37.81 74.50
N ALA B 888 1.31 -36.83 74.59
CA ALA B 888 1.01 -35.57 75.27
C ALA B 888 0.08 -34.68 74.47
N VAL B 889 -0.19 -35.01 73.20
CA VAL B 889 -1.03 -34.14 72.37
C VAL B 889 -2.48 -34.20 72.80
N LEU B 890 -2.90 -35.29 73.45
CA LEU B 890 -4.30 -35.49 73.81
C LEU B 890 -4.70 -34.56 74.95
N ASN B 891 -5.21 -33.37 74.62
CA ASN B 891 -5.56 -32.40 75.65
C ASN B 891 -6.84 -31.61 75.38
N ARG B 892 -7.67 -32.03 74.42
CA ARG B 892 -8.90 -31.32 74.10
C ARG B 892 -10.11 -32.18 74.44
N ARG B 893 -11.15 -31.55 74.98
CA ARG B 893 -12.37 -32.24 75.38
C ARG B 893 -13.40 -32.13 74.26
N PHE B 894 -13.87 -33.27 73.76
CA PHE B 894 -14.86 -33.33 72.71
C PHE B 894 -16.14 -33.96 73.22
N VAL B 895 -17.26 -33.42 72.75
CA VAL B 895 -18.59 -33.92 73.08
C VAL B 895 -19.32 -34.28 71.80
N ALA B 896 -20.01 -35.41 71.80
CA ALA B 896 -20.71 -35.91 70.64
C ALA B 896 -22.10 -36.40 71.06
N TYR B 897 -23.01 -36.41 70.10
CA TYR B 897 -24.38 -36.83 70.35
C TYR B 897 -24.51 -38.34 70.12
N LYS B 898 -25.74 -38.83 70.15
CA LYS B 898 -26.02 -40.26 70.03
C LYS B 898 -26.53 -40.58 68.63
N GLY B 899 -26.58 -41.89 68.34
CA GLY B 899 -27.07 -42.33 67.03
C GLY B 899 -28.55 -42.04 66.83
N LYS B 900 -29.36 -42.25 67.88
CA LYS B 900 -30.78 -41.95 67.78
C LYS B 900 -31.06 -40.47 67.71
N MET B 901 -30.12 -39.63 68.16
CA MET B 901 -30.32 -38.19 68.12
C MET B 901 -30.23 -37.69 66.69
N ARG B 902 -31.06 -36.71 66.34
CA ARG B 902 -31.06 -36.11 65.01
C ARG B 902 -31.09 -34.60 65.17
N ILE B 903 -30.07 -33.92 64.62
CA ILE B 903 -30.04 -32.47 64.60
C ILE B 903 -30.61 -31.99 63.27
N MET B 904 -31.45 -30.96 63.33
CA MET B 904 -32.18 -30.55 62.14
C MET B 904 -32.65 -29.11 62.32
N ASP B 905 -32.62 -28.35 61.23
CA ASP B 905 -33.03 -26.95 61.21
C ASP B 905 -34.44 -26.82 60.67
N ILE B 906 -35.33 -26.23 61.48
CA ILE B 906 -36.74 -26.19 61.10
C ILE B 906 -36.98 -25.18 59.97
N THR B 907 -36.13 -24.16 59.83
CA THR B 907 -36.35 -23.16 58.80
C THR B 907 -36.14 -23.75 57.41
N GLN B 908 -35.05 -24.49 57.21
CA GLN B 908 -34.86 -25.15 55.92
C GLN B 908 -35.89 -26.25 55.71
N SER B 909 -36.35 -26.89 56.79
CA SER B 909 -37.40 -27.89 56.66
C SER B 909 -38.68 -27.28 56.13
N LEU B 910 -39.05 -26.09 56.62
CA LEU B 910 -40.17 -25.37 56.03
C LEU B 910 -39.85 -24.87 54.63
N LYS B 911 -38.57 -24.62 54.34
CA LYS B 911 -38.18 -24.21 53.00
C LYS B 911 -38.43 -25.32 51.98
N MET B 912 -38.20 -26.58 52.36
CA MET B 912 -38.51 -27.69 51.45
C MET B 912 -39.99 -27.74 51.11
N GLY B 913 -40.86 -27.37 52.04
CA GLY B 913 -42.28 -27.32 51.79
C GLY B 913 -42.97 -28.66 52.03
N THR B 914 -44.28 -28.63 51.95
CA THR B 914 -45.11 -29.83 52.15
C THR B 914 -44.98 -30.78 50.97
N ALA C 4 -50.82 8.72 3.07
CA ALA C 4 -51.09 7.39 3.58
C ALA C 4 -50.85 6.33 2.52
N MET C 5 -49.89 5.44 2.77
CA MET C 5 -49.54 4.36 1.86
C MET C 5 -49.92 3.02 2.49
N LEU C 6 -50.25 2.06 1.63
CA LEU C 6 -50.68 0.74 2.07
C LEU C 6 -49.93 -0.33 1.28
N LEU C 7 -49.68 -1.45 1.94
CA LEU C 7 -49.04 -2.61 1.33
C LEU C 7 -50.03 -3.77 1.29
N ALA C 8 -50.19 -4.35 0.13
CA ALA C 8 -51.12 -5.45 -0.10
C ALA C 8 -50.47 -6.45 -1.04
N PRO C 9 -50.91 -7.71 -1.02
CA PRO C 9 -50.35 -8.70 -1.95
C PRO C 9 -50.56 -8.31 -3.40
N GLY C 10 -49.62 -8.73 -4.25
CA GLY C 10 -49.62 -8.29 -5.64
C GLY C 10 -50.82 -8.77 -6.42
N ASP C 11 -51.30 -9.98 -6.12
CA ASP C 11 -52.41 -10.54 -6.90
C ASP C 11 -53.70 -9.77 -6.70
N VAL C 12 -54.00 -9.35 -5.47
CA VAL C 12 -55.25 -8.64 -5.22
C VAL C 12 -55.18 -7.22 -5.78
N ILE C 13 -53.98 -6.67 -5.94
CA ILE C 13 -53.84 -5.35 -6.53
C ILE C 13 -53.94 -5.44 -8.05
N LYS C 14 -53.32 -6.46 -8.64
CA LYS C 14 -53.42 -6.66 -10.08
C LYS C 14 -54.85 -6.96 -10.51
N ARG C 15 -55.54 -7.81 -9.74
CA ARG C 15 -56.92 -8.17 -10.09
C ARG C 15 -57.89 -7.01 -9.91
N SER C 16 -57.64 -6.11 -8.95
CA SER C 16 -58.52 -4.98 -8.69
C SER C 16 -57.90 -3.66 -9.16
N SER C 17 -57.24 -3.67 -10.31
CA SER C 17 -56.59 -2.46 -10.80
C SER C 17 -57.60 -1.40 -11.23
N GLU C 18 -58.68 -1.82 -11.88
CA GLU C 18 -59.61 -0.85 -12.46
C GLU C 18 -60.36 -0.06 -11.40
N GLU C 19 -60.76 -0.71 -10.30
CA GLU C 19 -61.45 0.01 -9.24
C GLU C 19 -60.55 1.03 -8.57
N LEU C 20 -59.28 0.69 -8.35
CA LEU C 20 -58.34 1.63 -7.77
C LEU C 20 -58.03 2.78 -8.74
N LYS C 21 -57.98 2.47 -10.04
CA LYS C 21 -57.80 3.53 -11.03
C LYS C 21 -59.00 4.47 -11.04
N GLN C 22 -60.21 3.93 -10.84
CA GLN C 22 -61.38 4.78 -10.70
C GLN C 22 -61.32 5.61 -9.42
N ARG C 23 -60.58 5.13 -8.43
CA ARG C 23 -60.41 5.86 -7.17
C ARG C 23 -59.27 6.88 -7.24
N GLN C 24 -58.65 7.05 -8.41
CA GLN C 24 -57.54 7.97 -8.62
C GLN C 24 -56.43 7.77 -7.59
N ILE C 25 -56.12 6.50 -7.34
CA ILE C 25 -55.00 6.11 -6.50
C ILE C 25 -53.90 5.58 -7.41
N GLN C 26 -52.69 6.10 -7.24
CA GLN C 26 -51.57 5.65 -8.06
C GLN C 26 -51.24 4.20 -7.75
N ILE C 27 -50.79 3.48 -8.77
CA ILE C 27 -50.41 2.08 -8.66
C ILE C 27 -49.00 1.91 -9.20
N ASN C 28 -48.14 1.27 -8.41
CA ASN C 28 -46.77 0.94 -8.82
C ASN C 28 -46.62 -0.54 -8.51
N LEU C 29 -47.03 -1.39 -9.45
CA LEU C 29 -47.09 -2.82 -9.24
C LEU C 29 -45.87 -3.51 -9.85
N ILE C 30 -45.39 -4.53 -9.16
CA ILE C 30 -44.30 -5.39 -9.63
C ILE C 30 -44.88 -6.76 -9.93
N ASP C 31 -44.79 -7.18 -11.19
CA ASP C 31 -45.39 -8.44 -11.60
C ASP C 31 -44.44 -9.60 -11.35
N TRP C 32 -45.02 -10.81 -11.33
CA TRP C 32 -44.25 -12.02 -11.09
C TRP C 32 -44.54 -13.15 -12.07
N THR C 33 -45.56 -13.01 -12.93
CA THR C 33 -45.97 -14.04 -13.88
C THR C 33 -46.21 -15.40 -13.21
N ALA C 136 -75.10 13.43 -0.69
CA ALA C 136 -73.83 14.09 -0.40
C ALA C 136 -73.28 14.78 -1.64
N PRO C 137 -72.99 16.08 -1.53
CA PRO C 137 -72.44 16.82 -2.68
C PRO C 137 -71.04 16.36 -3.07
N ILE C 138 -70.50 16.95 -4.13
CA ILE C 138 -69.18 16.59 -4.62
C ILE C 138 -68.12 17.06 -3.62
N GLY C 139 -67.26 16.13 -3.20
CA GLY C 139 -66.16 16.48 -2.31
C GLY C 139 -64.89 16.81 -3.06
N ALA C 140 -63.92 17.35 -2.32
CA ALA C 140 -62.62 17.67 -2.92
C ALA C 140 -61.90 16.42 -3.38
N ARG C 141 -61.96 15.36 -2.58
CA ARG C 141 -61.31 14.09 -2.90
C ARG C 141 -62.20 12.94 -2.44
N GLU C 142 -62.03 11.79 -3.08
CA GLU C 142 -62.86 10.63 -2.80
C GLU C 142 -62.22 9.69 -1.77
N SER C 143 -60.91 9.47 -1.87
CA SER C 143 -60.21 8.58 -0.95
C SER C 143 -58.96 9.27 -0.43
N ALA C 144 -58.54 8.89 0.77
CA ALA C 144 -57.37 9.48 1.42
C ALA C 144 -56.08 8.75 1.13
N VAL C 145 -56.13 7.64 0.38
CA VAL C 145 -54.92 6.86 0.13
C VAL C 145 -54.14 7.49 -1.01
N MET C 146 -52.82 7.56 -0.85
CA MET C 146 -51.94 8.09 -1.88
C MET C 146 -51.42 7.01 -2.82
N LEU C 147 -51.11 5.83 -2.30
CA LEU C 147 -50.49 4.79 -3.10
C LEU C 147 -50.78 3.43 -2.48
N VAL C 148 -51.11 2.46 -3.33
CA VAL C 148 -51.24 1.06 -2.93
C VAL C 148 -50.34 0.25 -3.83
N SER C 149 -49.37 -0.46 -3.22
CA SER C 149 -48.36 -1.17 -3.99
C SER C 149 -47.71 -2.21 -3.08
N ASN C 150 -46.69 -2.90 -3.60
CA ASN C 150 -45.96 -3.89 -2.83
C ASN C 150 -44.57 -4.03 -3.44
N SER C 151 -43.55 -3.53 -2.74
CA SER C 151 -42.18 -3.67 -3.19
C SER C 151 -41.26 -3.45 -1.98
N ILE C 152 -39.99 -3.82 -2.17
CA ILE C 152 -39.00 -3.61 -1.13
C ILE C 152 -38.72 -2.12 -0.95
N LYS C 153 -38.73 -1.36 -2.04
CA LYS C 153 -38.28 0.04 -1.99
C LYS C 153 -39.22 0.92 -1.16
N ASP C 154 -40.54 0.72 -1.30
CA ASP C 154 -41.50 1.64 -0.72
C ASP C 154 -42.02 1.20 0.65
N VAL C 155 -41.32 0.27 1.32
CA VAL C 155 -41.75 -0.09 2.67
C VAL C 155 -41.39 1.01 3.66
N VAL C 156 -40.36 1.80 3.36
CA VAL C 156 -39.94 2.86 4.26
C VAL C 156 -40.92 4.02 4.31
N ARG C 157 -41.83 4.13 3.34
CA ARG C 157 -42.80 5.21 3.29
C ARG C 157 -44.21 4.77 3.66
N ALA C 158 -44.47 3.46 3.67
CA ALA C 158 -45.81 2.97 3.98
C ALA C 158 -46.15 3.17 5.45
N THR C 159 -47.45 3.25 5.73
CA THR C 159 -47.95 3.45 7.09
C THR C 159 -48.87 2.33 7.55
N ALA C 160 -49.22 1.40 6.68
CA ALA C 160 -50.07 0.26 7.03
C ALA C 160 -49.87 -0.83 6.00
N TYR C 161 -50.33 -2.04 6.34
CA TYR C 161 -50.24 -3.15 5.41
C TYR C 161 -51.40 -4.11 5.67
N PHE C 162 -51.79 -4.83 4.62
CA PHE C 162 -52.91 -5.76 4.66
C PHE C 162 -52.42 -7.13 4.20
N THR C 163 -52.74 -8.16 4.97
CA THR C 163 -52.30 -9.53 4.69
C THR C 163 -53.50 -10.38 4.28
N ALA C 164 -53.27 -11.29 3.34
CA ALA C 164 -54.30 -12.18 2.84
C ALA C 164 -53.63 -13.41 2.25
N PRO C 165 -54.29 -14.56 2.24
CA PRO C 165 -53.69 -15.76 1.64
C PRO C 165 -53.51 -15.58 0.14
N THR C 166 -52.29 -15.83 -0.33
CA THR C 166 -51.95 -15.60 -1.73
C THR C 166 -50.69 -16.39 -2.07
N GLY C 167 -50.30 -16.31 -3.33
CA GLY C 167 -49.06 -16.93 -3.76
C GLY C 167 -48.23 -16.02 -4.65
N ASP C 168 -47.03 -15.68 -4.17
CA ASP C 168 -46.08 -14.84 -4.89
C ASP C 168 -44.73 -14.90 -4.19
N PRO C 169 -43.62 -14.88 -4.94
CA PRO C 169 -42.30 -15.04 -4.32
C PRO C 169 -41.71 -13.78 -3.71
N HIS C 170 -42.50 -12.71 -3.55
CA HIS C 170 -41.97 -11.46 -3.02
C HIS C 170 -42.76 -10.91 -1.83
N TRP C 171 -43.83 -11.57 -1.40
CA TRP C 171 -44.63 -11.05 -0.30
C TRP C 171 -43.97 -11.29 1.05
N LYS C 172 -43.12 -12.33 1.15
CA LYS C 172 -42.52 -12.70 2.43
C LYS C 172 -41.63 -11.59 2.97
N GLU C 173 -40.68 -11.13 2.15
CA GLU C 173 -39.73 -10.12 2.60
C GLU C 173 -40.43 -8.80 2.90
N VAL C 174 -41.39 -8.41 2.06
CA VAL C 174 -42.11 -7.16 2.27
C VAL C 174 -42.92 -7.22 3.56
N ALA C 175 -43.61 -8.34 3.80
CA ALA C 175 -44.39 -8.50 5.02
C ALA C 175 -43.50 -8.49 6.26
N ARG C 176 -42.35 -9.17 6.18
CA ARG C 176 -41.45 -9.21 7.34
C ARG C 176 -40.87 -7.83 7.63
N GLU C 177 -40.47 -7.09 6.60
CA GLU C 177 -39.92 -5.75 6.82
C GLU C 177 -41.00 -4.77 7.28
N ALA C 178 -42.25 -4.98 6.86
CA ALA C 178 -43.34 -4.16 7.37
C ALA C 178 -43.63 -4.45 8.83
N SER C 179 -43.58 -5.73 9.22
CA SER C 179 -43.73 -6.08 10.63
C SER C 179 -42.55 -5.62 11.48
N LYS C 180 -41.39 -5.40 10.84
CA LYS C 180 -40.24 -4.87 11.56
C LYS C 180 -40.49 -3.46 12.08
N LYS C 181 -41.35 -2.69 11.40
CA LYS C 181 -41.56 -1.29 11.75
C LYS C 181 -42.16 -1.15 13.15
N LYS C 182 -41.71 -0.13 13.87
CA LYS C 182 -42.17 0.12 15.22
C LYS C 182 -43.59 0.70 15.23
N ASN C 183 -43.86 1.63 14.34
CA ASN C 183 -45.08 2.42 14.33
C ASN C 183 -45.78 2.22 12.99
N ILE C 184 -46.62 1.18 12.91
CA ILE C 184 -47.35 0.84 11.71
C ILE C 184 -48.64 0.13 12.10
N LEU C 185 -49.71 0.38 11.33
CA LEU C 185 -50.95 -0.34 11.51
C LEU C 185 -50.94 -1.62 10.67
N ALA C 186 -51.83 -2.56 11.03
CA ALA C 186 -51.90 -3.83 10.33
C ALA C 186 -53.34 -4.32 10.32
N TYR C 187 -53.73 -4.96 9.21
CA TYR C 187 -55.06 -5.55 9.06
C TYR C 187 -54.91 -6.95 8.48
N THR C 188 -55.87 -7.81 8.81
CA THR C 188 -55.88 -9.20 8.36
C THR C 188 -57.25 -9.54 7.79
N SER C 189 -57.27 -10.49 6.85
CA SER C 189 -58.52 -10.95 6.27
C SER C 189 -59.02 -12.18 7.00
N THR C 190 -60.35 -12.26 7.18
CA THR C 190 -60.98 -13.35 7.92
C THR C 190 -62.13 -13.96 7.11
N GLY C 191 -61.77 -14.93 6.28
CA GLY C 191 -62.75 -15.70 5.53
C GLY C 191 -63.47 -14.91 4.44
N GLY C 192 -64.24 -15.62 3.62
CA GLY C 192 -64.99 -14.98 2.56
C GLY C 192 -64.11 -14.43 1.47
N ASP C 193 -64.71 -13.53 0.68
CA ASP C 193 -63.99 -12.88 -0.39
C ASP C 193 -63.19 -11.68 0.14
N VAL C 194 -62.02 -11.46 -0.46
CA VAL C 194 -61.22 -10.28 -0.13
C VAL C 194 -61.70 -9.04 -0.88
N LYS C 195 -62.61 -9.19 -1.84
CA LYS C 195 -63.05 -8.08 -2.68
C LYS C 195 -63.67 -6.96 -1.85
N THR C 196 -64.81 -7.26 -1.21
CA THR C 196 -65.54 -6.23 -0.47
C THR C 196 -64.76 -5.76 0.74
N GLU C 197 -64.04 -6.67 1.41
CA GLU C 197 -63.27 -6.30 2.58
C GLU C 197 -62.17 -5.31 2.22
N PHE C 198 -61.40 -5.61 1.16
CA PHE C 198 -60.34 -4.71 0.75
C PHE C 198 -60.90 -3.39 0.25
N LEU C 199 -61.99 -3.42 -0.52
CA LEU C 199 -62.58 -2.19 -1.03
C LEU C 199 -63.09 -1.31 0.12
N HIS C 200 -63.74 -1.93 1.11
CA HIS C 200 -64.22 -1.20 2.29
C HIS C 200 -63.06 -0.61 3.07
N LEU C 201 -61.98 -1.38 3.23
CA LEU C 201 -60.83 -0.89 3.98
C LEU C 201 -60.18 0.31 3.27
N ILE C 202 -60.07 0.25 1.94
CA ILE C 202 -59.54 1.39 1.20
C ILE C 202 -60.48 2.59 1.31
N ASP C 203 -61.79 2.35 1.25
CA ASP C 203 -62.75 3.44 1.31
C ASP C 203 -62.71 4.15 2.65
N HIS C 204 -62.57 3.40 3.75
CA HIS C 204 -62.57 3.97 5.08
C HIS C 204 -61.17 4.11 5.67
N LEU C 205 -60.13 4.09 4.85
CA LEU C 205 -58.78 4.33 5.35
C LEU C 205 -58.51 5.83 5.44
N SER D 44 -13.25 -30.65 -38.07
CA SER D 44 -12.98 -29.77 -36.93
C SER D 44 -11.49 -29.58 -36.71
N SER D 45 -11.14 -28.61 -35.88
CA SER D 45 -9.75 -28.32 -35.59
C SER D 45 -9.14 -29.43 -34.73
N ASP D 46 -7.87 -29.71 -34.99
CA ASP D 46 -7.11 -30.72 -34.25
C ASP D 46 -5.79 -30.10 -33.80
N SER D 47 -5.34 -30.47 -32.60
CA SER D 47 -4.16 -29.88 -32.02
C SER D 47 -3.30 -30.94 -31.35
N GLY D 48 -2.06 -30.57 -31.05
CA GLY D 48 -1.12 -31.44 -30.40
C GLY D 48 -1.50 -31.82 -28.98
N PRO D 49 -1.56 -30.82 -28.09
CA PRO D 49 -1.94 -31.12 -26.69
C PRO D 49 -3.33 -31.75 -26.55
N LEU D 50 -4.27 -31.44 -27.45
CA LEU D 50 -5.57 -32.07 -27.40
C LEU D 50 -5.46 -33.57 -27.64
N LEU D 51 -4.74 -33.97 -28.68
CA LEU D 51 -4.50 -35.39 -28.90
C LEU D 51 -3.67 -35.99 -27.78
N SER D 52 -2.80 -35.20 -27.15
CA SER D 52 -2.02 -35.69 -26.03
C SER D 52 -2.91 -36.08 -24.86
N VAL D 53 -3.79 -35.17 -24.45
CA VAL D 53 -4.66 -35.47 -23.32
C VAL D 53 -5.66 -36.56 -23.68
N PHE D 54 -6.13 -36.59 -24.93
CA PHE D 54 -7.04 -37.64 -25.37
C PHE D 54 -6.38 -39.01 -25.29
N ALA D 55 -5.18 -39.14 -25.86
CA ALA D 55 -4.48 -40.42 -25.85
C ALA D 55 -4.14 -40.84 -24.42
N LEU D 56 -3.73 -39.88 -23.58
CA LEU D 56 -3.45 -40.20 -22.19
C LEU D 56 -4.69 -40.69 -21.47
N GLN D 57 -5.86 -40.08 -21.78
CA GLN D 57 -7.10 -40.53 -21.19
C GLN D 57 -7.44 -41.96 -21.60
N GLU D 58 -7.25 -42.29 -22.89
CA GLU D 58 -7.51 -43.66 -23.32
C GLU D 58 -6.57 -44.67 -22.67
N ILE D 59 -5.28 -44.32 -22.58
CA ILE D 59 -4.32 -45.22 -21.93
C ILE D 59 -4.68 -45.41 -20.47
N MET D 60 -5.07 -44.33 -19.79
CA MET D 60 -5.42 -44.41 -18.38
C MET D 60 -6.66 -45.27 -18.18
N GLN D 61 -7.71 -45.04 -18.97
CA GLN D 61 -8.92 -45.83 -18.78
C GLN D 61 -8.68 -47.29 -19.09
N LYS D 62 -7.84 -47.58 -20.10
CA LYS D 62 -7.53 -48.98 -20.40
C LYS D 62 -6.76 -49.64 -19.26
N VAL D 63 -5.76 -48.94 -18.69
CA VAL D 63 -4.96 -49.57 -17.64
C VAL D 63 -5.78 -49.75 -16.36
N ARG D 64 -6.65 -48.80 -16.04
CA ARG D 64 -7.52 -48.99 -14.87
C ARG D 64 -8.54 -50.11 -15.11
N GLN D 65 -9.05 -50.23 -16.33
CA GLN D 65 -9.97 -51.33 -16.64
C GLN D 65 -9.26 -52.67 -16.50
N VAL D 66 -8.01 -52.76 -16.94
CA VAL D 66 -7.24 -53.99 -16.78
C VAL D 66 -6.99 -54.28 -15.31
N GLN D 67 -6.60 -53.26 -14.53
CA GLN D 67 -6.23 -53.47 -13.13
C GLN D 67 -7.44 -53.72 -12.24
N ALA D 68 -8.64 -53.29 -12.65
CA ALA D 68 -9.82 -53.47 -11.80
C ALA D 68 -10.20 -54.93 -11.63
N ASP D 69 -9.74 -55.82 -12.50
CA ASP D 69 -10.05 -57.23 -12.36
C ASP D 69 -9.42 -57.81 -11.09
N TYR D 70 -8.17 -57.42 -10.81
CA TYR D 70 -7.50 -57.91 -9.60
C TYR D 70 -8.08 -57.22 -8.37
N MET D 71 -8.34 -58.00 -7.34
CA MET D 71 -8.88 -57.47 -6.09
C MET D 71 -7.77 -57.13 -5.11
N PHE D 79 -7.59 -41.29 -9.29
CA PHE D 79 -6.96 -40.06 -9.77
C PHE D 79 -7.49 -39.65 -11.13
N THR D 80 -7.06 -38.47 -11.59
CA THR D 80 -7.48 -37.92 -12.87
C THR D 80 -6.24 -37.50 -13.65
N VAL D 81 -6.36 -37.52 -14.98
CA VAL D 81 -5.25 -37.14 -15.85
C VAL D 81 -4.88 -35.67 -15.58
N PRO D 82 -3.61 -35.34 -15.43
CA PRO D 82 -3.21 -33.94 -15.20
C PRO D 82 -3.14 -33.17 -16.51
N ASP D 83 -3.10 -31.85 -16.37
CA ASP D 83 -2.99 -30.97 -17.52
C ASP D 83 -1.56 -30.98 -18.03
N VAL D 84 -1.37 -31.41 -19.28
CA VAL D 84 -0.03 -31.46 -19.85
C VAL D 84 0.54 -30.06 -20.07
N GLN D 85 -0.33 -29.07 -20.25
CA GLN D 85 0.13 -27.70 -20.46
C GLN D 85 0.86 -27.16 -19.22
N LYS D 86 0.34 -27.44 -18.03
CA LYS D 86 0.97 -26.98 -16.80
C LYS D 86 2.34 -27.62 -16.62
N ILE D 87 2.44 -28.92 -16.87
CA ILE D 87 3.73 -29.61 -16.74
C ILE D 87 4.72 -29.09 -17.76
N LEU D 88 4.25 -28.86 -19.00
CA LEU D 88 5.12 -28.33 -20.03
C LEU D 88 5.62 -26.93 -19.68
N ASP D 89 4.73 -26.07 -19.17
CA ASP D 89 5.15 -24.73 -18.79
C ASP D 89 6.14 -24.76 -17.63
N ASP D 90 5.92 -25.66 -16.66
CA ASP D 90 6.86 -25.80 -15.55
C ASP D 90 8.22 -26.25 -16.02
N ILE D 91 8.27 -27.25 -16.92
CA ILE D 91 9.58 -27.74 -17.38
C ILE D 91 10.26 -26.70 -18.25
N LYS D 92 9.49 -25.92 -19.01
CA LYS D 92 10.09 -24.85 -19.81
C LYS D 92 10.67 -23.75 -18.91
N ALA D 93 9.95 -23.38 -17.87
CA ALA D 93 10.46 -22.39 -16.92
C ALA D 93 11.69 -22.90 -16.19
N LEU D 94 11.71 -24.19 -15.84
CA LEU D 94 12.89 -24.77 -15.22
C LEU D 94 14.08 -24.76 -16.16
N ALA D 95 13.85 -25.05 -17.43
CA ALA D 95 14.94 -25.01 -18.41
C ALA D 95 15.46 -23.58 -18.59
N ALA D 96 14.56 -22.59 -18.57
CA ALA D 96 14.98 -21.21 -18.75
C ALA D 96 15.73 -20.66 -17.55
N GLU D 97 15.65 -21.31 -16.39
CA GLU D 97 16.29 -20.82 -15.19
C GLU D 97 17.81 -20.98 -15.29
N GLN D 98 18.51 -20.13 -14.54
CA GLN D 98 19.96 -20.09 -14.54
C GLN D 98 20.52 -20.71 -13.25
N VAL D 99 21.79 -21.07 -13.30
CA VAL D 99 22.48 -21.69 -12.17
C VAL D 99 23.36 -20.68 -11.45
N TYR D 100 24.13 -19.89 -12.19
CA TYR D 100 25.07 -18.94 -11.59
C TYR D 100 24.33 -17.67 -11.20
N LYS D 101 25.09 -16.64 -10.82
CA LYS D 101 24.53 -15.36 -10.43
C LYS D 101 25.55 -14.26 -10.73
N ILE D 102 25.07 -13.15 -11.29
CA ILE D 102 25.90 -12.01 -11.61
C ILE D 102 25.79 -11.00 -10.49
N VAL D 103 26.94 -10.59 -9.94
CA VAL D 103 26.99 -9.65 -8.83
C VAL D 103 28.19 -8.73 -9.04
N LYS D 104 28.02 -7.45 -8.65
CA LYS D 104 29.10 -6.49 -8.84
C LYS D 104 30.28 -6.78 -7.93
N VAL D 105 30.03 -7.08 -6.66
CA VAL D 105 31.10 -7.32 -5.69
C VAL D 105 30.86 -8.63 -4.96
N PRO D 106 31.90 -9.35 -4.56
CA PRO D 106 31.70 -10.57 -3.77
C PRO D 106 31.16 -10.25 -2.38
N SER D 107 30.48 -11.24 -1.81
CA SER D 107 29.91 -11.09 -0.47
C SER D 107 31.03 -11.00 0.57
N ILE D 108 30.71 -10.35 1.70
CA ILE D 108 31.68 -10.19 2.78
C ILE D 108 32.02 -11.56 3.36
N SER D 109 33.29 -11.74 3.73
CA SER D 109 33.77 -13.00 4.26
C SER D 109 34.31 -12.90 5.67
N PHE D 110 34.98 -11.81 6.02
CA PHE D 110 35.56 -11.63 7.34
C PHE D 110 35.02 -10.34 7.97
N ARG D 111 34.96 -10.34 9.30
CA ARG D 111 34.64 -9.12 10.03
C ARG D 111 35.51 -9.05 11.27
N HIS D 112 35.52 -7.89 11.91
CA HIS D 112 36.43 -7.64 13.02
C HIS D 112 35.68 -7.01 14.18
N ILE D 113 36.06 -7.41 15.39
CA ILE D 113 35.55 -6.84 16.63
C ILE D 113 36.73 -6.24 17.39
N VAL D 114 36.59 -5.00 17.82
CA VAL D 114 37.64 -4.32 18.55
C VAL D 114 37.55 -4.68 20.03
N MET D 115 38.71 -4.95 20.63
CA MET D 115 38.80 -5.21 22.06
C MET D 115 39.14 -3.92 22.80
N GLN D 116 39.12 -4.00 24.13
CA GLN D 116 39.45 -2.83 24.93
C GLN D 116 40.90 -2.42 24.76
N SER D 117 41.79 -3.37 24.48
CA SER D 117 43.16 -3.03 24.12
C SER D 117 43.19 -2.40 22.73
N ARG D 118 43.96 -1.33 22.59
CA ARG D 118 44.05 -0.62 21.33
C ARG D 118 44.95 -1.29 20.31
N ASP D 119 45.78 -2.24 20.74
CA ASP D 119 46.69 -2.93 19.83
C ASP D 119 46.22 -4.32 19.43
N ARG D 120 45.02 -4.73 19.83
CA ARG D 120 44.51 -6.06 19.52
C ARG D 120 43.10 -5.97 18.97
N VAL D 121 42.85 -6.74 17.91
CA VAL D 121 41.54 -6.89 17.28
C VAL D 121 41.28 -8.39 17.17
N LEU D 122 40.01 -8.77 17.06
CA LEU D 122 39.67 -10.17 16.84
C LEU D 122 38.92 -10.32 15.52
N ARG D 123 39.33 -11.29 14.73
CA ARG D 123 38.82 -11.55 13.40
C ARG D 123 37.88 -12.75 13.43
N VAL D 124 36.72 -12.60 12.80
CA VAL D 124 35.68 -13.61 12.78
C VAL D 124 35.32 -13.91 11.33
N ASP D 125 35.28 -15.20 10.99
CA ASP D 125 34.85 -15.65 9.67
C ASP D 125 33.34 -15.79 9.68
N THR D 126 32.67 -15.02 8.83
CA THR D 126 31.21 -15.05 8.79
C THR D 126 30.68 -16.29 8.09
N TYR D 127 31.54 -17.04 7.39
CA TYR D 127 31.10 -18.26 6.72
C TYR D 127 30.64 -19.30 7.73
N TYR D 128 31.44 -19.50 8.79
CA TYR D 128 31.02 -20.42 9.85
C TYR D 128 29.93 -19.80 10.70
N GLU D 129 29.84 -18.47 10.73
CA GLU D 129 28.74 -17.80 11.41
C GLU D 129 27.41 -18.14 10.76
N GLU D 130 27.38 -18.17 9.42
CA GLU D 130 26.13 -18.42 8.70
C GLU D 130 25.89 -19.89 8.41
N MET D 131 26.92 -20.74 8.46
CA MET D 131 26.71 -22.17 8.24
C MET D 131 25.94 -22.82 9.40
N SER D 132 26.16 -22.35 10.63
CA SER D 132 25.55 -22.97 11.79
C SER D 132 24.04 -22.77 11.84
N GLN D 133 23.49 -21.85 11.04
CA GLN D 133 22.07 -21.56 11.07
C GLN D 133 21.27 -22.36 10.04
N VAL D 134 21.89 -22.71 8.91
CA VAL D 134 21.18 -23.44 7.87
C VAL D 134 21.10 -24.92 8.25
N GLY D 135 19.96 -25.54 7.96
CA GLY D 135 19.72 -26.93 8.27
C GLY D 135 18.65 -27.08 9.35
N ASP D 136 18.83 -28.09 10.20
CA ASP D 136 17.88 -28.35 11.28
C ASP D 136 18.61 -29.15 12.36
N VAL D 137 17.95 -29.27 13.51
CA VAL D 137 18.54 -29.98 14.63
C VAL D 137 18.65 -31.47 14.31
N ILE D 138 19.81 -32.05 14.63
CA ILE D 138 20.11 -33.45 14.33
C ILE D 138 19.61 -34.30 15.50
N THR D 139 18.86 -35.35 15.18
CA THR D 139 18.31 -36.26 16.17
C THR D 139 18.79 -37.68 15.85
N GLU D 140 19.18 -38.42 16.90
CA GLU D 140 19.93 -39.66 16.69
C GLU D 140 19.07 -40.77 16.10
N ASP D 141 17.78 -40.83 16.43
CA ASP D 141 16.92 -41.92 15.96
C ASP D 141 15.98 -41.48 14.84
N GLU D 142 16.45 -40.64 13.94
CA GLU D 142 15.66 -40.21 12.78
C GLU D 142 16.62 -40.01 11.61
N PRO D 143 16.73 -40.98 10.71
CA PRO D 143 17.72 -40.89 9.63
C PRO D 143 17.29 -39.96 8.50
N GLU D 144 15.99 -39.92 8.23
CA GLU D 144 15.49 -39.10 7.12
C GLU D 144 15.78 -37.62 7.35
N LYS D 145 15.53 -37.13 8.57
CA LYS D 145 15.84 -35.74 8.88
C LYS D 145 17.33 -35.46 8.80
N PHE D 146 18.14 -36.42 9.25
CA PHE D 146 19.59 -36.27 9.19
C PHE D 146 20.08 -36.12 7.75
N TYR D 147 19.64 -37.01 6.87
CA TYR D 147 20.07 -36.94 5.48
C TYR D 147 19.48 -35.74 4.76
N SER D 148 18.26 -35.33 5.13
CA SER D 148 17.69 -34.10 4.56
C SER D 148 18.51 -32.88 4.97
N THR D 149 18.96 -32.82 6.22
CA THR D 149 19.81 -31.72 6.65
C THR D 149 21.14 -31.74 5.91
N ILE D 150 21.71 -32.93 5.72
CA ILE D 150 22.99 -33.03 5.01
C ILE D 150 22.85 -32.54 3.57
N ILE D 151 21.79 -32.98 2.88
CA ILE D 151 21.61 -32.58 1.49
C ILE D 151 21.29 -31.09 1.38
N LYS D 152 20.53 -30.55 2.36
CA LYS D 152 20.24 -29.12 2.35
C LYS D 152 21.52 -28.31 2.54
N LYS D 153 22.39 -28.75 3.45
CA LYS D 153 23.63 -28.04 3.68
C LYS D 153 24.55 -28.09 2.46
N VAL D 154 24.64 -29.25 1.80
CA VAL D 154 25.52 -29.33 0.63
C VAL D 154 24.94 -28.52 -0.52
N ARG D 155 23.61 -28.46 -0.63
CA ARG D 155 23.00 -27.59 -1.65
C ARG D 155 23.27 -26.12 -1.35
N PHE D 156 23.25 -25.74 -0.07
CA PHE D 156 23.60 -24.38 0.31
C PHE D 156 25.04 -24.06 -0.03
N ILE D 157 25.94 -25.01 0.22
CA ILE D 157 27.35 -24.81 -0.13
C ILE D 157 27.51 -24.62 -1.63
N ARG D 158 26.82 -25.45 -2.43
CA ARG D 158 26.91 -25.32 -3.88
C ARG D 158 26.33 -23.99 -4.36
N GLY D 159 25.19 -23.58 -3.80
CA GLY D 159 24.56 -22.35 -4.25
C GLY D 159 25.33 -21.10 -3.89
N LYS D 160 25.93 -21.08 -2.69
CA LYS D 160 26.61 -19.87 -2.24
C LYS D 160 27.84 -19.54 -3.08
N GLY D 161 28.62 -20.54 -3.46
CA GLY D 161 29.90 -20.29 -4.09
C GLY D 161 29.88 -20.02 -5.58
N SER D 162 28.71 -20.00 -6.21
CA SER D 162 28.59 -19.79 -7.65
C SER D 162 28.22 -18.35 -7.92
N PHE D 163 29.20 -17.56 -8.38
CA PHE D 163 28.96 -16.17 -8.74
C PHE D 163 30.01 -15.73 -9.75
N ILE D 164 29.63 -14.80 -10.61
CA ILE D 164 30.51 -14.27 -11.66
C ILE D 164 30.66 -12.77 -11.44
N LEU D 165 31.89 -12.30 -11.41
CA LEU D 165 32.16 -10.88 -11.24
C LEU D 165 31.87 -10.12 -12.53
N HIS D 166 31.38 -8.89 -12.38
CA HIS D 166 30.99 -8.08 -13.53
C HIS D 166 31.03 -6.62 -13.14
N ASP D 167 31.92 -5.84 -13.77
CA ASP D 167 32.02 -4.40 -13.60
C ASP D 167 32.26 -4.02 -12.13
N ILE D 168 33.41 -4.45 -11.62
CA ILE D 168 33.79 -4.10 -10.25
C ILE D 168 34.09 -2.62 -10.18
N PRO D 169 33.78 -1.94 -9.07
CA PRO D 169 34.12 -0.51 -8.95
C PRO D 169 35.60 -0.32 -8.68
N THR D 170 36.24 0.51 -9.51
CA THR D 170 37.67 0.79 -9.40
C THR D 170 37.87 2.30 -9.30
N ARG D 171 39.12 2.70 -9.10
CA ARG D 171 39.46 4.11 -9.12
C ARG D 171 40.93 4.27 -9.51
N ASP D 172 41.29 5.48 -9.90
CA ASP D 172 42.63 5.77 -10.40
C ASP D 172 43.52 6.24 -9.26
N HIS D 173 44.77 5.79 -9.27
CA HIS D 173 45.76 6.23 -8.29
C HIS D 173 47.15 6.09 -8.89
N ARG D 174 47.85 7.22 -9.01
CA ARG D 174 49.22 7.28 -9.51
C ARG D 174 49.35 6.68 -10.92
N GLY D 175 48.26 6.71 -11.68
CA GLY D 175 48.24 6.15 -13.02
C GLY D 175 47.92 4.68 -13.11
N MET D 176 47.57 4.03 -12.01
CA MET D 176 47.14 2.64 -12.05
C MET D 176 45.72 2.52 -11.51
N GLU D 177 45.17 1.32 -11.64
CA GLU D 177 43.83 1.02 -11.16
C GLU D 177 43.93 0.37 -9.79
N VAL D 178 43.13 0.86 -8.85
CA VAL D 178 43.06 0.29 -7.51
C VAL D 178 41.60 0.02 -7.18
N ALA D 179 41.36 -1.08 -6.48
CA ALA D 179 40.02 -1.53 -6.17
C ALA D 179 39.47 -0.79 -4.95
N GLU D 180 38.16 -0.58 -4.94
CA GLU D 180 37.51 0.09 -3.82
C GLU D 180 37.54 -0.83 -2.59
N PRO D 181 37.46 -0.26 -1.39
CA PRO D 181 37.55 -1.09 -0.18
C PRO D 181 36.43 -2.12 -0.02
N GLU D 182 35.29 -1.95 -0.70
CA GLU D 182 34.16 -2.85 -0.47
C GLU D 182 34.10 -4.03 -1.43
N VAL D 183 34.83 -4.03 -2.53
CA VAL D 183 34.79 -5.18 -3.42
C VAL D 183 35.50 -6.38 -2.80
N LEU D 184 36.66 -6.16 -2.19
CA LEU D 184 37.36 -7.23 -1.49
C LEU D 184 36.70 -7.48 -0.14
N GLY D 185 36.59 -8.76 0.21
CA GLY D 185 35.80 -9.15 1.36
C GLY D 185 36.46 -8.99 2.72
N VAL D 186 36.81 -7.76 3.08
CA VAL D 186 37.32 -7.44 4.41
C VAL D 186 36.55 -6.25 4.94
N GLU D 187 36.03 -6.36 6.16
CA GLU D 187 35.27 -5.29 6.80
C GLU D 187 36.06 -4.78 8.00
N PHE D 188 36.36 -3.49 7.99
CA PHE D 188 37.18 -2.87 9.03
C PHE D 188 36.65 -1.50 9.40
N LYS D 189 35.33 -1.32 9.35
CA LYS D 189 34.73 -0.03 9.69
C LYS D 189 34.93 0.29 11.16
N ASN D 190 34.88 -0.71 12.03
CA ASN D 190 34.92 -0.47 13.47
C ASN D 190 36.31 -0.07 13.95
N VAL D 191 37.36 -0.60 13.33
CA VAL D 191 38.70 -0.42 13.86
C VAL D 191 39.33 0.92 13.47
N LEU D 192 38.80 1.59 12.45
CA LEU D 192 39.39 2.86 12.01
C LEU D 192 39.30 3.97 13.06
N PRO D 193 38.16 4.25 13.71
CA PRO D 193 38.12 5.38 14.66
C PRO D 193 38.96 5.17 15.91
N VAL D 194 39.35 3.93 16.25
CA VAL D 194 40.06 3.67 17.50
C VAL D 194 41.56 3.52 17.30
N LEU D 195 42.08 3.79 16.11
CA LEU D 195 43.50 3.61 15.87
C LEU D 195 44.26 4.93 16.02
N THR D 196 45.58 4.84 15.98
CA THR D 196 46.46 5.98 16.09
C THR D 196 46.84 6.47 14.70
N ALA D 197 47.77 7.43 14.63
CA ALA D 197 48.17 7.99 13.35
C ALA D 197 48.99 7.00 12.53
N GLU D 198 49.98 6.36 13.17
CA GLU D 198 50.85 5.44 12.45
C GLU D 198 50.09 4.23 11.93
N HIS D 199 49.19 3.68 12.75
CA HIS D 199 48.43 2.50 12.34
C HIS D 199 47.47 2.84 11.20
N ARG D 200 46.80 3.99 11.27
CA ARG D 200 45.89 4.38 10.20
C ARG D 200 46.66 4.65 8.91
N ALA D 201 47.84 5.28 9.01
CA ALA D 201 48.65 5.50 7.82
C ALA D 201 49.09 4.18 7.21
N MET D 202 49.48 3.21 8.04
CA MET D 202 49.87 1.89 7.54
C MET D 202 48.69 1.20 6.88
N ILE D 203 47.49 1.33 7.46
CA ILE D 203 46.30 0.70 6.91
C ILE D 203 46.00 1.28 5.53
N GLN D 204 46.06 2.62 5.40
CA GLN D 204 45.81 3.24 4.11
C GLN D 204 46.86 2.87 3.09
N ASN D 205 48.12 2.80 3.51
CA ASN D 205 49.19 2.39 2.60
C ASN D 205 48.98 0.97 2.10
N ALA D 206 48.59 0.06 2.99
CA ALA D 206 48.32 -1.32 2.59
C ALA D 206 47.11 -1.41 1.67
N LEU D 207 46.07 -0.61 1.95
CA LEU D 207 44.85 -0.68 1.14
C LEU D 207 45.07 -0.12 -0.26
N ASP D 208 45.91 0.92 -0.38
CA ASP D 208 46.15 1.52 -1.68
C ASP D 208 47.03 0.65 -2.58
N GLY D 209 47.62 -0.42 -2.06
CA GLY D 209 48.50 -1.28 -2.81
C GLY D 209 47.83 -2.40 -3.58
N SER D 210 46.50 -2.44 -3.63
CA SER D 210 45.78 -3.49 -4.34
C SER D 210 45.61 -3.09 -5.80
N ILE D 211 46.69 -3.23 -6.57
CA ILE D 211 46.71 -2.88 -7.97
C ILE D 211 45.93 -3.93 -8.77
N ILE D 212 45.64 -3.61 -10.03
CA ILE D 212 44.86 -4.47 -10.92
C ILE D 212 45.75 -4.86 -12.09
N GLU D 213 45.82 -6.16 -12.37
CA GLU D 213 46.64 -6.69 -13.45
C GLU D 213 45.75 -7.12 -14.61
N ASN D 214 46.28 -7.04 -15.83
CA ASN D 214 45.55 -7.45 -17.02
C ASN D 214 45.93 -8.87 -17.40
N GLY D 215 44.92 -9.70 -17.67
CA GLY D 215 45.15 -11.08 -18.07
C GLY D 215 44.25 -11.47 -19.23
N ASN D 216 44.43 -12.71 -19.68
CA ASN D 216 43.69 -13.23 -20.82
C ASN D 216 42.89 -14.48 -20.46
N VAL D 217 41.70 -14.59 -21.05
CA VAL D 217 40.85 -15.78 -20.95
C VAL D 217 40.25 -15.99 -22.32
N ALA D 218 40.56 -17.14 -22.94
CA ALA D 218 40.11 -17.46 -24.30
C ALA D 218 40.46 -16.36 -25.28
N THR D 219 41.69 -15.83 -25.14
CA THR D 219 42.21 -14.72 -25.95
C THR D 219 41.30 -13.50 -25.86
N ARG D 220 40.76 -13.23 -24.67
CA ARG D 220 39.97 -12.05 -24.40
C ARG D 220 40.44 -11.40 -23.11
N ASP D 221 40.38 -10.07 -23.06
CA ASP D 221 40.92 -9.34 -21.92
C ASP D 221 40.05 -9.46 -20.68
N VAL D 222 40.71 -9.65 -19.53
CA VAL D 222 40.07 -9.70 -18.22
C VAL D 222 40.98 -8.96 -17.24
N ASP D 223 40.41 -8.56 -16.10
CA ASP D 223 41.21 -7.92 -15.07
C ASP D 223 41.23 -8.79 -13.81
N VAL D 224 42.42 -8.99 -13.26
CA VAL D 224 42.65 -9.87 -12.12
C VAL D 224 43.21 -9.06 -10.97
N PHE D 225 42.76 -9.37 -9.77
CA PHE D 225 43.22 -8.70 -8.55
C PHE D 225 43.28 -9.71 -7.42
N ILE D 226 43.59 -9.22 -6.22
CA ILE D 226 43.76 -10.06 -5.04
C ILE D 226 42.71 -9.68 -4.02
N GLY D 227 41.95 -10.69 -3.55
CA GLY D 227 40.95 -10.50 -2.53
C GLY D 227 41.02 -11.62 -1.51
N ALA D 228 40.08 -11.56 -0.55
CA ALA D 228 40.01 -12.52 0.54
C ALA D 228 38.66 -13.22 0.54
N CYS D 229 38.68 -14.54 0.75
CA CYS D 229 37.46 -15.33 0.79
C CYS D 229 37.72 -16.60 1.58
N SER D 230 36.65 -17.27 1.97
CA SER D 230 36.76 -18.53 2.69
C SER D 230 37.24 -19.64 1.75
N GLU D 231 37.58 -20.79 2.34
CA GLU D 231 38.20 -21.86 1.56
C GLU D 231 37.22 -22.57 0.64
N PRO D 232 36.10 -23.15 1.13
CA PRO D 232 35.24 -23.91 0.21
C PRO D 232 34.54 -23.06 -0.83
N VAL D 233 34.15 -21.83 -0.45
CA VAL D 233 33.53 -20.93 -1.43
C VAL D 233 34.50 -20.59 -2.54
N TYR D 234 35.76 -20.32 -2.19
CA TYR D 234 36.77 -20.07 -3.21
C TYR D 234 37.03 -21.31 -4.05
N ARG D 235 36.96 -22.50 -3.44
CA ARG D 235 37.13 -23.73 -4.20
C ARG D 235 36.04 -23.89 -5.24
N ILE D 236 34.78 -23.63 -4.85
CA ILE D 236 33.66 -23.74 -5.77
C ILE D 236 33.79 -22.69 -6.88
N TYR D 237 34.15 -21.46 -6.52
CA TYR D 237 34.30 -20.41 -7.51
C TYR D 237 35.42 -20.73 -8.49
N ASN D 238 36.55 -21.26 -8.00
CA ASN D 238 37.65 -21.62 -8.87
C ASN D 238 37.28 -22.78 -9.79
N ARG D 239 36.51 -23.75 -9.29
CA ARG D 239 36.06 -24.84 -10.15
C ARG D 239 35.12 -24.32 -11.24
N LEU D 240 34.23 -23.40 -10.89
CA LEU D 240 33.34 -22.82 -11.89
C LEU D 240 34.13 -22.05 -12.95
N GLN D 241 35.12 -21.27 -12.53
CA GLN D 241 35.95 -20.53 -13.48
C GLN D 241 36.75 -21.48 -14.37
N GLY D 242 37.26 -22.56 -13.78
CA GLY D 242 37.98 -23.55 -14.58
C GLY D 242 37.10 -24.22 -15.62
N TYR D 243 35.87 -24.56 -15.23
CA TYR D 243 34.94 -25.14 -16.20
C TYR D 243 34.60 -24.15 -17.30
N ILE D 244 34.42 -22.87 -16.95
CA ILE D 244 34.14 -21.84 -17.95
C ILE D 244 35.29 -21.72 -18.93
N GLU D 245 36.53 -21.73 -18.42
CA GLU D 245 37.69 -21.68 -19.31
C GLU D 245 37.80 -22.93 -20.18
N ALA D 246 37.50 -24.10 -19.61
CA ALA D 246 37.71 -25.35 -20.34
C ALA D 246 36.65 -25.58 -21.41
N VAL D 247 35.41 -25.15 -21.15
CA VAL D 247 34.33 -25.44 -22.09
C VAL D 247 34.47 -24.63 -23.38
N GLN D 248 35.19 -23.50 -23.34
CA GLN D 248 35.27 -22.59 -24.47
C GLN D 248 36.02 -23.16 -25.66
N LEU D 249 36.72 -24.29 -25.50
CA LEU D 249 37.61 -24.78 -26.55
C LEU D 249 36.90 -25.72 -27.52
N GLN D 250 36.16 -26.71 -27.02
CA GLN D 250 35.69 -27.76 -27.92
C GLN D 250 34.20 -28.03 -27.85
N GLU D 251 33.59 -27.96 -26.66
CA GLU D 251 32.27 -28.54 -26.46
C GLU D 251 31.18 -27.74 -27.18
N LEU D 252 31.17 -26.41 -26.99
CA LEU D 252 30.02 -25.64 -27.45
C LEU D 252 30.04 -25.44 -28.97
N ARG D 253 31.21 -25.48 -29.60
CA ARG D 253 31.26 -25.46 -31.06
C ARG D 253 30.59 -26.69 -31.64
N ASN D 254 30.88 -27.87 -31.07
CA ASN D 254 30.22 -29.09 -31.50
C ASN D 254 28.73 -29.05 -31.18
N SER D 255 28.36 -28.43 -30.07
CA SER D 255 26.95 -28.26 -29.73
C SER D 255 26.22 -27.43 -30.79
N ILE D 256 26.84 -26.32 -31.22
CA ILE D 256 26.24 -25.46 -32.24
C ILE D 256 26.14 -26.21 -33.57
N GLY D 257 27.19 -26.96 -33.93
CA GLY D 257 27.14 -27.74 -35.15
C GLY D 257 26.04 -28.79 -35.13
N TRP D 258 25.86 -29.47 -33.99
CA TRP D 258 24.81 -30.46 -33.88
C TRP D 258 23.42 -29.82 -33.92
N LEU D 259 23.27 -28.65 -33.32
CA LEU D 259 22.01 -27.91 -33.42
C LEU D 259 21.71 -27.54 -34.87
N GLU D 260 22.74 -27.10 -35.61
CA GLU D 260 22.53 -26.77 -37.01
C GLU D 260 22.15 -28.00 -37.82
N ARG D 261 22.77 -29.15 -37.52
CA ARG D 261 22.40 -30.38 -38.23
C ARG D 261 20.97 -30.79 -37.94
N LEU D 262 20.54 -30.68 -36.68
CA LEU D 262 19.15 -31.00 -36.34
C LEU D 262 18.19 -30.06 -37.03
N GLY D 263 18.52 -28.76 -37.09
CA GLY D 263 17.69 -27.82 -37.82
C GLY D 263 17.63 -28.12 -39.30
N HIS D 264 18.74 -28.59 -39.86
CA HIS D 264 18.77 -28.97 -41.27
C HIS D 264 17.87 -30.17 -41.53
N ARG D 265 17.86 -31.15 -40.62
CA ARG D 265 17.00 -32.32 -40.81
C ARG D 265 15.52 -31.96 -40.73
N LYS D 266 15.14 -31.17 -39.74
CA LYS D 266 13.73 -30.93 -39.43
C LYS D 266 13.11 -29.85 -40.32
N ARG D 267 13.85 -29.36 -41.33
CA ARG D 267 13.37 -28.37 -42.28
C ARG D 267 12.92 -27.09 -41.59
N ILE D 268 13.64 -26.71 -40.54
CA ILE D 268 13.39 -25.46 -39.82
C ILE D 268 14.70 -24.69 -39.75
N THR D 269 14.64 -23.40 -40.09
CA THR D 269 15.81 -22.54 -40.06
C THR D 269 15.87 -21.82 -38.71
N TYR D 270 17.04 -21.82 -38.10
CA TYR D 270 17.19 -21.20 -36.80
C TYR D 270 17.56 -19.72 -36.96
N SER D 271 17.53 -19.01 -35.85
CA SER D 271 17.80 -17.58 -35.86
C SER D 271 19.26 -17.31 -36.19
N GLN D 272 19.53 -16.08 -36.63
CA GLN D 272 20.88 -15.69 -37.00
C GLN D 272 21.77 -15.50 -35.76
N GLU D 273 21.18 -15.12 -34.63
CA GLU D 273 21.98 -14.91 -33.41
C GLU D 273 22.56 -16.22 -32.89
N VAL D 274 21.74 -17.28 -32.82
CA VAL D 274 22.15 -18.52 -32.17
C VAL D 274 23.21 -19.30 -32.94
N LEU D 275 23.55 -18.87 -34.16
CA LEU D 275 24.59 -19.51 -34.94
C LEU D 275 25.78 -18.61 -35.24
N THR D 276 25.66 -17.30 -35.05
CA THR D 276 26.73 -16.37 -35.38
C THR D 276 27.26 -15.58 -34.19
N ASP D 277 26.50 -15.45 -33.11
CA ASP D 277 27.05 -14.83 -31.91
C ASP D 277 28.07 -15.73 -31.21
N PHE D 278 28.20 -16.97 -31.66
CA PHE D 278 29.29 -17.84 -31.23
C PHE D 278 30.65 -17.19 -31.43
N ARG D 279 30.90 -16.67 -32.62
CA ARG D 279 32.21 -16.16 -33.01
C ARG D 279 32.42 -14.70 -32.63
N ARG D 280 31.43 -14.05 -32.02
CA ARG D 280 31.56 -12.64 -31.66
C ARG D 280 32.59 -12.46 -30.56
N GLN D 281 33.40 -11.40 -30.68
CA GLN D 281 34.56 -11.24 -29.81
C GLN D 281 34.17 -10.87 -28.39
N ASP D 282 33.24 -9.93 -28.22
CA ASP D 282 32.95 -9.36 -26.91
C ASP D 282 31.88 -10.13 -26.13
N THR D 283 31.70 -11.41 -26.43
CA THR D 283 30.75 -12.24 -25.69
C THR D 283 31.44 -13.52 -25.24
N ILE D 284 31.23 -13.90 -23.98
CA ILE D 284 31.63 -15.20 -23.47
C ILE D 284 30.37 -16.06 -23.34
N TRP D 285 30.36 -17.19 -24.03
CA TRP D 285 29.19 -18.08 -24.05
C TRP D 285 29.46 -19.25 -23.12
N VAL D 286 28.93 -19.16 -21.90
CA VAL D 286 29.00 -20.25 -20.95
C VAL D 286 27.97 -21.31 -21.32
N LEU D 287 28.40 -22.56 -21.39
CA LEU D 287 27.54 -23.67 -21.84
C LEU D 287 27.12 -24.45 -20.60
N ALA D 288 26.01 -24.02 -19.99
CA ALA D 288 25.50 -24.73 -18.83
C ALA D 288 24.81 -26.03 -19.21
N LEU D 289 24.28 -26.12 -20.43
CA LEU D 289 23.55 -27.30 -20.89
C LEU D 289 24.18 -27.78 -22.18
N GLN D 290 24.97 -28.86 -22.11
CA GLN D 290 25.53 -29.46 -23.30
C GLN D 290 24.42 -30.10 -24.13
N LEU D 291 24.32 -29.71 -25.39
CA LEU D 291 23.17 -30.04 -26.22
C LEU D 291 23.18 -31.46 -26.79
N PRO D 292 24.31 -31.99 -27.33
CA PRO D 292 24.26 -33.36 -27.88
C PRO D 292 24.06 -34.40 -26.79
N VAL D 293 22.83 -34.51 -26.30
CA VAL D 293 22.53 -35.33 -25.14
C VAL D 293 22.62 -36.81 -25.51
N ASN D 294 23.19 -37.60 -24.59
CA ASN D 294 23.18 -39.04 -24.75
C ASN D 294 21.76 -39.57 -24.57
N PRO D 295 21.25 -40.36 -25.52
CA PRO D 295 19.85 -40.81 -25.41
C PRO D 295 19.64 -42.05 -24.57
N GLN D 296 20.70 -42.70 -24.10
CA GLN D 296 20.52 -43.84 -23.20
C GLN D 296 20.05 -43.39 -21.81
N VAL D 297 20.40 -42.16 -21.41
CA VAL D 297 20.03 -41.68 -20.08
C VAL D 297 18.52 -41.54 -19.96
N VAL D 298 17.88 -40.93 -20.96
CA VAL D 298 16.45 -40.70 -20.88
C VAL D 298 15.67 -42.01 -20.97
N TRP D 299 16.14 -42.95 -21.78
CA TRP D 299 15.47 -44.24 -21.94
C TRP D 299 15.88 -45.27 -20.90
N ASP D 300 16.81 -44.93 -20.01
CA ASP D 300 17.27 -45.87 -19.01
C ASP D 300 16.41 -45.90 -17.75
N VAL D 301 15.57 -44.89 -17.55
CA VAL D 301 14.66 -44.89 -16.41
C VAL D 301 13.61 -45.99 -16.60
N PRO D 302 13.37 -46.84 -15.61
CA PRO D 302 12.44 -47.95 -15.80
C PRO D 302 10.99 -47.49 -15.87
N ARG D 303 10.22 -48.22 -16.69
CA ARG D 303 8.77 -48.03 -16.82
C ARG D 303 8.45 -46.59 -17.26
N SER D 304 8.86 -46.27 -18.48
CA SER D 304 8.67 -44.92 -19.00
C SER D 304 8.27 -44.88 -20.47
N SER D 305 7.84 -46.01 -21.05
CA SER D 305 7.46 -46.00 -22.46
C SER D 305 6.24 -45.12 -22.71
N ILE D 306 5.24 -45.23 -21.84
CA ILE D 306 4.04 -44.40 -21.98
C ILE D 306 4.39 -42.93 -21.79
N ALA D 307 5.21 -42.62 -20.79
CA ALA D 307 5.60 -41.24 -20.55
C ALA D 307 6.38 -40.66 -21.73
N ASN D 308 7.31 -41.44 -22.28
CA ASN D 308 8.06 -40.97 -23.45
C ASN D 308 7.16 -40.76 -24.65
N LEU D 309 6.22 -41.69 -24.88
CA LEU D 309 5.31 -41.56 -26.01
C LEU D 309 4.43 -40.31 -25.86
N ILE D 310 3.90 -40.09 -24.66
CA ILE D 310 3.02 -38.93 -24.47
C ILE D 310 3.82 -37.63 -24.52
N MET D 311 5.07 -37.64 -24.06
CA MET D 311 5.90 -36.45 -24.18
C MET D 311 6.23 -36.15 -25.63
N ASN D 312 6.50 -37.19 -26.43
CA ASN D 312 6.73 -36.99 -27.86
C ASN D 312 5.50 -36.42 -28.54
N ILE D 313 4.32 -36.95 -28.20
CA ILE D 313 3.08 -36.43 -28.79
C ILE D 313 2.86 -34.98 -28.39
N ALA D 314 3.08 -34.65 -27.12
CA ALA D 314 2.83 -33.29 -26.64
C ALA D 314 3.82 -32.29 -27.26
N THR D 315 5.09 -32.66 -27.38
CA THR D 315 6.11 -31.71 -27.78
C THR D 315 6.26 -31.59 -29.30
N CYS D 316 6.17 -32.70 -30.03
CA CYS D 316 6.50 -32.67 -31.45
C CYS D 316 5.28 -32.53 -32.37
N LEU D 317 4.22 -33.27 -32.10
CA LEU D 317 3.10 -33.38 -33.03
C LEU D 317 2.43 -32.02 -33.25
N PRO D 318 2.33 -31.55 -34.49
CA PRO D 318 1.75 -30.24 -34.75
C PRO D 318 0.21 -30.30 -34.77
N THR D 319 -0.39 -29.16 -35.06
CA THR D 319 -1.84 -29.05 -35.14
C THR D 319 -2.29 -29.23 -36.58
N GLY D 320 -3.56 -29.56 -36.75
CA GLY D 320 -4.07 -29.81 -38.08
C GLY D 320 -5.58 -29.80 -38.10
N GLU D 321 -6.14 -30.20 -39.25
CA GLU D 321 -7.58 -30.23 -39.46
C GLU D 321 -7.92 -31.25 -40.54
N TYR D 322 -9.22 -31.53 -40.68
CA TYR D 322 -9.71 -32.61 -41.53
C TYR D 322 -10.41 -32.07 -42.78
N ILE D 323 -10.16 -32.72 -43.92
CA ILE D 323 -10.68 -32.30 -45.21
C ILE D 323 -11.56 -33.40 -45.81
N ALA D 324 -12.79 -33.02 -46.25
CA ALA D 324 -13.67 -33.84 -47.07
C ALA D 324 -13.24 -33.77 -48.52
N PRO D 325 -13.43 -34.84 -49.30
CA PRO D 325 -12.94 -34.82 -50.69
C PRO D 325 -13.76 -33.96 -51.62
N ASN D 326 -13.38 -33.98 -52.89
CA ASN D 326 -14.11 -33.26 -53.94
C ASN D 326 -15.54 -33.77 -54.04
N PRO D 327 -16.54 -32.89 -54.08
CA PRO D 327 -17.93 -33.35 -54.29
C PRO D 327 -18.17 -34.00 -55.65
N ARG D 328 -17.17 -34.07 -56.54
CA ARG D 328 -17.31 -34.94 -57.70
C ARG D 328 -17.29 -36.41 -57.29
N ILE D 329 -16.59 -36.74 -56.20
CA ILE D 329 -16.80 -38.05 -55.57
C ILE D 329 -18.24 -38.22 -55.11
N SER D 330 -18.85 -37.16 -54.59
CA SER D 330 -20.27 -37.25 -54.23
C SER D 330 -21.14 -37.49 -55.46
N SER D 331 -20.79 -36.86 -56.59
CA SER D 331 -21.51 -37.11 -57.83
C SER D 331 -21.35 -38.55 -58.30
N ILE D 332 -20.14 -39.09 -58.19
CA ILE D 332 -19.90 -40.48 -58.56
C ILE D 332 -20.68 -41.42 -57.65
N THR D 333 -20.75 -41.10 -56.36
CA THR D 333 -21.53 -41.90 -55.42
C THR D 333 -23.02 -41.84 -55.75
N LEU D 334 -23.51 -40.66 -56.14
CA LEU D 334 -24.91 -40.55 -56.56
C LEU D 334 -25.18 -41.35 -57.82
N THR D 335 -24.22 -41.35 -58.75
CA THR D 335 -24.34 -42.19 -59.94
C THR D 335 -24.37 -43.67 -59.57
N GLN D 336 -23.58 -44.06 -58.57
CA GLN D 336 -23.64 -45.42 -58.05
C GLN D 336 -25.00 -45.72 -57.44
N ARG D 337 -25.61 -44.72 -56.80
CA ARG D 337 -26.89 -44.91 -56.10
C ARG D 337 -28.06 -45.08 -57.05
N ILE D 338 -27.85 -44.94 -58.36
CA ILE D 338 -28.93 -45.17 -59.32
C ILE D 338 -29.42 -46.61 -59.23
N THR D 339 -28.49 -47.55 -59.16
CA THR D 339 -28.81 -48.96 -58.96
C THR D 339 -28.49 -49.32 -57.51
N THR D 340 -29.48 -49.87 -56.80
CA THR D 340 -29.36 -50.15 -55.37
C THR D 340 -28.78 -51.53 -55.08
N THR D 341 -28.09 -52.14 -56.03
CA THR D 341 -27.47 -53.44 -55.84
C THR D 341 -26.05 -53.34 -55.28
N GLY D 342 -25.69 -52.20 -54.69
CA GLY D 342 -24.36 -52.00 -54.15
C GLY D 342 -24.37 -51.92 -52.64
N PRO D 343 -23.26 -52.32 -52.02
CA PRO D 343 -23.19 -52.31 -50.55
C PRO D 343 -23.20 -50.92 -49.94
N PHE D 344 -22.34 -50.01 -50.43
CA PHE D 344 -22.23 -48.70 -49.81
C PHE D 344 -23.27 -47.71 -50.31
N ALA D 345 -24.27 -48.17 -51.07
CA ALA D 345 -25.32 -47.27 -51.52
C ALA D 345 -26.06 -46.66 -50.33
N ILE D 346 -26.41 -47.49 -49.35
CA ILE D 346 -26.93 -46.98 -48.07
C ILE D 346 -25.73 -46.81 -47.15
N LEU D 347 -25.07 -45.66 -47.28
CA LEU D 347 -23.85 -45.37 -46.55
C LEU D 347 -24.10 -44.61 -45.25
N THR D 348 -25.35 -44.27 -44.95
CA THR D 348 -25.75 -43.56 -43.73
C THR D 348 -24.97 -42.23 -43.60
N GLY D 349 -25.28 -41.34 -44.53
CA GLY D 349 -24.60 -40.06 -44.63
C GLY D 349 -24.85 -39.08 -43.49
N SER D 350 -25.54 -39.53 -42.44
CA SER D 350 -25.72 -38.70 -41.26
C SER D 350 -24.38 -38.45 -40.58
N THR D 351 -24.31 -37.33 -39.86
CA THR D 351 -23.04 -36.94 -39.24
C THR D 351 -22.64 -37.92 -38.15
N PRO D 352 -21.36 -38.28 -38.08
CA PRO D 352 -20.88 -39.14 -36.99
C PRO D 352 -21.14 -38.52 -35.62
N THR D 353 -21.41 -39.39 -34.64
CA THR D 353 -21.57 -38.95 -33.27
C THR D 353 -20.22 -38.77 -32.60
N ALA D 354 -20.23 -38.36 -31.33
CA ALA D 354 -19.00 -37.99 -30.64
C ALA D 354 -18.04 -39.17 -30.51
N GLN D 355 -18.56 -40.35 -30.18
CA GLN D 355 -17.68 -41.51 -30.04
C GLN D 355 -17.07 -41.91 -31.38
N GLN D 356 -17.75 -41.63 -32.49
CA GLN D 356 -17.16 -41.90 -33.80
C GLN D 356 -16.02 -40.94 -34.11
N LEU D 357 -16.15 -39.67 -33.70
CA LEU D 357 -15.04 -38.74 -33.82
C LEU D 357 -13.87 -39.16 -32.95
N ASN D 358 -14.14 -39.64 -31.73
CA ASN D 358 -13.07 -40.18 -30.90
C ASN D 358 -12.41 -41.37 -31.57
N ASP D 359 -13.20 -42.24 -32.20
CA ASP D 359 -12.65 -43.41 -32.88
C ASP D 359 -11.78 -43.02 -34.06
N VAL D 360 -12.22 -42.02 -34.85
CA VAL D 360 -11.39 -41.61 -35.99
C VAL D 360 -10.12 -40.92 -35.52
N ARG D 361 -10.20 -40.15 -34.43
CA ARG D 361 -8.99 -39.55 -33.88
C ARG D 361 -8.01 -40.61 -33.38
N LYS D 362 -8.51 -41.63 -32.70
CA LYS D 362 -7.60 -42.65 -32.18
C LYS D 362 -7.08 -43.58 -33.27
N ILE D 363 -7.84 -43.80 -34.34
CA ILE D 363 -7.33 -44.61 -35.44
C ILE D 363 -6.27 -43.84 -36.22
N TYR D 364 -6.43 -42.52 -36.34
CA TYR D 364 -5.35 -41.71 -36.91
C TYR D 364 -4.14 -41.68 -35.99
N LEU D 365 -4.36 -41.69 -34.68
CA LEU D 365 -3.25 -41.79 -33.74
C LEU D 365 -2.51 -43.11 -33.89
N ALA D 366 -3.25 -44.20 -34.12
CA ALA D 366 -2.63 -45.49 -34.39
C ALA D 366 -1.84 -45.45 -35.70
N LEU D 367 -2.39 -44.77 -36.72
CA LEU D 367 -1.68 -44.62 -37.98
C LEU D 367 -0.46 -43.72 -37.87
N MET D 368 -0.41 -42.86 -36.85
CA MET D 368 0.76 -42.01 -36.63
C MET D 368 2.03 -42.84 -36.47
N PHE D 369 2.01 -43.80 -35.54
CA PHE D 369 3.19 -44.57 -35.20
C PHE D 369 3.11 -45.98 -35.77
N PRO D 370 4.25 -46.58 -36.14
CA PRO D 370 4.19 -47.91 -36.77
C PRO D 370 3.86 -49.03 -35.80
N GLY D 371 4.46 -49.03 -34.61
CA GLY D 371 4.27 -50.13 -33.68
C GLY D 371 3.87 -49.73 -32.28
N GLN D 372 3.83 -48.42 -32.01
CA GLN D 372 3.47 -47.96 -30.67
C GLN D 372 2.03 -48.32 -30.31
N ILE D 373 1.11 -48.18 -31.26
CA ILE D 373 -0.31 -48.40 -31.00
C ILE D 373 -0.78 -49.55 -31.86
N ILE D 374 -1.40 -50.55 -31.23
CA ILE D 374 -2.03 -51.67 -31.93
C ILE D 374 -3.53 -51.54 -31.74
N LEU D 375 -4.27 -51.95 -32.77
CA LEU D 375 -5.71 -51.78 -32.79
C LEU D 375 -6.42 -53.12 -32.64
N ASP D 376 -7.54 -53.09 -31.91
CA ASP D 376 -8.39 -54.26 -31.72
C ASP D 376 -9.84 -53.83 -31.90
N LEU D 377 -10.68 -54.81 -32.22
CA LEU D 377 -12.08 -54.56 -32.50
C LEU D 377 -12.88 -54.45 -31.21
N LYS D 378 -13.73 -53.42 -31.14
CA LYS D 378 -14.59 -53.23 -29.99
C LYS D 378 -15.81 -54.16 -30.07
N ILE D 379 -16.17 -54.73 -28.94
CA ILE D 379 -17.29 -55.66 -28.86
C ILE D 379 -18.55 -54.86 -28.48
N ASP D 380 -19.56 -54.92 -29.33
CA ASP D 380 -20.83 -54.23 -29.09
C ASP D 380 -21.94 -55.27 -28.97
N PRO D 381 -22.37 -55.61 -27.75
CA PRO D 381 -23.44 -56.61 -27.60
C PRO D 381 -24.85 -56.06 -27.76
N GLY D 382 -25.02 -54.74 -27.82
CA GLY D 382 -26.35 -54.16 -27.88
C GLY D 382 -26.80 -53.78 -29.27
N GLU D 383 -25.92 -53.10 -30.02
CA GLU D 383 -26.30 -52.62 -31.34
C GLU D 383 -26.40 -53.77 -32.33
N ARG D 384 -27.43 -53.71 -33.18
CA ARG D 384 -27.65 -54.71 -34.23
C ARG D 384 -27.39 -54.04 -35.58
N MET D 385 -26.19 -54.25 -36.11
CA MET D 385 -25.77 -53.59 -37.34
C MET D 385 -26.10 -54.45 -38.56
N ASP D 386 -26.28 -53.77 -39.70
CA ASP D 386 -26.50 -54.43 -40.96
C ASP D 386 -25.20 -55.07 -41.46
N PRO D 387 -25.29 -56.16 -42.24
CA PRO D 387 -24.06 -56.78 -42.76
C PRO D 387 -23.36 -55.96 -43.84
N ALA D 388 -24.05 -55.00 -44.45
CA ALA D 388 -23.44 -54.23 -45.54
C ALA D 388 -22.29 -53.37 -45.03
N VAL D 389 -22.52 -52.64 -43.92
CA VAL D 389 -21.47 -51.80 -43.37
C VAL D 389 -20.30 -52.65 -42.89
N ARG D 390 -20.59 -53.83 -42.35
CA ARG D 390 -19.52 -54.73 -41.90
C ARG D 390 -18.69 -55.21 -43.07
N MET D 391 -19.34 -55.64 -44.16
CA MET D 391 -18.59 -56.22 -45.26
C MET D 391 -17.93 -55.18 -46.14
N VAL D 392 -18.31 -53.90 -46.02
CA VAL D 392 -17.52 -52.86 -46.66
C VAL D 392 -16.41 -52.35 -45.74
N ALA D 393 -16.64 -52.35 -44.41
CA ALA D 393 -15.62 -51.92 -43.48
C ALA D 393 -14.45 -52.88 -43.47
N GLY D 394 -14.72 -54.18 -43.59
CA GLY D 394 -13.62 -55.14 -43.64
C GLY D 394 -12.68 -54.90 -44.79
N VAL D 395 -13.23 -54.73 -46.00
CA VAL D 395 -12.37 -54.54 -47.17
C VAL D 395 -11.69 -53.17 -47.13
N VAL D 396 -12.37 -52.14 -46.65
CA VAL D 396 -11.73 -50.82 -46.64
C VAL D 396 -10.63 -50.79 -45.58
N GLY D 397 -10.83 -51.46 -44.45
CA GLY D 397 -9.78 -51.54 -43.44
C GLY D 397 -8.59 -52.36 -43.90
N HIS D 398 -8.85 -53.44 -44.65
CA HIS D 398 -7.72 -54.20 -45.19
C HIS D 398 -6.95 -53.36 -46.21
N LEU D 399 -7.66 -52.58 -47.02
CA LEU D 399 -6.98 -51.72 -47.99
C LEU D 399 -6.15 -50.64 -47.30
N LEU D 400 -6.66 -50.07 -46.21
CA LEU D 400 -5.99 -48.93 -45.59
C LEU D 400 -4.78 -49.36 -44.76
N PHE D 401 -4.85 -50.51 -44.09
CA PHE D 401 -3.91 -50.84 -43.03
C PHE D 401 -2.72 -51.66 -43.54
N THR D 402 -1.86 -52.04 -42.58
CA THR D 402 -0.72 -52.92 -42.80
C THR D 402 -0.77 -54.04 -41.78
N ALA D 403 -0.09 -55.14 -42.09
CA ALA D 403 -0.14 -56.31 -41.22
C ALA D 403 1.23 -56.85 -40.82
N GLY D 404 2.24 -56.74 -41.68
CA GLY D 404 3.51 -57.35 -41.35
C GLY D 404 4.70 -56.90 -42.18
N GLY D 405 5.56 -57.85 -42.52
CA GLY D 405 6.82 -57.55 -43.17
C GLY D 405 7.91 -57.20 -42.19
N ARG D 406 7.85 -55.97 -41.66
CA ARG D 406 8.79 -55.53 -40.63
C ARG D 406 8.14 -54.92 -39.40
N PHE D 407 6.87 -54.51 -39.48
CA PHE D 407 6.16 -53.93 -38.35
C PHE D 407 4.67 -54.14 -38.56
N THR D 408 3.91 -53.92 -37.49
CA THR D 408 2.47 -54.12 -37.56
C THR D 408 1.77 -53.15 -36.61
N ASN D 409 0.48 -52.93 -36.88
CA ASN D 409 -0.38 -52.15 -36.00
C ASN D 409 -1.68 -52.89 -35.69
N LEU D 410 -1.79 -54.15 -36.10
CA LEU D 410 -2.98 -54.95 -35.88
C LEU D 410 -2.59 -56.30 -35.29
N THR D 411 -3.54 -56.91 -34.60
CA THR D 411 -3.37 -58.27 -34.09
C THR D 411 -3.82 -59.28 -35.15
N GLN D 412 -3.62 -60.56 -34.84
CA GLN D 412 -4.10 -61.61 -35.72
C GLN D 412 -5.62 -61.66 -35.75
N ASN D 413 -6.26 -61.24 -34.65
CA ASN D 413 -7.72 -61.34 -34.55
C ASN D 413 -8.39 -60.47 -35.61
N MET D 414 -8.14 -59.16 -35.57
CA MET D 414 -8.81 -58.26 -36.51
C MET D 414 -8.47 -58.61 -37.96
N ALA D 415 -7.29 -59.17 -38.18
CA ALA D 415 -6.99 -59.73 -39.50
C ALA D 415 -7.96 -60.87 -39.84
N ARG D 416 -8.28 -61.72 -38.86
CA ARG D 416 -9.22 -62.81 -39.11
C ARG D 416 -10.62 -62.27 -39.42
N GLN D 417 -11.11 -61.30 -38.64
CA GLN D 417 -12.43 -60.75 -38.97
C GLN D 417 -12.42 -60.01 -40.30
N LEU D 418 -11.33 -59.33 -40.65
CA LEU D 418 -11.27 -58.67 -41.96
C LEU D 418 -11.32 -59.69 -43.09
N ASP D 419 -10.59 -60.80 -42.95
CA ASP D 419 -10.60 -61.84 -43.97
C ASP D 419 -12.00 -62.45 -44.13
N ILE D 420 -12.63 -62.80 -43.01
CA ILE D 420 -13.96 -63.41 -43.12
C ILE D 420 -14.99 -62.39 -43.59
N ALA D 421 -14.78 -61.10 -43.30
CA ALA D 421 -15.68 -60.07 -43.79
C ALA D 421 -15.58 -59.94 -45.31
N LEU D 422 -14.36 -59.96 -45.85
CA LEU D 422 -14.24 -59.93 -47.31
C LEU D 422 -14.81 -61.21 -47.93
N ASN D 423 -14.63 -62.35 -47.26
CA ASN D 423 -15.23 -63.59 -47.76
C ASN D 423 -16.75 -63.47 -47.84
N ASP D 424 -17.36 -62.93 -46.78
CA ASP D 424 -18.81 -62.74 -46.76
C ASP D 424 -19.25 -61.75 -47.83
N TYR D 425 -18.48 -60.68 -48.03
CA TYR D 425 -18.82 -59.69 -49.05
C TYR D 425 -18.77 -60.30 -50.44
N LEU D 426 -17.75 -61.11 -50.71
CA LEU D 426 -17.58 -61.67 -52.05
C LEU D 426 -18.56 -62.81 -52.32
N LEU D 427 -18.95 -63.56 -51.30
CA LEU D 427 -19.78 -64.75 -51.51
C LEU D 427 -21.22 -64.58 -51.06
N TYR D 428 -21.62 -63.40 -50.60
CA TYR D 428 -22.96 -63.20 -50.05
C TYR D 428 -23.82 -62.29 -50.91
N MET D 429 -23.37 -61.07 -51.17
CA MET D 429 -24.18 -60.05 -51.82
C MET D 429 -23.78 -59.98 -53.29
N TYR D 430 -24.70 -60.34 -54.18
CA TYR D 430 -24.42 -60.41 -55.61
C TYR D 430 -25.62 -59.92 -56.39
N ASN D 431 -25.35 -59.18 -57.48
CA ASN D 431 -26.41 -58.89 -58.44
C ASN D 431 -26.69 -60.10 -59.33
N THR D 432 -25.67 -60.89 -59.65
CA THR D 432 -25.83 -62.13 -60.41
C THR D 432 -24.65 -63.03 -60.09
N ARG D 433 -24.84 -64.33 -60.32
CA ARG D 433 -23.79 -65.29 -60.04
C ARG D 433 -22.68 -65.23 -61.09
N VAL D 434 -21.46 -65.48 -60.64
CA VAL D 434 -20.29 -65.57 -61.50
C VAL D 434 -19.67 -66.94 -61.28
N GLN D 435 -19.19 -67.56 -62.37
CA GLN D 435 -18.62 -68.89 -62.29
C GLN D 435 -17.43 -68.91 -61.34
N VAL D 436 -17.42 -69.88 -60.42
CA VAL D 436 -16.41 -69.95 -59.38
C VAL D 436 -16.27 -71.41 -58.95
N ASN D 437 -15.04 -71.83 -58.71
CA ASN D 437 -14.74 -73.15 -58.18
C ASN D 437 -14.09 -73.03 -56.82
N TYR D 438 -14.45 -73.93 -55.92
CA TYR D 438 -14.01 -73.88 -54.53
C TYR D 438 -12.84 -74.81 -54.31
N GLY D 439 -11.94 -74.40 -53.40
CA GLY D 439 -10.79 -75.20 -53.06
C GLY D 439 -11.14 -76.36 -52.16
N PRO D 440 -10.19 -77.30 -52.04
CA PRO D 440 -10.44 -78.48 -51.21
C PRO D 440 -10.27 -78.25 -49.72
N THR D 441 -9.63 -77.15 -49.31
CA THR D 441 -9.33 -76.88 -47.91
C THR D 441 -10.33 -75.89 -47.33
N GLY D 442 -10.68 -76.09 -46.07
CA GLY D 442 -11.71 -75.30 -45.43
C GLY D 442 -11.24 -74.08 -44.67
N GLU D 443 -10.64 -73.12 -45.38
CA GLU D 443 -10.30 -71.82 -44.81
C GLU D 443 -10.84 -70.73 -45.72
N PRO D 444 -11.08 -69.53 -45.19
CA PRO D 444 -11.61 -68.45 -46.04
C PRO D 444 -10.65 -68.05 -47.15
N LEU D 445 -11.24 -67.59 -48.25
CA LEU D 445 -10.50 -67.06 -49.41
C LEU D 445 -9.64 -68.14 -50.07
N ASP D 446 -10.23 -69.31 -50.33
CA ASP D 446 -9.55 -70.38 -51.04
C ASP D 446 -10.12 -70.63 -52.42
N PHE D 447 -11.11 -69.86 -52.85
CA PHE D 447 -11.79 -70.08 -54.12
C PHE D 447 -11.19 -69.22 -55.23
N GLN D 448 -11.28 -69.71 -56.46
CA GLN D 448 -10.88 -68.96 -57.64
C GLN D 448 -12.15 -68.38 -58.27
N ILE D 449 -12.33 -67.07 -58.15
CA ILE D 449 -13.53 -66.38 -58.61
C ILE D 449 -13.18 -65.55 -59.83
N GLY D 450 -14.04 -65.58 -60.84
CA GLY D 450 -13.87 -64.79 -62.03
C GLY D 450 -13.77 -65.65 -63.29
N ARG D 451 -13.83 -64.97 -64.43
CA ARG D 451 -13.70 -65.65 -65.71
C ARG D 451 -12.31 -66.27 -65.86
N ASN D 452 -11.28 -65.57 -65.43
CA ASN D 452 -9.92 -66.09 -65.50
C ASN D 452 -9.66 -67.02 -64.31
N GLN D 453 -8.42 -67.51 -64.23
CA GLN D 453 -8.01 -68.41 -63.17
C GLN D 453 -7.43 -67.67 -61.96
N TYR D 454 -7.86 -66.43 -61.73
CA TYR D 454 -7.36 -65.66 -60.60
C TYR D 454 -7.75 -66.34 -59.29
N ASP D 455 -6.78 -66.44 -58.38
CA ASP D 455 -6.98 -67.09 -57.10
C ASP D 455 -6.84 -66.08 -55.96
N CYS D 456 -7.59 -66.33 -54.88
CA CYS D 456 -7.55 -65.48 -53.70
C CYS D 456 -6.74 -66.10 -52.57
N ASN D 457 -5.94 -67.13 -52.86
CA ASN D 457 -5.13 -67.76 -51.83
C ASN D 457 -4.03 -66.83 -51.33
N VAL D 458 -3.55 -65.92 -52.18
CA VAL D 458 -2.52 -64.97 -51.77
C VAL D 458 -3.08 -63.91 -50.82
N PHE D 459 -4.40 -63.75 -50.77
CA PHE D 459 -5.00 -62.74 -49.92
C PHE D 459 -4.85 -63.05 -48.44
N ARG D 460 -4.56 -64.30 -48.09
CA ARG D 460 -4.53 -64.73 -46.70
C ARG D 460 -3.48 -63.97 -45.91
N ALA D 461 -3.86 -63.56 -44.69
CA ALA D 461 -2.95 -62.80 -43.84
C ALA D 461 -1.85 -63.70 -43.31
N ASP D 462 -0.60 -63.25 -43.44
CA ASP D 462 0.56 -63.99 -42.96
C ASP D 462 1.58 -63.00 -42.47
N PHE D 463 1.81 -62.97 -41.16
CA PHE D 463 2.74 -62.01 -40.57
C PHE D 463 4.19 -62.30 -40.94
N ALA D 464 4.50 -63.52 -41.39
CA ALA D 464 5.87 -63.84 -41.78
C ALA D 464 6.30 -63.04 -43.00
N THR D 465 5.42 -62.90 -43.98
CA THR D 465 5.74 -62.16 -45.20
C THR D 465 4.94 -60.88 -45.38
N GLY D 466 3.83 -60.72 -44.66
CA GLY D 466 3.03 -59.53 -44.80
C GLY D 466 2.29 -59.41 -46.13
N THR D 467 2.05 -60.53 -46.80
CA THR D 467 1.37 -60.50 -48.09
C THR D 467 -0.11 -60.15 -47.92
N GLY D 468 -0.70 -59.68 -49.02
CA GLY D 468 -2.10 -59.30 -49.04
C GLY D 468 -2.39 -57.88 -48.62
N TYR D 469 -1.43 -57.19 -48.02
CA TYR D 469 -1.58 -55.82 -47.55
C TYR D 469 -0.63 -54.91 -48.30
N ASN D 470 -0.57 -53.64 -47.88
CA ASN D 470 0.27 -52.65 -48.55
C ASN D 470 1.76 -52.96 -48.40
N GLY D 471 2.13 -53.85 -47.49
CA GLY D 471 3.50 -54.30 -47.35
C GLY D 471 3.89 -55.43 -48.27
N TRP D 472 3.08 -55.74 -49.27
CA TRP D 472 3.32 -56.87 -50.16
C TRP D 472 4.47 -56.55 -51.11
N ALA D 473 5.60 -57.23 -50.92
CA ALA D 473 6.74 -57.16 -51.84
C ALA D 473 7.25 -55.74 -52.03
N THR D 474 7.28 -54.97 -50.95
CA THR D 474 7.78 -53.60 -50.97
C THR D 474 8.69 -53.37 -49.76
N ILE D 475 9.58 -52.39 -49.91
CA ILE D 475 10.49 -52.02 -48.84
C ILE D 475 9.86 -50.92 -48.01
N ASP D 476 9.96 -51.04 -46.69
CA ASP D 476 9.35 -50.08 -45.77
C ASP D 476 10.37 -49.36 -44.90
N VAL D 477 11.25 -50.08 -44.24
CA VAL D 477 12.27 -49.49 -43.38
C VAL D 477 13.59 -49.46 -44.13
N GLU D 478 14.28 -48.32 -44.08
CA GLU D 478 15.52 -48.12 -44.81
C GLU D 478 16.51 -47.37 -43.92
N TYR D 479 17.77 -47.76 -43.98
CA TYR D 479 18.85 -47.10 -43.27
C TYR D 479 19.75 -46.40 -44.28
N ARG D 480 19.79 -45.07 -44.23
CA ARG D 480 20.42 -44.27 -45.28
C ARG D 480 21.66 -43.52 -44.79
N GLU D 481 21.52 -42.69 -43.77
CA GLU D 481 22.58 -41.78 -43.35
C GLU D 481 22.46 -41.57 -41.85
N PRO D 482 23.58 -41.42 -41.13
CA PRO D 482 23.52 -41.28 -39.67
C PRO D 482 22.73 -40.06 -39.20
N ALA D 483 21.61 -40.31 -38.52
CA ALA D 483 20.74 -39.25 -38.06
C ALA D 483 21.40 -38.45 -36.93
N PRO D 484 20.92 -37.24 -36.67
CA PRO D 484 21.42 -36.50 -35.49
C PRO D 484 21.25 -37.26 -34.19
N TYR D 485 20.17 -38.02 -34.05
CA TYR D 485 19.98 -38.90 -32.91
C TYR D 485 20.47 -40.29 -33.30
N VAL D 486 21.46 -40.80 -32.56
CA VAL D 486 22.15 -42.02 -32.96
C VAL D 486 21.34 -43.29 -32.72
N HIS D 487 20.25 -43.20 -31.96
CA HIS D 487 19.43 -44.37 -31.64
C HIS D 487 18.25 -44.54 -32.59
N ALA D 488 18.00 -43.57 -33.47
CA ALA D 488 16.84 -43.56 -34.35
C ALA D 488 17.26 -43.35 -35.79
N GLN D 489 18.24 -44.13 -36.23
CA GLN D 489 18.80 -44.02 -37.58
C GLN D 489 17.92 -44.67 -38.64
N ARG D 490 16.67 -44.98 -38.33
CA ARG D 490 15.76 -45.64 -39.26
C ARG D 490 14.96 -44.62 -40.05
N TYR D 491 14.60 -44.99 -41.28
CA TYR D 491 13.69 -44.22 -42.11
C TYR D 491 12.50 -45.09 -42.45
N ILE D 492 11.30 -44.57 -42.20
CA ILE D 492 10.06 -45.33 -42.36
C ILE D 492 9.38 -44.85 -43.63
N ARG D 493 9.03 -45.79 -44.50
CA ARG D 493 8.47 -45.48 -45.81
C ARG D 493 7.23 -46.34 -46.02
N TYR D 494 6.05 -45.72 -45.89
CA TYR D 494 4.80 -46.47 -45.96
C TYR D 494 4.51 -46.96 -47.38
N CYS D 495 4.77 -46.14 -48.39
CA CYS D 495 4.30 -46.43 -49.75
C CYS D 495 5.43 -46.75 -50.71
N GLY D 496 6.68 -46.68 -50.26
CA GLY D 496 7.80 -46.78 -51.16
C GLY D 496 8.19 -45.46 -51.80
N ILE D 497 7.45 -44.40 -51.53
CA ILE D 497 7.77 -43.06 -52.04
C ILE D 497 8.50 -42.29 -50.96
N ASP D 498 9.55 -41.58 -51.35
CA ASP D 498 10.38 -40.86 -50.38
C ASP D 498 9.63 -39.66 -49.83
N SER D 499 9.95 -39.31 -48.59
CA SER D 499 9.39 -38.13 -47.94
C SER D 499 10.21 -36.87 -48.22
N ARG D 500 11.32 -36.99 -48.94
CA ARG D 500 12.19 -35.84 -49.19
C ARG D 500 11.56 -34.87 -50.17
N GLU D 501 10.99 -35.40 -51.26
CA GLU D 501 10.36 -34.54 -52.26
C GLU D 501 9.07 -33.93 -51.72
N LEU D 502 8.79 -32.71 -52.15
CA LEU D 502 7.57 -32.01 -51.77
C LEU D 502 6.49 -32.23 -52.83
N ILE D 503 5.24 -32.16 -52.37
CA ILE D 503 4.07 -32.43 -53.21
C ILE D 503 3.04 -31.32 -52.99
N ASN D 504 2.10 -31.22 -53.92
CA ASN D 504 0.96 -30.34 -53.78
C ASN D 504 -0.31 -31.13 -54.04
N PRO D 505 -1.38 -30.91 -53.26
CA PRO D 505 -2.58 -31.75 -53.40
C PRO D 505 -3.30 -31.61 -54.73
N THR D 506 -3.13 -30.48 -55.44
CA THR D 506 -3.91 -30.24 -56.63
C THR D 506 -3.47 -31.10 -57.80
N THR D 507 -2.21 -31.53 -57.83
CA THR D 507 -1.67 -32.27 -58.96
C THR D 507 -1.19 -33.67 -58.62
N TYR D 508 -0.80 -33.92 -57.37
CA TYR D 508 -0.24 -35.22 -57.01
C TYR D 508 -1.33 -36.29 -56.97
N GLY D 509 -0.90 -37.54 -57.20
CA GLY D 509 -1.79 -38.67 -57.07
C GLY D 509 -2.38 -39.20 -58.35
N ILE D 510 -1.92 -38.74 -59.52
CA ILE D 510 -2.46 -39.18 -60.80
C ILE D 510 -1.39 -39.92 -61.57
N GLY D 511 -1.74 -41.11 -62.08
CA GLY D 511 -0.87 -41.86 -62.95
C GLY D 511 0.06 -42.86 -62.30
N MET D 512 0.14 -42.89 -60.97
CA MET D 512 0.99 -43.84 -60.27
C MET D 512 0.16 -44.69 -59.32
N THR D 513 0.51 -45.98 -59.23
CA THR D 513 -0.14 -46.91 -58.33
C THR D 513 0.93 -47.75 -57.62
N TYR D 514 0.53 -48.38 -56.52
CA TYR D 514 1.38 -49.33 -55.83
C TYR D 514 0.78 -50.73 -55.91
N HIS D 515 1.60 -51.72 -55.54
CA HIS D 515 1.33 -53.10 -55.91
C HIS D 515 0.06 -53.65 -55.26
N CYS D 516 -0.11 -53.39 -53.97
CA CYS D 516 -1.25 -53.96 -53.24
C CYS D 516 -2.57 -53.44 -53.80
N TYR D 517 -2.66 -52.13 -54.02
CA TYR D 517 -3.88 -51.57 -54.59
C TYR D 517 -4.13 -52.10 -55.99
N ASN D 518 -3.08 -52.24 -56.80
CA ASN D 518 -3.26 -52.73 -58.16
C ASN D 518 -3.79 -54.16 -58.16
N GLU D 519 -3.23 -55.01 -57.29
CA GLU D 519 -3.72 -56.39 -57.20
C GLU D 519 -5.15 -56.45 -56.68
N MET D 520 -5.48 -55.62 -55.68
CA MET D 520 -6.84 -55.59 -55.17
C MET D 520 -7.81 -55.13 -56.23
N LEU D 521 -7.44 -54.10 -57.00
CA LEU D 521 -8.31 -53.61 -58.07
C LEU D 521 -8.50 -54.65 -59.16
N ARG D 522 -7.41 -55.37 -59.51
CA ARG D 522 -7.53 -56.43 -60.52
C ARG D 522 -8.45 -57.55 -60.04
N MET D 523 -8.30 -57.95 -58.77
CA MET D 523 -9.17 -58.99 -58.22
C MET D 523 -10.62 -58.52 -58.19
N LEU D 524 -10.85 -57.26 -57.82
CA LEU D 524 -12.20 -56.74 -57.73
C LEU D 524 -12.85 -56.63 -59.11
N VAL D 525 -12.11 -56.16 -60.10
CA VAL D 525 -12.67 -56.02 -61.44
C VAL D 525 -12.84 -57.38 -62.11
N ALA D 526 -12.02 -58.37 -61.72
CA ALA D 526 -12.23 -59.73 -62.21
C ALA D 526 -13.49 -60.36 -61.63
N ALA D 527 -13.96 -59.87 -60.49
CA ALA D 527 -15.16 -60.39 -59.83
C ALA D 527 -16.45 -59.75 -60.33
N GLY D 528 -16.36 -58.76 -61.22
CA GLY D 528 -17.52 -58.19 -61.86
C GLY D 528 -18.07 -56.92 -61.23
N LYS D 529 -17.57 -56.49 -60.07
CA LYS D 529 -18.02 -55.25 -59.43
C LYS D 529 -17.30 -54.07 -60.06
N ASP D 530 -17.86 -53.58 -61.17
CA ASP D 530 -17.26 -52.44 -61.88
C ASP D 530 -17.44 -51.14 -61.10
N SER D 531 -18.59 -50.98 -60.44
CA SER D 531 -18.85 -49.73 -59.72
C SER D 531 -17.90 -49.56 -58.54
N GLU D 532 -17.59 -50.66 -57.84
CA GLU D 532 -16.62 -50.60 -56.76
C GLU D 532 -15.25 -50.16 -57.29
N ALA D 533 -14.86 -50.71 -58.44
CA ALA D 533 -13.58 -50.34 -59.05
C ALA D 533 -13.56 -48.87 -59.45
N ALA D 534 -14.66 -48.36 -60.00
CA ALA D 534 -14.72 -46.95 -60.35
C ALA D 534 -14.63 -46.07 -59.11
N TYR D 535 -15.34 -46.45 -58.04
CA TYR D 535 -15.29 -45.67 -56.80
C TYR D 535 -13.88 -45.64 -56.24
N PHE D 536 -13.19 -46.78 -56.23
CA PHE D 536 -11.85 -46.82 -55.65
C PHE D 536 -10.82 -46.13 -56.55
N ARG D 537 -10.98 -46.20 -57.86
CA ARG D 537 -10.05 -45.49 -58.74
C ARG D 537 -10.29 -43.99 -58.68
N SER D 538 -11.49 -43.58 -58.24
CA SER D 538 -11.67 -42.19 -57.83
C SER D 538 -11.02 -41.91 -56.48
N MET D 539 -11.02 -42.90 -55.58
CA MET D 539 -10.42 -42.72 -54.26
C MET D 539 -8.92 -42.51 -54.34
N LEU D 540 -8.26 -43.17 -55.30
CA LEU D 540 -6.80 -43.30 -55.29
C LEU D 540 -6.00 -42.00 -55.11
N PRO D 541 -6.28 -40.90 -55.82
CA PRO D 541 -5.43 -39.72 -55.63
C PRO D 541 -5.50 -39.12 -54.23
N PHE D 542 -6.71 -38.98 -53.68
CA PHE D 542 -6.87 -38.43 -52.34
C PHE D 542 -6.20 -39.32 -51.29
N HIS D 543 -6.35 -40.65 -51.46
CA HIS D 543 -5.71 -41.60 -50.56
C HIS D 543 -4.20 -41.47 -50.62
N MET D 544 -3.64 -41.37 -51.82
CA MET D 544 -2.20 -41.23 -51.95
C MET D 544 -1.71 -39.91 -51.36
N VAL D 545 -2.50 -38.84 -51.49
CA VAL D 545 -2.12 -37.55 -50.91
C VAL D 545 -2.03 -37.66 -49.39
N ARG D 546 -3.09 -38.20 -48.75
CA ARG D 546 -3.02 -38.27 -47.29
C ARG D 546 -1.97 -39.28 -46.82
N PHE D 547 -1.70 -40.30 -47.63
CA PHE D 547 -0.76 -41.34 -47.24
C PHE D 547 0.67 -40.81 -47.32
N ALA D 548 0.97 -40.03 -48.36
CA ALA D 548 2.25 -39.33 -48.42
C ALA D 548 2.36 -38.30 -47.31
N ARG D 549 1.25 -37.65 -46.95
CA ARG D 549 1.30 -36.66 -45.87
C ARG D 549 1.63 -37.31 -44.53
N ILE D 550 1.01 -38.45 -44.22
CA ILE D 550 1.30 -39.12 -42.95
C ILE D 550 2.72 -39.67 -42.95
N ASN D 551 3.18 -40.18 -44.11
CA ASN D 551 4.57 -40.62 -44.20
C ASN D 551 5.54 -39.46 -43.94
N GLN D 552 5.26 -38.30 -44.53
CA GLN D 552 6.12 -37.13 -44.33
C GLN D 552 6.12 -36.69 -42.87
N ILE D 553 4.95 -36.64 -42.24
CA ILE D 553 4.88 -36.12 -40.88
C ILE D 553 5.51 -37.10 -39.89
N ILE D 554 5.52 -38.40 -40.20
CA ILE D 554 6.20 -39.32 -39.29
C ILE D 554 7.70 -39.36 -39.55
N ASN D 555 8.14 -39.15 -40.79
CA ASN D 555 9.58 -39.15 -41.05
C ASN D 555 10.23 -37.80 -40.83
N GLU D 556 9.46 -36.75 -40.57
CA GLU D 556 10.00 -35.40 -40.51
C GLU D 556 9.88 -34.76 -39.14
N ASP D 557 8.76 -34.97 -38.45
CA ASP D 557 8.44 -34.23 -37.24
C ASP D 557 8.69 -35.00 -35.95
N LEU D 558 8.46 -36.31 -35.94
CA LEU D 558 8.50 -37.10 -34.71
C LEU D 558 9.89 -37.58 -34.34
N HIS D 559 10.95 -36.93 -34.83
CA HIS D 559 12.31 -37.34 -34.52
C HIS D 559 12.74 -36.70 -33.21
N SER D 560 12.90 -37.53 -32.18
CA SER D 560 13.33 -37.08 -30.86
C SER D 560 13.84 -38.28 -30.08
N VAL D 561 14.45 -38.00 -28.93
CA VAL D 561 14.92 -39.09 -28.08
C VAL D 561 13.76 -39.83 -27.44
N PHE D 562 12.57 -39.23 -27.40
CA PHE D 562 11.40 -39.88 -26.84
C PHE D 562 10.91 -41.03 -27.70
N SER D 563 11.33 -41.10 -28.96
CA SER D 563 11.01 -42.24 -29.81
C SER D 563 11.87 -43.44 -29.41
N LEU D 564 11.30 -44.62 -29.58
CA LEU D 564 12.00 -45.84 -29.20
C LEU D 564 13.18 -46.10 -30.14
N PRO D 565 14.26 -46.70 -29.63
CA PRO D 565 15.43 -46.97 -30.48
C PRO D 565 15.18 -48.05 -31.52
N ASP D 566 16.20 -48.34 -32.33
CA ASP D 566 16.05 -49.33 -33.39
C ASP D 566 15.90 -50.74 -32.84
N ASP D 567 16.54 -51.03 -31.70
CA ASP D 567 16.49 -52.39 -31.15
C ASP D 567 15.07 -52.77 -30.74
N MET D 568 14.38 -51.88 -30.04
CA MET D 568 13.00 -52.16 -29.63
C MET D 568 12.08 -52.26 -30.83
N PHE D 569 12.26 -51.39 -31.82
CA PHE D 569 11.44 -51.42 -33.02
C PHE D 569 11.63 -52.73 -33.78
N ASN D 570 12.87 -53.22 -33.87
CA ASN D 570 13.12 -54.47 -34.56
C ASN D 570 12.63 -55.67 -33.77
N ALA D 571 12.70 -55.62 -32.44
CA ALA D 571 12.31 -56.76 -31.61
C ALA D 571 10.83 -56.77 -31.27
N LEU D 572 10.08 -55.73 -31.62
CA LEU D 572 8.65 -55.70 -31.33
C LEU D 572 7.90 -56.82 -32.06
N LEU D 573 8.21 -57.03 -33.34
CA LEU D 573 7.49 -58.05 -34.11
C LEU D 573 7.68 -59.47 -33.59
N PRO D 574 8.90 -59.96 -33.31
CA PRO D 574 9.01 -61.31 -32.74
C PRO D 574 8.36 -61.45 -31.38
N ASP D 575 8.30 -60.36 -30.60
CA ASP D 575 7.62 -60.41 -29.31
C ASP D 575 6.13 -60.70 -29.48
N LEU D 576 5.49 -60.07 -30.47
CA LEU D 576 4.08 -60.35 -30.72
C LEU D 576 3.88 -61.70 -31.40
N ILE D 577 4.84 -62.12 -32.23
CA ILE D 577 4.69 -63.39 -32.93
C ILE D 577 4.80 -64.56 -31.94
N ALA D 578 5.80 -64.52 -31.06
CA ALA D 578 6.01 -65.63 -30.14
C ALA D 578 4.97 -65.63 -29.02
N GLY D 579 4.49 -64.46 -28.62
CA GLY D 579 3.53 -64.35 -27.54
C GLY D 579 4.12 -64.31 -26.16
N ALA D 580 5.43 -64.38 -26.02
CA ALA D 580 6.10 -64.30 -24.73
C ALA D 580 6.62 -62.88 -24.52
N HIS D 581 6.30 -62.31 -23.36
CA HIS D 581 6.62 -60.92 -23.06
C HIS D 581 7.91 -60.84 -22.26
N GLN D 582 8.91 -60.18 -22.82
CA GLN D 582 10.18 -59.95 -22.15
C GLN D 582 10.46 -58.47 -21.93
N ASN D 583 10.36 -57.66 -22.97
CA ASN D 583 10.53 -56.21 -22.87
C ASN D 583 9.18 -55.55 -22.60
N ALA D 584 9.12 -54.23 -22.75
CA ALA D 584 7.88 -53.50 -22.54
C ALA D 584 6.81 -53.95 -23.53
N ASP D 585 5.61 -54.21 -23.01
CA ASP D 585 4.54 -54.72 -23.85
C ASP D 585 3.99 -53.61 -24.75
N PRO D 586 3.43 -53.97 -25.91
CA PRO D 586 2.80 -52.96 -26.76
C PRO D 586 1.46 -52.48 -26.22
N VAL D 587 0.81 -51.58 -26.94
CA VAL D 587 -0.43 -50.95 -26.49
C VAL D 587 -1.54 -51.36 -27.44
N VAL D 588 -2.65 -51.87 -26.88
CA VAL D 588 -3.82 -52.26 -27.65
C VAL D 588 -4.88 -51.18 -27.47
N LEU D 589 -5.79 -51.09 -28.44
CA LEU D 589 -6.82 -50.06 -28.46
C LEU D 589 -8.05 -50.62 -29.16
N ASP D 590 -9.21 -50.04 -28.83
CA ASP D 590 -10.48 -50.49 -29.36
C ASP D 590 -10.98 -49.53 -30.45
N VAL D 591 -11.77 -50.08 -31.38
CA VAL D 591 -12.26 -49.31 -32.51
C VAL D 591 -13.52 -49.98 -33.02
N SER D 592 -14.44 -49.19 -33.56
CA SER D 592 -15.72 -49.69 -34.06
C SER D 592 -15.63 -50.04 -35.55
N TRP D 593 -16.77 -50.27 -36.19
CA TRP D 593 -16.81 -50.71 -37.58
C TRP D 593 -16.99 -49.54 -38.54
N ILE D 594 -18.00 -48.71 -38.31
CA ILE D 594 -18.23 -47.53 -39.15
C ILE D 594 -17.08 -46.54 -39.05
N SER D 595 -16.31 -46.61 -37.97
CA SER D 595 -15.15 -45.74 -37.83
C SER D 595 -14.12 -46.00 -38.93
N LEU D 596 -14.06 -47.22 -39.45
CA LEU D 596 -13.15 -47.50 -40.57
C LEU D 596 -13.57 -46.71 -41.80
N TRP D 597 -14.86 -46.71 -42.12
CA TRP D 597 -15.36 -45.93 -43.26
C TRP D 597 -15.15 -44.44 -43.02
N PHE D 598 -15.39 -43.98 -41.79
CA PHE D 598 -15.15 -42.57 -41.48
C PHE D 598 -13.68 -42.20 -41.65
N ALA D 599 -12.78 -43.05 -41.18
CA ALA D 599 -11.35 -42.78 -41.31
C ALA D 599 -10.91 -42.76 -42.76
N PHE D 600 -11.43 -43.70 -43.57
CA PHE D 600 -11.08 -43.70 -44.99
C PHE D 600 -11.64 -42.47 -45.69
N ASN D 601 -12.84 -42.02 -45.30
CA ASN D 601 -13.45 -40.89 -45.99
C ASN D 601 -12.82 -39.56 -45.60
N ARG D 602 -12.31 -39.46 -44.38
CA ARG D 602 -11.66 -38.23 -43.93
C ARG D 602 -10.18 -38.25 -44.28
N SER D 603 -9.48 -37.19 -43.89
CA SER D 603 -8.02 -37.12 -44.02
C SER D 603 -7.49 -36.09 -43.03
N PHE D 604 -6.17 -36.02 -42.95
CA PHE D 604 -5.47 -35.09 -42.06
C PHE D 604 -4.55 -34.19 -42.87
N GLU D 605 -4.53 -32.91 -42.52
CA GLU D 605 -3.70 -31.94 -43.23
C GLU D 605 -3.29 -30.83 -42.26
N PRO D 606 -2.02 -30.80 -41.83
CA PRO D 606 -1.59 -29.78 -40.87
C PRO D 606 -1.44 -28.41 -41.54
N THR D 607 -1.99 -27.39 -40.90
CA THR D 607 -1.85 -26.03 -41.42
C THR D 607 -0.44 -25.49 -41.17
N HIS D 608 0.11 -25.72 -40.00
CA HIS D 608 1.44 -25.23 -39.66
C HIS D 608 2.09 -26.16 -38.66
N ARG D 609 3.35 -25.90 -38.37
CA ARG D 609 4.13 -26.73 -37.46
C ARG D 609 3.83 -26.37 -36.01
N ASN D 610 4.37 -27.17 -35.10
CA ASN D 610 4.14 -26.95 -33.68
C ASN D 610 4.79 -25.66 -33.22
N GLU D 611 4.21 -25.06 -32.17
CA GLU D 611 4.67 -23.77 -31.69
C GLU D 611 6.09 -23.84 -31.11
N MET D 612 6.47 -24.98 -30.55
CA MET D 612 7.70 -25.11 -29.79
C MET D 612 8.53 -26.29 -30.26
N LEU D 613 8.44 -26.61 -31.55
CA LEU D 613 9.21 -27.71 -32.11
C LEU D 613 10.71 -27.43 -32.13
N GLU D 614 11.11 -26.17 -32.01
CA GLU D 614 12.51 -25.79 -32.08
C GLU D 614 13.20 -25.71 -30.72
N VAL D 615 12.44 -25.57 -29.62
CA VAL D 615 13.02 -25.42 -28.30
C VAL D 615 12.95 -26.71 -27.48
N ALA D 616 12.53 -27.81 -28.09
CA ALA D 616 12.49 -29.10 -27.39
C ALA D 616 13.86 -29.59 -26.91
N PRO D 617 14.93 -29.58 -27.72
CA PRO D 617 16.20 -30.18 -27.24
C PRO D 617 16.74 -29.56 -25.97
N LEU D 618 16.48 -28.27 -25.72
CA LEU D 618 16.88 -27.69 -24.44
C LEU D 618 16.15 -28.36 -23.28
N ILE D 619 14.86 -28.64 -23.45
CA ILE D 619 14.09 -29.33 -22.43
C ILE D 619 14.64 -30.74 -22.22
N GLU D 620 14.95 -31.44 -23.32
CA GLU D 620 15.51 -32.79 -23.20
C GLU D 620 16.84 -32.77 -22.45
N SER D 621 17.69 -31.79 -22.78
CA SER D 621 19.00 -31.69 -22.15
C SER D 621 18.88 -31.38 -20.66
N VAL D 622 17.98 -30.47 -20.28
CA VAL D 622 17.83 -30.15 -18.87
C VAL D 622 17.23 -31.34 -18.10
N TYR D 623 16.34 -32.09 -18.76
CA TYR D 623 15.81 -33.31 -18.15
C TYR D 623 16.93 -34.30 -17.85
N ALA D 624 17.78 -34.55 -18.85
CA ALA D 624 18.88 -35.49 -18.67
C ALA D 624 19.87 -35.00 -17.61
N SER D 625 20.13 -33.68 -17.57
CA SER D 625 21.03 -33.13 -16.58
C SER D 625 20.49 -33.33 -15.17
N GLU D 626 19.19 -33.08 -14.97
CA GLU D 626 18.59 -33.31 -13.66
C GLU D 626 18.66 -34.79 -13.28
N LEU D 627 18.41 -35.68 -14.24
CA LEU D 627 18.49 -37.11 -13.96
C LEU D 627 19.90 -37.52 -13.53
N SER D 628 20.92 -37.00 -14.22
CA SER D 628 22.29 -37.31 -13.85
C SER D 628 22.63 -36.74 -12.48
N VAL D 629 22.08 -35.57 -12.15
CA VAL D 629 22.27 -35.00 -10.82
C VAL D 629 21.69 -35.92 -9.74
N MET D 630 20.49 -36.46 -9.99
CA MET D 630 19.91 -37.41 -9.05
C MET D 630 20.79 -38.64 -8.88
N LYS D 631 21.29 -39.18 -10.00
CA LYS D 631 22.10 -40.39 -9.92
C LYS D 631 23.39 -40.15 -9.14
N VAL D 632 24.07 -39.04 -9.42
CA VAL D 632 25.32 -38.75 -8.71
C VAL D 632 25.06 -38.46 -7.24
N ASP D 633 23.91 -37.85 -6.92
CA ASP D 633 23.56 -37.64 -5.52
C ASP D 633 23.34 -38.97 -4.79
N MET D 634 22.64 -39.91 -5.44
CA MET D 634 22.46 -41.23 -4.85
C MET D 634 23.81 -41.91 -4.60
N ARG D 635 24.70 -41.83 -5.59
CA ARG D 635 26.01 -42.43 -5.44
C ARG D 635 26.80 -41.80 -4.29
N HIS D 636 26.71 -40.48 -4.15
CA HIS D 636 27.48 -39.81 -3.11
C HIS D 636 26.92 -40.09 -1.72
N LEU D 637 25.60 -40.15 -1.57
CA LEU D 637 25.03 -40.58 -0.29
C LEU D 637 25.46 -42.00 0.06
N SER D 638 25.44 -42.92 -0.92
CA SER D 638 25.85 -44.29 -0.65
C SER D 638 27.31 -44.35 -0.21
N LEU D 639 28.19 -43.63 -0.92
CA LEU D 639 29.61 -43.65 -0.57
C LEU D 639 29.86 -43.01 0.79
N MET D 640 29.17 -41.91 1.08
CA MET D 640 29.35 -41.24 2.37
C MET D 640 28.89 -42.13 3.52
N GLN D 641 27.77 -42.83 3.34
CA GLN D 641 27.34 -43.77 4.37
C GLN D 641 28.35 -44.91 4.53
N ARG D 642 28.90 -45.40 3.42
CA ARG D 642 29.83 -46.51 3.49
C ARG D 642 31.16 -46.12 4.15
N ARG D 643 31.59 -44.87 3.95
CA ARG D 643 32.95 -44.49 4.36
C ARG D 643 33.10 -44.47 5.88
N PHE D 644 32.07 -44.02 6.60
CA PHE D 644 32.12 -43.89 8.06
C PHE D 644 30.95 -44.63 8.68
N PRO D 645 31.08 -45.95 8.89
CA PRO D 645 30.01 -46.68 9.57
C PRO D 645 30.02 -46.55 11.08
N ASP D 646 31.17 -46.24 11.69
CA ASP D 646 31.25 -46.18 13.14
C ASP D 646 30.64 -44.91 13.71
N VAL D 647 30.79 -43.78 13.03
CA VAL D 647 30.32 -42.49 13.55
C VAL D 647 29.03 -42.04 12.90
N LEU D 648 28.44 -42.85 12.01
CA LEU D 648 27.17 -42.53 11.38
C LEU D 648 26.22 -43.70 11.52
N ILE D 649 24.92 -43.39 11.47
CA ILE D 649 23.88 -44.39 11.61
C ILE D 649 23.51 -44.93 10.23
N GLN D 650 23.32 -46.25 10.15
CA GLN D 650 22.93 -46.88 8.90
C GLN D 650 21.44 -46.70 8.65
N ALA D 651 21.05 -46.81 7.38
CA ALA D 651 19.67 -46.62 6.99
C ALA D 651 19.39 -47.39 5.71
N ARG D 652 18.11 -47.62 5.45
CA ARG D 652 17.70 -48.34 4.25
C ARG D 652 17.81 -47.42 3.04
N PRO D 653 17.96 -48.00 1.83
CA PRO D 653 18.02 -47.15 0.62
C PRO D 653 16.79 -46.27 0.41
N SER D 654 15.61 -46.74 0.82
CA SER D 654 14.40 -45.95 0.64
C SER D 654 14.45 -44.65 1.43
N HIS D 655 15.14 -44.65 2.58
CA HIS D 655 15.21 -43.46 3.42
C HIS D 655 15.85 -42.29 2.69
N PHE D 656 17.11 -42.44 2.29
CA PHE D 656 17.75 -41.32 1.60
C PHE D 656 17.29 -41.20 0.16
N TRP D 657 16.68 -42.24 -0.42
CA TRP D 657 16.00 -42.07 -1.71
C TRP D 657 14.88 -41.05 -1.59
N LYS D 658 14.01 -41.22 -0.59
CA LYS D 658 12.97 -40.23 -0.35
C LYS D 658 13.57 -38.88 0.05
N ALA D 659 14.64 -38.90 0.85
CA ALA D 659 15.25 -37.66 1.31
C ALA D 659 15.75 -36.82 0.14
N VAL D 660 16.39 -37.44 -0.85
CA VAL D 660 16.81 -36.70 -2.03
C VAL D 660 15.61 -36.42 -2.92
N LEU D 661 14.53 -37.19 -2.78
CA LEU D 661 13.31 -36.87 -3.53
C LEU D 661 12.70 -35.55 -3.07
N ASN D 662 12.70 -35.27 -1.76
CA ASN D 662 12.13 -34.01 -1.28
C ASN D 662 12.87 -32.79 -1.82
N ASP D 663 14.16 -32.93 -2.14
CA ASP D 663 14.95 -31.81 -2.62
C ASP D 663 14.91 -31.70 -4.14
N SER D 664 14.22 -32.62 -4.80
CA SER D 664 14.08 -32.64 -6.25
C SER D 664 13.22 -31.48 -6.75
N PRO D 665 13.49 -30.98 -7.95
CA PRO D 665 12.56 -30.02 -8.57
C PRO D 665 11.23 -30.69 -8.89
N GLU D 666 10.17 -29.87 -8.88
CA GLU D 666 8.81 -30.41 -9.04
C GLU D 666 8.53 -30.79 -10.48
N ALA D 667 9.09 -30.08 -11.46
CA ALA D 667 8.82 -30.38 -12.85
C ALA D 667 9.36 -31.75 -13.24
N VAL D 668 10.56 -32.09 -12.75
CA VAL D 668 11.13 -33.40 -13.03
C VAL D 668 10.30 -34.49 -12.37
N LYS D 669 9.76 -34.22 -11.18
CA LYS D 669 8.83 -35.15 -10.55
C LYS D 669 7.60 -35.37 -11.42
N ALA D 670 7.01 -34.29 -11.92
CA ALA D 670 5.80 -34.40 -12.71
C ALA D 670 6.04 -35.14 -14.02
N VAL D 671 7.17 -34.87 -14.68
CA VAL D 671 7.47 -35.55 -15.94
C VAL D 671 7.78 -37.03 -15.68
N MET D 672 8.55 -37.31 -14.62
CA MET D 672 8.94 -38.69 -14.32
C MET D 672 7.73 -39.53 -13.93
N ASN D 673 6.85 -39.00 -13.08
CA ASN D 673 5.73 -39.76 -12.53
C ASN D 673 4.52 -39.59 -13.43
N LEU D 674 4.40 -40.49 -14.41
CA LEU D 674 3.25 -40.53 -15.31
C LEU D 674 2.66 -41.93 -15.38
N SER D 675 2.75 -42.69 -14.29
CA SER D 675 2.24 -44.05 -14.25
C SER D 675 1.24 -44.21 -13.10
N ASN D 682 10.72 -50.31 -8.16
CA ASN D 682 10.04 -50.32 -6.87
C ASN D 682 10.98 -49.86 -5.75
N ILE D 683 11.75 -50.81 -5.20
CA ILE D 683 12.72 -50.53 -4.16
C ILE D 683 14.13 -50.95 -4.58
N ARG D 684 14.26 -52.10 -5.22
CA ARG D 684 15.54 -52.54 -5.75
C ARG D 684 15.76 -52.13 -7.21
N ASP D 685 14.67 -51.86 -7.93
CA ASP D 685 14.81 -51.34 -9.30
C ASP D 685 15.52 -50.00 -9.31
N MET D 686 15.28 -49.17 -8.29
CA MET D 686 16.01 -47.90 -8.19
C MET D 686 17.51 -48.13 -8.04
N MET D 687 17.90 -49.11 -7.22
CA MET D 687 19.32 -49.43 -7.07
C MET D 687 19.90 -49.97 -8.37
N ARG D 688 19.15 -50.83 -9.06
CA ARG D 688 19.61 -51.34 -10.35
C ARG D 688 19.81 -50.20 -11.35
N TRP D 689 18.89 -49.23 -11.35
CA TRP D 689 19.04 -48.06 -12.20
C TRP D 689 20.27 -47.24 -11.81
N VAL D 690 20.53 -47.09 -10.51
CA VAL D 690 21.66 -46.29 -10.06
C VAL D 690 22.98 -46.93 -10.47
N MET D 691 23.08 -48.27 -10.38
CA MET D 691 24.36 -48.93 -10.66
C MET D 691 24.76 -48.80 -12.12
N LEU D 692 23.82 -48.56 -13.01
CA LEU D 692 24.15 -48.50 -14.44
C LEU D 692 24.88 -47.18 -14.74
N PRO D 693 25.97 -47.23 -15.51
CA PRO D 693 26.90 -46.09 -15.58
C PRO D 693 26.58 -45.02 -16.61
N SER D 694 25.36 -44.93 -17.13
CA SER D 694 25.03 -43.86 -18.05
C SER D 694 25.01 -42.51 -17.34
N LEU D 695 25.51 -41.49 -18.00
CA LEU D 695 25.60 -40.16 -17.39
C LEU D 695 25.55 -39.09 -18.48
N GLN D 696 25.20 -37.88 -18.06
CA GLN D 696 25.11 -36.73 -18.96
C GLN D 696 25.90 -35.57 -18.36
N PRO D 697 26.95 -35.11 -19.02
CA PRO D 697 27.75 -34.01 -18.46
C PRO D 697 26.96 -32.71 -18.39
N SER D 698 27.26 -31.91 -17.37
CA SER D 698 26.61 -30.62 -17.18
C SER D 698 27.42 -29.80 -16.19
N LEU D 699 27.16 -28.49 -16.18
CA LEU D 699 27.78 -27.61 -15.18
C LEU D 699 27.30 -27.96 -13.78
N LYS D 700 26.01 -28.25 -13.64
CA LYS D 700 25.45 -28.56 -12.33
C LYS D 700 26.05 -29.83 -11.74
N LEU D 701 26.29 -30.84 -12.58
CA LEU D 701 26.90 -32.07 -12.09
C LEU D 701 28.31 -31.82 -11.59
N ALA D 702 29.10 -31.03 -12.32
CA ALA D 702 30.46 -30.72 -11.87
C ALA D 702 30.43 -29.93 -10.57
N LEU D 703 29.51 -28.96 -10.45
CA LEU D 703 29.41 -28.19 -9.23
C LEU D 703 29.00 -29.08 -8.05
N GLU D 704 28.07 -30.00 -8.28
CA GLU D 704 27.66 -30.92 -7.23
C GLU D 704 28.80 -31.83 -6.80
N GLU D 705 29.58 -32.32 -7.76
CA GLU D 705 30.71 -33.18 -7.45
C GLU D 705 31.75 -32.42 -6.63
N GLU D 706 32.05 -31.18 -7.02
CA GLU D 706 33.01 -30.37 -6.28
C GLU D 706 32.50 -30.06 -4.87
N ALA D 707 31.21 -29.75 -4.74
CA ALA D 707 30.64 -29.47 -3.43
C ALA D 707 30.68 -30.70 -2.53
N TRP D 708 30.40 -31.88 -3.09
CA TRP D 708 30.46 -33.10 -2.29
C TRP D 708 31.89 -33.42 -1.87
N ALA D 709 32.85 -33.20 -2.77
CA ALA D 709 34.25 -33.41 -2.41
C ALA D 709 34.68 -32.44 -1.30
N ALA D 710 34.21 -31.20 -1.36
CA ALA D 710 34.52 -30.24 -0.30
C ALA D 710 33.85 -30.63 1.01
N ALA D 711 32.62 -31.15 0.95
CA ALA D 711 31.83 -31.49 2.12
C ALA D 711 32.11 -32.89 2.64
N ASN D 712 33.05 -33.61 2.03
CA ASN D 712 33.48 -34.90 2.58
C ASN D 712 33.97 -34.74 4.02
N ASP D 713 34.75 -33.69 4.27
CA ASP D 713 35.15 -33.36 5.64
C ASP D 713 33.95 -32.87 6.44
N PHE D 714 34.01 -33.10 7.75
CA PHE D 714 32.91 -32.74 8.64
C PHE D 714 33.11 -31.42 9.37
N GLU D 715 34.35 -31.00 9.59
CA GLU D 715 34.61 -29.79 10.35
C GLU D 715 34.09 -28.55 9.62
N ASP D 716 34.27 -28.48 8.30
CA ASP D 716 33.75 -27.35 7.54
C ASP D 716 32.23 -27.38 7.42
N LEU D 717 31.61 -28.53 7.69
CA LEU D 717 30.17 -28.68 7.68
C LEU D 717 29.54 -28.26 9.01
N MET D 718 30.37 -27.90 10.00
CA MET D 718 29.92 -27.54 11.35
C MET D 718 29.19 -28.68 12.03
N LEU D 719 29.57 -29.91 11.72
CA LEU D 719 29.10 -31.11 12.41
C LEU D 719 30.30 -31.83 13.01
N THR D 720 30.24 -32.11 14.30
CA THR D 720 31.37 -32.70 15.00
C THR D 720 30.87 -33.51 16.19
N ASP D 721 31.78 -34.35 16.71
CA ASP D 721 31.50 -35.18 17.88
C ASP D 721 32.49 -34.91 19.01
N GLN D 722 33.13 -33.75 19.01
CA GLN D 722 34.14 -33.39 20.01
C GLN D 722 33.53 -32.42 21.01
N VAL D 723 32.93 -32.96 22.06
CA VAL D 723 32.41 -32.17 23.17
C VAL D 723 32.96 -32.74 24.47
N TYR D 724 33.13 -31.87 25.46
CA TYR D 724 33.71 -32.26 26.74
C TYR D 724 32.93 -31.61 27.87
N MET D 725 32.99 -32.25 29.04
CA MET D 725 32.38 -31.75 30.25
C MET D 725 33.43 -31.66 31.36
N HIS D 726 33.58 -30.48 31.94
CA HIS D 726 34.57 -30.27 32.98
C HIS D 726 34.05 -29.20 33.94
N ARG D 727 34.37 -29.37 35.22
CA ARG D 727 33.93 -28.47 36.26
C ARG D 727 34.98 -27.38 36.48
N ASP D 728 34.59 -26.13 36.23
CA ASP D 728 35.44 -24.99 36.50
C ASP D 728 34.58 -23.74 36.63
N MET D 729 35.03 -22.77 37.42
CA MET D 729 34.29 -21.54 37.63
C MET D 729 34.66 -20.52 36.57
N LEU D 730 33.66 -19.76 36.12
CA LEU D 730 33.92 -18.70 35.15
C LEU D 730 34.64 -17.55 35.83
N PRO D 731 35.56 -16.88 35.12
CA PRO D 731 36.24 -15.71 35.70
C PRO D 731 35.25 -14.58 35.94
N GLU D 732 35.51 -13.82 37.01
CA GLU D 732 34.51 -12.79 37.23
C GLU D 732 35.05 -11.43 36.80
N PRO D 733 34.20 -10.57 36.25
CA PRO D 733 34.62 -9.20 35.95
C PRO D 733 34.97 -8.46 37.23
N ARG D 734 36.02 -7.63 37.14
CA ARG D 734 36.50 -6.89 38.31
C ARG D 734 35.92 -5.48 38.27
N LEU D 735 34.72 -5.34 38.85
CA LEU D 735 34.02 -4.06 38.82
C LEU D 735 34.75 -3.00 39.64
N ASP D 736 35.32 -3.39 40.78
CA ASP D 736 36.10 -2.46 41.57
C ASP D 736 37.40 -2.14 40.84
N ASP D 737 38.00 -1.00 41.22
CA ASP D 737 39.15 -0.41 40.51
C ASP D 737 38.78 -0.16 39.04
N ILE D 738 37.84 0.78 38.89
CA ILE D 738 37.19 1.03 37.60
C ILE D 738 38.20 1.44 36.53
N GLU D 739 39.26 2.15 36.91
CA GLU D 739 40.27 2.54 35.94
C GLU D 739 40.98 1.33 35.36
N ARG D 740 41.29 0.35 36.20
CA ARG D 740 41.95 -0.86 35.71
C ARG D 740 41.01 -1.70 34.86
N PHE D 741 39.71 -1.70 35.20
CA PHE D 741 38.72 -2.39 34.37
C PHE D 741 38.53 -1.68 33.03
N ARG D 742 38.78 -0.37 32.98
CA ARG D 742 38.73 0.33 31.70
C ARG D 742 39.99 0.13 30.87
N GLN D 743 41.15 0.01 31.52
CA GLN D 743 42.38 -0.19 30.76
C GLN D 743 42.52 -1.62 30.24
N GLU D 744 41.93 -2.60 30.91
CA GLU D 744 41.90 -3.98 30.42
C GLU D 744 40.50 -4.54 30.64
N GLY D 745 39.99 -5.23 29.63
CA GLY D 745 38.60 -5.68 29.60
C GLY D 745 38.43 -7.13 29.98
N PHE D 746 37.36 -7.73 29.48
CA PHE D 746 36.98 -9.11 29.78
C PHE D 746 36.88 -9.91 28.49
N TYR D 747 37.24 -11.18 28.59
CA TYR D 747 37.20 -12.08 27.44
C TYR D 747 37.19 -13.52 27.91
N TYR D 748 36.22 -14.29 27.42
CA TYR D 748 36.10 -15.70 27.79
C TYR D 748 35.36 -16.44 26.68
N THR D 749 35.69 -17.72 26.52
CA THR D 749 35.07 -18.54 25.48
C THR D 749 35.16 -20.01 25.86
N ASN D 750 34.32 -20.82 25.20
CA ASN D 750 34.32 -22.26 25.41
C ASN D 750 35.47 -22.96 24.69
N MET D 751 35.87 -22.45 23.52
CA MET D 751 36.77 -23.18 22.64
C MET D 751 38.14 -23.39 23.29
N LEU D 752 38.72 -24.56 23.03
CA LEU D 752 40.03 -24.92 23.55
C LEU D 752 41.08 -24.74 22.46
N GLU D 753 42.28 -24.31 22.87
CA GLU D 753 43.38 -24.18 21.92
C GLU D 753 43.89 -25.54 21.47
N ALA D 754 43.77 -26.55 22.32
CA ALA D 754 44.19 -27.91 22.01
C ALA D 754 43.28 -28.90 22.72
N PRO D 755 43.11 -30.11 22.17
CA PRO D 755 42.35 -31.13 22.89
C PRO D 755 43.07 -31.54 24.16
N PRO D 756 42.33 -31.97 25.19
CA PRO D 756 42.98 -32.34 26.45
C PRO D 756 43.89 -33.55 26.29
N GLU D 757 44.93 -33.59 27.11
CA GLU D 757 45.92 -34.65 27.04
C GLU D 757 45.32 -35.99 27.43
N ILE D 758 45.72 -37.05 26.72
CA ILE D 758 45.07 -38.35 26.77
C ILE D 758 45.36 -39.04 28.11
N ASP D 759 44.61 -40.10 28.39
CA ASP D 759 44.64 -40.95 29.59
C ASP D 759 44.01 -40.26 30.79
N ARG D 760 43.60 -39.00 30.67
CA ARG D 760 42.86 -38.31 31.73
C ARG D 760 41.40 -38.10 31.35
N VAL D 761 40.93 -38.72 30.27
CA VAL D 761 39.57 -38.57 29.79
C VAL D 761 38.95 -39.95 29.64
N VAL D 762 37.69 -40.08 30.04
CA VAL D 762 36.95 -41.32 29.90
C VAL D 762 36.09 -41.25 28.65
N GLN D 763 35.69 -42.41 28.14
CA GLN D 763 34.92 -42.52 26.92
C GLN D 763 33.54 -43.08 27.25
N TYR D 764 32.49 -42.34 26.88
CA TYR D 764 31.12 -42.77 27.04
C TYR D 764 30.45 -42.90 25.67
N THR D 765 29.80 -44.04 25.46
CA THR D 765 29.05 -44.30 24.24
C THR D 765 27.56 -44.27 24.52
N TYR D 766 26.77 -44.39 23.46
CA TYR D 766 25.31 -44.36 23.60
C TYR D 766 24.82 -45.57 24.40
N GLU D 767 25.39 -46.75 24.13
CA GLU D 767 24.88 -47.97 24.74
C GLU D 767 25.10 -47.99 26.25
N ILE D 768 26.33 -47.68 26.69
CA ILE D 768 26.63 -47.72 28.11
C ILE D 768 25.90 -46.61 28.85
N ALA D 769 25.73 -45.45 28.21
CA ALA D 769 24.97 -44.37 28.83
C ALA D 769 23.51 -44.75 29.00
N ARG D 770 22.92 -45.39 27.98
CA ARG D 770 21.54 -45.83 28.08
C ARG D 770 21.38 -46.91 29.15
N LEU D 771 22.34 -47.83 29.24
CA LEU D 771 22.26 -48.88 30.26
C LEU D 771 22.36 -48.29 31.66
N GLN D 772 23.28 -47.35 31.88
CA GLN D 772 23.42 -46.74 33.20
C GLN D 772 22.22 -45.86 33.54
N ALA D 773 21.61 -45.22 32.54
CA ALA D 773 20.39 -44.47 32.80
C ALA D 773 19.23 -45.39 33.15
N ASN D 774 19.13 -46.55 32.49
CA ASN D 774 18.10 -47.51 32.83
C ASN D 774 18.30 -48.06 34.24
N MET D 775 19.55 -48.36 34.60
CA MET D 775 19.85 -48.88 35.93
C MET D 775 19.95 -47.78 37.00
N GLY D 776 20.08 -46.53 36.61
CA GLY D 776 20.02 -45.43 37.56
C GLY D 776 21.32 -45.05 38.24
N GLN D 777 22.45 -45.14 37.51
CA GLN D 777 23.73 -44.68 38.04
C GLN D 777 24.45 -43.75 37.07
N PHE D 778 23.70 -42.91 36.35
CA PHE D 778 24.32 -42.00 35.39
C PHE D 778 24.93 -40.79 36.08
N ARG D 779 24.09 -40.00 36.76
CA ARG D 779 24.57 -38.76 37.37
C ARG D 779 25.55 -39.03 38.50
N ALA D 780 25.40 -40.16 39.20
CA ALA D 780 26.39 -40.54 40.21
C ALA D 780 27.75 -40.78 39.57
N ALA D 781 27.77 -41.47 38.43
CA ALA D 781 29.03 -41.70 37.72
C ALA D 781 29.62 -40.40 37.22
N LEU D 782 28.78 -39.49 36.73
CA LEU D 782 29.28 -38.19 36.30
C LEU D 782 29.87 -37.40 37.46
N ARG D 783 29.23 -37.46 38.63
CA ARG D 783 29.78 -36.79 39.81
C ARG D 783 31.11 -37.41 40.22
N ARG D 784 31.22 -38.74 40.15
CA ARG D 784 32.46 -39.42 40.53
C ARG D 784 33.59 -39.07 39.55
N ILE D 785 33.28 -38.93 38.27
CA ILE D 785 34.34 -38.58 37.32
C ILE D 785 34.63 -37.08 37.39
N MET D 786 33.68 -36.28 37.87
CA MET D 786 33.90 -34.84 37.95
C MET D 786 34.77 -34.47 39.15
N ASP D 787 34.48 -35.06 40.32
CA ASP D 787 35.23 -34.67 41.51
C ASP D 787 36.66 -35.19 41.51
N ASP D 788 37.02 -36.06 40.56
CA ASP D 788 38.40 -36.50 40.40
C ASP D 788 39.21 -35.55 39.53
N ASP D 789 38.60 -34.47 39.04
CA ASP D 789 39.26 -33.48 38.17
C ASP D 789 39.78 -34.13 36.88
N ASP D 790 38.92 -34.93 36.26
CA ASP D 790 39.18 -35.53 34.95
C ASP D 790 38.23 -34.94 33.92
N TRP D 791 38.30 -35.46 32.70
CA TRP D 791 37.45 -35.03 31.60
C TRP D 791 36.64 -36.21 31.07
N VAL D 792 35.58 -35.91 30.34
CA VAL D 792 34.72 -36.93 29.74
C VAL D 792 34.33 -36.48 28.33
N ARG D 793 34.38 -37.42 27.39
CA ARG D 793 34.04 -37.16 25.99
C ARG D 793 32.74 -37.86 25.65
N PHE D 794 31.80 -37.11 25.05
CA PHE D 794 30.54 -37.67 24.59
C PHE D 794 30.68 -38.00 23.10
N GLY D 795 31.46 -39.04 22.83
CA GLY D 795 31.68 -39.46 21.45
C GLY D 795 30.53 -40.26 20.89
N GLY D 796 30.56 -40.46 19.58
CA GLY D 796 29.54 -41.24 18.90
C GLY D 796 28.81 -40.50 17.81
N VAL D 797 27.52 -40.23 18.02
CA VAL D 797 26.70 -39.61 16.99
C VAL D 797 27.14 -38.15 16.78
N LEU D 798 27.02 -37.68 15.54
CA LEU D 798 27.35 -36.31 15.21
C LEU D 798 26.30 -35.37 15.79
N ARG D 799 26.75 -34.19 16.23
CA ARG D 799 25.90 -33.22 16.91
C ARG D 799 26.04 -31.86 16.26
N THR D 800 24.91 -31.17 16.09
CA THR D 800 24.93 -29.83 15.53
C THR D 800 25.52 -28.84 16.53
N VAL D 801 26.13 -27.78 15.99
CA VAL D 801 26.82 -26.77 16.78
C VAL D 801 26.35 -25.39 16.32
N ARG D 802 26.00 -24.54 17.28
CA ARG D 802 25.62 -23.16 17.02
C ARG D 802 26.56 -22.22 17.75
N VAL D 803 26.82 -21.07 17.15
CA VAL D 803 27.72 -20.07 17.69
C VAL D 803 26.98 -18.75 17.84
N LYS D 804 27.13 -18.11 18.99
CA LYS D 804 26.44 -16.85 19.29
C LYS D 804 27.41 -15.90 19.98
N PHE D 805 27.10 -14.61 19.89
CA PHE D 805 27.90 -13.55 20.51
C PHE D 805 27.04 -12.77 21.49
N TYR D 806 27.61 -12.47 22.66
CA TYR D 806 26.91 -11.74 23.70
C TYR D 806 27.77 -10.57 24.17
N ASP D 807 27.17 -9.38 24.20
CA ASP D 807 27.82 -8.20 24.75
C ASP D 807 27.50 -7.99 26.22
N ALA D 808 26.60 -8.80 26.80
CA ALA D 808 26.25 -8.71 28.21
C ALA D 808 26.27 -10.10 28.82
N ARG D 809 25.77 -10.22 30.05
CA ARG D 809 25.74 -11.52 30.70
C ARG D 809 24.73 -12.43 29.98
N PRO D 810 25.14 -13.61 29.54
CA PRO D 810 24.25 -14.46 28.76
C PRO D 810 23.16 -15.06 29.62
N PRO D 811 22.07 -15.55 29.00
CA PRO D 811 21.04 -16.26 29.77
C PRO D 811 21.60 -17.53 30.40
N ASP D 812 20.98 -17.95 31.50
CA ASP D 812 21.49 -19.08 32.26
C ASP D 812 21.38 -20.39 31.48
N ASP D 813 20.52 -20.45 30.47
CA ASP D 813 20.39 -21.66 29.66
C ASP D 813 21.67 -21.96 28.91
N VAL D 814 22.27 -20.93 28.31
CA VAL D 814 23.52 -21.13 27.57
C VAL D 814 24.68 -21.40 28.51
N LEU D 815 24.73 -20.68 29.63
CA LEU D 815 25.86 -20.78 30.55
C LEU D 815 25.91 -22.15 31.22
N GLN D 816 24.77 -22.66 31.67
CA GLN D 816 24.70 -23.93 32.37
C GLN D 816 24.15 -25.06 31.50
N GLY D 817 24.34 -24.97 30.19
CA GLY D 817 23.81 -26.00 29.30
C GLY D 817 24.53 -27.33 29.45
N LEU D 818 23.83 -28.39 29.06
CA LEU D 818 24.36 -29.74 29.12
C LEU D 818 24.16 -30.44 27.78
N PRO D 819 25.09 -31.29 27.38
CA PRO D 819 24.97 -31.97 26.08
C PRO D 819 23.82 -32.96 26.00
N PHE D 820 23.33 -33.48 27.13
CA PHE D 820 22.27 -34.48 27.14
C PHE D 820 21.05 -33.93 27.86
N SER D 821 19.90 -34.50 27.56
CA SER D 821 18.66 -34.16 28.25
C SER D 821 18.19 -35.37 29.04
N TYR D 822 17.84 -35.16 30.30
CA TYR D 822 17.50 -36.23 31.24
C TYR D 822 16.09 -36.02 31.73
N ASP D 823 15.16 -36.89 31.32
CA ASP D 823 13.78 -36.79 31.75
C ASP D 823 13.31 -38.15 32.29
N THR D 824 12.57 -38.12 33.39
CA THR D 824 12.11 -39.34 34.02
C THR D 824 10.74 -39.75 33.47
N ASN D 825 10.48 -41.05 33.48
CA ASN D 825 9.23 -41.61 33.01
C ASN D 825 8.58 -42.41 34.12
N GLU D 826 7.26 -42.24 34.26
CA GLU D 826 6.49 -42.96 35.28
C GLU D 826 5.03 -43.07 34.88
N ALA D 831 13.33 -49.20 33.68
CA ALA D 831 13.57 -47.96 32.97
C ALA D 831 13.97 -46.84 33.92
N TYR D 832 12.95 -46.16 34.47
CA TYR D 832 13.08 -45.15 35.53
C TYR D 832 13.70 -43.85 35.00
N ALA D 833 14.21 -43.86 33.78
CA ALA D 833 14.90 -42.69 33.26
C ALA D 833 14.99 -42.78 31.74
N THR D 834 15.05 -41.63 31.10
CA THR D 834 15.24 -41.52 29.67
C THR D 834 16.24 -40.39 29.40
N ILE D 835 17.15 -40.63 28.46
CA ILE D 835 18.18 -39.67 28.10
C ILE D 835 18.15 -39.44 26.59
N LYS D 836 18.25 -38.18 26.19
CA LYS D 836 18.50 -37.83 24.80
C LYS D 836 19.96 -37.38 24.69
N TYR D 837 20.71 -38.11 23.86
CA TYR D 837 22.16 -37.91 23.78
C TYR D 837 22.52 -36.64 23.02
N ALA D 838 21.80 -36.34 21.95
CA ALA D 838 22.15 -35.26 21.05
C ALA D 838 21.19 -34.10 21.26
N THR D 839 21.72 -32.98 21.76
CA THR D 839 21.00 -31.72 21.85
C THR D 839 21.88 -30.62 21.32
N GLU D 840 21.26 -29.57 20.78
CA GLU D 840 22.02 -28.49 20.15
C GLU D 840 22.86 -27.75 21.18
N THR D 841 24.18 -27.72 20.95
CA THR D 841 25.12 -27.06 21.82
C THR D 841 25.42 -25.66 21.30
N THR D 842 25.94 -24.81 22.19
CA THR D 842 26.21 -23.42 21.87
C THR D 842 27.65 -23.08 22.23
N ILE D 843 28.36 -22.44 21.30
CA ILE D 843 29.67 -21.88 21.56
C ILE D 843 29.51 -20.36 21.63
N PHE D 844 29.80 -19.80 22.80
CA PHE D 844 29.60 -18.37 23.02
C PHE D 844 30.94 -17.67 23.18
N TYR D 845 30.99 -16.43 22.69
CA TYR D 845 32.16 -15.55 22.86
C TYR D 845 31.69 -14.34 23.65
N LEU D 846 32.14 -14.23 24.89
CA LEU D 846 31.71 -13.16 25.79
C LEU D 846 32.67 -11.99 25.67
N ILE D 847 32.15 -10.85 25.20
CA ILE D 847 32.93 -9.62 25.04
C ILE D 847 32.16 -8.53 25.78
N TYR D 848 32.54 -8.28 27.03
CA TYR D 848 31.84 -7.29 27.84
C TYR D 848 32.28 -5.88 27.45
N ASN D 849 31.31 -5.02 27.16
CA ASN D 849 31.59 -3.63 26.88
C ASN D 849 31.87 -2.87 28.17
N VAL D 850 32.68 -1.81 28.05
CA VAL D 850 33.01 -0.97 29.20
C VAL D 850 32.05 0.20 29.38
N GLU D 851 31.14 0.43 28.42
CA GLU D 851 30.15 1.48 28.58
C GLU D 851 29.08 1.10 29.59
N PHE D 852 28.92 -0.19 29.87
CA PHE D 852 27.96 -0.67 30.84
C PHE D 852 28.48 -0.63 32.28
N SER D 853 29.70 -0.11 32.49
CA SER D 853 30.27 -0.07 33.83
C SER D 853 29.50 0.84 34.77
N ASN D 854 28.70 1.76 34.23
CA ASN D 854 27.87 2.61 35.09
C ASN D 854 26.76 1.79 35.75
N THR D 855 26.29 0.73 35.08
CA THR D 855 25.25 -0.14 35.59
C THR D 855 25.81 -1.55 35.71
N PRO D 856 26.39 -1.92 36.86
CA PRO D 856 27.03 -3.24 36.98
C PRO D 856 26.05 -4.41 37.03
N ASP D 857 24.74 -4.18 37.08
CA ASP D 857 23.80 -5.28 37.22
C ASP D 857 23.80 -6.20 36.01
N SER D 858 24.22 -5.71 34.85
CA SER D 858 24.20 -6.51 33.64
C SER D 858 25.47 -7.32 33.42
N LEU D 859 26.46 -7.20 34.31
CA LEU D 859 27.72 -7.90 34.15
C LEU D 859 28.18 -8.68 35.37
N VAL D 860 27.39 -8.69 36.45
CA VAL D 860 27.81 -9.34 37.69
C VAL D 860 26.84 -10.47 38.01
N LEU D 861 27.37 -11.52 38.64
CA LEU D 861 26.58 -12.65 39.09
C LEU D 861 26.48 -12.62 40.61
N ILE D 862 25.33 -13.10 41.12
CA ILE D 862 25.09 -13.03 42.56
C ILE D 862 26.02 -13.97 43.32
N ASN D 863 26.30 -15.14 42.76
CA ASN D 863 27.19 -16.11 43.37
C ASN D 863 28.05 -16.73 42.28
N PRO D 864 29.24 -17.23 42.63
CA PRO D 864 30.08 -17.90 41.63
C PRO D 864 29.37 -19.12 41.04
N THR D 865 29.58 -19.33 39.74
CA THR D 865 28.88 -20.35 39.00
C THR D 865 29.86 -21.16 38.16
N TYR D 866 29.59 -22.45 38.03
CA TYR D 866 30.42 -23.36 37.25
C TYR D 866 29.84 -23.53 35.85
N THR D 867 30.72 -23.55 34.86
CA THR D 867 30.35 -23.85 33.48
C THR D 867 30.91 -25.22 33.11
N MET D 868 30.16 -25.96 32.29
CA MET D 868 30.43 -27.37 32.07
C MET D 868 30.84 -27.68 30.63
N THR D 869 30.02 -27.30 29.65
CA THR D 869 30.23 -27.78 28.29
C THR D 869 31.38 -27.05 27.61
N LYS D 870 32.17 -27.79 26.82
CA LYS D 870 33.25 -27.25 26.02
C LYS D 870 33.27 -27.95 24.68
N VAL D 871 33.66 -27.24 23.63
CA VAL D 871 33.68 -27.78 22.27
C VAL D 871 35.02 -27.43 21.64
N PHE D 872 35.63 -28.42 20.98
CA PHE D 872 36.88 -28.24 20.26
C PHE D 872 36.65 -28.38 18.76
N ILE D 873 37.06 -27.35 18.00
CA ILE D 873 37.03 -27.38 16.55
C ILE D 873 38.44 -27.10 16.04
N ASN D 874 38.92 -27.94 15.12
CA ASN D 874 40.28 -27.78 14.62
C ASN D 874 40.44 -26.50 13.82
N LYS D 875 39.45 -26.17 12.98
CA LYS D 875 39.53 -24.96 12.18
C LYS D 875 39.37 -23.72 13.05
N ARG D 876 40.11 -22.67 12.72
CA ARG D 876 40.11 -21.44 13.51
C ARG D 876 38.87 -20.61 13.15
N ILE D 877 37.98 -20.46 14.12
CA ILE D 877 36.73 -19.72 13.91
C ILE D 877 36.96 -18.25 14.22
N VAL D 878 37.39 -17.97 15.45
CA VAL D 878 37.66 -16.61 15.92
C VAL D 878 39.12 -16.54 16.31
N GLU D 879 39.84 -15.56 15.79
CA GLU D 879 41.28 -15.44 16.04
C GLU D 879 41.59 -14.05 16.55
N ARG D 880 42.65 -13.93 17.34
CA ARG D 880 43.13 -12.63 17.81
C ARG D 880 44.38 -12.24 17.03
N VAL D 881 44.40 -11.01 16.52
CA VAL D 881 45.51 -10.49 15.74
C VAL D 881 45.78 -9.05 16.17
N ARG D 882 46.95 -8.55 15.79
CA ARG D 882 47.31 -7.16 16.00
C ARG D 882 47.01 -6.37 14.74
N VAL D 883 47.41 -5.10 14.73
CA VAL D 883 47.12 -4.23 13.59
C VAL D 883 47.93 -4.61 12.36
N GLY D 884 49.01 -5.37 12.52
CA GLY D 884 49.83 -5.74 11.37
C GLY D 884 49.23 -6.86 10.54
N GLN D 885 48.46 -7.75 11.17
CA GLN D 885 47.92 -8.92 10.50
C GLN D 885 46.47 -8.75 10.07
N ILE D 886 45.89 -7.57 10.23
CA ILE D 886 44.49 -7.37 9.84
C ILE D 886 44.34 -7.38 8.32
N LEU D 887 45.36 -6.90 7.60
CA LEU D 887 45.36 -6.91 6.14
C LEU D 887 46.32 -7.94 5.56
N ALA D 888 46.87 -8.83 6.38
CA ALA D 888 47.78 -9.87 5.93
C ALA D 888 47.06 -11.15 5.54
N VAL D 889 45.79 -11.07 5.17
CA VAL D 889 45.00 -12.25 4.83
C VAL D 889 44.65 -12.31 3.34
N LEU D 890 44.85 -11.22 2.60
CA LEU D 890 44.51 -11.18 1.18
C LEU D 890 45.45 -12.09 0.41
N ASN D 891 44.98 -13.30 0.09
CA ASN D 891 45.82 -14.25 -0.63
C ASN D 891 45.04 -15.04 -1.68
N ARG D 892 43.91 -14.52 -2.15
CA ARG D 892 43.10 -15.19 -3.16
C ARG D 892 43.09 -14.38 -4.46
N ARG D 893 43.04 -15.09 -5.58
CA ARG D 893 43.09 -14.48 -6.90
C ARG D 893 41.69 -14.40 -7.49
N PHE D 894 41.26 -13.21 -7.88
CA PHE D 894 39.93 -12.98 -8.41
C PHE D 894 40.04 -12.42 -9.83
N VAL D 895 39.30 -13.03 -10.75
CA VAL D 895 39.29 -12.63 -12.16
C VAL D 895 37.91 -12.04 -12.47
N ALA D 896 37.89 -11.01 -13.32
CA ALA D 896 36.64 -10.32 -13.62
C ALA D 896 36.64 -9.88 -15.07
N TYR D 897 35.43 -9.63 -15.58
CA TYR D 897 35.18 -9.12 -16.91
C TYR D 897 34.61 -7.71 -16.81
N LYS D 898 34.86 -6.92 -17.86
CA LYS D 898 34.38 -5.55 -17.89
C LYS D 898 32.86 -5.51 -18.05
N GLY D 899 32.26 -4.42 -17.56
CA GLY D 899 30.84 -4.20 -17.74
C GLY D 899 30.43 -3.84 -19.14
N LYS D 900 31.39 -3.45 -19.98
CA LYS D 900 31.19 -3.21 -21.40
C LYS D 900 31.28 -4.49 -22.22
N MET D 901 31.13 -5.64 -21.59
CA MET D 901 31.22 -6.94 -22.22
C MET D 901 30.01 -7.77 -21.79
N ARG D 902 29.51 -8.60 -22.70
CA ARG D 902 28.24 -9.28 -22.52
C ARG D 902 28.44 -10.76 -22.23
N ILE D 903 27.58 -11.30 -21.36
CA ILE D 903 27.53 -12.72 -21.05
C ILE D 903 26.17 -13.24 -21.49
N MET D 904 26.17 -14.25 -22.36
CA MET D 904 24.95 -14.79 -22.94
C MET D 904 24.89 -16.30 -22.73
N ASP D 905 23.81 -16.89 -23.23
CA ASP D 905 23.59 -18.33 -23.11
C ASP D 905 22.60 -18.71 -24.21
N ILE D 906 22.59 -20.01 -24.54
CA ILE D 906 21.69 -20.51 -25.58
C ILE D 906 20.23 -20.31 -25.18
N THR D 907 19.91 -20.64 -23.92
CA THR D 907 18.53 -20.50 -23.45
C THR D 907 18.08 -19.03 -23.50
N GLN D 908 18.97 -18.11 -23.12
CA GLN D 908 18.66 -16.69 -23.24
C GLN D 908 18.52 -16.26 -24.69
N SER D 909 19.28 -16.88 -25.59
CA SER D 909 19.24 -16.49 -27.00
C SER D 909 17.99 -16.99 -27.71
N LEU D 910 17.43 -18.13 -27.28
CA LEU D 910 16.18 -18.60 -27.86
C LEU D 910 14.94 -17.87 -27.31
N LYS D 911 15.13 -16.86 -26.46
CA LYS D 911 14.04 -16.05 -25.91
C LYS D 911 13.04 -16.91 -25.15
N MET D 912 13.53 -17.54 -24.08
CA MET D 912 12.70 -18.40 -23.25
C MET D 912 12.10 -17.60 -22.10
N ILE E 32 13.45 9.69 -66.43
CA ILE E 32 13.75 8.50 -65.64
C ILE E 32 12.93 8.50 -64.35
N LYS E 33 11.80 7.79 -64.38
CA LYS E 33 10.90 7.69 -63.24
C LYS E 33 10.88 6.25 -62.73
N THR E 34 10.88 6.10 -61.41
CA THR E 34 10.88 4.77 -60.82
C THR E 34 9.54 4.07 -61.04
N THR E 35 9.58 2.74 -61.02
CA THR E 35 8.36 1.96 -61.14
C THR E 35 7.53 2.12 -59.87
N PRO E 36 6.20 2.11 -59.97
CA PRO E 36 5.35 2.27 -58.79
C PRO E 36 5.49 1.10 -57.82
N TYR E 37 5.29 1.41 -56.54
CA TYR E 37 5.28 0.42 -55.48
C TYR E 37 4.10 0.69 -54.55
N LEU E 38 3.69 -0.35 -53.85
CA LEU E 38 2.48 -0.31 -53.02
C LEU E 38 2.85 0.09 -51.60
N GLU E 39 2.15 1.11 -51.07
CA GLU E 39 2.21 1.43 -49.66
C GLU E 39 0.79 1.54 -49.13
N GLY E 40 0.56 1.01 -47.94
CA GLY E 40 -0.80 0.88 -47.45
C GLY E 40 -1.61 0.00 -48.38
N ASP E 41 -2.50 0.61 -49.14
CA ASP E 41 -3.20 -0.07 -50.23
C ASP E 41 -3.28 0.82 -51.48
N VAL E 42 -2.27 1.66 -51.71
CA VAL E 42 -2.25 2.57 -52.84
C VAL E 42 -0.85 2.55 -53.45
N LEU E 43 -0.79 2.68 -54.78
CA LEU E 43 0.49 2.75 -55.48
C LEU E 43 1.09 4.15 -55.38
N SER E 44 2.40 4.22 -55.59
CA SER E 44 3.11 5.49 -55.59
C SER E 44 4.37 5.36 -56.42
N SER E 45 4.96 6.51 -56.77
CA SER E 45 6.20 6.55 -57.53
C SER E 45 7.17 7.56 -56.95
N ASP E 46 7.16 7.75 -55.63
CA ASP E 46 8.02 8.72 -54.99
C ASP E 46 9.48 8.30 -55.06
N SER E 47 10.37 9.30 -55.17
CA SER E 47 11.79 9.03 -55.24
C SER E 47 12.31 8.44 -53.93
N GLY E 48 11.81 8.91 -52.80
CA GLY E 48 12.27 8.45 -51.51
C GLY E 48 13.51 9.17 -51.04
N PRO E 49 14.04 8.80 -49.88
CA PRO E 49 15.23 9.46 -49.35
C PRO E 49 16.47 9.10 -50.16
N LEU E 50 17.50 9.92 -49.98
CA LEU E 50 18.77 9.70 -50.67
C LEU E 50 19.42 8.41 -50.20
N LEU E 51 20.15 7.76 -51.11
CA LEU E 51 20.79 6.50 -50.79
C LEU E 51 21.88 6.69 -49.73
N SER E 52 22.65 7.78 -49.83
CA SER E 52 23.72 8.03 -48.86
C SER E 52 23.16 8.25 -47.46
N VAL E 53 22.07 9.03 -47.35
CA VAL E 53 21.47 9.27 -46.04
C VAL E 53 20.97 7.96 -45.44
N PHE E 54 20.37 7.10 -46.26
CA PHE E 54 19.92 5.80 -45.79
C PHE E 54 21.09 4.95 -45.32
N ALA E 55 22.20 4.97 -46.05
CA ALA E 55 23.36 4.18 -45.66
C ALA E 55 23.93 4.66 -44.33
N LEU E 56 24.09 5.98 -44.17
CA LEU E 56 24.56 6.55 -42.91
C LEU E 56 23.65 6.17 -41.76
N GLN E 57 22.33 6.35 -41.92
CA GLN E 57 21.45 6.09 -40.78
C GLN E 57 21.37 4.60 -40.46
N GLU E 58 21.46 3.72 -41.47
CA GLU E 58 21.38 2.29 -41.18
C GLU E 58 22.68 1.81 -40.53
N ILE E 59 23.82 2.35 -40.95
CA ILE E 59 25.09 2.00 -40.31
C ILE E 59 25.09 2.48 -38.86
N MET E 60 24.60 3.69 -38.61
CA MET E 60 24.50 4.18 -37.24
C MET E 60 23.55 3.33 -36.41
N GLN E 61 22.44 2.89 -37.01
CA GLN E 61 21.51 2.01 -36.30
C GLN E 61 22.16 0.67 -35.96
N LYS E 62 22.93 0.11 -36.88
CA LYS E 62 23.63 -1.14 -36.60
C LYS E 62 24.65 -0.97 -35.48
N VAL E 63 25.41 0.12 -35.50
CA VAL E 63 26.37 0.37 -34.43
C VAL E 63 25.66 0.56 -33.10
N ARG E 64 24.53 1.28 -33.10
CA ARG E 64 23.78 1.52 -31.87
C ARG E 64 23.21 0.24 -31.31
N GLN E 65 22.67 -0.64 -32.15
CA GLN E 65 22.11 -1.88 -31.64
C GLN E 65 23.22 -2.85 -31.23
N VAL E 66 24.41 -2.73 -31.80
CA VAL E 66 25.54 -3.52 -31.32
C VAL E 66 25.96 -3.06 -29.94
N GLN E 67 26.08 -1.75 -29.73
CA GLN E 67 26.57 -1.23 -28.46
C GLN E 67 25.47 -1.12 -27.40
N ALA E 68 24.22 -1.36 -27.76
CA ALA E 68 23.13 -1.22 -26.79
C ALA E 68 23.24 -2.25 -25.67
N ASP E 69 23.56 -3.50 -26.02
CA ASP E 69 23.67 -4.55 -25.02
C ASP E 69 25.13 -4.90 -24.76
N ASP E 83 19.75 12.61 -37.48
CA ASP E 83 21.03 12.92 -36.85
C ASP E 83 22.17 12.84 -37.86
N VAL E 84 21.92 12.11 -38.95
CA VAL E 84 22.94 11.98 -39.99
C VAL E 84 23.15 13.32 -40.71
N GLN E 85 22.11 14.15 -40.78
CA GLN E 85 22.27 15.45 -41.42
C GLN E 85 23.30 16.30 -40.67
N LYS E 86 23.34 16.17 -39.34
CA LYS E 86 24.32 16.91 -38.55
C LYS E 86 25.74 16.53 -38.95
N ILE E 87 26.01 15.23 -39.08
CA ILE E 87 27.37 14.80 -39.42
C ILE E 87 27.70 15.14 -40.87
N LEU E 88 26.70 15.11 -41.77
CA LEU E 88 26.96 15.52 -43.15
C LEU E 88 27.32 17.00 -43.25
N ASP E 89 26.52 17.86 -42.61
CA ASP E 89 26.85 19.28 -42.63
C ASP E 89 28.13 19.58 -41.87
N ASP E 90 28.49 18.75 -40.89
CA ASP E 90 29.74 18.99 -40.18
C ASP E 90 30.94 18.56 -41.01
N ILE E 91 30.79 17.50 -41.83
CA ILE E 91 31.79 17.17 -42.84
C ILE E 91 31.95 18.34 -43.82
N LYS E 92 30.83 18.91 -44.26
CA LYS E 92 30.88 20.05 -45.17
C LYS E 92 31.60 21.23 -44.54
N ALA E 93 31.34 21.50 -43.26
CA ALA E 93 32.03 22.58 -42.57
C ALA E 93 33.52 22.30 -42.40
N LEU E 94 33.87 21.05 -42.08
CA LEU E 94 35.27 20.67 -41.95
C LEU E 94 36.01 20.79 -43.27
N ALA E 95 35.30 20.62 -44.39
CA ALA E 95 35.93 20.72 -45.70
C ALA E 95 36.52 22.11 -45.94
N ALA E 96 35.96 23.14 -45.31
CA ALA E 96 36.40 24.52 -45.50
C ALA E 96 37.14 25.06 -44.28
N GLU E 97 37.95 24.24 -43.61
CA GLU E 97 38.66 24.68 -42.44
C GLU E 97 39.82 25.62 -42.82
N GLN E 98 40.07 26.62 -41.98
CA GLN E 98 41.16 27.57 -42.19
C GLN E 98 42.07 27.57 -40.97
N VAL E 99 43.38 27.45 -41.21
CA VAL E 99 44.34 27.36 -40.12
C VAL E 99 44.77 28.75 -39.64
N TYR E 100 45.03 29.68 -40.55
CA TYR E 100 45.46 31.02 -40.19
C TYR E 100 44.37 32.02 -40.52
N LYS E 101 44.63 33.29 -40.20
CA LYS E 101 43.70 34.36 -40.50
C LYS E 101 44.47 35.63 -40.78
N ILE E 102 43.91 36.49 -41.63
CA ILE E 102 44.52 37.76 -42.01
C ILE E 102 43.97 38.86 -41.11
N VAL E 103 44.83 39.81 -40.75
CA VAL E 103 44.46 40.88 -39.83
C VAL E 103 44.84 42.22 -40.43
N LYS E 104 44.16 43.26 -39.96
CA LYS E 104 44.47 44.64 -40.32
C LYS E 104 45.33 45.33 -39.29
N VAL E 105 45.10 45.07 -38.01
CA VAL E 105 45.89 45.64 -36.92
C VAL E 105 46.33 44.50 -36.00
N PRO E 106 47.57 44.52 -35.50
CA PRO E 106 47.97 43.51 -34.52
C PRO E 106 47.20 43.64 -33.22
N SER E 107 47.02 42.51 -32.54
CA SER E 107 46.31 42.52 -31.26
C SER E 107 47.11 43.29 -30.22
N ILE E 108 46.40 43.96 -29.32
CA ILE E 108 47.04 44.78 -28.30
C ILE E 108 47.82 43.89 -27.35
N SER E 109 48.99 44.37 -26.91
CA SER E 109 49.90 43.58 -26.09
C SER E 109 50.09 44.16 -24.69
N PHE E 110 50.40 45.44 -24.58
CA PHE E 110 50.66 46.07 -23.29
C PHE E 110 49.67 47.21 -23.06
N ARG E 111 49.30 47.42 -21.79
CA ARG E 111 48.45 48.55 -21.44
C ARG E 111 48.94 49.14 -20.13
N HIS E 112 48.46 50.36 -19.84
CA HIS E 112 48.96 51.14 -18.73
C HIS E 112 47.82 51.66 -17.87
N ILE E 113 48.12 51.87 -16.59
CA ILE E 113 47.17 52.36 -15.61
C ILE E 113 47.82 53.50 -14.83
N VAL E 114 47.08 54.59 -14.64
CA VAL E 114 47.57 55.72 -13.84
C VAL E 114 47.59 55.31 -12.37
N MET E 115 48.47 55.98 -11.60
CA MET E 115 48.72 55.62 -10.22
C MET E 115 48.44 56.81 -9.29
N GLN E 116 47.78 57.85 -9.81
CA GLN E 116 47.50 59.11 -9.14
C GLN E 116 48.77 59.92 -8.86
N SER E 117 49.94 59.39 -9.24
CA SER E 117 51.20 60.08 -9.12
C SER E 117 51.85 60.18 -10.50
N ARG E 118 52.41 61.37 -10.78
CA ARG E 118 52.95 61.66 -12.10
C ARG E 118 54.27 60.95 -12.36
N ASP E 119 54.99 60.57 -11.31
CA ASP E 119 56.34 60.03 -11.50
C ASP E 119 56.29 58.65 -12.15
N ARG E 120 55.40 57.77 -11.69
CA ARG E 120 55.33 56.39 -12.16
C ARG E 120 53.93 56.04 -12.63
N VAL E 121 53.85 55.02 -13.48
CA VAL E 121 52.61 54.43 -13.93
C VAL E 121 52.74 52.90 -13.79
N LEU E 122 51.66 52.20 -14.13
CA LEU E 122 51.63 50.74 -14.07
C LEU E 122 51.54 50.18 -15.47
N ARG E 123 52.44 49.27 -15.82
CA ARG E 123 52.41 48.57 -17.10
C ARG E 123 52.06 47.11 -16.88
N VAL E 124 51.07 46.62 -17.61
CA VAL E 124 50.68 45.21 -17.56
C VAL E 124 50.64 44.66 -18.98
N ASP E 125 50.83 43.36 -19.08
CA ASP E 125 50.83 42.64 -20.35
C ASP E 125 49.48 41.95 -20.54
N THR E 126 48.81 42.26 -21.64
CA THR E 126 47.46 41.74 -21.85
C THR E 126 47.46 40.26 -22.18
N TYR E 127 48.57 39.72 -22.67
CA TYR E 127 48.62 38.30 -23.00
C TYR E 127 48.43 37.41 -21.78
N TYR E 128 49.10 37.73 -20.68
CA TYR E 128 48.98 36.89 -19.49
C TYR E 128 47.57 36.93 -18.94
N GLU E 129 46.97 38.12 -18.88
CA GLU E 129 45.60 38.25 -18.39
C GLU E 129 44.62 37.52 -19.30
N GLU E 130 44.80 37.63 -20.61
CA GLU E 130 43.88 36.96 -21.53
C GLU E 130 44.02 35.44 -21.46
N MET E 131 45.25 34.94 -21.35
CA MET E 131 45.49 33.51 -21.31
C MET E 131 45.16 32.90 -19.95
N SER E 132 45.00 33.73 -18.91
CA SER E 132 44.74 33.20 -17.58
C SER E 132 43.40 32.47 -17.50
N GLN E 133 42.33 33.05 -18.07
CA GLN E 133 41.00 32.45 -17.91
C GLN E 133 40.70 31.33 -18.90
N VAL E 134 41.58 31.04 -19.86
CA VAL E 134 41.25 30.03 -20.88
C VAL E 134 41.25 28.62 -20.30
N GLY E 135 41.92 28.39 -19.18
CA GLY E 135 42.03 27.05 -18.61
C GLY E 135 40.80 26.59 -17.86
N ASP E 136 41.00 25.72 -16.87
CA ASP E 136 39.91 25.15 -16.10
C ASP E 136 40.46 24.65 -14.77
N VAL E 137 39.53 24.32 -13.86
CA VAL E 137 39.91 23.82 -12.55
C VAL E 137 40.56 22.45 -12.70
N ILE E 138 41.64 22.23 -11.97
CA ILE E 138 42.44 21.01 -12.08
C ILE E 138 42.34 20.25 -10.76
N THR E 139 42.04 18.96 -10.85
CA THR E 139 42.01 18.07 -9.70
C THR E 139 42.89 16.86 -10.00
N GLU E 140 43.65 16.41 -8.99
CA GLU E 140 44.54 15.27 -9.17
C GLU E 140 43.77 13.97 -9.40
N ASP E 141 42.49 13.93 -9.01
CA ASP E 141 41.71 12.69 -9.13
C ASP E 141 41.56 12.25 -10.58
N GLU E 142 41.30 13.19 -11.49
CA GLU E 142 41.11 12.88 -12.91
C GLU E 142 42.25 13.49 -13.72
N PRO E 143 43.23 12.69 -14.12
CA PRO E 143 44.32 13.22 -14.96
C PRO E 143 43.86 13.67 -16.34
N GLU E 144 42.75 13.12 -16.83
CA GLU E 144 42.27 13.47 -18.17
C GLU E 144 41.87 14.93 -18.24
N LYS E 145 41.24 15.46 -17.19
CA LYS E 145 40.90 16.88 -17.15
C LYS E 145 42.16 17.73 -17.17
N PHE E 146 43.17 17.34 -16.40
CA PHE E 146 44.43 18.08 -16.35
C PHE E 146 45.08 18.14 -17.74
N TYR E 147 45.21 17.00 -18.40
CA TYR E 147 45.89 16.99 -19.69
C TYR E 147 45.04 17.62 -20.78
N SER E 148 43.70 17.53 -20.68
CA SER E 148 42.85 18.24 -21.62
C SER E 148 43.00 19.75 -21.47
N THR E 149 43.10 20.24 -20.22
CA THR E 149 43.31 21.65 -20.01
C THR E 149 44.67 22.10 -20.54
N ILE E 150 45.70 21.28 -20.35
CA ILE E 150 47.03 21.60 -20.90
C ILE E 150 46.97 21.66 -22.42
N ILE E 151 46.30 20.70 -23.04
CA ILE E 151 46.17 20.67 -24.50
C ILE E 151 45.40 21.90 -24.98
N LYS E 152 44.34 22.28 -24.27
CA LYS E 152 43.59 23.47 -24.63
C LYS E 152 44.45 24.73 -24.54
N LYS E 153 45.29 24.82 -23.51
CA LYS E 153 46.17 25.97 -23.38
C LYS E 153 47.20 26.00 -24.51
N VAL E 154 47.72 24.84 -24.91
CA VAL E 154 48.65 24.79 -26.04
C VAL E 154 47.95 25.19 -27.33
N ARG E 155 46.70 24.77 -27.51
CA ARG E 155 45.95 25.19 -28.68
C ARG E 155 45.72 26.70 -28.68
N PHE E 156 45.47 27.27 -27.50
CA PHE E 156 45.28 28.72 -27.41
C PHE E 156 46.57 29.46 -27.75
N ILE E 157 47.70 29.01 -27.23
CA ILE E 157 48.96 29.70 -27.52
C ILE E 157 49.34 29.53 -28.99
N ARG E 158 48.93 28.43 -29.62
CA ARG E 158 49.13 28.30 -31.06
C ARG E 158 48.23 29.27 -31.83
N GLY E 159 46.94 29.31 -31.49
CA GLY E 159 45.98 30.07 -32.27
C GLY E 159 46.04 31.57 -32.07
N LYS E 160 46.61 32.03 -30.95
CA LYS E 160 46.69 33.47 -30.72
C LYS E 160 47.68 34.14 -31.66
N GLY E 161 48.82 33.49 -31.90
CA GLY E 161 49.88 34.06 -32.71
C GLY E 161 49.80 33.79 -34.20
N SER E 162 48.72 33.17 -34.68
CA SER E 162 48.58 32.85 -36.10
C SER E 162 47.84 33.99 -36.78
N PHE E 163 48.60 34.96 -37.29
CA PHE E 163 48.02 36.10 -37.98
C PHE E 163 49.02 36.64 -39.00
N ILE E 164 48.50 37.30 -40.02
CA ILE E 164 49.30 37.88 -41.09
C ILE E 164 48.80 39.30 -41.36
N LEU E 165 49.72 40.26 -41.37
CA LEU E 165 49.38 41.63 -41.73
C LEU E 165 49.25 41.76 -43.25
N HIS E 166 48.33 42.61 -43.68
CA HIS E 166 48.07 42.81 -45.11
C HIS E 166 48.38 44.23 -45.56
N ASP E 167 47.81 45.24 -44.92
CA ASP E 167 48.03 46.63 -45.33
C ASP E 167 47.84 47.51 -44.09
N ILE E 168 48.94 47.91 -43.48
CA ILE E 168 48.86 48.73 -42.27
C ILE E 168 48.43 50.14 -42.63
N PRO E 169 47.68 50.83 -41.79
CA PRO E 169 47.40 52.26 -42.02
C PRO E 169 48.60 53.11 -41.67
N THR E 170 48.74 54.22 -42.37
CA THR E 170 49.91 55.08 -42.20
C THR E 170 49.57 56.50 -42.63
N ARG E 171 50.36 57.45 -42.12
CA ARG E 171 50.20 58.86 -42.38
C ARG E 171 51.52 59.44 -42.89
N ASP E 172 51.43 60.60 -43.52
CA ASP E 172 52.57 61.25 -44.15
C ASP E 172 53.08 62.36 -43.24
N HIS E 173 54.37 62.29 -42.90
CA HIS E 173 55.02 63.34 -42.15
C HIS E 173 55.51 64.42 -43.11
N ARG E 174 56.37 65.32 -42.61
CA ARG E 174 56.89 66.40 -43.45
C ARG E 174 57.78 65.87 -44.57
N GLY E 175 58.58 64.84 -44.29
CA GLY E 175 59.47 64.30 -45.30
C GLY E 175 59.46 62.80 -45.43
N MET E 176 58.79 62.10 -44.51
CA MET E 176 58.78 60.65 -44.50
C MET E 176 57.37 60.16 -44.20
N GLU E 177 57.23 58.83 -44.18
CA GLU E 177 55.94 58.16 -44.00
C GLU E 177 56.00 57.35 -42.71
N VAL E 178 55.06 57.58 -41.79
CA VAL E 178 55.10 56.96 -40.48
C VAL E 178 53.77 56.27 -40.21
N ALA E 179 53.83 55.13 -39.51
CA ALA E 179 52.63 54.37 -39.22
C ALA E 179 51.79 55.05 -38.14
N GLU E 180 50.49 54.79 -38.16
CA GLU E 180 49.58 55.34 -37.17
C GLU E 180 49.83 54.68 -35.80
N PRO E 181 49.49 55.37 -34.72
CA PRO E 181 49.66 54.76 -33.38
C PRO E 181 48.78 53.54 -33.15
N GLU E 182 47.72 53.35 -33.94
CA GLU E 182 46.82 52.21 -33.72
C GLU E 182 47.50 50.90 -34.05
N VAL E 183 48.38 50.87 -35.06
CA VAL E 183 48.99 49.63 -35.50
C VAL E 183 49.97 49.09 -34.45
N LEU E 184 50.46 49.94 -33.56
CA LEU E 184 51.37 49.49 -32.51
C LEU E 184 50.62 48.66 -31.48
N GLY E 185 51.38 47.87 -30.72
CA GLY E 185 50.83 46.98 -29.73
C GLY E 185 50.69 47.56 -28.33
N VAL E 186 50.85 48.88 -28.17
CA VAL E 186 50.76 49.53 -26.88
C VAL E 186 49.64 50.58 -26.94
N GLU E 187 48.75 50.55 -25.96
CA GLU E 187 47.67 51.51 -25.84
C GLU E 187 47.96 52.41 -24.65
N PHE E 188 48.09 53.72 -24.91
CA PHE E 188 48.37 54.70 -23.87
C PHE E 188 47.57 55.98 -24.08
N LYS E 189 46.39 55.86 -24.71
CA LYS E 189 45.57 57.04 -24.97
C LYS E 189 45.02 57.67 -23.69
N ASN E 190 44.87 56.88 -22.63
CA ASN E 190 44.25 57.35 -21.39
C ASN E 190 45.26 57.88 -20.38
N VAL E 191 46.55 57.86 -20.69
CA VAL E 191 47.56 58.37 -19.78
C VAL E 191 48.16 59.69 -20.27
N LEU E 192 47.95 60.05 -21.54
CA LEU E 192 48.52 61.29 -22.07
C LEU E 192 48.08 62.57 -21.35
N PRO E 193 46.81 62.78 -20.96
CA PRO E 193 46.44 64.09 -20.41
C PRO E 193 47.09 64.43 -19.06
N VAL E 194 47.59 63.44 -18.32
CA VAL E 194 48.12 63.72 -16.99
C VAL E 194 49.61 64.03 -16.99
N LEU E 195 50.33 63.78 -18.08
CA LEU E 195 51.75 64.08 -18.14
C LEU E 195 51.98 65.58 -18.30
N THR E 196 53.15 66.04 -17.88
CA THR E 196 53.52 67.43 -18.02
C THR E 196 53.85 67.74 -19.49
N ALA E 197 54.06 69.03 -19.77
CA ALA E 197 54.27 69.47 -21.14
C ALA E 197 55.55 68.87 -21.74
N GLU E 198 56.64 68.88 -20.96
CA GLU E 198 57.91 68.35 -21.47
C GLU E 198 57.83 66.85 -21.71
N HIS E 199 57.23 66.11 -20.78
CA HIS E 199 57.12 64.67 -20.95
C HIS E 199 56.14 64.31 -22.05
N ARG E 200 55.07 65.09 -22.21
CA ARG E 200 54.14 64.86 -23.31
C ARG E 200 54.82 65.12 -24.65
N ALA E 201 55.63 66.18 -24.74
CA ALA E 201 56.39 66.41 -25.96
C ALA E 201 57.38 65.28 -26.22
N MET E 202 58.00 64.77 -25.16
CA MET E 202 58.95 63.67 -25.31
C MET E 202 58.27 62.41 -25.84
N ILE E 203 57.12 62.05 -25.28
CA ILE E 203 56.44 60.85 -25.76
C ILE E 203 55.88 61.08 -27.16
N GLN E 204 55.48 62.32 -27.47
CA GLN E 204 54.92 62.61 -28.79
C GLN E 204 55.98 62.51 -29.87
N ASN E 205 57.18 63.06 -29.63
CA ASN E 205 58.22 62.94 -30.65
C ASN E 205 58.97 61.62 -30.58
N ALA E 206 58.76 60.83 -29.51
CA ALA E 206 59.22 59.45 -29.53
C ALA E 206 58.29 58.57 -30.36
N LEU E 207 56.98 58.87 -30.34
CA LEU E 207 56.05 58.15 -31.19
C LEU E 207 56.35 58.41 -32.67
N ASP E 208 56.65 59.66 -33.01
CA ASP E 208 56.95 60.02 -34.40
C ASP E 208 58.26 59.45 -34.90
N GLY E 209 59.11 58.94 -34.01
CA GLY E 209 60.36 58.33 -34.41
C GLY E 209 60.26 56.92 -34.96
N SER E 210 59.06 56.35 -34.98
CA SER E 210 58.83 55.01 -35.51
C SER E 210 58.76 55.10 -37.04
N ILE E 211 59.92 55.31 -37.65
CA ILE E 211 60.02 55.43 -39.10
C ILE E 211 60.09 54.04 -39.71
N ILE E 212 59.28 53.81 -40.74
CA ILE E 212 59.24 52.54 -41.44
C ILE E 212 60.33 52.54 -42.51
N GLU E 213 60.86 51.35 -42.82
CA GLU E 213 61.92 51.21 -43.80
C GLU E 213 61.33 50.82 -45.16
N ASN E 214 60.54 51.75 -45.69
CA ASN E 214 59.86 51.56 -46.97
C ASN E 214 60.57 52.36 -48.04
N GLY E 215 61.06 51.67 -49.07
CA GLY E 215 61.63 52.33 -50.23
C GLY E 215 60.60 52.58 -51.31
N ASN E 216 61.06 53.16 -52.42
CA ASN E 216 60.19 53.37 -53.57
C ASN E 216 59.72 52.04 -54.14
N VAL E 217 60.63 51.07 -54.26
CA VAL E 217 60.31 49.71 -54.68
C VAL E 217 60.89 48.78 -53.63
N ALA E 218 60.04 48.32 -52.70
CA ALA E 218 60.50 47.47 -51.62
C ALA E 218 60.76 46.05 -52.14
N THR E 219 61.39 45.25 -51.28
CA THR E 219 61.69 43.85 -51.62
C THR E 219 60.38 43.06 -51.64
N ARG E 220 59.85 42.85 -52.84
CA ARG E 220 58.56 42.19 -53.06
C ARG E 220 57.43 42.90 -52.31
N ASP E 221 57.54 44.23 -52.21
CA ASP E 221 56.53 45.09 -51.59
C ASP E 221 56.26 44.67 -50.14
N VAL E 222 57.32 44.69 -49.34
CA VAL E 222 57.25 44.35 -47.92
C VAL E 222 57.77 45.55 -47.13
N ASP E 223 57.00 45.99 -46.15
CA ASP E 223 57.36 47.12 -45.30
C ASP E 223 57.81 46.62 -43.93
N VAL E 224 58.95 47.13 -43.46
CA VAL E 224 59.53 46.72 -42.19
C VAL E 224 59.40 47.88 -41.22
N PHE E 225 58.86 47.60 -40.03
CA PHE E 225 58.67 48.64 -39.03
C PHE E 225 58.90 48.05 -37.65
N ILE E 226 58.88 48.92 -36.64
CA ILE E 226 59.18 48.56 -35.26
C ILE E 226 57.89 48.58 -34.46
N GLY E 227 57.73 47.57 -33.60
CA GLY E 227 56.52 47.42 -32.81
C GLY E 227 56.81 46.70 -31.52
N ALA E 228 55.75 46.49 -30.74
CA ALA E 228 55.87 45.88 -29.42
C ALA E 228 54.95 44.68 -29.32
N CYS E 229 55.48 43.58 -28.79
CA CYS E 229 54.70 42.37 -28.59
C CYS E 229 55.39 41.53 -27.52
N SER E 230 54.63 40.60 -26.93
CA SER E 230 55.19 39.72 -25.92
C SER E 230 56.02 38.61 -26.58
N GLU E 231 56.61 37.74 -25.73
CA GLU E 231 57.57 36.78 -26.24
C GLU E 231 56.94 35.62 -27.02
N PRO E 232 56.02 34.83 -26.45
CA PRO E 232 55.64 33.58 -27.15
C PRO E 232 54.86 33.81 -28.43
N VAL E 233 53.91 34.74 -28.45
CA VAL E 233 53.17 35.01 -29.67
C VAL E 233 54.08 35.58 -30.75
N TYR E 234 55.07 36.38 -30.36
CA TYR E 234 56.04 36.87 -31.33
C TYR E 234 56.88 35.73 -31.90
N ARG E 235 57.21 34.74 -31.06
CA ARG E 235 57.94 33.59 -31.58
C ARG E 235 57.07 32.78 -32.55
N ILE E 236 55.77 32.66 -32.24
CA ILE E 236 54.83 32.02 -33.17
C ILE E 236 54.82 32.75 -34.51
N TYR E 237 54.73 34.09 -34.46
CA TYR E 237 54.67 34.88 -35.68
C TYR E 237 55.97 34.79 -36.46
N ASN E 238 57.11 34.76 -35.76
CA ASN E 238 58.40 34.63 -36.43
C ASN E 238 58.55 33.27 -37.09
N ARG E 239 58.08 32.21 -36.44
CA ARG E 239 58.11 30.89 -37.07
C ARG E 239 57.22 30.84 -38.30
N LEU E 240 56.03 31.45 -38.22
CA LEU E 240 55.14 31.50 -39.38
C LEU E 240 55.79 32.28 -40.53
N GLN E 241 56.45 33.40 -40.21
CA GLN E 241 57.13 34.19 -41.23
C GLN E 241 58.27 33.40 -41.86
N GLY E 242 59.04 32.67 -41.04
CA GLY E 242 60.10 31.85 -41.58
C GLY E 242 59.58 30.74 -42.48
N TYR E 243 58.43 30.18 -42.14
CA TYR E 243 57.84 29.16 -43.00
C TYR E 243 57.34 29.75 -44.31
N ILE E 244 56.67 30.91 -44.26
CA ILE E 244 56.10 31.49 -45.47
C ILE E 244 57.17 32.11 -46.36
N GLU E 245 58.35 32.42 -45.82
CA GLU E 245 59.37 33.11 -46.61
C GLU E 245 59.99 32.19 -47.65
N ALA E 246 59.95 30.87 -47.42
CA ALA E 246 60.62 29.93 -48.30
C ALA E 246 59.94 29.87 -49.67
N VAL E 247 60.63 29.23 -50.62
CA VAL E 247 60.15 29.07 -51.99
C VAL E 247 59.83 27.59 -52.23
N GLN E 248 58.62 27.32 -52.73
CA GLN E 248 58.14 25.96 -52.91
C GLN E 248 57.35 25.83 -54.21
N LEU E 249 57.86 26.40 -55.31
CA LEU E 249 57.16 26.31 -56.58
C LEU E 249 57.09 24.86 -57.09
N GLN E 250 58.16 24.10 -56.89
CA GLN E 250 58.18 22.71 -57.35
C GLN E 250 57.09 21.90 -56.67
N GLU E 251 56.83 22.18 -55.39
CA GLU E 251 55.72 21.52 -54.70
C GLU E 251 54.39 21.87 -55.34
N LEU E 252 54.22 23.12 -55.77
CA LEU E 252 52.99 23.51 -56.46
C LEU E 252 52.84 22.78 -57.79
N ARG E 253 53.93 22.64 -58.54
CA ARG E 253 53.88 21.88 -59.79
C ARG E 253 53.52 20.42 -59.54
N ASN E 254 54.11 19.81 -58.51
CA ASN E 254 53.77 18.43 -58.19
C ASN E 254 52.31 18.31 -57.77
N SER E 255 51.80 19.27 -57.01
CA SER E 255 50.41 19.23 -56.57
C SER E 255 49.46 19.34 -57.75
N ILE E 256 49.72 20.29 -58.66
CA ILE E 256 48.83 20.43 -59.82
C ILE E 256 48.97 19.24 -60.76
N GLY E 257 50.15 18.60 -60.79
CA GLY E 257 50.26 17.34 -61.50
C GLY E 257 49.39 16.25 -60.91
N TRP E 258 49.31 16.22 -59.57
CA TRP E 258 48.41 15.26 -58.93
C TRP E 258 46.95 15.58 -59.25
N LEU E 259 46.61 16.88 -59.27
CA LEU E 259 45.28 17.31 -59.72
C LEU E 259 44.96 16.76 -61.11
N GLU E 260 45.86 16.97 -62.07
CA GLU E 260 45.56 16.55 -63.44
C GLU E 260 45.59 15.03 -63.58
N ARG E 261 46.39 14.35 -62.77
CA ARG E 261 46.39 12.89 -62.76
C ARG E 261 45.03 12.34 -62.33
N LEU E 262 44.53 12.83 -61.19
CA LEU E 262 43.20 12.44 -60.75
C LEU E 262 42.13 12.88 -61.75
N GLY E 263 42.36 14.02 -62.40
CA GLY E 263 41.40 14.52 -63.37
C GLY E 263 41.25 13.63 -64.58
N HIS E 264 42.37 13.19 -65.16
CA HIS E 264 42.25 12.31 -66.32
C HIS E 264 41.89 10.88 -65.91
N ARG E 265 42.14 10.51 -64.65
CA ARG E 265 41.58 9.26 -64.16
C ARG E 265 40.06 9.37 -64.01
N LYS E 266 39.58 10.54 -63.60
CA LYS E 266 38.16 10.79 -63.33
C LYS E 266 37.62 11.82 -64.33
N ARG E 267 37.92 11.61 -65.62
CA ARG E 267 37.56 12.56 -66.66
C ARG E 267 36.06 12.68 -66.89
N ILE E 268 35.25 11.79 -66.30
CA ILE E 268 33.80 11.85 -66.50
C ILE E 268 33.23 13.10 -65.84
N THR E 269 33.73 13.48 -64.68
CA THR E 269 33.14 14.58 -63.91
C THR E 269 34.08 15.74 -63.64
N TYR E 270 35.40 15.54 -63.66
CA TYR E 270 36.34 16.61 -63.36
C TYR E 270 36.90 17.17 -64.66
N SER E 271 36.69 18.47 -64.88
CA SER E 271 37.17 19.14 -66.08
C SER E 271 37.96 20.40 -65.80
N GLN E 272 37.59 21.17 -64.78
CA GLN E 272 38.19 22.47 -64.55
C GLN E 272 39.61 22.34 -64.02
N GLU E 273 40.53 23.12 -64.59
CA GLU E 273 41.93 23.11 -64.20
C GLU E 273 42.39 24.55 -64.03
N VAL E 274 43.32 24.78 -63.10
CA VAL E 274 43.63 26.12 -62.62
C VAL E 274 45.10 26.50 -62.84
N LEU E 275 45.72 25.99 -63.90
CA LEU E 275 47.11 26.35 -64.19
C LEU E 275 47.26 27.82 -64.56
N THR E 276 46.19 28.47 -65.03
CA THR E 276 46.30 29.84 -65.50
C THR E 276 46.70 30.80 -64.39
N ASP E 277 46.16 30.62 -63.19
CA ASP E 277 46.50 31.50 -62.07
C ASP E 277 47.92 31.27 -61.59
N PHE E 278 48.42 30.04 -61.67
CA PHE E 278 49.74 29.72 -61.16
C PHE E 278 50.87 30.33 -61.99
N ARG E 279 50.57 30.75 -63.22
CA ARG E 279 51.60 31.29 -64.12
C ARG E 279 51.69 32.81 -63.99
N ARG E 280 51.96 33.25 -62.77
CA ARG E 280 52.14 34.67 -62.47
C ARG E 280 53.35 34.85 -61.56
N GLN E 281 53.70 36.12 -61.30
CA GLN E 281 54.82 36.43 -60.44
C GLN E 281 54.54 37.58 -59.49
N ASP E 282 53.29 37.98 -59.32
CA ASP E 282 52.94 39.11 -58.46
C ASP E 282 52.35 38.68 -57.13
N THR E 283 51.30 37.85 -57.15
CA THR E 283 50.65 37.42 -55.92
C THR E 283 51.49 36.36 -55.22
N ILE E 284 51.15 36.11 -53.95
CA ILE E 284 51.87 35.17 -53.10
C ILE E 284 50.89 34.09 -52.65
N TRP E 285 51.26 32.83 -52.85
CA TRP E 285 50.46 31.69 -52.42
C TRP E 285 50.98 31.16 -51.10
N VAL E 286 50.12 30.44 -50.39
CA VAL E 286 50.49 29.74 -49.17
C VAL E 286 50.17 28.26 -49.36
N LEU E 287 51.16 27.41 -49.09
CA LEU E 287 50.97 25.96 -49.16
C LEU E 287 50.76 25.39 -47.75
N ALA E 288 49.60 25.74 -47.18
CA ALA E 288 49.26 25.26 -45.85
C ALA E 288 49.06 23.76 -45.81
N LEU E 289 48.54 23.18 -46.89
CA LEU E 289 48.28 21.76 -46.98
C LEU E 289 48.98 21.17 -48.19
N GLN E 290 49.42 19.92 -48.05
CA GLN E 290 50.08 19.21 -49.14
C GLN E 290 49.12 18.19 -49.73
N LEU E 291 49.02 18.17 -51.06
CA LEU E 291 48.01 17.34 -51.70
C LEU E 291 48.36 15.86 -51.71
N PRO E 292 49.55 15.40 -52.18
CA PRO E 292 49.77 13.95 -52.26
C PRO E 292 49.93 13.32 -50.89
N VAL E 293 48.79 13.09 -50.23
CA VAL E 293 48.78 12.60 -48.86
C VAL E 293 49.26 11.15 -48.81
N ASN E 294 50.09 10.85 -47.83
CA ASN E 294 50.54 9.47 -47.62
C ASN E 294 49.37 8.66 -47.09
N PRO E 295 48.99 7.55 -47.74
CA PRO E 295 47.82 6.79 -47.26
C PRO E 295 48.03 6.12 -45.91
N GLN E 296 49.27 5.73 -45.59
CA GLN E 296 49.52 4.95 -44.38
C GLN E 296 49.03 5.67 -43.13
N VAL E 297 49.07 7.01 -43.13
CA VAL E 297 48.70 7.76 -41.94
C VAL E 297 47.23 7.57 -41.59
N VAL E 298 46.38 7.24 -42.57
CA VAL E 298 44.98 7.01 -42.23
C VAL E 298 44.72 5.55 -41.92
N TRP E 299 45.67 4.65 -42.23
CA TRP E 299 45.52 3.25 -41.92
C TRP E 299 46.40 2.79 -40.76
N ASP E 300 47.33 3.62 -40.30
CA ASP E 300 48.15 3.25 -39.15
C ASP E 300 47.35 3.36 -37.84
N VAL E 301 46.31 4.18 -37.83
CA VAL E 301 45.48 4.29 -36.62
C VAL E 301 44.73 2.98 -36.40
N PRO E 302 44.75 2.43 -35.18
CA PRO E 302 44.15 1.10 -34.98
C PRO E 302 42.64 1.15 -34.98
N ARG E 303 42.03 0.10 -35.56
CA ARG E 303 40.59 -0.11 -35.57
C ARG E 303 39.84 1.09 -36.15
N SER E 304 40.11 1.36 -37.43
CA SER E 304 39.51 2.49 -38.12
C SER E 304 38.86 2.09 -39.44
N SER E 305 38.58 0.81 -39.63
CA SER E 305 37.93 0.37 -40.87
C SER E 305 36.52 0.95 -41.00
N ILE E 306 35.76 0.94 -39.90
CA ILE E 306 34.39 1.43 -39.93
C ILE E 306 34.36 2.93 -40.22
N ALA E 307 35.26 3.69 -39.59
CA ALA E 307 35.30 5.14 -39.82
C ALA E 307 35.68 5.46 -41.26
N ASN E 308 36.69 4.77 -41.80
CA ASN E 308 37.07 5.01 -43.19
C ASN E 308 35.94 4.65 -44.14
N LEU E 309 35.27 3.52 -43.89
CA LEU E 309 34.16 3.11 -44.75
C LEU E 309 33.01 4.11 -44.70
N ILE E 310 32.65 4.57 -43.49
CA ILE E 310 31.51 5.46 -43.36
C ILE E 310 31.82 6.83 -43.97
N MET E 311 33.06 7.31 -43.82
CA MET E 311 33.40 8.58 -44.45
C MET E 311 33.49 8.47 -45.96
N ASN E 312 34.00 7.34 -46.47
CA ASN E 312 34.04 7.13 -47.92
C ASN E 312 32.63 7.10 -48.49
N ILE E 313 31.72 6.38 -47.85
CA ILE E 313 30.36 6.28 -48.37
C ILE E 313 29.62 7.60 -48.19
N ALA E 314 30.03 8.42 -47.22
CA ALA E 314 29.43 9.75 -47.10
C ALA E 314 29.95 10.70 -48.17
N THR E 315 31.21 10.54 -48.58
CA THR E 315 31.82 11.49 -49.50
C THR E 315 31.79 11.07 -50.97
N CYS E 316 31.37 9.84 -51.29
CA CYS E 316 31.46 9.37 -52.66
C CYS E 316 30.23 8.66 -53.20
N LEU E 317 29.22 8.38 -52.38
CA LEU E 317 28.09 7.58 -52.87
C LEU E 317 27.09 8.47 -53.60
N PRO E 318 26.77 8.18 -54.87
CA PRO E 318 25.73 8.93 -55.58
C PRO E 318 24.33 8.45 -55.23
N THR E 319 23.32 8.99 -55.91
CA THR E 319 21.94 8.59 -55.70
C THR E 319 21.36 8.07 -57.00
N GLY E 320 20.31 7.24 -56.88
CA GLY E 320 19.76 6.59 -58.05
C GLY E 320 18.32 6.15 -57.86
N GLU E 321 17.80 5.48 -58.88
CA GLU E 321 16.43 5.00 -58.93
C GLU E 321 16.39 3.53 -59.33
N TYR E 322 15.27 2.88 -59.05
CA TYR E 322 15.07 1.47 -59.34
C TYR E 322 13.92 1.34 -60.34
N ILE E 323 14.17 0.67 -61.46
CA ILE E 323 13.18 0.53 -62.52
C ILE E 323 12.87 -0.95 -62.72
N ALA E 324 11.67 -1.21 -63.25
CA ALA E 324 11.27 -2.57 -63.58
C ALA E 324 12.03 -3.06 -64.81
N PRO E 325 12.16 -4.39 -64.96
CA PRO E 325 12.77 -4.91 -66.19
C PRO E 325 12.03 -4.52 -67.45
N ASN E 326 10.71 -4.38 -67.38
CA ASN E 326 9.91 -3.89 -68.48
C ASN E 326 8.82 -2.97 -67.94
N PRO E 327 8.78 -1.72 -68.36
CA PRO E 327 7.76 -0.79 -67.85
C PRO E 327 6.36 -1.12 -68.38
N ARG E 328 5.38 -0.31 -67.98
CA ARG E 328 3.99 -0.42 -68.41
C ARG E 328 3.35 -1.76 -68.02
N ILE E 329 3.89 -2.43 -67.00
CA ILE E 329 3.28 -3.66 -66.52
C ILE E 329 2.29 -3.43 -65.39
N SER E 330 2.26 -2.24 -64.80
CA SER E 330 1.29 -1.94 -63.77
C SER E 330 -0.13 -1.85 -64.34
N SER E 331 -0.27 -1.25 -65.52
CA SER E 331 -1.58 -1.05 -66.11
C SER E 331 -2.15 -2.32 -66.73
N ILE E 332 -1.30 -3.18 -67.28
CA ILE E 332 -1.80 -4.37 -67.97
C ILE E 332 -2.35 -5.36 -66.96
N THR E 333 -3.31 -6.18 -67.42
CA THR E 333 -3.92 -7.19 -66.56
C THR E 333 -2.94 -8.33 -66.29
N LEU E 334 -3.11 -8.98 -65.14
CA LEU E 334 -2.23 -10.08 -64.78
C LEU E 334 -2.49 -11.34 -65.59
N THR E 335 -3.60 -11.40 -66.34
CA THR E 335 -3.86 -12.57 -67.18
C THR E 335 -2.76 -12.77 -68.22
N GLN E 336 -2.18 -11.67 -68.72
CA GLN E 336 -1.03 -11.78 -69.61
C GLN E 336 0.25 -12.08 -68.86
N ARG E 337 0.34 -11.65 -67.59
CA ARG E 337 1.59 -11.82 -66.84
C ARG E 337 1.81 -13.27 -66.44
N ILE E 338 0.77 -13.95 -65.96
CA ILE E 338 0.88 -15.34 -65.52
C ILE E 338 0.23 -16.22 -66.57
N THR E 339 0.99 -17.19 -67.07
CA THR E 339 0.49 -18.13 -68.07
C THR E 339 0.86 -19.58 -67.80
N THR E 340 1.82 -19.85 -66.91
CA THR E 340 2.28 -21.20 -66.60
C THR E 340 1.93 -21.55 -65.16
N THR E 341 2.42 -22.69 -64.71
CA THR E 341 2.20 -23.17 -63.34
C THR E 341 3.54 -23.43 -62.67
N GLY E 342 3.65 -23.00 -61.41
CA GLY E 342 4.86 -23.21 -60.64
C GLY E 342 5.13 -22.08 -59.67
N PRO E 343 6.21 -22.20 -58.89
CA PRO E 343 6.56 -21.12 -57.95
C PRO E 343 6.85 -19.80 -58.66
N PHE E 344 7.47 -19.85 -59.83
CA PHE E 344 7.72 -18.63 -60.58
C PHE E 344 6.41 -17.98 -61.02
N ALA E 345 5.44 -18.80 -61.45
CA ALA E 345 4.14 -18.28 -61.86
C ALA E 345 3.37 -17.70 -60.68
N ILE E 346 3.40 -18.37 -59.53
CA ILE E 346 2.64 -17.88 -58.38
C ILE E 346 3.27 -16.62 -57.82
N LEU E 347 4.60 -16.51 -57.88
CA LEU E 347 5.25 -15.34 -57.31
C LEU E 347 5.07 -14.11 -58.20
N THR E 348 5.25 -14.26 -59.51
CA THR E 348 5.28 -13.11 -60.40
C THR E 348 3.92 -12.42 -60.44
N GLY E 349 3.94 -11.14 -60.80
CA GLY E 349 2.75 -10.32 -60.75
C GLY E 349 2.51 -9.63 -59.43
N SER E 350 3.40 -9.81 -58.45
CA SER E 350 3.24 -9.19 -57.15
C SER E 350 3.69 -7.72 -57.19
N THR E 351 3.44 -7.02 -56.08
CA THR E 351 3.74 -5.61 -55.97
C THR E 351 4.46 -5.37 -54.64
N PRO E 352 5.58 -4.67 -54.65
CA PRO E 352 6.36 -4.50 -53.42
C PRO E 352 5.74 -3.51 -52.45
N THR E 353 6.18 -3.60 -51.20
CA THR E 353 5.89 -2.63 -50.16
C THR E 353 7.14 -1.80 -49.89
N ALA E 354 7.03 -0.91 -48.90
CA ALA E 354 8.16 -0.06 -48.54
C ALA E 354 9.33 -0.88 -48.00
N GLN E 355 9.03 -1.88 -47.15
CA GLN E 355 10.09 -2.72 -46.60
C GLN E 355 10.78 -3.53 -47.69
N GLN E 356 10.03 -3.95 -48.70
CA GLN E 356 10.63 -4.67 -49.82
C GLN E 356 11.65 -3.82 -50.55
N LEU E 357 11.29 -2.55 -50.82
CA LEU E 357 12.22 -1.65 -51.51
C LEU E 357 13.41 -1.31 -50.63
N ASN E 358 13.19 -1.17 -49.32
CA ASN E 358 14.29 -0.94 -48.40
C ASN E 358 15.27 -2.10 -48.39
N ASP E 359 14.75 -3.33 -48.40
CA ASP E 359 15.63 -4.50 -48.43
C ASP E 359 16.34 -4.60 -49.78
N VAL E 360 15.67 -4.23 -50.87
CA VAL E 360 16.30 -4.27 -52.18
C VAL E 360 17.46 -3.28 -52.25
N ARG E 361 17.23 -2.06 -51.76
CA ARG E 361 18.32 -1.08 -51.78
C ARG E 361 19.42 -1.45 -50.81
N LYS E 362 19.09 -2.13 -49.71
CA LYS E 362 20.12 -2.66 -48.82
C LYS E 362 20.97 -3.71 -49.53
N ILE E 363 20.33 -4.58 -50.31
CA ILE E 363 21.06 -5.59 -51.09
C ILE E 363 21.98 -4.92 -52.09
N TYR E 364 21.49 -3.89 -52.78
CA TYR E 364 22.32 -3.19 -53.75
C TYR E 364 23.50 -2.50 -53.07
N LEU E 365 23.25 -1.86 -51.92
CA LEU E 365 24.33 -1.22 -51.17
C LEU E 365 25.38 -2.24 -50.73
N ALA E 366 24.94 -3.42 -50.29
CA ALA E 366 25.87 -4.48 -49.95
C ALA E 366 26.64 -4.95 -51.16
N LEU E 367 26.02 -4.94 -52.34
CA LEU E 367 26.71 -5.38 -53.56
C LEU E 367 27.73 -4.34 -54.01
N MET E 368 27.53 -3.06 -53.66
CA MET E 368 28.50 -2.03 -54.03
C MET E 368 29.85 -2.29 -53.38
N PHE E 369 29.86 -2.65 -52.10
CA PHE E 369 31.11 -2.89 -51.38
C PHE E 369 31.40 -4.38 -51.33
N PRO E 370 32.48 -4.84 -51.95
CA PRO E 370 32.71 -6.29 -52.08
C PRO E 370 32.95 -7.01 -50.76
N GLY E 371 33.77 -6.43 -49.89
CA GLY E 371 34.17 -7.11 -48.68
C GLY E 371 33.74 -6.48 -47.38
N GLN E 372 33.56 -5.16 -47.37
CA GLN E 372 33.24 -4.45 -46.14
C GLN E 372 31.85 -4.80 -45.63
N ILE E 373 30.90 -5.02 -46.55
CA ILE E 373 29.50 -5.26 -46.20
C ILE E 373 29.17 -6.72 -46.49
N ILE E 374 28.63 -7.41 -45.49
CA ILE E 374 28.22 -8.80 -45.62
C ILE E 374 26.75 -8.90 -45.25
N LEU E 375 26.06 -9.91 -45.79
CA LEU E 375 24.64 -10.08 -45.62
C LEU E 375 24.32 -11.30 -44.77
N ASP E 376 23.29 -11.19 -43.93
CA ASP E 376 22.75 -12.31 -43.18
C ASP E 376 21.22 -12.29 -43.28
N LEU E 377 20.62 -13.45 -43.11
CA LEU E 377 19.18 -13.60 -43.20
C LEU E 377 18.52 -13.20 -41.89
N LYS E 378 17.42 -12.43 -42.01
CA LYS E 378 16.64 -12.02 -40.85
C LYS E 378 15.47 -12.99 -40.71
N ILE E 379 15.51 -13.82 -39.67
CA ILE E 379 14.51 -14.87 -39.46
C ILE E 379 13.79 -14.57 -38.15
N ASP E 380 12.48 -14.39 -38.24
CA ASP E 380 11.62 -14.26 -37.06
C ASP E 380 11.05 -15.62 -36.72
N PRO E 381 11.27 -16.14 -35.51
CA PRO E 381 10.71 -17.46 -35.17
C PRO E 381 9.19 -17.50 -35.22
N GLY E 382 8.52 -16.43 -34.85
CA GLY E 382 7.06 -16.41 -34.81
C GLY E 382 6.38 -15.83 -36.04
N GLU E 383 6.60 -16.41 -37.22
CA GLU E 383 5.92 -15.95 -38.42
C GLU E 383 5.48 -17.14 -39.25
N ARG E 384 4.52 -16.89 -40.15
CA ARG E 384 4.02 -17.87 -41.08
C ARG E 384 4.29 -17.39 -42.50
N MET E 385 4.76 -18.30 -43.35
CA MET E 385 5.20 -17.90 -44.68
C MET E 385 5.02 -19.06 -45.64
N ASP E 386 4.64 -18.74 -46.87
CA ASP E 386 4.48 -19.75 -47.90
C ASP E 386 5.83 -20.35 -48.27
N PRO E 387 5.91 -21.67 -48.49
CA PRO E 387 7.20 -22.27 -48.87
C PRO E 387 7.73 -21.79 -50.21
N ALA E 388 6.85 -21.47 -51.17
CA ALA E 388 7.28 -21.19 -52.53
C ALA E 388 8.19 -19.96 -52.60
N VAL E 389 7.95 -18.96 -51.76
CA VAL E 389 8.80 -17.79 -51.76
C VAL E 389 10.22 -18.15 -51.30
N ARG E 390 10.33 -19.01 -50.28
CA ARG E 390 11.65 -19.48 -49.86
C ARG E 390 12.34 -20.26 -50.96
N MET E 391 11.57 -21.13 -51.64
CA MET E 391 12.12 -21.92 -52.74
C MET E 391 12.69 -21.02 -53.84
N VAL E 392 11.88 -20.08 -54.33
CA VAL E 392 12.31 -19.24 -55.43
C VAL E 392 13.41 -18.28 -55.00
N ALA E 393 13.37 -17.79 -53.76
CA ALA E 393 14.40 -16.91 -53.26
C ALA E 393 15.74 -17.63 -53.19
N GLY E 394 15.73 -18.88 -52.74
CA GLY E 394 16.96 -19.67 -52.75
C GLY E 394 17.49 -19.89 -54.15
N VAL E 395 16.60 -20.27 -55.09
CA VAL E 395 17.06 -20.59 -56.43
C VAL E 395 17.53 -19.34 -57.18
N VAL E 396 17.08 -18.15 -56.79
CA VAL E 396 17.57 -16.95 -57.45
C VAL E 396 18.81 -16.38 -56.75
N GLY E 397 18.88 -16.47 -55.42
CA GLY E 397 20.06 -16.01 -54.71
C GLY E 397 21.26 -16.91 -54.88
N HIS E 398 21.05 -18.16 -55.30
CA HIS E 398 22.17 -18.99 -55.69
C HIS E 398 22.88 -18.47 -56.93
N LEU E 399 22.26 -17.57 -57.69
CA LEU E 399 22.83 -17.00 -58.89
C LEU E 399 23.12 -15.51 -58.79
N LEU E 400 22.37 -14.76 -57.99
CA LEU E 400 22.52 -13.32 -57.94
C LEU E 400 23.87 -12.90 -57.36
N PHE E 401 24.22 -13.45 -56.19
CA PHE E 401 25.42 -13.02 -55.49
C PHE E 401 26.63 -13.84 -55.92
N THR E 402 27.76 -13.64 -55.23
CA THR E 402 28.98 -14.37 -55.50
C THR E 402 29.58 -14.84 -54.17
N ALA E 403 30.38 -15.90 -54.25
CA ALA E 403 31.02 -16.45 -53.05
C ALA E 403 32.30 -17.16 -53.46
N GLY E 404 33.19 -17.30 -52.48
CA GLY E 404 34.46 -17.97 -52.74
C GLY E 404 35.37 -17.16 -53.64
N GLY E 405 36.30 -17.88 -54.28
CA GLY E 405 37.25 -17.25 -55.17
C GLY E 405 38.28 -16.40 -54.46
N ARG E 406 38.20 -15.09 -54.62
CA ARG E 406 39.13 -14.16 -53.99
C ARG E 406 38.48 -13.25 -52.96
N PHE E 407 37.18 -12.99 -53.09
CA PHE E 407 36.46 -12.17 -52.14
C PHE E 407 35.03 -12.68 -52.03
N THR E 408 34.40 -12.37 -50.90
CA THR E 408 33.02 -12.80 -50.67
C THR E 408 32.24 -11.68 -50.01
N ASN E 409 30.93 -11.69 -50.23
CA ASN E 409 29.99 -10.83 -49.52
C ASN E 409 28.88 -11.64 -48.86
N LEU E 410 29.16 -12.90 -48.52
CA LEU E 410 28.21 -13.81 -47.91
C LEU E 410 28.80 -14.40 -46.64
N THR E 411 27.92 -14.80 -45.74
CA THR E 411 28.30 -15.64 -44.60
C THR E 411 28.08 -17.10 -44.95
N GLN E 412 28.64 -17.97 -44.11
CA GLN E 412 28.39 -19.40 -44.28
C GLN E 412 26.92 -19.74 -44.03
N ASN E 413 26.27 -18.97 -43.15
CA ASN E 413 24.87 -19.23 -42.83
C ASN E 413 23.98 -19.07 -44.07
N MET E 414 24.09 -17.94 -44.77
CA MET E 414 23.28 -17.76 -45.96
C MET E 414 23.65 -18.73 -47.06
N ALA E 415 24.93 -19.09 -47.17
CA ALA E 415 25.33 -20.08 -48.17
C ALA E 415 24.65 -21.42 -47.92
N ARG E 416 24.65 -21.88 -46.66
CA ARG E 416 24.01 -23.15 -46.35
C ARG E 416 22.49 -23.07 -46.52
N GLN E 417 21.89 -21.94 -46.12
CA GLN E 417 20.45 -21.77 -46.29
C GLN E 417 20.05 -21.76 -47.76
N LEU E 418 20.84 -21.09 -48.61
CA LEU E 418 20.55 -21.06 -50.04
C LEU E 418 20.73 -22.43 -50.65
N ASP E 419 21.75 -23.18 -50.21
CA ASP E 419 21.91 -24.55 -50.70
C ASP E 419 20.71 -25.41 -50.31
N ILE E 420 20.24 -25.28 -49.07
CA ILE E 420 19.08 -26.04 -48.62
C ILE E 420 17.85 -25.67 -49.42
N ALA E 421 17.66 -24.37 -49.68
CA ALA E 421 16.51 -23.92 -50.45
C ALA E 421 16.57 -24.42 -51.89
N LEU E 422 17.76 -24.43 -52.49
CA LEU E 422 17.90 -24.96 -53.84
C LEU E 422 17.61 -26.46 -53.88
N ASN E 423 18.08 -27.19 -52.87
CA ASN E 423 17.77 -28.62 -52.77
C ASN E 423 16.27 -28.85 -52.66
N ASP E 424 15.59 -28.03 -51.85
CA ASP E 424 14.15 -28.13 -51.71
C ASP E 424 13.44 -27.81 -53.03
N TYR E 425 13.94 -26.81 -53.76
CA TYR E 425 13.31 -26.42 -55.01
C TYR E 425 13.46 -27.50 -56.06
N LEU E 426 14.61 -28.17 -56.10
CA LEU E 426 14.87 -29.16 -57.13
C LEU E 426 14.03 -30.41 -56.97
N LEU E 427 13.39 -30.58 -55.81
CA LEU E 427 12.59 -31.78 -55.57
C LEU E 427 11.15 -31.43 -55.25
N TYR E 428 10.60 -30.40 -55.89
CA TYR E 428 9.17 -30.08 -55.80
C TYR E 428 8.59 -30.48 -57.15
N MET E 429 7.74 -31.51 -57.14
CA MET E 429 7.33 -32.18 -58.37
C MET E 429 5.93 -31.73 -58.76
N TYR E 430 5.87 -30.71 -59.61
CA TYR E 430 4.58 -30.26 -60.15
C TYR E 430 4.38 -30.72 -61.58
N ASN E 431 5.49 -30.86 -62.33
CA ASN E 431 5.43 -31.34 -63.71
C ASN E 431 5.63 -32.85 -63.67
N THR E 432 5.88 -33.47 -64.82
CA THR E 432 6.07 -34.91 -64.90
C THR E 432 7.33 -35.34 -64.14
N ARG E 433 7.48 -36.66 -63.98
CA ARG E 433 8.51 -37.23 -63.14
C ARG E 433 9.86 -37.29 -63.87
N VAL E 434 10.92 -37.14 -63.09
CA VAL E 434 12.29 -37.22 -63.58
C VAL E 434 13.08 -38.15 -62.67
N GLN E 435 13.82 -39.07 -63.27
CA GLN E 435 14.58 -40.04 -62.52
C GLN E 435 15.71 -39.38 -61.73
N VAL E 436 15.94 -39.86 -60.51
CA VAL E 436 16.96 -39.32 -59.63
C VAL E 436 17.82 -40.46 -59.10
N ASN E 437 19.04 -40.12 -58.69
CA ASN E 437 19.98 -41.07 -58.11
C ASN E 437 20.72 -40.36 -56.98
N TYR E 438 20.52 -40.81 -55.74
CA TYR E 438 21.11 -40.12 -54.60
C TYR E 438 22.43 -40.75 -54.20
N GLY E 439 23.30 -39.94 -53.58
CA GLY E 439 24.62 -40.37 -53.21
C GLY E 439 24.69 -40.95 -51.80
N PRO E 440 25.86 -41.47 -51.43
CA PRO E 440 26.01 -42.10 -50.11
C PRO E 440 25.89 -41.13 -48.95
N THR E 441 26.71 -40.07 -48.97
CA THR E 441 26.72 -39.10 -47.83
C THR E 441 25.42 -38.29 -47.83
N GLY E 442 25.19 -37.44 -46.83
CA GLY E 442 23.87 -36.77 -46.73
C GLY E 442 23.86 -35.25 -46.81
N GLU E 443 24.95 -34.61 -47.24
CA GLU E 443 24.86 -33.16 -47.41
C GLU E 443 23.91 -32.83 -48.58
N PRO E 444 23.33 -31.63 -48.57
CA PRO E 444 22.39 -31.26 -49.63
C PRO E 444 23.06 -31.19 -51.00
N LEU E 445 22.23 -31.28 -52.03
CA LEU E 445 22.58 -31.24 -53.45
C LEU E 445 23.36 -32.47 -53.91
N ASP E 446 23.61 -33.44 -53.04
CA ASP E 446 24.38 -34.62 -53.40
C ASP E 446 23.48 -35.67 -54.06
N PHE E 447 23.11 -35.38 -55.30
CA PHE E 447 22.31 -36.30 -56.10
C PHE E 447 22.49 -35.97 -57.57
N GLN E 448 21.97 -36.86 -58.41
CA GLN E 448 22.07 -36.74 -59.86
C GLN E 448 20.66 -36.83 -60.46
N ILE E 449 20.39 -35.96 -61.43
CA ILE E 449 19.06 -35.83 -62.01
C ILE E 449 19.13 -36.02 -63.52
N GLY E 450 17.96 -36.14 -64.14
CA GLY E 450 17.85 -36.25 -65.58
C GLY E 450 18.02 -37.67 -66.08
N ARG E 451 17.74 -37.84 -67.38
CA ARG E 451 17.97 -39.14 -68.02
C ARG E 451 19.45 -39.51 -67.98
N ASN E 452 20.31 -38.55 -68.29
CA ASN E 452 21.74 -38.68 -68.03
C ASN E 452 22.09 -37.97 -66.73
N GLN E 453 22.90 -38.62 -65.91
CA GLN E 453 23.18 -38.10 -64.57
C GLN E 453 23.97 -36.80 -64.65
N TYR E 454 23.61 -35.85 -63.79
CA TYR E 454 24.28 -34.56 -63.70
C TYR E 454 24.72 -34.33 -62.26
N ASP E 455 26.01 -34.15 -62.05
CA ASP E 455 26.57 -33.97 -60.71
C ASP E 455 26.30 -32.54 -60.26
N CYS E 456 25.13 -32.33 -59.66
CA CYS E 456 24.77 -31.00 -59.16
C CYS E 456 25.34 -30.74 -57.76
N ASN E 457 26.02 -31.71 -57.15
CA ASN E 457 26.66 -31.49 -55.87
C ASN E 457 27.82 -30.50 -55.96
N VAL E 458 28.30 -30.22 -57.17
CA VAL E 458 29.26 -29.15 -57.37
C VAL E 458 28.65 -27.81 -57.00
N PHE E 459 27.34 -27.67 -57.18
CA PHE E 459 26.65 -26.43 -56.83
C PHE E 459 26.65 -26.14 -55.34
N ARG E 460 26.99 -27.11 -54.50
CA ARG E 460 27.09 -26.87 -53.06
C ARG E 460 28.19 -25.85 -52.78
N ALA E 461 27.88 -24.89 -51.91
CA ALA E 461 28.78 -23.77 -51.66
C ALA E 461 30.05 -24.23 -50.96
N ASP E 462 31.18 -23.68 -51.40
CA ASP E 462 32.48 -23.95 -50.79
C ASP E 462 33.35 -22.73 -51.01
N PHE E 463 33.87 -22.16 -49.93
CA PHE E 463 34.60 -20.89 -50.02
C PHE E 463 36.05 -21.04 -50.45
N ALA E 464 36.56 -22.26 -50.57
CA ALA E 464 37.93 -22.45 -51.04
C ALA E 464 38.06 -22.07 -52.50
N THR E 465 37.05 -22.39 -53.32
CA THR E 465 37.07 -22.07 -54.75
C THR E 465 35.85 -21.32 -55.24
N GLY E 466 34.71 -21.41 -54.54
CA GLY E 466 33.52 -20.71 -54.98
C GLY E 466 32.90 -21.31 -56.23
N THR E 467 32.39 -22.54 -56.13
CA THR E 467 31.87 -23.25 -57.29
C THR E 467 30.42 -22.94 -57.60
N GLY E 468 29.59 -22.75 -56.59
CA GLY E 468 28.16 -22.62 -56.79
C GLY E 468 27.65 -21.22 -57.06
N TYR E 469 28.52 -20.25 -57.31
CA TYR E 469 28.11 -18.86 -57.47
C TYR E 469 28.89 -18.25 -58.62
N ASN E 470 28.85 -16.92 -58.72
CA ASN E 470 29.42 -16.19 -59.85
C ASN E 470 30.93 -16.26 -59.92
N GLY E 471 31.60 -16.73 -58.86
CA GLY E 471 33.05 -16.80 -58.85
C GLY E 471 33.59 -18.11 -59.36
N TRP E 472 32.77 -18.88 -60.06
CA TRP E 472 33.15 -20.21 -60.54
C TRP E 472 34.13 -20.08 -61.69
N ALA E 473 35.42 -20.23 -61.39
CA ALA E 473 36.48 -20.34 -62.39
C ALA E 473 36.51 -19.16 -63.35
N THR E 474 36.23 -17.97 -62.82
CA THR E 474 36.24 -16.74 -63.60
C THR E 474 37.09 -15.71 -62.88
N ILE E 475 38.00 -15.08 -63.62
CA ILE E 475 38.84 -14.04 -63.03
C ILE E 475 37.98 -12.82 -62.74
N ASP E 476 38.21 -12.19 -61.58
CA ASP E 476 37.37 -11.09 -61.14
C ASP E 476 38.18 -9.84 -60.79
N VAL E 477 39.42 -10.03 -60.36
CA VAL E 477 40.29 -8.92 -59.98
C VAL E 477 41.50 -8.94 -60.91
N GLU E 478 41.91 -7.74 -61.37
CA GLU E 478 43.01 -7.61 -62.30
C GLU E 478 43.78 -6.33 -61.98
N TYR E 479 44.85 -6.10 -62.73
CA TYR E 479 45.71 -4.94 -62.55
C TYR E 479 46.05 -4.34 -63.90
N ARG E 480 46.35 -3.04 -63.89
CA ARG E 480 46.57 -2.28 -65.11
C ARG E 480 47.58 -1.17 -64.83
N GLU E 481 47.59 -0.16 -65.69
CA GLU E 481 48.44 1.01 -65.53
C GLU E 481 48.19 1.64 -64.15
N PRO E 482 49.26 2.07 -63.45
CA PRO E 482 49.12 2.47 -62.05
C PRO E 482 48.12 3.59 -61.84
N ALA E 483 47.34 3.46 -60.76
CA ALA E 483 46.30 4.39 -60.38
C ALA E 483 46.89 5.62 -59.70
N PRO E 484 46.15 6.73 -59.64
CA PRO E 484 46.63 7.89 -58.86
C PRO E 484 46.86 7.57 -57.39
N TYR E 485 46.03 6.71 -56.80
CA TYR E 485 46.24 6.26 -55.43
C TYR E 485 47.11 5.01 -55.42
N VAL E 486 48.14 5.01 -54.57
CA VAL E 486 49.13 3.94 -54.57
C VAL E 486 48.71 2.71 -53.78
N HIS E 487 47.49 2.69 -53.24
CA HIS E 487 47.03 1.57 -52.44
C HIS E 487 45.78 0.90 -52.98
N ALA E 488 45.32 1.29 -54.17
CA ALA E 488 44.10 0.76 -54.78
C ALA E 488 44.37 0.37 -56.23
N GLN E 489 45.46 -0.36 -56.44
CA GLN E 489 45.89 -0.74 -57.78
C GLN E 489 44.98 -1.77 -58.43
N ARG E 490 44.06 -2.37 -57.67
CA ARG E 490 43.21 -3.43 -58.18
C ARG E 490 42.02 -2.88 -58.96
N TYR E 491 41.57 -3.64 -59.94
CA TYR E 491 40.33 -3.39 -60.67
C TYR E 491 39.45 -4.61 -60.54
N ILE E 492 38.21 -4.42 -60.09
CA ILE E 492 37.29 -5.51 -59.82
C ILE E 492 36.26 -5.58 -60.93
N ARG E 493 35.94 -6.80 -61.35
CA ARG E 493 34.90 -7.04 -62.34
C ARG E 493 34.14 -8.31 -61.95
N TYR E 494 32.81 -8.27 -62.12
CA TYR E 494 31.97 -9.34 -61.58
C TYR E 494 31.95 -10.56 -62.49
N CYS E 495 31.47 -10.40 -63.72
CA CYS E 495 31.24 -11.52 -64.63
C CYS E 495 32.38 -11.70 -65.62
N GLY E 496 33.57 -11.20 -65.31
CA GLY E 496 34.69 -11.33 -66.23
C GLY E 496 34.55 -10.54 -67.50
N ILE E 497 33.76 -9.46 -67.49
CA ILE E 497 33.47 -8.69 -68.68
C ILE E 497 33.97 -7.27 -68.50
N ASP E 498 34.11 -6.57 -69.63
CA ASP E 498 34.57 -5.19 -69.63
C ASP E 498 34.17 -4.55 -70.96
N SER E 499 33.54 -3.37 -70.89
CA SER E 499 33.13 -2.67 -72.10
C SER E 499 34.31 -2.09 -72.86
N ARG E 500 35.48 -2.00 -72.22
CA ARG E 500 36.67 -1.47 -72.88
C ARG E 500 37.17 -2.40 -73.97
N GLY E 509 29.32 -4.44 -77.65
CA GLY E 509 29.34 -5.83 -77.25
C GLY E 509 28.13 -6.25 -76.44
N ILE E 510 27.17 -6.88 -77.10
CA ILE E 510 25.95 -7.36 -76.46
C ILE E 510 25.73 -8.80 -76.88
N GLY E 511 25.51 -9.69 -75.90
CA GLY E 511 25.18 -11.06 -76.20
C GLY E 511 26.19 -12.09 -75.74
N MET E 512 26.87 -11.82 -74.62
CA MET E 512 27.84 -12.75 -74.06
C MET E 512 27.35 -13.26 -72.71
N THR E 513 27.73 -14.50 -72.39
CA THR E 513 27.38 -15.16 -71.14
C THR E 513 28.66 -15.49 -70.38
N TYR E 514 28.50 -16.22 -69.27
CA TYR E 514 29.64 -16.70 -68.51
C TYR E 514 29.33 -18.11 -68.00
N HIS E 515 30.27 -18.67 -67.23
CA HIS E 515 30.24 -20.10 -66.92
C HIS E 515 29.05 -20.46 -66.04
N CYS E 516 28.84 -19.70 -64.96
CA CYS E 516 27.82 -20.07 -63.98
C CYS E 516 26.42 -20.00 -64.57
N TYR E 517 26.14 -18.99 -65.40
CA TYR E 517 24.82 -18.87 -66.00
C TYR E 517 24.52 -20.02 -66.95
N ASN E 518 25.50 -20.38 -67.78
CA ASN E 518 25.32 -21.51 -68.70
C ASN E 518 25.14 -22.81 -67.94
N GLU E 519 25.94 -23.00 -66.89
CA GLU E 519 25.80 -24.20 -66.06
C GLU E 519 24.43 -24.26 -65.40
N MET E 520 23.94 -23.11 -64.91
CA MET E 520 22.64 -23.08 -64.27
C MET E 520 21.52 -23.39 -65.27
N LEU E 521 21.62 -22.83 -66.48
CA LEU E 521 20.62 -23.10 -67.51
C LEU E 521 20.62 -24.56 -67.92
N ARG E 522 21.81 -25.16 -68.05
CA ARG E 522 21.89 -26.58 -68.35
C ARG E 522 21.32 -27.42 -67.22
N MET E 523 21.55 -26.99 -65.97
CA MET E 523 20.97 -27.68 -64.82
C MET E 523 19.44 -27.66 -64.87
N LEU E 524 18.85 -26.50 -65.18
CA LEU E 524 17.39 -26.43 -65.34
C LEU E 524 16.90 -27.29 -66.50
N VAL E 525 17.59 -27.24 -67.64
CA VAL E 525 17.07 -27.99 -68.79
C VAL E 525 17.25 -29.49 -68.56
N ALA E 526 18.19 -29.87 -67.70
CA ALA E 526 18.27 -31.27 -67.29
C ALA E 526 17.17 -31.61 -66.30
N ALA E 527 16.78 -30.64 -65.46
CA ALA E 527 15.73 -30.87 -64.48
C ALA E 527 14.36 -31.09 -65.12
N GLY E 528 14.18 -30.68 -66.38
CA GLY E 528 12.92 -30.87 -67.06
C GLY E 528 11.91 -29.76 -66.91
N LYS E 529 12.33 -28.58 -66.46
CA LYS E 529 11.46 -27.42 -66.31
C LYS E 529 11.91 -26.36 -67.31
N ASP E 530 11.12 -26.14 -68.36
CA ASP E 530 11.51 -25.26 -69.44
C ASP E 530 10.97 -23.84 -69.31
N SER E 531 9.95 -23.64 -68.48
CA SER E 531 9.33 -22.32 -68.34
C SER E 531 10.31 -21.31 -67.78
N GLU E 532 10.87 -21.58 -66.60
CA GLU E 532 11.86 -20.68 -66.03
C GLU E 532 13.16 -20.68 -66.83
N ALA E 533 13.44 -21.76 -67.58
CA ALA E 533 14.60 -21.76 -68.47
C ALA E 533 14.46 -20.69 -69.54
N ALA E 534 13.31 -20.66 -70.23
CA ALA E 534 13.06 -19.61 -71.21
C ALA E 534 12.97 -18.24 -70.56
N TYR E 535 12.44 -18.18 -69.32
CA TYR E 535 12.36 -16.93 -68.59
C TYR E 535 13.75 -16.33 -68.37
N PHE E 536 14.67 -17.14 -67.86
CA PHE E 536 16.04 -16.68 -67.65
C PHE E 536 16.74 -16.38 -68.97
N ARG E 537 16.46 -17.17 -70.00
CA ARG E 537 17.05 -16.92 -71.31
C ARG E 537 16.63 -15.57 -71.86
N SER E 538 15.37 -15.18 -71.61
CA SER E 538 14.90 -13.88 -72.06
C SER E 538 15.46 -12.75 -71.20
N MET E 539 15.58 -12.98 -69.89
CA MET E 539 15.98 -11.90 -68.98
C MET E 539 17.49 -11.70 -68.89
N LEU E 540 18.29 -12.62 -69.43
CA LEU E 540 19.76 -12.56 -69.33
C LEU E 540 20.39 -11.23 -69.73
N PRO E 541 20.07 -10.60 -70.86
CA PRO E 541 20.78 -9.35 -71.21
C PRO E 541 20.59 -8.22 -70.21
N PHE E 542 19.40 -8.12 -69.60
CA PHE E 542 19.16 -7.12 -68.56
C PHE E 542 20.08 -7.36 -67.36
N HIS E 543 20.22 -8.63 -66.99
CA HIS E 543 21.11 -9.00 -65.89
C HIS E 543 22.56 -8.62 -66.22
N MET E 544 22.99 -8.91 -67.45
CA MET E 544 24.36 -8.64 -67.85
C MET E 544 24.66 -7.15 -67.86
N VAL E 545 23.73 -6.35 -68.42
CA VAL E 545 23.98 -4.92 -68.52
C VAL E 545 23.95 -4.29 -67.13
N ARG E 546 23.09 -4.79 -66.23
CA ARG E 546 23.08 -4.21 -64.89
C ARG E 546 24.36 -4.53 -64.12
N PHE E 547 24.89 -5.75 -64.26
CA PHE E 547 26.19 -6.02 -63.64
C PHE E 547 27.31 -5.22 -64.30
N ALA E 548 27.27 -5.03 -65.61
CA ALA E 548 28.30 -4.23 -66.27
C ALA E 548 28.30 -2.80 -65.74
N ARG E 549 27.12 -2.20 -65.57
CA ARG E 549 27.11 -0.80 -65.21
C ARG E 549 27.28 -0.60 -63.70
N ILE E 550 26.90 -1.58 -62.88
CA ILE E 550 27.26 -1.50 -61.46
C ILE E 550 28.76 -1.71 -61.29
N ASN E 551 29.37 -2.54 -62.15
CA ASN E 551 30.83 -2.63 -62.20
C ASN E 551 31.44 -1.28 -62.53
N GLN E 552 30.87 -0.58 -63.50
CA GLN E 552 31.37 0.74 -63.88
C GLN E 552 31.29 1.71 -62.70
N ILE E 553 30.14 1.75 -62.01
CA ILE E 553 29.97 2.73 -60.93
C ILE E 553 30.86 2.36 -59.74
N ILE E 554 31.11 1.07 -59.54
CA ILE E 554 32.00 0.66 -58.44
C ILE E 554 33.44 1.05 -58.76
N ASN E 555 33.89 0.79 -59.98
CA ASN E 555 35.28 1.07 -60.35
C ASN E 555 35.54 2.55 -60.60
N GLU E 556 34.51 3.36 -60.78
CA GLU E 556 34.69 4.76 -61.13
C GLU E 556 34.55 5.71 -59.95
N ASP E 557 33.53 5.53 -59.11
CA ASP E 557 33.20 6.52 -58.08
C ASP E 557 33.86 6.25 -56.73
N LEU E 558 33.92 4.98 -56.32
CA LEU E 558 34.34 4.63 -54.97
C LEU E 558 35.85 4.42 -54.84
N HIS E 559 36.64 5.06 -55.69
CA HIS E 559 38.10 4.97 -55.64
C HIS E 559 38.64 6.20 -54.93
N SER E 560 39.02 6.04 -53.66
CA SER E 560 39.53 7.14 -52.86
C SER E 560 40.59 6.60 -51.90
N VAL E 561 41.07 7.48 -51.02
CA VAL E 561 42.09 7.06 -50.05
C VAL E 561 41.50 6.16 -48.98
N PHE E 562 40.19 6.20 -48.78
CA PHE E 562 39.53 5.42 -47.73
C PHE E 562 39.21 4.01 -48.18
N SER E 563 39.49 3.66 -49.43
CA SER E 563 39.33 2.29 -49.88
C SER E 563 40.39 1.40 -49.23
N LEU E 564 40.08 0.10 -49.16
CA LEU E 564 40.97 -0.84 -48.51
C LEU E 564 42.25 -1.01 -49.32
N PRO E 565 43.40 -1.13 -48.66
CA PRO E 565 44.64 -1.43 -49.38
C PRO E 565 44.63 -2.84 -49.95
N ASP E 566 45.60 -3.09 -50.84
CA ASP E 566 45.64 -4.37 -51.55
C ASP E 566 45.89 -5.54 -50.61
N ASP E 567 46.82 -5.38 -49.65
CA ASP E 567 47.09 -6.45 -48.71
C ASP E 567 45.89 -6.74 -47.81
N MET E 568 45.21 -5.68 -47.35
CA MET E 568 43.99 -5.86 -46.57
C MET E 568 42.90 -6.55 -47.36
N PHE E 569 42.73 -6.15 -48.63
CA PHE E 569 41.73 -6.77 -49.49
C PHE E 569 42.03 -8.25 -49.71
N ASN E 570 43.31 -8.58 -49.90
CA ASN E 570 43.69 -9.98 -50.10
C ASN E 570 43.49 -10.80 -48.83
N ALA E 571 43.84 -10.23 -47.67
CA ALA E 571 43.80 -10.98 -46.42
C ALA E 571 42.43 -10.96 -45.74
N LEU E 572 41.46 -10.20 -46.26
CA LEU E 572 40.14 -10.16 -45.64
C LEU E 572 39.45 -11.52 -45.68
N LEU E 573 39.57 -12.24 -46.80
CA LEU E 573 38.84 -13.50 -46.94
C LEU E 573 39.47 -14.63 -46.12
N PRO E 574 40.78 -14.89 -46.17
CA PRO E 574 41.33 -15.99 -45.33
C PRO E 574 41.11 -15.78 -43.84
N ASP E 575 41.08 -14.53 -43.37
CA ASP E 575 40.77 -14.28 -41.98
C ASP E 575 39.35 -14.70 -41.64
N LEU E 576 38.41 -14.43 -42.55
CA LEU E 576 37.03 -14.87 -42.34
C LEU E 576 36.93 -16.39 -42.37
N ILE E 577 37.68 -17.04 -43.26
CA ILE E 577 37.66 -18.50 -43.33
C ILE E 577 38.23 -19.10 -42.05
N ALA E 578 39.32 -18.54 -41.55
CA ALA E 578 39.92 -19.05 -40.31
C ALA E 578 39.00 -18.87 -39.12
N GLY E 579 38.31 -17.73 -39.05
CA GLY E 579 37.39 -17.46 -37.97
C GLY E 579 37.90 -16.52 -36.90
N ALA E 580 39.07 -15.92 -37.08
CA ALA E 580 39.64 -14.99 -36.11
C ALA E 580 40.05 -13.71 -36.84
N HIS E 581 39.22 -12.68 -36.72
CA HIS E 581 39.53 -11.40 -37.35
C HIS E 581 40.71 -10.75 -36.64
N GLN E 582 41.62 -10.18 -37.43
CA GLN E 582 42.84 -9.59 -36.90
C GLN E 582 42.81 -8.07 -36.91
N ASN E 583 42.61 -7.46 -38.08
CA ASN E 583 42.68 -6.00 -38.19
C ASN E 583 41.53 -5.42 -38.99
N ALA E 584 40.91 -6.24 -39.85
CA ALA E 584 39.78 -5.81 -40.67
C ALA E 584 38.53 -6.56 -40.23
N ASP E 585 37.49 -5.82 -39.90
CA ASP E 585 36.23 -6.41 -39.42
C ASP E 585 35.07 -5.91 -40.27
N PRO E 586 34.48 -6.76 -41.12
CA PRO E 586 33.30 -6.34 -41.87
C PRO E 586 32.07 -6.29 -40.98
N VAL E 587 31.10 -5.48 -41.40
CA VAL E 587 29.84 -5.34 -40.70
C VAL E 587 28.76 -6.09 -41.48
N VAL E 588 27.83 -6.72 -40.77
CA VAL E 588 26.88 -7.65 -41.36
C VAL E 588 25.51 -6.99 -41.42
N LEU E 589 24.85 -7.10 -42.58
CA LEU E 589 23.60 -6.42 -42.85
C LEU E 589 22.49 -7.45 -43.01
N ASP E 590 21.39 -7.27 -42.26
CA ASP E 590 20.27 -8.19 -42.33
C ASP E 590 19.40 -7.90 -43.56
N VAL E 591 18.67 -8.92 -44.00
CA VAL E 591 17.85 -8.82 -45.20
C VAL E 591 16.83 -9.96 -45.18
N SER E 592 15.74 -9.79 -45.91
CA SER E 592 14.61 -10.72 -45.89
C SER E 592 14.76 -11.79 -46.99
N TRP E 593 13.67 -12.54 -47.19
CA TRP E 593 13.68 -13.65 -48.13
C TRP E 593 13.29 -13.20 -49.54
N ILE E 594 12.10 -12.61 -49.68
CA ILE E 594 11.61 -12.06 -50.94
C ILE E 594 12.52 -10.99 -51.53
N SER E 595 13.36 -10.37 -50.72
CA SER E 595 14.22 -9.27 -51.19
C SER E 595 15.10 -9.70 -52.35
N LEU E 596 15.54 -10.97 -52.36
CA LEU E 596 16.48 -11.41 -53.38
C LEU E 596 15.86 -11.40 -54.77
N TRP E 597 14.64 -11.93 -54.89
CA TRP E 597 13.95 -11.95 -56.18
C TRP E 597 13.63 -10.54 -56.67
N PHE E 598 13.18 -9.67 -55.77
CA PHE E 598 12.79 -8.33 -56.19
C PHE E 598 14.01 -7.48 -56.53
N ALA E 599 15.14 -7.73 -55.87
CA ALA E 599 16.40 -7.11 -56.29
C ALA E 599 16.88 -7.71 -57.61
N PHE E 600 16.57 -8.98 -57.86
CA PHE E 600 16.89 -9.59 -59.15
C PHE E 600 16.16 -8.90 -60.28
N ASN E 601 14.87 -8.60 -60.10
CA ASN E 601 14.11 -7.97 -61.17
C ASN E 601 14.50 -6.51 -61.38
N ARG E 602 14.67 -5.77 -60.29
CA ARG E 602 15.00 -4.35 -60.39
C ARG E 602 16.48 -4.17 -60.72
N SER E 603 16.82 -2.97 -61.17
CA SER E 603 18.20 -2.58 -61.44
C SER E 603 18.44 -1.18 -60.91
N PHE E 604 19.59 -0.97 -60.29
CA PHE E 604 19.93 0.34 -59.75
C PHE E 604 20.34 1.27 -60.89
N GLU E 605 19.70 2.43 -60.95
CA GLU E 605 19.95 3.40 -62.01
C GLU E 605 20.36 4.73 -61.39
N PRO E 606 21.66 4.99 -61.24
CA PRO E 606 22.10 6.29 -60.72
C PRO E 606 21.70 7.43 -61.64
N THR E 607 21.21 8.50 -61.03
CA THR E 607 20.77 9.69 -61.77
C THR E 607 21.67 10.88 -61.49
N HIS E 608 21.99 11.13 -60.22
CA HIS E 608 22.82 12.28 -59.85
C HIS E 608 23.94 11.82 -58.91
N ARG E 609 25.09 12.46 -59.06
CA ARG E 609 26.26 12.15 -58.27
C ARG E 609 26.23 12.90 -56.93
N ASN E 610 27.09 12.46 -56.01
CA ASN E 610 27.22 13.14 -54.73
C ASN E 610 27.87 14.51 -54.93
N GLU E 611 27.29 15.54 -54.31
CA GLU E 611 27.81 16.89 -54.45
C GLU E 611 29.10 17.12 -53.66
N MET E 612 29.50 16.18 -52.80
CA MET E 612 30.73 16.29 -52.04
C MET E 612 31.93 15.65 -52.75
N LEU E 613 31.74 15.13 -53.96
CA LEU E 613 32.81 14.43 -54.65
C LEU E 613 33.94 15.37 -55.06
N GLU E 614 33.61 16.64 -55.33
CA GLU E 614 34.62 17.57 -55.84
C GLU E 614 35.64 17.93 -54.77
N VAL E 615 35.22 18.02 -53.51
CA VAL E 615 36.05 18.56 -52.44
C VAL E 615 36.64 17.43 -51.57
N ALA E 616 36.73 16.21 -52.10
CA ALA E 616 37.33 15.11 -51.36
C ALA E 616 38.80 15.33 -51.00
N PRO E 617 39.68 15.81 -51.91
CA PRO E 617 41.09 15.98 -51.52
C PRO E 617 41.31 16.90 -50.32
N LEU E 618 40.52 17.97 -50.21
CA LEU E 618 40.65 18.83 -49.04
C LEU E 618 40.32 18.07 -47.77
N ILE E 619 39.27 17.26 -47.80
CA ILE E 619 38.86 16.50 -46.62
C ILE E 619 39.93 15.50 -46.22
N GLU E 620 40.48 14.77 -47.21
CA GLU E 620 41.49 13.77 -46.89
C GLU E 620 42.77 14.41 -46.36
N SER E 621 43.18 15.55 -46.94
CA SER E 621 44.36 16.25 -46.45
C SER E 621 44.16 16.76 -45.03
N VAL E 622 42.98 17.32 -44.75
CA VAL E 622 42.68 17.81 -43.40
C VAL E 622 42.70 16.66 -42.41
N TYR E 623 42.12 15.52 -42.77
CA TYR E 623 42.12 14.35 -41.89
C TYR E 623 43.54 13.87 -41.60
N ALA E 624 44.38 13.79 -42.64
CA ALA E 624 45.75 13.35 -42.43
C ALA E 624 46.53 14.31 -41.54
N SER E 625 46.35 15.62 -41.77
CA SER E 625 47.04 16.61 -40.96
C SER E 625 46.59 16.53 -39.50
N GLU E 626 45.28 16.33 -39.28
CA GLU E 626 44.77 16.22 -37.92
C GLU E 626 45.33 14.99 -37.21
N LEU E 627 45.42 13.86 -37.92
CA LEU E 627 45.99 12.66 -37.31
C LEU E 627 47.48 12.85 -36.98
N SER E 628 48.22 13.53 -37.86
CA SER E 628 49.62 13.82 -37.56
C SER E 628 49.74 14.74 -36.34
N VAL E 629 48.83 15.70 -36.21
CA VAL E 629 48.82 16.57 -35.03
C VAL E 629 48.55 15.77 -33.77
N MET E 630 47.63 14.80 -33.86
CA MET E 630 47.37 13.94 -32.70
C MET E 630 48.61 13.13 -32.33
N LYS E 631 49.34 12.61 -33.32
CA LYS E 631 50.56 11.87 -33.04
C LYS E 631 51.60 12.74 -32.33
N VAL E 632 51.82 13.96 -32.85
CA VAL E 632 52.85 14.81 -32.25
C VAL E 632 52.41 15.27 -30.86
N ASP E 633 51.10 15.43 -30.66
CA ASP E 633 50.61 15.76 -29.32
C ASP E 633 50.84 14.62 -28.35
N MET E 634 50.60 13.38 -28.80
CA MET E 634 50.94 12.20 -27.99
C MET E 634 52.40 12.24 -27.57
N ARG E 635 53.30 12.42 -28.54
CA ARG E 635 54.73 12.38 -28.23
C ARG E 635 55.12 13.50 -27.27
N HIS E 636 54.59 14.70 -27.48
CA HIS E 636 54.98 15.83 -26.64
C HIS E 636 54.40 15.71 -25.23
N LEU E 637 53.17 15.19 -25.09
CA LEU E 637 52.64 14.96 -23.75
C LEU E 637 53.44 13.89 -23.01
N SER E 638 53.83 12.83 -23.71
CA SER E 638 54.65 11.80 -23.06
C SER E 638 55.99 12.38 -22.60
N LEU E 639 56.65 13.16 -23.46
CA LEU E 639 57.92 13.77 -23.09
C LEU E 639 57.77 14.74 -21.94
N MET E 640 56.69 15.54 -21.95
CA MET E 640 56.47 16.51 -20.88
C MET E 640 56.19 15.83 -19.55
N GLN E 641 55.43 14.73 -19.57
CA GLN E 641 55.21 13.97 -18.35
C GLN E 641 56.51 13.35 -17.84
N ARG E 642 57.36 12.87 -18.75
CA ARG E 642 58.63 12.30 -18.34
C ARG E 642 59.56 13.37 -17.76
N ARG E 643 59.45 14.61 -18.25
CA ARG E 643 60.37 15.67 -17.84
C ARG E 643 60.22 16.02 -16.37
N PHE E 644 58.98 16.22 -15.92
CA PHE E 644 58.69 16.66 -14.55
C PHE E 644 57.91 15.59 -13.82
N PRO E 645 58.58 14.74 -13.04
CA PRO E 645 57.86 13.67 -12.32
C PRO E 645 57.22 14.14 -11.02
N ASP E 646 57.83 15.13 -10.37
CA ASP E 646 57.37 15.55 -9.05
C ASP E 646 56.18 16.50 -9.07
N VAL E 647 55.92 17.16 -10.20
CA VAL E 647 54.81 18.09 -10.28
C VAL E 647 53.76 17.69 -11.31
N LEU E 648 54.06 16.78 -12.23
CA LEU E 648 53.08 16.21 -13.14
C LEU E 648 52.78 14.79 -12.72
N ILE E 649 51.49 14.48 -12.57
CA ILE E 649 51.08 13.16 -12.11
C ILE E 649 51.21 12.14 -13.24
N GLN E 650 51.50 10.90 -12.86
CA GLN E 650 51.59 9.82 -13.84
C GLN E 650 50.21 9.48 -14.37
N ALA E 651 50.17 9.05 -15.63
CA ALA E 651 48.91 8.79 -16.31
C ALA E 651 49.07 7.60 -17.24
N ARG E 652 48.04 7.38 -18.06
CA ARG E 652 47.96 6.28 -19.00
C ARG E 652 47.77 6.79 -20.41
N PRO E 653 48.16 6.02 -21.43
CA PRO E 653 47.91 6.45 -22.82
C PRO E 653 46.44 6.65 -23.14
N SER E 654 45.54 5.91 -22.47
CA SER E 654 44.11 6.08 -22.73
C SER E 654 43.63 7.46 -22.31
N HIS E 655 44.11 7.96 -21.17
CA HIS E 655 43.75 9.31 -20.74
C HIS E 655 44.29 10.35 -21.72
N PHE E 656 45.52 10.14 -22.22
CA PHE E 656 46.08 11.04 -23.22
C PHE E 656 45.23 11.05 -24.48
N TRP E 657 44.78 9.87 -24.91
CA TRP E 657 43.96 9.78 -26.12
C TRP E 657 42.61 10.47 -25.93
N LYS E 658 41.98 10.28 -24.77
CA LYS E 658 40.72 10.94 -24.50
C LYS E 658 40.89 12.45 -24.47
N ALA E 659 41.97 12.93 -23.84
CA ALA E 659 42.21 14.38 -23.77
C ALA E 659 42.48 14.97 -25.15
N VAL E 660 43.26 14.26 -25.98
CA VAL E 660 43.60 14.81 -27.29
C VAL E 660 42.42 14.68 -28.25
N LEU E 661 41.51 13.73 -28.01
CA LEU E 661 40.34 13.60 -28.86
C LEU E 661 39.23 14.56 -28.46
N ASN E 662 39.19 14.96 -27.18
CA ASN E 662 38.17 15.90 -26.74
C ASN E 662 38.32 17.24 -27.44
N ASP E 663 39.56 17.74 -27.57
CA ASP E 663 39.82 19.00 -28.25
C ASP E 663 40.21 18.68 -29.69
N SER E 664 39.23 18.70 -30.57
CA SER E 664 39.41 18.30 -31.96
C SER E 664 38.14 18.68 -32.73
N PRO E 665 38.23 18.87 -34.04
CA PRO E 665 37.00 19.01 -34.84
C PRO E 665 36.11 17.79 -34.67
N GLU E 666 34.81 18.04 -34.56
CA GLU E 666 33.87 17.02 -34.11
C GLU E 666 33.52 15.99 -35.18
N ALA E 667 33.90 16.21 -36.44
CA ALA E 667 33.77 15.16 -37.44
C ALA E 667 34.69 13.99 -37.10
N VAL E 668 35.96 14.30 -36.81
CA VAL E 668 36.92 13.28 -36.41
C VAL E 668 36.46 12.62 -35.12
N LYS E 669 35.97 13.41 -34.16
CA LYS E 669 35.48 12.87 -32.91
C LYS E 669 34.32 11.90 -33.14
N ALA E 670 33.38 12.28 -33.99
CA ALA E 670 32.22 11.43 -34.25
C ALA E 670 32.62 10.13 -34.93
N VAL E 671 33.46 10.21 -35.96
CA VAL E 671 33.82 9.00 -36.70
C VAL E 671 34.68 8.08 -35.83
N MET E 672 35.57 8.65 -35.01
CA MET E 672 36.38 7.81 -34.13
C MET E 672 35.53 7.21 -33.01
N ASN E 673 34.55 7.95 -32.51
CA ASN E 673 33.64 7.39 -31.52
C ASN E 673 32.85 6.22 -32.08
N LEU E 674 32.34 6.37 -33.31
CA LEU E 674 31.63 5.26 -33.94
C LEU E 674 32.54 4.06 -34.16
N SER E 675 33.76 4.29 -34.64
CA SER E 675 34.68 3.20 -34.92
C SER E 675 35.08 2.47 -33.63
N HIS E 676 35.35 3.22 -32.56
CA HIS E 676 35.74 2.60 -31.30
C HIS E 676 34.56 2.00 -30.55
N SER E 677 33.33 2.43 -30.85
CA SER E 677 32.17 1.74 -30.33
C SER E 677 31.91 0.44 -31.06
N HIS E 678 32.20 0.39 -32.36
CA HIS E 678 32.02 -0.85 -33.11
C HIS E 678 33.08 -1.90 -32.74
N ASN E 679 34.34 -1.48 -32.64
CA ASN E 679 35.43 -2.37 -32.30
C ASN E 679 36.29 -1.73 -31.22
N PHE E 680 36.77 -2.54 -30.28
CA PHE E 680 37.44 -2.03 -29.11
C PHE E 680 38.93 -1.77 -29.39
N ILE E 681 39.58 -1.10 -28.44
CA ILE E 681 41.00 -0.77 -28.52
C ILE E 681 41.70 -1.31 -27.27
N ASN E 682 43.01 -1.14 -27.24
CA ASN E 682 43.82 -1.62 -26.12
C ASN E 682 45.07 -0.76 -26.03
N ILE E 683 45.81 -0.93 -24.93
CA ILE E 683 47.03 -0.16 -24.70
C ILE E 683 48.11 -0.55 -25.70
N ARG E 684 48.18 -1.85 -26.03
CA ARG E 684 49.20 -2.31 -26.97
C ARG E 684 49.01 -1.69 -28.35
N ASP E 685 47.76 -1.58 -28.80
CA ASP E 685 47.47 -0.93 -30.07
C ASP E 685 47.89 0.53 -30.05
N MET E 686 47.64 1.22 -28.92
CA MET E 686 48.01 2.63 -28.81
C MET E 686 49.53 2.81 -28.83
N MET E 687 50.26 1.92 -28.14
CA MET E 687 51.71 1.96 -28.19
C MET E 687 52.22 1.70 -29.60
N ARG E 688 51.65 0.70 -30.28
CA ARG E 688 52.03 0.42 -31.66
C ARG E 688 51.79 1.64 -32.55
N TRP E 689 50.68 2.34 -32.33
CA TRP E 689 50.39 3.55 -33.10
C TRP E 689 51.38 4.65 -32.80
N VAL E 690 51.79 4.80 -31.54
CA VAL E 690 52.61 5.96 -31.19
C VAL E 690 54.08 5.75 -31.57
N MET E 691 54.57 4.51 -31.58
CA MET E 691 55.94 4.33 -32.09
C MET E 691 56.02 4.22 -33.61
N LEU E 692 54.91 4.26 -34.33
CA LEU E 692 54.99 4.26 -35.79
C LEU E 692 55.55 5.59 -36.28
N PRO E 693 56.40 5.57 -37.31
CA PRO E 693 57.08 6.79 -37.76
C PRO E 693 56.39 7.54 -38.90
N SER E 694 55.24 7.08 -39.38
CA SER E 694 54.58 7.75 -40.49
C SER E 694 54.00 9.08 -40.03
N LEU E 695 54.31 10.14 -40.78
CA LEU E 695 53.83 11.48 -40.48
C LEU E 695 53.53 12.22 -41.78
N GLN E 696 52.56 13.14 -41.70
CA GLN E 696 52.19 13.96 -42.84
C GLN E 696 52.66 15.39 -42.61
N PRO E 697 53.63 15.89 -43.37
CA PRO E 697 54.09 17.27 -43.17
C PRO E 697 53.00 18.28 -43.50
N SER E 698 52.90 19.32 -42.68
CA SER E 698 51.90 20.35 -42.86
C SER E 698 52.31 21.58 -42.06
N LEU E 699 51.63 22.69 -42.35
CA LEU E 699 51.85 23.92 -41.58
C LEU E 699 51.42 23.74 -40.13
N LYS E 700 50.31 23.01 -39.91
CA LYS E 700 49.82 22.77 -38.57
C LYS E 700 50.84 22.00 -37.73
N LEU E 701 51.52 21.02 -38.35
CA LEU E 701 52.51 20.24 -37.62
C LEU E 701 53.67 21.11 -37.15
N ALA E 702 54.20 21.95 -38.04
CA ALA E 702 55.31 22.83 -37.67
C ALA E 702 54.88 23.85 -36.62
N LEU E 703 53.67 24.40 -36.78
CA LEU E 703 53.18 25.38 -35.81
C LEU E 703 53.01 24.74 -34.43
N GLU E 704 52.45 23.54 -34.37
CA GLU E 704 52.27 22.85 -33.09
C GLU E 704 53.62 22.49 -32.47
N GLU E 705 54.57 22.04 -33.30
CA GLU E 705 55.89 21.71 -32.77
C GLU E 705 56.57 22.93 -32.16
N GLU E 706 56.53 24.06 -32.88
CA GLU E 706 57.20 25.25 -32.37
C GLU E 706 56.46 25.83 -31.16
N ALA E 707 55.12 25.70 -31.13
CA ALA E 707 54.37 26.14 -29.96
C ALA E 707 54.69 25.29 -28.74
N TRP E 708 54.81 23.97 -28.92
CA TRP E 708 55.23 23.11 -27.82
C TRP E 708 56.64 23.45 -27.36
N ALA E 709 57.52 23.82 -28.30
CA ALA E 709 58.84 24.30 -27.92
C ALA E 709 58.75 25.57 -27.10
N ALA E 710 57.84 26.48 -27.47
CA ALA E 710 57.68 27.73 -26.74
C ALA E 710 56.96 27.53 -25.42
N ALA E 711 56.23 26.43 -25.26
CA ALA E 711 55.46 26.16 -24.06
C ALA E 711 56.13 25.14 -23.15
N ASN E 712 57.41 24.87 -23.35
CA ASN E 712 58.10 23.90 -22.49
C ASN E 712 58.23 24.40 -21.06
N ASP E 713 58.22 25.72 -20.86
CA ASP E 713 58.31 26.29 -19.52
C ASP E 713 56.92 26.22 -18.89
N PHE E 714 56.78 25.39 -17.84
CA PHE E 714 55.50 25.25 -17.17
C PHE E 714 55.11 26.52 -16.43
N GLU E 715 56.09 27.23 -15.87
CA GLU E 715 55.85 28.48 -15.15
C GLU E 715 55.38 29.61 -16.06
N ASP E 716 55.71 29.54 -17.35
CA ASP E 716 55.25 30.54 -18.30
C ASP E 716 53.75 30.47 -18.52
N LEU E 717 53.18 29.26 -18.57
CA LEU E 717 51.81 29.05 -19.00
C LEU E 717 50.81 29.16 -17.85
N MET E 718 51.16 29.90 -16.80
CA MET E 718 50.32 30.08 -15.61
C MET E 718 49.98 28.74 -14.96
N LEU E 719 51.00 27.90 -14.76
CA LEU E 719 50.91 26.72 -13.92
C LEU E 719 52.03 26.80 -12.91
N THR E 720 51.68 26.78 -11.62
CA THR E 720 52.65 26.99 -10.58
C THR E 720 52.23 26.23 -9.32
N ASP E 721 53.19 26.03 -8.43
CA ASP E 721 52.95 25.34 -7.17
C ASP E 721 53.33 26.17 -5.95
N GLN E 722 53.82 27.39 -6.14
CA GLN E 722 54.24 28.25 -5.03
C GLN E 722 53.04 29.03 -4.50
N VAL E 723 52.15 28.28 -3.84
CA VAL E 723 50.98 28.83 -3.18
C VAL E 723 51.16 28.72 -1.68
N TYR E 724 50.81 29.76 -0.95
CA TYR E 724 51.02 29.83 0.48
C TYR E 724 49.77 30.38 1.17
N MET E 725 49.60 30.01 2.43
CA MET E 725 48.52 30.50 3.28
C MET E 725 49.15 31.20 4.47
N HIS E 726 48.78 32.45 4.70
CA HIS E 726 49.33 33.23 5.81
C HIS E 726 48.36 34.33 6.19
N ARG E 727 48.17 34.53 7.49
CA ARG E 727 47.25 35.53 8.00
C ARG E 727 47.90 36.91 7.97
N ASP E 728 47.27 37.84 7.26
CA ASP E 728 47.72 39.23 7.18
C ASP E 728 46.53 40.16 7.38
N MET E 729 46.82 41.37 7.85
CA MET E 729 45.81 42.40 8.01
C MET E 729 45.69 43.19 6.72
N LEU E 730 44.51 43.18 6.13
CA LEU E 730 44.28 43.92 4.89
C LEU E 730 44.26 45.40 5.20
N PRO E 731 45.12 46.21 4.59
CA PRO E 731 45.11 47.65 4.87
C PRO E 731 43.89 48.33 4.29
N GLU E 732 43.51 49.43 4.92
CA GLU E 732 42.36 50.21 4.49
C GLU E 732 42.76 51.66 4.31
N PRO E 733 42.12 52.38 3.39
CA PRO E 733 42.40 53.81 3.25
C PRO E 733 42.02 54.57 4.51
N ARG E 734 42.84 55.57 4.86
CA ARG E 734 42.60 56.32 6.08
C ARG E 734 41.31 57.13 5.99
N LEU E 735 41.10 57.82 4.87
CA LEU E 735 39.88 58.52 4.50
C LEU E 735 39.56 59.70 5.41
N ASP E 736 40.37 59.96 6.44
CA ASP E 736 40.07 61.06 7.35
C ASP E 736 40.29 62.42 6.70
N ASP E 737 41.35 62.56 5.91
CA ASP E 737 41.66 63.79 5.20
C ASP E 737 41.48 63.57 3.71
N ILE E 738 40.56 64.32 3.10
CA ILE E 738 40.29 64.17 1.68
C ILE E 738 41.50 64.63 0.86
N GLU E 739 42.15 65.71 1.28
CA GLU E 739 43.30 66.21 0.54
C GLU E 739 44.47 65.25 0.64
N ARG E 740 44.64 64.57 1.78
CA ARG E 740 45.70 63.59 1.91
C ARG E 740 45.40 62.33 1.10
N PHE E 741 44.12 61.93 1.05
CA PHE E 741 43.75 60.79 0.22
C PHE E 741 43.95 61.09 -1.26
N ARG E 742 43.66 62.32 -1.67
CA ARG E 742 43.95 62.74 -3.05
C ARG E 742 45.44 62.78 -3.32
N GLN E 743 46.22 63.29 -2.37
CA GLN E 743 47.67 63.39 -2.56
C GLN E 743 48.32 62.01 -2.64
N GLU E 744 47.92 61.10 -1.77
CA GLU E 744 48.42 59.73 -1.80
C GLU E 744 47.50 58.86 -2.65
N GLY E 745 47.67 57.54 -2.57
CA GLY E 745 46.82 56.63 -3.30
C GLY E 745 46.82 55.27 -2.63
N PHE E 746 45.85 54.45 -3.00
CA PHE E 746 45.69 53.11 -2.44
C PHE E 746 46.01 52.10 -3.53
N TYR E 747 47.12 51.37 -3.36
CA TYR E 747 47.53 50.31 -4.26
C TYR E 747 47.81 49.07 -3.44
N TYR E 748 47.20 47.95 -3.81
CA TYR E 748 47.40 46.71 -3.07
C TYR E 748 47.43 45.51 -4.01
N THR E 749 48.14 44.48 -3.59
CA THR E 749 48.19 43.21 -4.29
C THR E 749 48.62 42.13 -3.31
N ASN E 750 48.32 40.88 -3.68
CA ASN E 750 48.76 39.73 -2.90
C ASN E 750 50.00 39.08 -3.49
N MET E 751 50.69 39.79 -4.38
CA MET E 751 51.88 39.26 -5.03
C MET E 751 53.09 39.34 -4.11
N LEU E 752 53.96 38.34 -4.20
CA LEU E 752 55.18 38.34 -3.41
C LEU E 752 56.36 38.78 -4.26
N GLU E 753 57.14 39.73 -3.74
CA GLU E 753 58.37 40.13 -4.42
C GLU E 753 59.47 39.07 -4.29
N ALA E 754 59.36 38.19 -3.30
CA ALA E 754 60.35 37.15 -3.09
C ALA E 754 59.68 36.00 -2.34
N PRO E 755 60.15 34.76 -2.52
CA PRO E 755 59.59 33.66 -1.75
C PRO E 755 59.97 33.77 -0.29
N PRO E 756 59.20 33.15 0.61
CA PRO E 756 59.54 33.23 2.04
C PRO E 756 60.82 32.47 2.39
N GLU E 757 61.21 32.50 3.65
CA GLU E 757 62.45 31.88 4.09
C GLU E 757 62.37 30.36 3.96
N ILE E 758 63.55 29.73 3.93
CA ILE E 758 63.61 28.27 3.84
C ILE E 758 62.97 27.63 5.06
N ASP E 759 63.30 28.14 6.24
CA ASP E 759 62.66 27.69 7.48
C ASP E 759 61.36 28.47 7.68
N ARG E 760 60.75 28.32 8.86
CA ARG E 760 59.49 28.99 9.22
C ARG E 760 58.37 28.67 8.22
N VAL E 761 58.40 27.47 7.65
CA VAL E 761 57.39 27.07 6.67
C VAL E 761 57.42 25.55 6.59
N VAL E 762 56.24 24.95 6.39
CA VAL E 762 56.10 23.51 6.23
C VAL E 762 55.51 23.23 4.85
N GLN E 763 55.49 21.95 4.50
CA GLN E 763 55.01 21.52 3.19
C GLN E 763 53.93 20.47 3.37
N TYR E 764 52.80 20.67 2.68
CA TYR E 764 51.71 19.70 2.67
C TYR E 764 51.56 19.11 1.28
N THR E 765 51.47 17.78 1.22
CA THR E 765 51.17 17.06 -0.01
C THR E 765 49.74 16.55 0.07
N TYR E 766 49.34 15.76 -0.93
CA TYR E 766 47.96 15.28 -1.01
C TYR E 766 47.66 14.32 0.14
N GLU E 767 48.55 13.34 0.39
CA GLU E 767 48.22 12.28 1.33
C GLU E 767 48.21 12.78 2.77
N ILE E 768 49.06 13.76 3.11
CA ILE E 768 49.06 14.34 4.45
C ILE E 768 47.72 15.02 4.72
N ALA E 769 47.27 15.86 3.78
CA ALA E 769 46.00 16.55 3.95
C ALA E 769 44.84 15.56 3.95
N ARG E 770 44.93 14.50 3.15
CA ARG E 770 43.88 13.48 3.13
C ARG E 770 43.80 12.77 4.49
N LEU E 771 44.96 12.44 5.08
CA LEU E 771 44.96 11.81 6.40
C LEU E 771 44.38 12.74 7.46
N GLN E 772 44.74 14.03 7.42
CA GLN E 772 44.19 14.98 8.37
C GLN E 772 42.68 15.12 8.21
N ALA E 773 42.20 15.16 6.96
CA ALA E 773 40.76 15.26 6.72
C ALA E 773 40.03 14.01 7.18
N ASN E 774 40.63 12.83 6.95
CA ASN E 774 40.01 11.59 7.41
C ASN E 774 39.92 11.55 8.93
N MET E 775 40.97 12.01 9.62
CA MET E 775 40.97 12.03 11.07
C MET E 775 40.22 13.22 11.66
N GLY E 776 39.90 14.23 10.84
CA GLY E 776 39.25 15.41 11.35
C GLY E 776 40.15 16.37 12.10
N GLN E 777 41.45 16.39 11.76
CA GLN E 777 42.41 17.27 12.42
C GLN E 777 43.10 18.21 11.43
N PHE E 778 42.43 18.57 10.35
CA PHE E 778 43.03 19.42 9.33
C PHE E 778 42.98 20.89 9.73
N ARG E 779 41.77 21.42 9.95
CA ARG E 779 41.62 22.82 10.32
C ARG E 779 42.23 23.12 11.68
N ALA E 780 42.16 22.17 12.61
CA ALA E 780 42.80 22.37 13.90
C ALA E 780 44.32 22.50 13.77
N ALA E 781 44.92 21.64 12.95
CA ALA E 781 46.35 21.73 12.71
C ALA E 781 46.72 23.03 12.01
N LEU E 782 45.90 23.45 11.04
CA LEU E 782 46.17 24.71 10.35
C LEU E 782 46.09 25.90 11.30
N ARG E 783 45.09 25.92 12.18
CA ARG E 783 44.99 26.99 13.16
C ARG E 783 46.17 26.97 14.14
N ARG E 784 46.57 25.77 14.56
CA ARG E 784 47.70 25.64 15.49
C ARG E 784 48.98 26.16 14.86
N ILE E 785 49.22 25.82 13.59
CA ILE E 785 50.44 26.28 12.93
C ILE E 785 50.35 27.74 12.53
N MET E 786 49.15 28.29 12.37
CA MET E 786 49.01 29.72 12.11
C MET E 786 49.20 30.54 13.36
N ASP E 787 48.90 29.97 14.54
CA ASP E 787 49.08 30.70 15.79
C ASP E 787 50.55 31.05 16.01
N ASP E 788 51.46 30.21 15.52
CA ASP E 788 52.90 30.44 15.66
C ASP E 788 53.45 31.44 14.65
N ASP E 789 52.58 32.04 13.83
CA ASP E 789 52.97 33.02 12.80
C ASP E 789 53.97 32.41 11.82
N ASP E 790 53.54 31.31 11.18
CA ASP E 790 54.33 30.64 10.16
C ASP E 790 53.51 30.52 8.88
N TRP E 791 54.15 29.98 7.85
CA TRP E 791 53.53 29.82 6.54
C TRP E 791 53.41 28.34 6.21
N VAL E 792 52.42 28.01 5.38
CA VAL E 792 52.21 26.65 4.90
C VAL E 792 52.09 26.68 3.38
N ARG E 793 52.78 25.75 2.72
CA ARG E 793 52.87 25.71 1.26
C ARG E 793 52.18 24.46 0.75
N PHE E 794 51.29 24.63 -0.23
CA PHE E 794 50.55 23.53 -0.83
C PHE E 794 51.23 23.15 -2.15
N GLY E 795 52.37 22.46 -2.03
CA GLY E 795 53.13 22.04 -3.18
C GLY E 795 52.83 20.62 -3.61
N GLY E 796 53.42 20.24 -4.74
CA GLY E 796 53.30 18.88 -5.25
C GLY E 796 52.52 18.77 -6.55
N VAL E 797 51.44 19.53 -6.67
CA VAL E 797 50.56 19.47 -7.84
C VAL E 797 50.40 20.87 -8.40
N LEU E 798 50.52 21.01 -9.72
CA LEU E 798 50.35 22.30 -10.36
C LEU E 798 48.90 22.77 -10.26
N ARG E 799 48.73 24.08 -10.18
CA ARG E 799 47.42 24.69 -10.02
C ARG E 799 47.22 25.76 -11.08
N THR E 800 45.95 26.12 -11.30
CA THR E 800 45.58 27.17 -12.23
C THR E 800 45.24 28.43 -11.46
N VAL E 801 45.80 29.56 -11.89
CA VAL E 801 45.65 30.84 -11.19
C VAL E 801 44.97 31.83 -12.14
N ARG E 802 43.89 32.44 -11.66
CA ARG E 802 43.24 33.53 -12.38
C ARG E 802 43.78 34.86 -11.87
N VAL E 803 43.66 35.89 -12.71
CA VAL E 803 44.17 37.23 -12.38
C VAL E 803 43.09 38.25 -12.69
N LYS E 804 42.90 39.21 -11.77
CA LYS E 804 41.85 40.20 -11.91
C LYS E 804 42.31 41.55 -11.39
N PHE E 805 41.62 42.60 -11.83
CA PHE E 805 41.86 43.96 -11.40
C PHE E 805 40.59 44.52 -10.77
N TYR E 806 40.76 45.41 -9.79
CA TYR E 806 39.61 45.95 -9.08
C TYR E 806 39.89 47.41 -8.71
N ASP E 807 38.80 48.17 -8.61
CA ASP E 807 38.84 49.56 -8.17
C ASP E 807 38.10 49.80 -6.86
N ALA E 808 36.84 49.37 -6.77
CA ALA E 808 36.13 49.38 -5.51
C ALA E 808 36.50 48.13 -4.72
N ARG E 809 35.82 47.90 -3.61
CA ARG E 809 36.09 46.68 -2.85
C ARG E 809 35.59 45.48 -3.64
N PRO E 810 36.37 44.40 -3.74
CA PRO E 810 35.88 43.21 -4.41
C PRO E 810 35.02 42.38 -3.47
N PRO E 811 34.21 41.47 -4.00
CA PRO E 811 33.34 40.66 -3.14
C PRO E 811 34.15 39.79 -2.20
N ASP E 812 33.49 39.36 -1.11
CA ASP E 812 34.16 38.64 -0.05
C ASP E 812 34.70 37.28 -0.48
N ASP E 813 34.28 36.79 -1.65
CA ASP E 813 34.77 35.50 -2.13
C ASP E 813 36.27 35.54 -2.38
N VAL E 814 36.76 36.62 -2.99
CA VAL E 814 38.18 36.67 -3.35
C VAL E 814 39.03 37.11 -2.17
N LEU E 815 38.45 37.83 -1.20
CA LEU E 815 39.20 38.17 0.01
C LEU E 815 39.42 36.94 0.87
N GLN E 816 38.38 36.15 1.10
CA GLN E 816 38.43 34.98 1.97
C GLN E 816 38.52 33.69 1.17
N GLY E 817 39.22 33.70 0.04
CA GLY E 817 39.35 32.49 -0.75
C GLY E 817 40.26 31.48 -0.08
N LEU E 818 39.95 30.20 -0.27
CA LEU E 818 40.75 29.11 0.27
C LEU E 818 41.22 28.20 -0.86
N PRO E 819 42.48 27.74 -0.81
CA PRO E 819 42.98 26.81 -1.84
C PRO E 819 42.26 25.48 -1.88
N PHE E 820 41.60 25.06 -0.80
CA PHE E 820 40.90 23.79 -0.76
C PHE E 820 39.43 24.02 -0.47
N SER E 821 38.61 23.00 -0.72
CA SER E 821 37.20 23.03 -0.33
C SER E 821 36.91 21.85 0.57
N TYR E 822 36.20 22.12 1.67
CA TYR E 822 35.91 21.14 2.71
C TYR E 822 34.44 20.75 2.61
N ASP E 823 34.16 19.45 2.65
CA ASP E 823 32.78 18.95 2.58
C ASP E 823 32.61 17.83 3.60
N THR E 824 31.76 18.08 4.61
CA THR E 824 31.49 17.06 5.60
C THR E 824 30.63 15.95 5.00
N ASN E 825 31.00 14.70 5.28
CA ASN E 825 30.33 13.54 4.74
C ASN E 825 29.33 13.00 5.76
N GLU E 826 28.72 11.86 5.43
CA GLU E 826 27.74 11.23 6.31
C GLU E 826 28.43 10.59 7.50
N ARG E 827 27.69 10.47 8.60
CA ARG E 827 28.26 10.01 9.86
C ARG E 827 28.66 8.54 9.78
N GLY E 828 29.78 8.21 10.40
CA GLY E 828 30.22 6.83 10.50
C GLY E 828 30.76 6.24 9.22
N GLY E 829 31.18 7.06 8.26
CA GLY E 829 31.70 6.57 7.01
C GLY E 829 33.18 6.24 7.08
N LEU E 830 33.78 6.13 5.89
CA LEU E 830 35.21 5.89 5.80
C LEU E 830 36.01 7.05 6.39
N ALA E 831 35.57 8.29 6.14
CA ALA E 831 36.23 9.47 6.63
C ALA E 831 35.19 10.45 7.15
N TYR E 832 35.62 11.33 8.06
CA TYR E 832 34.72 12.36 8.58
C TYR E 832 34.30 13.34 7.48
N ALA E 833 35.26 13.77 6.65
CA ALA E 833 34.96 14.75 5.62
C ALA E 833 35.93 14.57 4.46
N THR E 834 35.55 15.08 3.31
CA THR E 834 36.36 15.04 2.10
C THR E 834 36.83 16.44 1.75
N ILE E 835 37.93 16.49 1.00
CA ILE E 835 38.54 17.75 0.58
C ILE E 835 38.78 17.72 -0.92
N LYS E 836 38.60 18.85 -1.56
CA LYS E 836 39.13 19.09 -2.90
C LYS E 836 40.37 19.96 -2.72
N TYR E 837 41.51 19.42 -3.13
CA TYR E 837 42.81 20.03 -2.83
C TYR E 837 43.07 21.27 -3.67
N ALA E 838 42.39 21.42 -4.80
CA ALA E 838 42.60 22.55 -5.69
C ALA E 838 41.27 23.11 -6.14
N THR E 839 41.02 24.38 -5.84
CA THR E 839 39.83 25.07 -6.30
C THR E 839 40.25 26.34 -7.02
N GLU E 840 39.30 27.23 -7.32
CA GLU E 840 39.63 28.49 -7.97
C GLU E 840 40.53 29.33 -7.07
N THR E 841 41.61 29.86 -7.63
CA THR E 841 42.57 30.68 -6.92
C THR E 841 42.83 31.93 -7.74
N THR E 842 42.51 33.09 -7.17
CA THR E 842 42.55 34.35 -7.89
C THR E 842 43.56 35.29 -7.23
N ILE E 843 44.44 35.86 -8.05
CA ILE E 843 45.28 36.98 -7.66
C ILE E 843 44.63 38.25 -8.16
N PHE E 844 44.61 39.29 -7.33
CA PHE E 844 43.90 40.51 -7.64
C PHE E 844 44.80 41.72 -7.41
N TYR E 845 44.61 42.74 -8.24
CA TYR E 845 45.31 44.01 -8.08
C TYR E 845 44.28 45.11 -7.80
N LEU E 846 44.40 45.72 -6.62
CA LEU E 846 43.45 46.73 -6.16
C LEU E 846 44.07 48.10 -6.40
N ILE E 847 43.48 48.87 -7.31
CA ILE E 847 43.86 50.26 -7.58
C ILE E 847 42.59 51.08 -7.40
N TYR E 848 42.48 51.75 -6.27
CA TYR E 848 41.24 52.41 -5.89
C TYR E 848 41.09 53.75 -6.62
N ASN E 849 39.90 53.98 -7.18
CA ASN E 849 39.62 55.23 -7.85
C ASN E 849 39.51 56.36 -6.83
N VAL E 850 40.09 57.51 -7.15
CA VAL E 850 40.11 58.62 -6.21
C VAL E 850 38.73 59.24 -6.06
N GLU E 851 37.99 59.36 -7.17
CA GLU E 851 36.68 60.03 -7.12
C GLU E 851 35.68 59.26 -6.28
N PHE E 852 35.86 57.95 -6.13
CA PHE E 852 34.95 57.14 -5.33
C PHE E 852 34.98 57.51 -3.85
N SER E 853 35.97 58.30 -3.42
CA SER E 853 35.95 58.84 -2.07
C SER E 853 34.77 59.76 -1.83
N ASN E 854 34.14 60.28 -2.90
CA ASN E 854 32.93 61.08 -2.72
C ASN E 854 31.78 60.25 -2.18
N THR E 855 31.77 58.95 -2.47
CA THR E 855 30.77 58.01 -1.94
C THR E 855 31.52 56.92 -1.19
N PRO E 856 31.79 57.10 0.11
CA PRO E 856 32.65 56.15 0.82
C PRO E 856 32.02 54.79 1.08
N ASP E 857 30.78 54.56 0.65
CA ASP E 857 30.17 53.25 0.82
C ASP E 857 30.80 52.20 -0.09
N SER E 858 31.51 52.62 -1.14
CA SER E 858 32.15 51.69 -2.06
C SER E 858 33.57 51.30 -1.63
N LEU E 859 34.08 51.87 -0.55
CA LEU E 859 35.46 51.66 -0.13
C LEU E 859 35.57 50.92 1.20
N VAL E 860 34.93 51.43 2.24
CA VAL E 860 35.17 50.97 3.61
C VAL E 860 34.33 49.73 3.90
N LEU E 861 34.90 48.81 4.67
CA LEU E 861 34.19 47.64 5.16
C LEU E 861 33.54 47.94 6.50
N ILE E 862 33.05 46.90 7.18
CA ILE E 862 32.39 47.09 8.47
C ILE E 862 33.36 46.75 9.60
N ASN E 863 34.02 45.60 9.50
CA ASN E 863 34.98 45.16 10.50
C ASN E 863 36.25 44.72 9.80
N PRO E 864 37.42 44.78 10.48
CA PRO E 864 38.66 44.33 9.85
C PRO E 864 38.64 42.86 9.44
N THR E 865 39.29 42.53 8.34
CA THR E 865 39.28 41.18 7.78
C THR E 865 40.70 40.72 7.50
N TYR E 866 40.84 39.46 7.11
CA TYR E 866 42.11 38.85 6.78
C TYR E 866 42.06 38.24 5.40
N THR E 867 43.19 38.27 4.69
CA THR E 867 43.34 37.61 3.40
C THR E 867 44.35 36.47 3.54
N MET E 868 44.04 35.33 2.92
CA MET E 868 44.81 34.11 3.12
C MET E 868 45.78 33.81 1.99
N THR E 869 45.27 33.68 0.77
CA THR E 869 46.08 33.09 -0.30
C THR E 869 47.22 34.03 -0.71
N LYS E 870 48.34 33.42 -1.11
CA LYS E 870 49.49 34.16 -1.59
C LYS E 870 50.16 33.34 -2.68
N VAL E 871 50.53 34.00 -3.78
CA VAL E 871 51.15 33.34 -4.92
C VAL E 871 52.41 34.11 -5.29
N PHE E 872 53.52 33.39 -5.46
CA PHE E 872 54.77 33.94 -5.95
C PHE E 872 55.01 33.40 -7.35
N ILE E 873 55.00 34.29 -8.34
CA ILE E 873 55.23 33.92 -9.73
C ILE E 873 56.41 34.74 -10.24
N ASN E 874 57.31 34.09 -10.98
CA ASN E 874 58.58 34.73 -11.34
C ASN E 874 58.45 35.70 -12.51
N LYS E 875 57.35 35.67 -13.26
CA LYS E 875 57.18 36.59 -14.37
C LYS E 875 56.80 37.97 -13.88
N ARG E 876 57.13 38.99 -14.69
CA ARG E 876 56.87 40.38 -14.34
C ARG E 876 55.54 40.78 -14.99
N ILE E 877 54.45 40.35 -14.35
CA ILE E 877 53.12 40.57 -14.93
C ILE E 877 52.70 42.03 -14.81
N VAL E 878 52.97 42.66 -13.66
CA VAL E 878 52.59 44.05 -13.41
C VAL E 878 53.82 44.79 -12.91
N GLU E 879 54.16 45.92 -13.55
CA GLU E 879 55.38 46.63 -13.23
C GLU E 879 55.13 48.10 -12.99
N ARG E 880 55.68 48.61 -11.88
CA ARG E 880 55.71 50.03 -11.59
C ARG E 880 56.86 50.65 -12.36
N VAL E 881 56.54 51.42 -13.40
CA VAL E 881 57.53 51.92 -14.36
C VAL E 881 57.47 53.43 -14.40
N ARG E 882 58.63 54.07 -14.34
CA ARG E 882 58.72 55.50 -14.61
C ARG E 882 58.40 55.78 -16.06
N VAL E 883 57.72 56.90 -16.31
CA VAL E 883 57.32 57.25 -17.67
C VAL E 883 58.52 57.48 -18.57
N GLY E 884 59.66 57.91 -18.00
CA GLY E 884 60.83 58.22 -18.79
C GLY E 884 61.39 57.04 -19.57
N GLN E 885 61.04 55.81 -19.18
CA GLN E 885 61.46 54.62 -19.90
C GLN E 885 60.30 53.86 -20.52
N ILE E 886 59.11 54.47 -20.61
CA ILE E 886 57.92 53.75 -21.03
C ILE E 886 57.98 53.32 -22.48
N LEU E 887 58.86 53.92 -23.28
CA LEU E 887 59.07 53.53 -24.67
C LEU E 887 60.02 52.36 -24.82
N ALA E 888 60.54 51.81 -23.72
CA ALA E 888 61.52 50.73 -23.79
C ALA E 888 60.92 49.41 -24.29
N VAL E 889 59.59 49.31 -24.37
CA VAL E 889 58.95 48.07 -24.80
C VAL E 889 59.10 47.86 -26.31
N LEU E 890 59.29 48.93 -27.08
CA LEU E 890 59.35 48.85 -28.54
C LEU E 890 60.64 48.19 -29.00
N ASN E 891 60.66 46.87 -29.08
CA ASN E 891 61.86 46.15 -29.49
C ASN E 891 61.62 44.96 -30.41
N ARG E 892 60.45 44.86 -31.04
CA ARG E 892 60.17 43.79 -32.00
C ARG E 892 60.10 44.36 -33.42
N ARG E 893 60.48 43.52 -34.38
CA ARG E 893 60.46 43.89 -35.80
C ARG E 893 59.29 43.23 -36.49
N PHE E 894 58.46 44.02 -37.17
CA PHE E 894 57.30 43.52 -37.89
C PHE E 894 57.44 43.81 -39.38
N VAL E 895 56.87 42.91 -40.19
CA VAL E 895 56.84 43.08 -41.63
C VAL E 895 55.38 43.04 -42.10
N ALA E 896 55.11 43.72 -43.20
CA ALA E 896 53.76 43.84 -43.73
C ALA E 896 53.83 43.94 -45.25
N TYR E 897 52.67 43.94 -45.89
CA TYR E 897 52.55 44.00 -47.33
C TYR E 897 51.80 45.28 -47.72
N LYS E 898 51.51 45.40 -49.01
CA LYS E 898 50.78 46.55 -49.55
C LYS E 898 49.33 46.18 -49.82
N GLY E 899 48.52 47.21 -50.07
CA GLY E 899 47.11 46.98 -50.36
C GLY E 899 46.90 46.28 -51.69
N LYS E 900 47.72 46.60 -52.68
CA LYS E 900 47.59 45.97 -54.00
C LYS E 900 48.08 44.52 -53.98
N MET E 901 48.90 44.13 -53.01
CA MET E 901 49.33 42.75 -52.91
C MET E 901 48.19 41.88 -52.40
N ARG E 902 48.07 40.68 -52.96
CA ARG E 902 47.00 39.76 -52.63
C ARG E 902 47.60 38.41 -52.22
N ILE E 903 47.11 37.87 -51.12
CA ILE E 903 47.50 36.54 -50.66
C ILE E 903 46.51 35.53 -51.20
N MET E 904 46.99 34.31 -51.47
CA MET E 904 46.13 33.30 -52.07
C MET E 904 46.46 31.94 -51.46
N ASP E 905 45.47 31.06 -51.48
CA ASP E 905 45.62 29.68 -51.02
C ASP E 905 44.91 28.75 -51.98
N ILE E 906 45.49 27.56 -52.17
CA ILE E 906 44.98 26.63 -53.16
C ILE E 906 43.63 26.03 -52.76
N THR E 907 43.28 26.07 -51.48
CA THR E 907 42.02 25.47 -51.04
C THR E 907 40.81 26.22 -51.62
N GLN E 908 40.79 27.54 -51.47
CA GLN E 908 39.67 28.30 -52.01
C GLN E 908 39.68 28.32 -53.53
N SER E 909 40.86 28.18 -54.14
CA SER E 909 40.93 28.06 -55.59
C SER E 909 40.32 26.74 -56.06
N LEU E 910 40.56 25.66 -55.31
CA LEU E 910 40.05 24.35 -55.71
C LEU E 910 38.56 24.21 -55.43
N LYS E 911 38.07 24.75 -54.31
CA LYS E 911 36.68 24.57 -53.95
C LYS E 911 35.72 25.41 -54.78
N MET E 912 36.22 26.46 -55.44
CA MET E 912 35.33 27.36 -56.18
C MET E 912 34.84 26.74 -57.48
N GLY E 913 35.54 25.73 -58.00
CA GLY E 913 35.11 25.09 -59.23
C GLY E 913 35.27 26.00 -60.43
N THR E 914 34.39 25.79 -61.42
CA THR E 914 34.40 26.59 -62.64
C THR E 914 33.99 28.03 -62.37
N ALA F 4 -2.43 -21.52 -46.98
CA ALA F 4 -2.50 -20.33 -47.82
C ALA F 4 -3.86 -19.65 -47.70
N MET F 5 -3.85 -18.37 -47.34
CA MET F 5 -5.07 -17.60 -47.17
C MET F 5 -4.80 -16.14 -47.53
N LEU F 6 -5.88 -15.43 -47.85
CA LEU F 6 -5.78 -14.08 -48.38
C LEU F 6 -6.63 -13.12 -47.57
N LEU F 7 -6.38 -11.82 -47.76
CA LEU F 7 -7.19 -10.75 -47.21
C LEU F 7 -7.73 -9.91 -48.36
N ALA F 8 -9.05 -9.79 -48.43
CA ALA F 8 -9.73 -8.99 -49.43
C ALA F 8 -10.90 -8.26 -48.78
N PRO F 9 -11.29 -7.11 -49.30
CA PRO F 9 -12.43 -6.39 -48.71
C PRO F 9 -13.72 -7.20 -48.83
N GLY F 10 -14.61 -7.01 -47.86
CA GLY F 10 -15.83 -7.79 -47.79
C GLY F 10 -16.79 -7.55 -48.94
N ASP F 11 -16.65 -6.42 -49.63
CA ASP F 11 -17.58 -6.08 -50.70
C ASP F 11 -17.50 -7.09 -51.85
N VAL F 12 -16.27 -7.44 -52.26
CA VAL F 12 -16.12 -8.40 -53.35
C VAL F 12 -16.46 -9.82 -52.88
N ILE F 13 -16.15 -10.14 -51.62
CA ILE F 13 -16.38 -11.50 -51.13
C ILE F 13 -17.87 -11.76 -50.95
N LYS F 14 -18.64 -10.73 -50.59
CA LYS F 14 -20.09 -10.90 -50.49
C LYS F 14 -20.70 -11.33 -51.81
N ARG F 15 -20.16 -10.80 -52.91
CA ARG F 15 -20.60 -11.21 -54.25
C ARG F 15 -20.02 -12.57 -54.65
N SER F 16 -18.77 -12.84 -54.28
CA SER F 16 -18.07 -14.03 -54.75
C SER F 16 -18.30 -15.26 -53.87
N SER F 17 -19.10 -15.13 -52.81
CA SER F 17 -19.28 -16.21 -51.85
C SER F 17 -19.81 -17.49 -52.48
N GLU F 18 -20.64 -17.39 -53.52
CA GLU F 18 -21.21 -18.60 -54.12
C GLU F 18 -20.13 -19.43 -54.80
N GLU F 19 -19.28 -18.81 -55.63
CA GLU F 19 -18.21 -19.59 -56.25
C GLU F 19 -17.13 -19.95 -55.25
N LEU F 20 -16.98 -19.17 -54.18
CA LEU F 20 -16.02 -19.52 -53.13
C LEU F 20 -16.45 -20.77 -52.38
N LYS F 21 -17.74 -20.86 -52.05
CA LYS F 21 -18.27 -22.06 -51.40
C LYS F 21 -18.30 -23.24 -52.37
N GLN F 22 -18.45 -22.95 -53.67
CA GLN F 22 -18.38 -24.02 -54.66
C GLN F 22 -17.02 -24.71 -54.66
N ARG F 23 -15.97 -23.97 -54.32
CA ARG F 23 -14.62 -24.52 -54.23
C ARG F 23 -14.26 -24.98 -52.83
N GLN F 24 -15.27 -25.26 -51.98
CA GLN F 24 -15.13 -25.60 -50.57
C GLN F 24 -14.04 -24.81 -49.84
N ILE F 25 -14.03 -23.50 -50.05
CA ILE F 25 -13.12 -22.61 -49.34
C ILE F 25 -13.81 -22.06 -48.11
N GLN F 26 -13.11 -22.09 -46.97
CA GLN F 26 -13.66 -21.55 -45.74
C GLN F 26 -13.91 -20.05 -45.87
N ILE F 27 -15.00 -19.59 -45.27
CA ILE F 27 -15.48 -18.22 -45.43
C ILE F 27 -15.66 -17.60 -44.06
N ASN F 28 -15.18 -16.37 -43.90
CA ASN F 28 -15.33 -15.62 -42.64
C ASN F 28 -15.35 -14.14 -42.97
N LEU F 29 -16.48 -13.49 -42.72
CA LEU F 29 -16.65 -12.07 -43.01
C LEU F 29 -17.20 -11.33 -41.80
N ILE F 30 -16.93 -10.03 -41.77
CA ILE F 30 -17.53 -9.12 -40.79
C ILE F 30 -18.31 -8.06 -41.57
N ASP F 31 -19.61 -7.98 -41.29
CA ASP F 31 -20.49 -7.11 -42.06
C ASP F 31 -20.39 -5.66 -41.58
N TRP F 32 -20.86 -4.75 -42.43
CA TRP F 32 -20.83 -3.32 -42.13
C TRP F 32 -22.14 -2.61 -42.44
N THR F 33 -23.07 -3.23 -43.16
CA THR F 33 -24.34 -2.64 -43.57
C THR F 33 -24.15 -1.31 -44.29
N ALA F 136 -11.22 -37.97 -67.95
CA ALA F 136 -10.82 -36.77 -67.22
C ALA F 136 -10.11 -37.13 -65.92
N PRO F 137 -8.98 -36.46 -65.61
CA PRO F 137 -8.22 -36.69 -64.38
C PRO F 137 -8.85 -35.96 -63.20
N ILE F 138 -9.06 -36.66 -62.10
CA ILE F 138 -9.64 -36.11 -60.88
C ILE F 138 -8.52 -35.82 -59.89
N GLY F 139 -8.59 -34.67 -59.23
CA GLY F 139 -7.62 -34.28 -58.24
C GLY F 139 -8.15 -34.42 -56.83
N ALA F 140 -7.33 -34.00 -55.87
CA ALA F 140 -7.70 -34.01 -54.46
C ALA F 140 -8.48 -32.76 -54.08
N ARG F 141 -7.89 -31.59 -54.31
CA ARG F 141 -8.54 -30.30 -54.07
C ARG F 141 -8.36 -29.41 -55.28
N GLU F 142 -9.33 -28.53 -55.52
CA GLU F 142 -9.26 -27.64 -56.67
C GLU F 142 -8.21 -26.56 -56.48
N SER F 143 -8.17 -25.94 -55.31
CA SER F 143 -7.25 -24.85 -55.04
C SER F 143 -6.64 -25.04 -53.67
N ALA F 144 -5.47 -24.43 -53.47
CA ALA F 144 -4.70 -24.55 -52.24
C ALA F 144 -5.08 -23.47 -51.21
N VAL F 145 -6.02 -22.59 -51.53
CA VAL F 145 -6.40 -21.53 -50.62
C VAL F 145 -7.17 -22.11 -49.45
N MET F 146 -6.78 -21.75 -48.22
CA MET F 146 -7.48 -22.24 -47.05
C MET F 146 -8.77 -21.45 -46.80
N LEU F 147 -8.66 -20.13 -46.74
CA LEU F 147 -9.83 -19.28 -46.49
C LEU F 147 -9.56 -17.89 -47.01
N VAL F 148 -10.63 -17.11 -47.13
CA VAL F 148 -10.55 -15.70 -47.48
C VAL F 148 -11.34 -14.92 -46.43
N SER F 149 -10.72 -13.89 -45.87
CA SER F 149 -11.35 -13.13 -44.78
C SER F 149 -10.90 -11.68 -44.84
N ASN F 150 -11.65 -10.83 -44.15
CA ASN F 150 -11.32 -9.42 -44.02
C ASN F 150 -11.16 -8.99 -42.57
N SER F 151 -11.20 -9.93 -41.63
CA SER F 151 -11.10 -9.59 -40.22
C SER F 151 -9.68 -9.18 -39.86
N ILE F 152 -9.57 -8.25 -38.90
CA ILE F 152 -8.27 -7.81 -38.41
C ILE F 152 -7.57 -8.90 -37.61
N LYS F 153 -8.32 -9.86 -37.06
CA LYS F 153 -7.70 -10.89 -36.23
C LYS F 153 -6.92 -11.90 -37.05
N ASP F 154 -7.23 -12.03 -38.34
CA ASP F 154 -6.62 -13.04 -39.19
C ASP F 154 -5.36 -12.55 -39.91
N VAL F 155 -4.94 -11.32 -39.67
CA VAL F 155 -3.76 -10.80 -40.37
C VAL F 155 -2.49 -11.49 -39.86
N VAL F 156 -2.47 -11.95 -38.61
CA VAL F 156 -1.29 -12.58 -38.06
C VAL F 156 -1.05 -13.94 -38.73
N ARG F 157 -2.13 -14.61 -39.13
CA ARG F 157 -2.02 -15.90 -39.79
C ARG F 157 -1.96 -15.79 -41.31
N ALA F 158 -2.32 -14.63 -41.86
CA ALA F 158 -2.43 -14.45 -43.30
C ALA F 158 -1.06 -14.52 -43.98
N THR F 159 -1.10 -14.77 -45.29
CA THR F 159 0.12 -14.85 -46.10
C THR F 159 0.05 -14.01 -47.37
N ALA F 160 -1.10 -13.42 -47.71
CA ALA F 160 -1.23 -12.58 -48.88
C ALA F 160 -2.44 -11.69 -48.70
N TYR F 161 -2.54 -10.66 -49.54
CA TYR F 161 -3.70 -9.78 -49.52
C TYR F 161 -3.90 -9.20 -50.91
N PHE F 162 -5.15 -8.80 -51.17
CA PHE F 162 -5.56 -8.26 -52.47
C PHE F 162 -6.27 -6.94 -52.21
N THR F 163 -5.76 -5.88 -52.83
CA THR F 163 -6.35 -4.55 -52.69
C THR F 163 -7.20 -4.21 -53.92
N ALA F 164 -8.26 -3.43 -53.69
CA ALA F 164 -9.18 -3.05 -54.75
C ALA F 164 -9.87 -1.76 -54.33
N PRO F 165 -10.18 -0.87 -55.27
CA PRO F 165 -10.90 0.36 -54.91
C PRO F 165 -12.35 0.09 -54.56
N THR F 166 -12.67 0.16 -53.26
CA THR F 166 -14.00 -0.15 -52.78
C THR F 166 -14.32 0.71 -51.55
N GLY F 167 -15.54 0.57 -51.06
CA GLY F 167 -15.95 1.23 -49.84
C GLY F 167 -16.11 0.28 -48.68
N ASP F 168 -15.19 0.34 -47.72
CA ASP F 168 -15.22 -0.53 -46.55
C ASP F 168 -14.63 0.20 -45.37
N PRO F 169 -15.38 0.38 -44.28
CA PRO F 169 -14.85 1.13 -43.13
C PRO F 169 -13.71 0.42 -42.41
N HIS F 170 -13.54 -0.89 -42.60
CA HIS F 170 -12.53 -1.66 -41.87
C HIS F 170 -11.37 -2.11 -42.75
N TRP F 171 -11.30 -1.66 -44.01
CA TRP F 171 -10.25 -2.13 -44.90
C TRP F 171 -8.93 -1.39 -44.68
N LYS F 172 -8.99 -0.15 -44.19
CA LYS F 172 -7.79 0.66 -44.00
C LYS F 172 -6.83 -0.01 -43.02
N GLU F 173 -7.33 -0.35 -41.82
CA GLU F 173 -6.48 -0.92 -40.79
C GLU F 173 -5.95 -2.29 -41.18
N VAL F 174 -6.80 -3.12 -41.79
CA VAL F 174 -6.38 -4.46 -42.21
C VAL F 174 -5.31 -4.35 -43.29
N ALA F 175 -5.49 -3.46 -44.26
CA ALA F 175 -4.48 -3.28 -45.29
C ALA F 175 -3.16 -2.78 -44.72
N ARG F 176 -3.22 -1.83 -43.78
CA ARG F 176 -1.99 -1.31 -43.18
C ARG F 176 -1.27 -2.39 -42.39
N GLU F 177 -2.01 -3.17 -41.60
CA GLU F 177 -1.39 -4.24 -40.82
C GLU F 177 -0.81 -5.31 -41.73
N ALA F 178 -1.48 -5.62 -42.84
CA ALA F 178 -0.93 -6.58 -43.81
C ALA F 178 0.35 -6.04 -44.44
N SER F 179 0.38 -4.76 -44.77
CA SER F 179 1.59 -4.15 -45.32
C SER F 179 2.70 -4.02 -44.29
N LYS F 180 2.38 -4.09 -43.00
CA LYS F 180 3.41 -4.00 -41.96
C LYS F 180 4.35 -5.19 -41.99
N LYS F 181 3.87 -6.36 -42.42
CA LYS F 181 4.67 -7.58 -42.36
C LYS F 181 5.86 -7.49 -43.32
N LYS F 182 6.88 -8.32 -43.02
CA LYS F 182 8.15 -8.21 -43.73
C LYS F 182 8.08 -8.82 -45.12
N ASN F 183 7.82 -10.12 -45.21
CA ASN F 183 7.82 -10.84 -46.48
C ASN F 183 6.42 -11.45 -46.68
N ILE F 184 5.52 -10.67 -47.26
CA ILE F 184 4.15 -11.09 -47.51
C ILE F 184 3.82 -10.81 -48.97
N LEU F 185 3.06 -11.72 -49.59
CA LEU F 185 2.64 -11.51 -50.97
C LEU F 185 1.61 -10.39 -51.04
N ALA F 186 1.69 -9.60 -52.11
CA ALA F 186 0.79 -8.49 -52.31
C ALA F 186 0.36 -8.45 -53.78
N TYR F 187 -0.94 -8.29 -54.00
CA TYR F 187 -1.51 -8.18 -55.33
C TYR F 187 -2.40 -6.95 -55.39
N THR F 188 -2.45 -6.32 -56.56
CA THR F 188 -3.21 -5.09 -56.74
C THR F 188 -4.16 -5.22 -57.92
N SER F 189 -5.24 -4.43 -57.89
CA SER F 189 -6.19 -4.44 -58.98
C SER F 189 -5.66 -3.64 -60.16
N THR F 190 -6.03 -4.06 -61.37
CA THR F 190 -5.57 -3.43 -62.60
C THR F 190 -6.74 -2.87 -63.41
N GLY F 191 -7.85 -2.59 -62.73
CA GLY F 191 -9.03 -2.15 -63.47
C GLY F 191 -9.71 -3.32 -64.17
N GLY F 192 -10.61 -2.96 -65.08
CA GLY F 192 -11.33 -3.99 -65.81
C GLY F 192 -12.38 -4.65 -64.93
N ASP F 193 -12.51 -5.97 -65.09
CA ASP F 193 -13.50 -6.74 -64.35
C ASP F 193 -12.86 -7.30 -63.07
N VAL F 194 -13.45 -6.98 -61.93
CA VAL F 194 -12.94 -7.48 -60.65
C VAL F 194 -13.20 -8.98 -60.53
N LYS F 195 -14.36 -9.45 -61.00
CA LYS F 195 -14.77 -10.83 -60.75
C LYS F 195 -13.83 -11.83 -61.40
N THR F 196 -13.57 -11.67 -62.71
CA THR F 196 -12.69 -12.60 -63.40
C THR F 196 -11.26 -12.49 -62.89
N GLU F 197 -10.82 -11.28 -62.57
CA GLU F 197 -9.47 -11.09 -62.04
C GLU F 197 -9.28 -11.84 -60.73
N PHE F 198 -10.22 -11.66 -59.80
CA PHE F 198 -10.14 -12.33 -58.51
C PHE F 198 -10.26 -13.85 -58.66
N LEU F 199 -11.16 -14.31 -59.53
CA LEU F 199 -11.32 -15.75 -59.73
C LEU F 199 -10.05 -16.37 -60.31
N HIS F 200 -9.44 -15.69 -61.29
CA HIS F 200 -8.19 -16.18 -61.85
C HIS F 200 -7.08 -16.17 -60.81
N LEU F 201 -7.03 -15.13 -59.97
CA LEU F 201 -5.99 -15.06 -58.95
C LEU F 201 -6.13 -16.19 -57.93
N ILE F 202 -7.36 -16.49 -57.51
CA ILE F 202 -7.56 -17.56 -56.53
C ILE F 202 -7.29 -18.92 -57.15
N ASP F 203 -7.82 -19.16 -58.35
CA ASP F 203 -7.66 -20.48 -58.97
C ASP F 203 -6.21 -20.75 -59.35
N HIS F 204 -5.51 -19.75 -59.87
CA HIS F 204 -4.15 -19.92 -60.34
C HIS F 204 -3.11 -19.77 -59.23
N LEU F 205 -3.54 -19.47 -58.01
CA LEU F 205 -2.61 -19.31 -56.89
C LEU F 205 -1.98 -20.65 -56.55
#